data_9VDO
#
_entry.id   9VDO
#
_cell.length_a   1.00
_cell.length_b   1.00
_cell.length_c   1.00
_cell.angle_alpha   90.00
_cell.angle_beta   90.00
_cell.angle_gamma   90.00
#
_symmetry.space_group_name_H-M   'P 1'
#
loop_
_entity.id
_entity.type
_entity.pdbx_description
1 polymer 'Reverse transcriptase domain-containing protein'
2 polymer "DNA (5'-D(P*CP*CP*CP*AP*A)-3')"
3 non-polymer "2'-DEOXYCYTIDINE-5'-TRIPHOSPHATE"
4 non-polymer 'MANGANESE (II) ION'
#
loop_
_entity_poly.entity_id
_entity_poly.type
_entity_poly.pdbx_seq_one_letter_code
_entity_poly.pdbx_strand_id
1 'polypeptide(L)'
;HHHHHHSSGMVIFDEKRHLYEALLRHNYFPNQKGSISEIPPCFSSRTFTPEIAELISSDTSGRRSLQGYDCVEYYATRYN
NFPRTLSIIHPKAYSKLAKHIHDNWEEIRFIKENENSMIKPDMHADGRIIIMNYEDAETKTIRELNDGFGRRFKVNADIS
GCFTNIYSHSIPWAVIGVNNAKIALNTKVKNQDKHWSDKLDYFQRQAKRNETHGVPIGPATSSIVCEIILSAVDKRLRDD
GFLFRRYIDDYTCYCKTHDDAKEFLHLLGMELSKYKLSLNLHKTKITNLPGTLNDNWVSLLNVNSPTKKRFTDQDLNKLS
SSEVINFLDYAVQLNTQVGGGSILKYAISLVINNLDEYTITQVYDYLLNLSWHYPMLIPYLGVLIEHVYLDDGDEYKNKF
NEILSMCAENKCSDGMAWTLYFCIKNNIDIDDDVIEKIICFGDCLSLCLLDSSDIYEEKINNFVSDIIKLDYEYDIDRYW
LLFYQRFFKDKAPSPYNDKCFDIMKGYGVDFMPDENYKTKAESYCHVVNNPFLEDGDEIVSFNDYMAIA
;
A,B,D,F,H,K
2 'polydeoxyribonucleotide' (DC)(DC)(DC)(DA)(DA) I,C,E,G,J,L
#
loop_
_chem_comp.id
_chem_comp.type
_chem_comp.name
_chem_comp.formula
DA DNA linking 2'-DEOXYADENOSINE-5'-MONOPHOSPHATE 'C10 H14 N5 O6 P'
DC DNA linking 2'-DEOXYCYTIDINE-5'-MONOPHOSPHATE 'C9 H14 N3 O7 P'
DCP non-polymer 2'-DEOXYCYTIDINE-5'-TRIPHOSPHATE 'C9 H16 N3 O13 P3'
MN non-polymer 'MANGANESE (II) ION' 'Mn 2'
#
# COMPACT_ATOMS: atom_id res chain seq x y z
N ASP A 14 43.63 39.83 -11.30
CA ASP A 14 42.63 39.97 -12.35
C ASP A 14 41.70 38.75 -12.36
N GLU A 15 40.45 38.98 -12.73
CA GLU A 15 39.46 37.92 -12.78
C GLU A 15 39.52 37.16 -14.10
N LYS A 16 39.97 37.81 -15.18
CA LYS A 16 40.18 37.15 -16.45
C LYS A 16 41.30 36.12 -16.37
N ARG A 17 42.39 36.48 -15.68
CA ARG A 17 43.47 35.52 -15.46
C ARG A 17 42.99 34.35 -14.63
N HIS A 18 42.14 34.62 -13.63
CA HIS A 18 41.55 33.55 -12.83
C HIS A 18 40.70 32.63 -13.68
N LEU A 19 40.00 33.19 -14.68
CA LEU A 19 39.29 32.36 -15.65
C LEU A 19 40.23 31.43 -16.40
N TYR A 20 41.37 31.95 -16.86
CA TYR A 20 42.26 31.13 -17.67
C TYR A 20 42.89 30.01 -16.84
N GLU A 21 43.31 30.33 -15.61
CA GLU A 21 43.86 29.30 -14.73
C GLU A 21 42.78 28.27 -14.35
N ALA A 22 41.54 28.73 -14.17
CA ALA A 22 40.45 27.80 -13.87
C ALA A 22 40.16 26.88 -15.03
N LEU A 23 40.18 27.42 -16.25
CA LEU A 23 39.89 26.63 -17.44
C LEU A 23 40.95 25.58 -17.67
N LEU A 24 42.22 25.93 -17.44
CA LEU A 24 43.26 24.97 -17.80
C LEU A 24 43.68 24.08 -16.64
N ARG A 25 43.91 24.65 -15.45
CA ARG A 25 44.56 23.92 -14.38
C ARG A 25 43.59 23.31 -13.38
N HIS A 26 42.35 23.77 -13.32
CA HIS A 26 41.43 23.33 -12.29
C HIS A 26 40.16 22.70 -12.82
N ASN A 27 39.65 23.13 -13.97
CA ASN A 27 38.39 22.61 -14.50
C ASN A 27 38.50 22.11 -15.93
N TYR A 28 39.70 21.79 -16.39
CA TYR A 28 39.85 21.04 -17.64
C TYR A 28 39.31 19.62 -17.45
N PHE A 29 39.76 18.94 -16.41
CA PHE A 29 39.24 17.63 -16.07
C PHE A 29 37.86 17.78 -15.44
N PRO A 30 37.07 16.71 -15.43
CA PRO A 30 35.78 16.78 -14.70
C PRO A 30 35.97 16.86 -13.19
N ASN A 31 36.23 18.09 -12.72
CA ASN A 31 36.48 18.40 -11.32
C ASN A 31 35.37 19.25 -10.72
N GLN A 32 34.14 19.10 -11.21
CA GLN A 32 33.06 19.98 -10.78
C GLN A 32 32.46 19.53 -9.46
N LYS A 33 32.63 18.25 -9.10
CA LYS A 33 32.14 17.75 -7.82
C LYS A 33 33.03 18.27 -6.70
N GLY A 34 32.41 18.91 -5.71
CA GLY A 34 33.18 19.55 -4.65
C GLY A 34 33.51 18.61 -3.50
N SER A 35 32.60 17.70 -3.16
CA SER A 35 32.80 16.83 -2.01
C SER A 35 33.91 15.82 -2.26
N ILE A 36 33.81 15.07 -3.36
CA ILE A 36 34.86 14.17 -3.78
C ILE A 36 34.86 14.11 -5.30
N SER A 37 36.05 14.11 -5.88
CA SER A 37 36.18 14.14 -7.33
C SER A 37 35.76 12.80 -7.93
N GLU A 38 35.08 12.86 -9.08
CA GLU A 38 34.78 11.64 -9.83
C GLU A 38 36.06 10.99 -10.33
N ILE A 39 37.02 11.81 -10.71
CA ILE A 39 38.30 11.33 -11.23
C ILE A 39 39.31 11.24 -10.08
N PRO A 40 40.11 10.18 -9.98
CA PRO A 40 41.07 10.05 -8.88
C PRO A 40 42.13 11.15 -8.92
N PRO A 41 42.72 11.50 -7.75
CA PRO A 41 43.66 12.62 -7.69
C PRO A 41 44.94 12.46 -8.49
N CYS A 42 45.25 11.23 -8.92
CA CYS A 42 46.43 11.00 -9.75
C CYS A 42 46.32 11.76 -11.07
N PHE A 43 45.17 11.68 -11.72
CA PHE A 43 44.91 12.54 -12.87
C PHE A 43 44.70 13.98 -12.40
N SER A 44 45.42 14.91 -13.02
CA SER A 44 45.27 16.31 -12.68
C SER A 44 45.60 17.14 -13.91
N SER A 45 45.22 18.42 -13.86
CA SER A 45 45.41 19.31 -15.00
C SER A 45 46.30 20.51 -14.66
N ARG A 46 46.91 20.54 -13.48
CA ARG A 46 47.89 21.58 -13.20
C ARG A 46 49.18 21.26 -13.94
N THR A 47 50.13 22.21 -13.91
CA THR A 47 51.28 22.27 -14.81
C THR A 47 50.85 22.25 -16.27
N PHE A 48 49.68 22.82 -16.55
CA PHE A 48 49.20 23.12 -17.90
C PHE A 48 48.86 24.60 -17.81
N THR A 49 49.88 25.43 -18.00
CA THR A 49 49.79 26.85 -17.69
C THR A 49 49.16 27.59 -18.88
N PRO A 50 48.76 28.85 -18.68
CA PRO A 50 48.29 29.67 -19.83
C PRO A 50 49.23 29.73 -21.02
N GLU A 51 50.54 29.76 -20.81
CA GLU A 51 51.48 29.96 -21.91
C GLU A 51 51.47 28.78 -22.87
N ILE A 52 51.34 27.56 -22.33
CA ILE A 52 51.33 26.37 -23.19
C ILE A 52 50.09 26.36 -24.07
N ALA A 53 48.93 26.72 -23.52
CA ALA A 53 47.71 26.78 -24.32
C ALA A 53 47.79 27.87 -25.38
N GLU A 54 48.39 29.02 -25.02
CA GLU A 54 48.57 30.09 -26.00
C GLU A 54 49.53 29.66 -27.11
N LEU A 55 50.49 28.79 -26.80
CA LEU A 55 51.38 28.26 -27.83
C LEU A 55 50.65 27.26 -28.72
N ILE A 56 49.86 26.36 -28.13
CA ILE A 56 49.17 25.32 -28.89
C ILE A 56 48.13 25.94 -29.83
N SER A 57 47.45 26.99 -29.38
CA SER A 57 46.51 27.69 -30.25
C SER A 57 47.23 28.35 -31.42
N SER A 58 48.47 28.78 -31.21
CA SER A 58 49.23 29.43 -32.29
C SER A 58 49.77 28.41 -33.28
N ASP A 59 49.91 27.16 -32.87
CA ASP A 59 50.52 26.13 -33.71
C ASP A 59 49.64 25.81 -34.92
N THR A 60 50.24 25.79 -36.10
CA THR A 60 49.55 25.45 -37.34
C THR A 60 50.08 24.19 -38.01
N SER A 61 51.03 23.50 -37.40
CA SER A 61 51.65 22.34 -38.03
C SER A 61 50.69 21.14 -38.01
N GLY A 62 50.96 20.19 -38.88
CA GLY A 62 50.21 18.95 -38.94
C GLY A 62 49.00 19.03 -39.84
N ARG A 63 48.43 17.85 -40.10
CA ARG A 63 47.23 17.74 -40.93
C ARG A 63 46.40 16.56 -40.42
N ARG A 64 45.08 16.71 -40.50
CA ARG A 64 44.15 15.71 -40.02
C ARG A 64 43.11 15.44 -41.10
N SER A 65 42.89 14.16 -41.41
CA SER A 65 41.93 13.80 -42.44
C SER A 65 40.51 14.00 -41.98
N LEU A 66 40.25 13.88 -40.68
CA LEU A 66 38.92 14.01 -40.12
C LEU A 66 38.80 15.36 -39.42
N GLN A 67 37.70 16.07 -39.70
CA GLN A 67 37.45 17.34 -39.04
C GLN A 67 37.03 17.11 -37.60
N GLY A 68 37.41 18.04 -36.72
CA GLY A 68 37.05 17.94 -35.32
C GLY A 68 37.95 16.97 -34.59
N TYR A 69 37.67 16.82 -33.29
CA TYR A 69 38.42 15.94 -32.42
C TYR A 69 37.45 15.11 -31.59
N ASP A 70 37.82 13.87 -31.29
CA ASP A 70 37.11 13.09 -30.31
C ASP A 70 37.72 13.32 -28.93
N CYS A 71 37.05 12.82 -27.91
CA CYS A 71 37.42 13.12 -26.53
C CYS A 71 37.58 11.83 -25.74
N VAL A 72 38.39 11.92 -24.67
CA VAL A 72 38.55 10.79 -23.76
C VAL A 72 37.24 10.54 -23.03
N GLU A 73 36.77 9.30 -23.07
CA GLU A 73 35.44 8.95 -22.61
C GLU A 73 35.53 8.45 -21.17
N TYR A 74 34.52 8.79 -20.36
CA TYR A 74 34.52 8.39 -18.95
C TYR A 74 33.07 8.12 -18.56
N TYR A 75 32.80 6.94 -18.04
CA TYR A 75 31.44 6.52 -17.73
C TYR A 75 31.30 6.39 -16.21
N ALA A 76 30.63 7.36 -15.59
CA ALA A 76 30.50 7.42 -14.14
C ALA A 76 29.11 6.98 -13.72
N THR A 77 29.04 6.06 -12.76
CA THR A 77 27.75 5.61 -12.26
C THR A 77 27.08 6.68 -11.42
N ARG A 78 25.79 6.89 -11.64
CA ARG A 78 24.99 7.79 -10.84
C ARG A 78 24.48 7.04 -9.61
N TYR A 79 23.54 7.65 -8.86
CA TYR A 79 23.04 7.02 -7.64
C TYR A 79 22.26 5.74 -7.95
N ASN A 80 21.54 5.71 -9.06
CA ASN A 80 20.79 4.54 -9.50
C ASN A 80 21.58 3.67 -10.47
N ASN A 81 22.91 3.70 -10.39
CA ASN A 81 23.83 2.94 -11.24
C ASN A 81 23.67 3.27 -12.73
N PHE A 82 23.18 4.46 -13.03
CA PHE A 82 23.05 4.87 -14.43
C PHE A 82 24.37 5.47 -14.93
N PRO A 83 24.79 5.12 -16.14
CA PRO A 83 26.03 5.71 -16.68
C PRO A 83 25.83 7.15 -17.12
N ARG A 84 26.75 8.01 -16.70
CA ARG A 84 26.84 9.38 -17.17
C ARG A 84 28.15 9.55 -17.92
N THR A 85 28.07 10.17 -19.10
CA THR A 85 29.19 10.29 -20.01
C THR A 85 29.91 11.61 -19.75
N LEU A 86 31.10 11.54 -19.16
CA LEU A 86 32.01 12.66 -19.02
C LEU A 86 33.08 12.56 -20.11
N SER A 87 33.59 13.71 -20.53
CA SER A 87 34.54 13.76 -21.63
C SER A 87 35.70 14.67 -21.28
N ILE A 88 36.90 14.23 -21.65
CA ILE A 88 38.12 15.04 -21.53
C ILE A 88 38.50 15.47 -22.93
N ILE A 89 38.40 16.77 -23.20
CA ILE A 89 38.61 17.29 -24.54
C ILE A 89 40.09 17.21 -24.90
N HIS A 90 40.36 16.97 -26.18
CA HIS A 90 41.72 16.94 -26.70
C HIS A 90 42.38 18.31 -26.49
N PRO A 91 43.64 18.34 -26.03
CA PRO A 91 44.23 19.61 -25.58
C PRO A 91 44.40 20.66 -26.67
N LYS A 92 44.48 20.26 -27.95
CA LYS A 92 44.52 21.26 -29.02
C LYS A 92 43.18 22.00 -29.11
N ALA A 93 42.08 21.23 -29.19
CA ALA A 93 40.76 21.82 -29.26
C ALA A 93 40.40 22.56 -27.98
N TYR A 94 40.74 21.99 -26.82
CA TYR A 94 40.45 22.65 -25.56
C TYR A 94 41.28 23.91 -25.38
N SER A 95 42.53 23.90 -25.83
CA SER A 95 43.36 25.10 -25.71
C SER A 95 42.81 26.23 -26.56
N LYS A 96 42.42 25.92 -27.81
CA LYS A 96 41.81 26.94 -28.65
C LYS A 96 40.49 27.44 -28.06
N LEU A 97 39.67 26.53 -27.54
CA LEU A 97 38.38 26.90 -26.96
C LEU A 97 38.54 27.76 -25.71
N ALA A 98 39.48 27.40 -24.84
CA ALA A 98 39.72 28.18 -23.62
C ALA A 98 40.28 29.56 -23.96
N LYS A 99 41.19 29.63 -24.93
CA LYS A 99 41.72 30.92 -25.35
C LYS A 99 40.61 31.82 -25.91
N HIS A 100 39.74 31.25 -26.74
CA HIS A 100 38.65 32.06 -27.30
C HIS A 100 37.63 32.48 -26.24
N ILE A 101 37.37 31.62 -25.26
CA ILE A 101 36.44 31.98 -24.18
C ILE A 101 37.02 33.11 -23.34
N HIS A 102 38.30 33.04 -23.01
CA HIS A 102 38.90 34.05 -22.15
C HIS A 102 39.10 35.37 -22.87
N ASP A 103 39.53 35.34 -24.14
CA ASP A 103 39.87 36.57 -24.86
C ASP A 103 38.66 37.47 -25.06
N ASN A 104 37.45 36.92 -24.91
CA ASN A 104 36.23 37.70 -24.97
C ASN A 104 35.37 37.56 -23.72
N TRP A 105 35.98 37.51 -22.53
CA TRP A 105 35.18 37.36 -21.32
C TRP A 105 34.41 38.63 -20.98
N GLU A 106 34.83 39.78 -21.53
CA GLU A 106 34.04 40.99 -21.32
C GLU A 106 32.72 40.92 -22.09
N GLU A 107 32.65 40.03 -23.08
CA GLU A 107 31.38 39.77 -23.76
C GLU A 107 30.65 38.58 -23.17
N ILE A 108 31.38 37.69 -22.48
CA ILE A 108 30.80 36.43 -21.99
C ILE A 108 30.31 36.54 -20.55
N ARG A 109 30.91 37.41 -19.73
CA ARG A 109 30.69 37.43 -18.29
C ARG A 109 29.31 37.92 -17.86
N PHE A 110 28.39 38.12 -18.80
CA PHE A 110 27.00 38.41 -18.48
C PHE A 110 26.30 37.20 -17.85
N ILE A 111 26.93 36.02 -17.95
CA ILE A 111 26.44 34.85 -17.22
C ILE A 111 26.82 34.87 -15.75
N LYS A 112 27.84 35.66 -15.37
CA LYS A 112 28.16 35.83 -13.96
C LYS A 112 27.06 36.59 -13.23
N GLU A 113 26.48 37.60 -13.88
CA GLU A 113 25.44 38.43 -13.28
C GLU A 113 24.06 37.87 -13.60
N ASN A 114 23.85 36.61 -13.23
CA ASN A 114 22.55 35.96 -13.30
C ASN A 114 22.17 35.52 -11.90
N GLU A 115 21.05 36.01 -11.40
CA GLU A 115 20.58 35.65 -10.07
C GLU A 115 19.72 34.40 -10.07
N ASN A 116 19.33 33.90 -11.24
CA ASN A 116 18.56 32.67 -11.33
C ASN A 116 19.42 31.44 -11.55
N SER A 117 20.69 31.62 -11.92
CA SER A 117 21.63 30.52 -12.09
C SER A 117 22.45 30.41 -10.82
N MET A 118 22.15 29.43 -9.98
CA MET A 118 22.88 29.26 -8.74
C MET A 118 24.27 28.66 -8.99
N ILE A 119 24.35 27.66 -9.87
CA ILE A 119 25.63 27.08 -10.26
C ILE A 119 26.11 27.82 -11.50
N LYS A 120 27.21 28.54 -11.36
CA LYS A 120 27.74 29.39 -12.40
C LYS A 120 29.22 29.64 -12.10
N PRO A 121 29.96 30.27 -13.02
CA PRO A 121 31.34 30.66 -12.69
C PRO A 121 31.40 31.59 -11.49
N ASP A 122 32.42 31.38 -10.65
CA ASP A 122 32.69 32.17 -9.46
C ASP A 122 34.18 32.14 -9.19
N MET A 123 34.63 33.05 -8.33
CA MET A 123 36.04 33.12 -7.96
C MET A 123 36.23 32.34 -6.66
N HIS A 124 36.50 31.05 -6.79
CA HIS A 124 36.62 30.17 -5.64
C HIS A 124 38.05 30.17 -5.09
N ALA A 125 38.20 29.59 -3.89
CA ALA A 125 39.49 29.60 -3.21
C ALA A 125 40.48 28.65 -3.87
N ASP A 126 40.03 27.44 -4.22
CA ASP A 126 40.93 26.47 -4.84
C ASP A 126 41.31 26.85 -6.27
N GLY A 127 40.52 27.70 -6.91
CA GLY A 127 40.79 28.15 -8.26
C GLY A 127 39.72 27.79 -9.27
N ARG A 128 38.85 26.83 -8.96
CA ARG A 128 37.82 26.41 -9.90
C ARG A 128 36.78 27.51 -10.09
N ILE A 129 36.32 27.70 -11.33
CA ILE A 129 35.21 28.63 -11.54
C ILE A 129 33.88 27.99 -11.17
N ILE A 130 33.69 26.72 -11.51
CA ILE A 130 32.39 26.07 -11.37
C ILE A 130 32.55 24.86 -10.47
N ILE A 131 31.90 24.91 -9.31
CA ILE A 131 31.79 23.78 -8.39
C ILE A 131 30.31 23.55 -8.15
N MET A 132 29.86 22.32 -8.40
CA MET A 132 28.47 21.97 -8.19
C MET A 132 28.22 21.74 -6.71
N ASN A 133 27.23 22.46 -6.16
CA ASN A 133 26.82 22.37 -4.75
C ASN A 133 27.96 22.71 -3.79
N TYR A 134 28.55 23.89 -3.98
CA TYR A 134 29.54 24.43 -3.07
C TYR A 134 28.91 25.32 -2.00
N GLU A 135 27.65 25.73 -2.21
CA GLU A 135 27.01 26.71 -1.32
C GLU A 135 26.59 26.09 0.01
N ASP A 136 26.36 24.77 0.02
CA ASP A 136 25.91 23.95 1.16
C ASP A 136 24.43 24.18 1.45
N ALA A 137 23.81 23.25 2.18
CA ALA A 137 22.35 23.15 2.19
C ALA A 137 21.69 24.18 3.11
N GLU A 138 22.48 24.88 3.94
CA GLU A 138 21.87 25.86 4.84
C GLU A 138 21.76 27.23 4.19
N THR A 139 22.78 27.64 3.43
CA THR A 139 22.64 28.82 2.59
C THR A 139 21.56 28.60 1.53
N LYS A 140 21.43 27.37 1.06
CA LYS A 140 20.33 27.00 0.19
C LYS A 140 19.00 27.02 0.95
N THR A 141 19.02 26.65 2.23
CA THR A 141 17.83 26.62 3.07
C THR A 141 17.24 28.01 3.25
N ILE A 142 18.09 29.00 3.53
CA ILE A 142 17.60 30.37 3.73
C ILE A 142 16.95 30.90 2.46
N ARG A 143 17.61 30.70 1.32
CA ARG A 143 17.07 31.17 0.04
C ARG A 143 15.79 30.43 -0.33
N GLU A 144 15.74 29.12 -0.07
CA GLU A 144 14.56 28.33 -0.37
C GLU A 144 13.37 28.74 0.50
N LEU A 145 13.64 29.07 1.77
CA LEU A 145 12.60 29.56 2.66
C LEU A 145 12.08 30.93 2.22
N ASN A 146 12.97 31.81 1.79
CA ASN A 146 12.54 33.12 1.30
C ASN A 146 11.73 33.01 0.02
N ASP A 147 12.14 32.12 -0.88
CA ASP A 147 11.41 31.96 -2.15
C ASP A 147 10.07 31.26 -1.95
N GLY A 148 9.99 30.32 -1.01
CA GLY A 148 8.79 29.51 -0.89
C GLY A 148 7.65 30.21 -0.19
N PHE A 149 7.93 31.36 0.43
CA PHE A 149 6.91 32.06 1.20
C PHE A 149 5.82 32.64 0.31
N GLY A 150 4.57 32.53 0.75
CA GLY A 150 3.45 33.10 0.04
C GLY A 150 3.02 32.34 -1.19
N ARG A 151 3.70 31.27 -1.54
CA ARG A 151 3.42 30.47 -2.71
C ARG A 151 2.95 29.11 -2.22
N ARG A 152 1.97 28.52 -2.90
CA ARG A 152 1.44 27.23 -2.48
C ARG A 152 1.67 26.13 -3.50
N PHE A 153 2.39 26.40 -4.59
CA PHE A 153 2.75 25.36 -5.55
C PHE A 153 4.20 25.52 -5.96
N LYS A 154 4.89 24.39 -6.16
CA LYS A 154 6.27 24.38 -6.60
C LYS A 154 6.41 23.50 -7.83
N VAL A 155 7.22 23.96 -8.79
CA VAL A 155 7.42 23.29 -10.06
C VAL A 155 8.88 22.88 -10.15
N ASN A 156 9.14 21.61 -10.45
CA ASN A 156 10.48 21.10 -10.70
C ASN A 156 10.52 20.57 -12.12
N ALA A 157 11.22 21.28 -13.01
CA ALA A 157 11.28 20.92 -14.42
C ALA A 157 12.70 21.08 -14.92
N ASP A 158 13.22 20.06 -15.61
CA ASP A 158 14.58 20.10 -16.10
C ASP A 158 14.61 19.72 -17.57
N ILE A 159 15.66 20.19 -18.25
CA ILE A 159 15.86 19.87 -19.66
C ILE A 159 16.15 18.38 -19.81
N SER A 160 15.62 17.78 -20.88
CA SER A 160 15.63 16.32 -21.01
C SER A 160 17.04 15.78 -21.23
N GLY A 161 17.79 16.36 -22.15
CA GLY A 161 19.12 15.89 -22.44
C GLY A 161 20.13 17.02 -22.53
N CYS A 162 20.01 18.00 -21.63
CA CYS A 162 20.55 19.36 -21.73
C CYS A 162 21.94 19.48 -22.34
N PHE A 163 22.95 18.87 -21.73
CA PHE A 163 24.30 18.95 -22.29
C PHE A 163 24.44 18.11 -23.54
N THR A 164 23.77 16.95 -23.60
CA THR A 164 23.91 16.05 -24.73
C THR A 164 23.16 16.52 -25.97
N ASN A 165 22.21 17.45 -25.82
CA ASN A 165 21.44 17.91 -26.97
C ASN A 165 21.43 19.44 -27.09
N ILE A 166 22.48 20.10 -26.60
CA ILE A 166 22.70 21.50 -26.96
C ILE A 166 23.05 21.59 -28.44
N TYR A 167 22.33 22.45 -29.15
CA TYR A 167 22.71 22.79 -30.51
C TYR A 167 23.81 23.83 -30.44
N SER A 168 24.95 23.54 -31.07
CA SER A 168 26.05 24.50 -31.07
C SER A 168 25.69 25.78 -31.80
N HIS A 169 24.94 25.68 -32.90
CA HIS A 169 24.56 26.87 -33.67
C HIS A 169 23.61 27.79 -32.92
N SER A 170 23.04 27.34 -31.79
CA SER A 170 22.27 28.22 -30.92
C SER A 170 23.15 29.06 -30.01
N ILE A 171 24.46 28.84 -30.02
CA ILE A 171 25.37 29.71 -29.26
C ILE A 171 25.38 31.15 -29.79
N PRO A 172 25.49 31.41 -31.11
CA PRO A 172 25.33 32.81 -31.56
C PRO A 172 23.95 33.39 -31.26
N TRP A 173 22.89 32.59 -31.36
CA TRP A 173 21.53 33.08 -31.17
C TRP A 173 21.36 33.70 -29.80
N ALA A 174 21.70 32.93 -28.75
CA ALA A 174 21.59 33.41 -27.37
C ALA A 174 22.47 34.61 -27.08
N VAL A 175 23.45 34.89 -27.94
CA VAL A 175 24.24 36.10 -27.75
C VAL A 175 23.53 37.30 -28.37
N ILE A 176 23.00 37.17 -29.58
CA ILE A 176 22.55 38.33 -30.34
C ILE A 176 21.11 38.20 -30.79
N GLY A 177 20.35 37.28 -30.23
CA GLY A 177 18.99 37.06 -30.70
C GLY A 177 18.96 36.01 -31.79
N VAL A 178 17.88 35.23 -31.86
CA VAL A 178 17.78 34.18 -32.86
C VAL A 178 17.64 34.78 -34.25
N ASN A 179 16.75 35.76 -34.40
CA ASN A 179 16.44 36.32 -35.71
C ASN A 179 17.61 37.13 -36.26
N ASN A 180 18.28 37.91 -35.40
CA ASN A 180 19.43 38.69 -35.86
C ASN A 180 20.58 37.80 -36.30
N ALA A 181 20.81 36.71 -35.57
CA ALA A 181 21.88 35.79 -35.94
C ALA A 181 21.54 35.03 -37.23
N LYS A 182 20.26 34.69 -37.42
CA LYS A 182 19.87 34.04 -38.67
C LYS A 182 19.94 35.00 -39.85
N ILE A 183 19.64 36.28 -39.62
CA ILE A 183 19.74 37.28 -40.67
C ILE A 183 21.21 37.53 -41.03
N ALA A 184 22.09 37.55 -40.02
CA ALA A 184 23.51 37.78 -40.27
C ALA A 184 24.15 36.63 -41.06
N LEU A 185 23.56 35.45 -41.02
CA LEU A 185 24.06 34.32 -41.81
C LEU A 185 23.78 34.55 -43.30
N LYS A 194 34.39 37.39 -38.33
CA LYS A 194 33.03 37.14 -37.86
C LYS A 194 32.87 37.52 -36.39
N HIS A 195 31.65 37.36 -35.88
CA HIS A 195 31.38 37.61 -34.47
C HIS A 195 32.08 36.57 -33.61
N TRP A 196 32.36 36.95 -32.36
CA TRP A 196 33.10 36.07 -31.46
C TRP A 196 32.31 34.81 -31.12
N SER A 197 30.98 34.91 -31.06
CA SER A 197 30.19 33.74 -30.67
C SER A 197 30.09 32.73 -31.80
N ASP A 198 30.21 33.16 -33.05
CA ASP A 198 30.29 32.21 -34.15
C ASP A 198 31.60 31.43 -34.09
N LYS A 199 32.69 32.08 -33.70
CA LYS A 199 33.95 31.35 -33.51
C LYS A 199 33.88 30.45 -32.28
N LEU A 200 33.15 30.86 -31.25
CA LEU A 200 32.94 29.99 -30.09
C LEU A 200 32.10 28.77 -30.47
N ASP A 201 31.09 28.97 -31.32
CA ASP A 201 30.40 27.86 -31.99
C ASP A 201 31.37 26.93 -32.69
N TYR A 202 32.27 27.48 -33.51
CA TYR A 202 33.18 26.64 -34.28
C TYR A 202 34.12 25.85 -33.38
N PHE A 203 34.63 26.49 -32.32
CA PHE A 203 35.57 25.82 -31.42
C PHE A 203 34.87 24.77 -30.56
N GLN A 204 33.65 25.06 -30.10
CA GLN A 204 32.87 24.06 -29.37
C GLN A 204 32.50 22.88 -30.26
N ARG A 205 32.34 23.12 -31.56
CA ARG A 205 32.15 22.03 -32.50
C ARG A 205 33.42 21.20 -32.65
N GLN A 206 34.56 21.86 -32.83
CA GLN A 206 35.83 21.14 -32.98
C GLN A 206 36.21 20.35 -31.74
N ALA A 207 35.69 20.76 -30.58
CA ALA A 207 35.93 20.01 -29.35
C ALA A 207 35.34 18.60 -29.41
N LYS A 208 34.22 18.42 -30.12
CA LYS A 208 33.57 17.12 -30.24
C LYS A 208 33.26 16.84 -31.71
N ARG A 209 34.25 16.32 -32.43
CA ARG A 209 34.11 15.64 -33.73
C ARG A 209 33.42 16.50 -34.80
N ASN A 210 33.50 17.82 -34.70
CA ASN A 210 32.80 18.77 -35.59
C ASN A 210 31.30 18.47 -35.63
N GLU A 211 30.71 18.37 -34.44
CA GLU A 211 29.31 18.02 -34.30
C GLU A 211 28.57 19.15 -33.61
N THR A 212 27.47 19.60 -34.22
CA THR A 212 26.70 20.71 -33.68
C THR A 212 25.86 20.27 -32.48
N HIS A 213 25.51 19.00 -32.40
CA HIS A 213 24.59 18.54 -31.36
C HIS A 213 25.37 18.10 -30.13
N GLY A 214 25.12 18.77 -29.00
CA GLY A 214 25.69 18.38 -27.73
C GLY A 214 27.01 19.06 -27.44
N VAL A 215 27.42 18.98 -26.18
CA VAL A 215 28.72 19.46 -25.71
C VAL A 215 29.34 18.37 -24.84
N PRO A 216 30.66 18.33 -24.67
CA PRO A 216 31.26 17.41 -23.69
C PRO A 216 30.85 17.79 -22.27
N ILE A 217 30.85 16.79 -21.38
CA ILE A 217 30.42 16.97 -20.00
C ILE A 217 31.65 16.85 -19.10
N GLY A 218 31.82 17.83 -18.22
CA GLY A 218 32.95 17.82 -17.30
C GLY A 218 33.89 19.01 -17.35
N PRO A 219 34.32 19.44 -18.54
CA PRO A 219 35.05 20.71 -18.61
C PRO A 219 34.16 21.90 -18.35
N ALA A 220 34.77 23.00 -17.91
CA ALA A 220 34.02 24.21 -17.59
C ALA A 220 33.72 25.06 -18.81
N THR A 221 34.39 24.82 -19.94
CA THR A 221 34.06 25.55 -21.16
C THR A 221 32.66 25.21 -21.64
N SER A 222 32.28 23.94 -21.57
CA SER A 222 30.94 23.55 -21.99
C SER A 222 29.89 23.98 -20.97
N SER A 223 30.25 24.05 -19.69
CA SER A 223 29.33 24.60 -18.71
C SER A 223 29.15 26.11 -18.91
N ILE A 224 30.21 26.80 -19.33
CA ILE A 224 30.11 28.20 -19.72
C ILE A 224 29.18 28.35 -20.92
N VAL A 225 29.30 27.45 -21.89
CA VAL A 225 28.44 27.46 -23.07
C VAL A 225 26.98 27.23 -22.68
N CYS A 226 26.74 26.29 -21.77
CA CYS A 226 25.37 26.04 -21.29
C CYS A 226 24.82 27.24 -20.53
N GLU A 227 25.67 27.92 -19.75
CA GLU A 227 25.25 29.15 -19.08
C GLU A 227 24.89 30.23 -20.08
N ILE A 228 25.68 30.36 -21.15
CA ILE A 228 25.42 31.36 -22.19
C ILE A 228 24.09 31.09 -22.87
N ILE A 229 23.81 29.82 -23.16
CA ILE A 229 22.57 29.47 -23.84
C ILE A 229 21.37 29.66 -22.91
N LEU A 230 21.48 29.19 -21.66
CA LEU A 230 20.35 29.21 -20.75
C LEU A 230 20.13 30.55 -20.09
N SER A 231 21.08 31.47 -20.16
CA SER A 231 20.89 32.80 -19.57
C SER A 231 19.86 33.62 -20.33
N ALA A 232 19.74 33.41 -21.64
CA ALA A 232 18.69 34.08 -22.41
C ALA A 232 17.31 33.60 -21.98
N VAL A 233 17.17 32.30 -21.74
CA VAL A 233 15.92 31.74 -21.22
C VAL A 233 15.64 32.29 -19.82
N ASP A 234 16.69 32.40 -18.99
CA ASP A 234 16.53 32.99 -17.66
C ASP A 234 16.11 34.45 -17.75
N LYS A 235 16.63 35.18 -18.74
CA LYS A 235 16.27 36.58 -18.92
C LYS A 235 14.81 36.74 -19.35
N ARG A 236 14.38 35.94 -20.32
CA ARG A 236 13.00 36.06 -20.79
C ARG A 236 12.01 35.40 -19.86
N LEU A 237 12.47 34.59 -18.91
CA LEU A 237 11.60 34.14 -17.81
C LEU A 237 11.55 35.16 -16.69
N ARG A 238 12.64 35.91 -16.49
CA ARG A 238 12.69 36.93 -15.44
C ARG A 238 11.82 38.12 -15.81
N ASP A 239 11.76 38.47 -17.10
CA ASP A 239 11.04 39.67 -17.54
C ASP A 239 9.54 39.55 -17.33
N ASP A 240 9.01 38.33 -17.26
CA ASP A 240 7.60 38.12 -16.96
C ASP A 240 7.32 38.03 -15.46
N GLY A 241 8.31 38.28 -14.62
CA GLY A 241 8.11 38.31 -13.19
C GLY A 241 8.11 36.97 -12.50
N PHE A 242 8.60 35.92 -13.14
CA PHE A 242 8.64 34.61 -12.51
C PHE A 242 9.75 34.55 -11.48
N LEU A 243 9.42 34.05 -10.29
CA LEU A 243 10.39 33.83 -9.23
C LEU A 243 10.86 32.37 -9.33
N PHE A 244 12.05 32.17 -9.87
CA PHE A 244 12.54 30.84 -10.18
C PHE A 244 14.04 30.79 -9.97
N ARG A 245 14.54 29.58 -9.73
CA ARG A 245 15.96 29.30 -9.59
C ARG A 245 16.32 28.17 -10.54
N ARG A 246 17.60 28.10 -10.93
CA ARG A 246 18.05 26.98 -11.73
C ARG A 246 19.44 26.52 -11.27
N TYR A 247 19.60 25.21 -11.23
CA TYR A 247 20.85 24.53 -10.95
C TYR A 247 21.21 23.78 -12.22
N ILE A 248 22.12 24.35 -13.00
CA ILE A 248 22.47 23.91 -14.36
C ILE A 248 21.20 23.87 -15.19
N ASP A 249 20.60 22.69 -15.33
CA ASP A 249 19.43 22.50 -16.17
C ASP A 249 18.13 22.36 -15.38
N ASP A 250 18.19 22.31 -14.05
CA ASP A 250 17.01 22.09 -13.23
C ASP A 250 16.41 23.43 -12.82
N TYR A 251 15.14 23.65 -13.18
CA TYR A 251 14.41 24.85 -12.84
C TYR A 251 13.43 24.52 -11.73
N THR A 252 13.49 25.29 -10.65
CA THR A 252 12.49 25.26 -9.61
C THR A 252 11.74 26.59 -9.63
N CYS A 253 10.43 26.53 -9.46
CA CYS A 253 9.58 27.70 -9.52
C CYS A 253 8.56 27.67 -8.39
N TYR A 254 8.23 28.84 -7.87
CA TYR A 254 7.35 28.98 -6.72
C TYR A 254 6.19 29.88 -7.13
N CYS A 255 4.99 29.30 -7.20
CA CYS A 255 3.83 29.99 -7.72
C CYS A 255 2.71 30.00 -6.70
N LYS A 256 2.06 31.17 -6.57
CA LYS A 256 0.92 31.32 -5.68
C LYS A 256 -0.28 30.49 -6.15
N THR A 257 -0.42 30.32 -7.46
CA THR A 257 -1.54 29.59 -8.04
C THR A 257 -1.02 28.46 -8.91
N HIS A 258 -1.89 27.48 -9.16
CA HIS A 258 -1.53 26.36 -10.01
C HIS A 258 -1.45 26.78 -11.47
N ASP A 259 -2.26 27.77 -11.87
CA ASP A 259 -2.23 28.25 -13.25
C ASP A 259 -0.96 29.02 -13.55
N ASP A 260 -0.41 29.72 -12.55
CA ASP A 260 0.88 30.36 -12.76
C ASP A 260 1.98 29.32 -12.95
N ALA A 261 1.84 28.17 -12.29
CA ALA A 261 2.76 27.06 -12.50
C ALA A 261 2.66 26.51 -13.92
N LYS A 262 1.42 26.31 -14.42
CA LYS A 262 1.26 25.83 -15.80
C LYS A 262 1.76 26.87 -16.81
N GLU A 263 1.56 28.15 -16.53
CA GLU A 263 2.02 29.19 -17.43
C GLU A 263 3.55 29.28 -17.44
N PHE A 264 4.18 29.07 -16.28
CA PHE A 264 5.64 28.98 -16.23
C PHE A 264 6.14 27.81 -17.04
N LEU A 265 5.48 26.66 -16.93
CA LEU A 265 5.87 25.48 -17.71
C LEU A 265 5.74 25.75 -19.21
N HIS A 266 4.65 26.42 -19.61
CA HIS A 266 4.44 26.74 -21.02
C HIS A 266 5.48 27.71 -21.55
N LEU A 267 5.80 28.76 -20.77
CA LEU A 267 6.78 29.74 -21.22
C LEU A 267 8.18 29.16 -21.25
N LEU A 268 8.50 28.30 -20.27
CA LEU A 268 9.79 27.60 -20.28
C LEU A 268 9.93 26.69 -21.48
N GLY A 269 8.85 25.95 -21.81
CA GLY A 269 8.86 25.15 -23.02
C GLY A 269 9.05 25.97 -24.28
N MET A 270 8.39 27.13 -24.35
CA MET A 270 8.54 28.03 -25.50
C MET A 270 9.99 28.50 -25.64
N GLU A 271 10.57 29.02 -24.56
CA GLU A 271 11.89 29.63 -24.67
C GLU A 271 12.98 28.57 -24.87
N LEU A 272 12.77 27.36 -24.36
CA LEU A 272 13.71 26.29 -24.64
C LEU A 272 13.54 25.78 -26.08
N SER A 273 12.31 25.75 -26.59
CA SER A 273 12.10 25.30 -27.96
C SER A 273 12.65 26.30 -28.98
N LYS A 274 12.79 27.56 -28.58
CA LYS A 274 13.52 28.51 -29.43
C LYS A 274 14.97 28.09 -29.63
N TYR A 275 15.55 27.37 -28.66
CA TYR A 275 16.93 26.92 -28.73
C TYR A 275 17.04 25.41 -28.90
N LYS A 276 16.02 24.77 -29.49
CA LYS A 276 15.96 23.32 -29.74
C LYS A 276 16.15 22.52 -28.45
N LEU A 277 15.53 22.99 -27.36
CA LEU A 277 15.63 22.37 -26.05
C LEU A 277 14.23 22.05 -25.55
N SER A 278 14.12 21.03 -24.71
CA SER A 278 12.83 20.58 -24.23
C SER A 278 12.95 20.04 -22.81
N LEU A 279 11.82 20.08 -22.09
CA LEU A 279 11.75 19.66 -20.70
C LEU A 279 11.73 18.14 -20.58
N ASN A 280 12.28 17.64 -19.48
CA ASN A 280 12.14 16.24 -19.09
C ASN A 280 10.85 16.14 -18.30
N LEU A 281 9.78 15.67 -18.96
CA LEU A 281 8.48 15.60 -18.31
C LEU A 281 8.37 14.43 -17.34
N HIS A 282 9.34 13.51 -17.32
CA HIS A 282 9.41 12.53 -16.24
C HIS A 282 9.72 13.22 -14.92
N LYS A 283 10.76 14.05 -14.90
CA LYS A 283 11.16 14.77 -13.69
C LYS A 283 10.40 16.07 -13.50
N THR A 284 9.64 16.51 -14.49
CA THR A 284 8.82 17.72 -14.34
C THR A 284 7.58 17.37 -13.52
N LYS A 285 7.49 17.94 -12.32
CA LYS A 285 6.37 17.65 -11.45
C LYS A 285 6.03 18.88 -10.62
N ILE A 286 4.76 18.97 -10.23
CA ILE A 286 4.24 20.09 -9.47
C ILE A 286 3.78 19.55 -8.12
N THR A 287 4.31 20.12 -7.04
CA THR A 287 4.02 19.70 -5.69
C THR A 287 3.37 20.85 -4.92
N ASN A 288 2.73 20.50 -3.81
CA ASN A 288 1.98 21.46 -3.00
C ASN A 288 2.84 21.92 -1.84
N LEU A 289 3.04 23.23 -1.74
CA LEU A 289 3.78 23.77 -0.60
C LEU A 289 2.90 23.76 0.65
N PRO A 290 3.49 23.53 1.84
CA PRO A 290 4.91 23.39 2.14
C PRO A 290 5.49 21.99 1.96
N GLY A 291 6.35 21.84 0.96
CA GLY A 291 7.14 20.65 0.78
C GLY A 291 8.49 20.87 1.42
N THR A 292 9.23 19.79 1.62
CA THR A 292 10.51 19.89 2.29
C THR A 292 11.56 20.57 1.42
N LEU A 293 12.49 21.25 2.08
CA LEU A 293 13.51 22.02 1.39
C LEU A 293 14.49 21.10 0.66
N ASN A 294 14.95 20.06 1.34
CA ASN A 294 15.75 18.99 0.76
C ASN A 294 14.83 17.83 0.40
N ASP A 295 15.42 16.68 0.09
CA ASP A 295 14.65 15.47 -0.13
C ASP A 295 14.21 14.90 1.22
N ASN A 296 13.33 13.88 1.15
CA ASN A 296 12.81 13.26 2.36
C ASN A 296 13.89 12.48 3.09
N TRP A 297 14.63 11.64 2.35
CA TRP A 297 15.64 10.77 2.95
C TRP A 297 16.77 11.57 3.57
N VAL A 298 16.99 12.81 3.13
CA VAL A 298 17.91 13.71 3.81
C VAL A 298 17.47 13.93 5.24
N SER A 299 16.18 14.20 5.43
CA SER A 299 15.64 14.46 6.77
C SER A 299 15.63 13.19 7.62
N LEU A 300 15.25 12.04 7.05
CA LEU A 300 15.29 10.80 7.81
C LEU A 300 16.70 10.40 8.21
N LEU A 301 17.68 10.61 7.32
CA LEU A 301 19.06 10.31 7.68
C LEU A 301 19.59 11.28 8.73
N ASN A 302 19.16 12.54 8.67
CA ASN A 302 19.72 13.53 9.59
C ASN A 302 19.05 13.50 10.95
N VAL A 303 17.82 13.01 11.06
CA VAL A 303 17.25 12.83 12.40
C VAL A 303 17.79 11.58 13.07
N ASN A 304 18.21 10.58 12.29
CA ASN A 304 18.74 9.33 12.81
C ASN A 304 20.26 9.28 12.79
N SER A 305 20.91 10.40 12.45
CA SER A 305 22.36 10.41 12.34
C SER A 305 22.99 10.33 13.72
N PRO A 306 24.04 9.52 13.91
CA PRO A 306 24.72 9.50 15.21
C PRO A 306 25.54 10.74 15.47
N THR A 307 25.88 11.51 14.43
CA THR A 307 26.69 12.72 14.56
C THR A 307 25.89 13.99 14.38
N LYS A 308 24.59 13.95 14.66
CA LYS A 308 23.75 15.13 14.44
C LYS A 308 23.94 16.17 15.54
N LYS A 309 24.56 15.80 16.66
CA LYS A 309 24.88 16.75 17.72
C LYS A 309 26.39 16.76 17.94
N ARG A 310 26.98 17.95 17.95
CA ARG A 310 28.39 18.14 18.23
C ARG A 310 28.56 18.53 19.69
N PHE A 311 29.40 17.77 20.40
CA PHE A 311 29.60 17.97 21.83
C PHE A 311 30.81 18.85 22.15
N THR A 312 31.52 19.34 21.13
CA THR A 312 32.68 20.24 21.19
C THR A 312 33.90 19.64 21.86
N ASP A 313 33.88 18.36 22.26
CA ASP A 313 35.06 17.65 22.71
C ASP A 313 35.22 16.39 21.87
N GLN A 314 36.46 16.09 21.49
CA GLN A 314 36.72 15.09 20.45
C GLN A 314 36.42 13.67 20.92
N ASP A 315 36.49 13.41 22.22
CA ASP A 315 36.25 12.05 22.69
C ASP A 315 34.76 11.70 22.71
N LEU A 316 33.89 12.69 22.90
CA LEU A 316 32.48 12.40 23.07
C LEU A 316 31.76 12.10 21.76
N ASN A 317 32.24 12.62 20.64
CA ASN A 317 31.60 12.38 19.35
C ASN A 317 32.31 11.31 18.52
N LYS A 318 33.25 10.58 19.12
CA LYS A 318 33.79 9.38 18.47
C LYS A 318 32.76 8.27 18.59
N LEU A 319 32.21 7.83 17.46
CA LEU A 319 31.13 6.87 17.48
C LEU A 319 31.65 5.46 17.76
N SER A 320 30.86 4.70 18.53
CA SER A 320 31.16 3.30 18.75
C SER A 320 30.77 2.49 17.51
N SER A 321 31.15 1.21 17.53
CA SER A 321 30.91 0.34 16.38
C SER A 321 29.42 0.13 16.13
N SER A 322 28.64 -0.02 17.20
CA SER A 322 27.22 -0.30 17.08
C SER A 322 26.46 0.84 16.42
N GLU A 323 26.82 2.09 16.76
CA GLU A 323 26.13 3.25 16.20
C GLU A 323 26.34 3.34 14.70
N VAL A 324 27.61 3.21 14.25
CA VAL A 324 27.90 3.32 12.82
C VAL A 324 27.30 2.15 12.05
N ILE A 325 27.39 0.94 12.62
CA ILE A 325 26.86 -0.24 11.94
C ILE A 325 25.35 -0.14 11.80
N ASN A 326 24.66 0.30 12.86
CA ASN A 326 23.21 0.40 12.80
C ASN A 326 22.76 1.54 11.90
N PHE A 327 23.52 2.66 11.88
CA PHE A 327 23.19 3.75 10.97
C PHE A 327 23.38 3.32 9.52
N LEU A 328 24.45 2.59 9.22
CA LEU A 328 24.67 2.11 7.86
C LEU A 328 23.61 1.09 7.44
N ASP A 329 23.20 0.22 8.35
CA ASP A 329 22.12 -0.73 8.03
C ASP A 329 20.80 -0.01 7.79
N TYR A 330 20.48 0.98 8.61
CA TYR A 330 19.27 1.77 8.40
C TYR A 330 19.34 2.54 7.08
N ALA A 331 20.52 3.02 6.73
CA ALA A 331 20.70 3.71 5.46
C ALA A 331 20.53 2.77 4.27
N VAL A 332 21.01 1.53 4.41
CA VAL A 332 20.81 0.52 3.36
C VAL A 332 19.32 0.23 3.19
N GLN A 333 18.60 0.09 4.31
CA GLN A 333 17.16 -0.12 4.24
C GLN A 333 16.43 1.04 3.60
N LEU A 334 16.83 2.28 3.94
CA LEU A 334 16.17 3.45 3.38
C LEU A 334 16.49 3.63 1.90
N ASN A 335 17.71 3.29 1.49
CA ASN A 335 18.08 3.34 0.08
C ASN A 335 17.33 2.28 -0.73
N THR A 336 17.13 1.11 -0.14
CA THR A 336 16.35 0.06 -0.79
C THR A 336 14.87 0.47 -0.89
N GLN A 337 14.33 1.03 0.19
CA GLN A 337 12.89 1.31 0.24
C GLN A 337 12.49 2.47 -0.66
N VAL A 338 13.28 3.56 -0.64
CA VAL A 338 12.94 4.75 -1.40
C VAL A 338 13.60 4.70 -2.77
N GLY A 339 14.93 4.67 -2.79
CA GLY A 339 15.66 4.63 -4.05
C GLY A 339 15.54 5.88 -4.88
N GLY A 340 15.26 7.02 -4.25
CA GLY A 340 15.10 8.27 -4.96
C GLY A 340 16.25 9.25 -4.85
N GLY A 341 17.40 8.82 -4.35
CA GLY A 341 18.54 9.73 -4.20
C GLY A 341 19.76 8.98 -3.72
N SER A 342 20.81 9.76 -3.46
CA SER A 342 22.07 9.22 -2.94
C SER A 342 21.98 9.10 -1.42
N ILE A 343 21.19 8.13 -0.98
CA ILE A 343 21.03 7.88 0.45
C ILE A 343 22.32 7.36 1.05
N LEU A 344 22.93 6.38 0.38
CA LEU A 344 24.15 5.75 0.91
C LEU A 344 25.33 6.70 0.85
N LYS A 345 25.45 7.49 -0.22
CA LYS A 345 26.55 8.46 -0.34
C LYS A 345 26.50 9.47 0.80
N TYR A 346 25.32 10.06 1.02
CA TYR A 346 25.13 11.02 2.10
C TYR A 346 25.36 10.38 3.46
N ALA A 347 24.88 9.15 3.65
CA ALA A 347 24.97 8.49 4.93
C ALA A 347 26.41 8.15 5.32
N ILE A 348 27.19 7.60 4.40
CA ILE A 348 28.59 7.35 4.72
C ILE A 348 29.37 8.65 4.84
N SER A 349 29.04 9.69 4.08
CA SER A 349 29.74 10.95 4.30
C SER A 349 29.36 11.61 5.62
N LEU A 350 28.24 11.21 6.23
CA LEU A 350 27.90 11.73 7.55
C LEU A 350 28.85 11.23 8.64
N VAL A 351 29.19 9.94 8.62
CA VAL A 351 29.80 9.28 9.78
C VAL A 351 31.20 8.75 9.49
N ILE A 352 31.84 9.19 8.41
CA ILE A 352 33.13 8.58 8.08
C ILE A 352 34.30 9.30 8.76
N ASN A 353 34.11 10.57 9.14
CA ASN A 353 35.18 11.34 9.77
C ASN A 353 35.15 11.27 11.28
N ASN A 354 34.11 10.69 11.87
CA ASN A 354 33.92 10.66 13.31
C ASN A 354 34.23 9.29 13.91
N LEU A 355 34.89 8.41 13.16
CA LEU A 355 35.22 7.08 13.64
C LEU A 355 36.41 7.13 14.60
N ASP A 356 36.44 6.17 15.51
CA ASP A 356 37.64 5.86 16.27
C ASP A 356 38.27 4.59 15.71
N GLU A 357 39.48 4.29 16.20
CA GLU A 357 40.27 3.19 15.65
C GLU A 357 39.69 1.81 15.91
N TYR A 358 38.72 1.70 16.82
CA TYR A 358 38.16 0.38 17.12
C TYR A 358 37.22 -0.10 16.01
N THR A 359 36.41 0.79 15.46
CA THR A 359 35.42 0.43 14.44
C THR A 359 35.91 0.71 13.02
N ILE A 360 37.19 1.04 12.85
CA ILE A 360 37.69 1.43 11.54
C ILE A 360 37.68 0.24 10.58
N THR A 361 38.08 -0.95 11.07
CA THR A 361 38.16 -2.12 10.22
C THR A 361 36.76 -2.64 9.86
N GLN A 362 35.83 -2.61 10.83
CA GLN A 362 34.46 -3.07 10.56
C GLN A 362 33.77 -2.16 9.56
N VAL A 363 33.97 -0.85 9.70
CA VAL A 363 33.40 0.10 8.75
C VAL A 363 34.06 -0.05 7.38
N TYR A 364 35.36 -0.36 7.34
CA TYR A 364 36.01 -0.64 6.07
C TYR A 364 35.43 -1.89 5.40
N ASP A 365 35.13 -2.92 6.18
CA ASP A 365 34.52 -4.12 5.61
C ASP A 365 33.11 -3.83 5.06
N TYR A 366 32.32 -3.04 5.81
CA TYR A 366 31.00 -2.65 5.34
C TYR A 366 31.11 -1.81 4.07
N LEU A 367 32.06 -0.89 4.03
CA LEU A 367 32.28 -0.06 2.85
C LEU A 367 32.78 -0.89 1.68
N LEU A 368 33.59 -1.92 1.93
CA LEU A 368 34.06 -2.78 0.85
C LEU A 368 32.92 -3.55 0.22
N ASN A 369 32.04 -4.12 1.06
CA ASN A 369 30.87 -4.82 0.54
C ASN A 369 29.94 -3.88 -0.22
N LEU A 370 29.69 -2.70 0.35
CA LEU A 370 28.78 -1.74 -0.28
C LEU A 370 29.37 -1.16 -1.55
N SER A 371 30.69 -0.94 -1.58
CA SER A 371 31.35 -0.38 -2.74
C SER A 371 31.46 -1.40 -3.86
N TRP A 372 31.53 -2.69 -3.53
CA TRP A 372 31.30 -3.71 -4.55
C TRP A 372 29.88 -3.64 -5.06
N HIS A 373 28.90 -3.49 -4.17
CA HIS A 373 27.51 -3.48 -4.61
C HIS A 373 27.13 -2.15 -5.28
N TYR A 374 27.79 -1.06 -4.92
CA TYR A 374 27.56 0.24 -5.55
C TYR A 374 28.90 0.90 -5.78
N PRO A 375 29.33 1.07 -7.03
CA PRO A 375 30.68 1.63 -7.29
C PRO A 375 30.85 3.07 -6.84
N MET A 376 29.76 3.82 -6.65
CA MET A 376 29.84 5.22 -6.26
C MET A 376 30.47 5.40 -4.88
N LEU A 377 30.41 4.38 -4.04
CA LEU A 377 31.01 4.42 -2.71
C LEU A 377 32.48 4.01 -2.72
N ILE A 378 33.03 3.67 -3.89
CA ILE A 378 34.46 3.33 -3.97
C ILE A 378 35.38 4.49 -3.59
N PRO A 379 35.16 5.76 -3.99
CA PRO A 379 36.09 6.82 -3.57
C PRO A 379 36.20 7.05 -2.06
N TYR A 380 35.24 6.58 -1.26
CA TYR A 380 35.29 6.80 0.18
C TYR A 380 36.40 6.00 0.85
N LEU A 381 36.75 4.83 0.27
CA LEU A 381 37.67 3.89 0.91
C LEU A 381 39.03 4.51 1.19
N GLY A 382 39.43 5.49 0.38
CA GLY A 382 40.74 6.11 0.56
C GLY A 382 40.87 6.90 1.83
N VAL A 383 39.76 7.31 2.43
CA VAL A 383 39.87 8.00 3.71
C VAL A 383 40.02 7.02 4.87
N LEU A 384 39.69 5.74 4.65
CA LEU A 384 39.93 4.70 5.65
C LEU A 384 41.00 3.71 5.24
N ILE A 385 41.72 3.99 4.15
CA ILE A 385 42.72 3.03 3.66
C ILE A 385 44.07 3.22 4.34
N GLU A 386 44.28 4.35 5.01
CA GLU A 386 45.55 4.59 5.69
C GLU A 386 45.64 3.84 7.01
N HIS A 387 44.55 3.82 7.78
CA HIS A 387 44.58 3.22 9.10
C HIS A 387 44.57 1.70 9.02
N VAL A 388 43.88 1.14 8.03
CA VAL A 388 43.78 -0.31 7.90
C VAL A 388 45.05 -0.86 7.27
N TYR A 389 45.59 -1.92 7.87
CA TYR A 389 46.77 -2.59 7.36
C TYR A 389 46.39 -3.37 6.11
N LEU A 390 46.91 -2.95 4.96
CA LEU A 390 46.44 -3.49 3.69
C LEU A 390 46.94 -4.90 3.45
N ASP A 391 48.11 -5.26 3.98
CA ASP A 391 48.61 -6.62 3.84
C ASP A 391 47.70 -7.62 4.55
N ASP A 392 47.61 -7.53 5.89
CA ASP A 392 46.73 -8.33 6.75
C ASP A 392 46.95 -9.81 6.44
N GLY A 393 45.91 -10.58 6.12
CA GLY A 393 46.08 -11.94 5.68
C GLY A 393 45.69 -12.12 4.22
N ASP A 394 46.12 -11.18 3.37
CA ASP A 394 46.00 -11.16 1.90
C ASP A 394 44.54 -10.91 1.47
N GLU A 395 43.60 -10.81 2.41
CA GLU A 395 42.17 -10.75 2.09
C GLU A 395 41.78 -9.49 1.32
N TYR A 396 42.37 -8.35 1.67
CA TYR A 396 42.04 -7.09 1.00
C TYR A 396 42.46 -7.07 -0.47
N LYS A 397 43.51 -7.82 -0.83
CA LYS A 397 43.88 -7.95 -2.24
C LYS A 397 42.79 -8.65 -3.03
N ASN A 398 42.20 -9.71 -2.48
CA ASN A 398 41.05 -10.35 -3.11
C ASN A 398 39.84 -9.44 -3.13
N LYS A 399 39.66 -8.62 -2.08
CA LYS A 399 38.58 -7.64 -2.07
C LYS A 399 38.69 -6.69 -3.28
N PHE A 400 39.87 -6.10 -3.45
CA PHE A 400 40.08 -5.14 -4.51
C PHE A 400 40.02 -5.78 -5.89
N ASN A 401 40.52 -7.02 -6.02
CA ASN A 401 40.46 -7.69 -7.32
C ASN A 401 39.04 -8.07 -7.70
N GLU A 402 38.23 -8.49 -6.72
CA GLU A 402 36.84 -8.80 -6.98
C GLU A 402 36.09 -7.54 -7.39
N ILE A 403 36.36 -6.42 -6.70
CA ILE A 403 35.76 -5.14 -7.07
C ILE A 403 36.17 -4.73 -8.48
N LEU A 404 37.43 -4.96 -8.83
CA LEU A 404 37.92 -4.66 -10.17
C LEU A 404 37.21 -5.48 -11.25
N SER A 405 37.03 -6.78 -10.99
CA SER A 405 36.34 -7.63 -11.95
C SER A 405 34.89 -7.20 -12.11
N MET A 406 34.23 -6.84 -11.01
CA MET A 406 32.85 -6.35 -11.08
C MET A 406 32.77 -5.04 -11.86
N CYS A 407 33.75 -4.15 -11.65
CA CYS A 407 33.78 -2.88 -12.38
C CYS A 407 34.01 -3.10 -13.87
N ALA A 408 34.84 -4.07 -14.23
CA ALA A 408 35.05 -4.39 -15.64
C ALA A 408 33.79 -5.02 -16.26
N GLU A 409 33.06 -5.83 -15.49
CA GLU A 409 31.78 -6.36 -15.99
C GLU A 409 30.76 -5.24 -16.20
N ASN A 410 30.65 -4.31 -15.26
CA ASN A 410 29.58 -3.33 -15.30
C ASN A 410 29.89 -2.14 -16.20
N LYS A 411 31.09 -2.09 -16.80
CA LYS A 411 31.49 -1.06 -17.74
C LYS A 411 31.43 0.34 -17.15
N CYS A 412 31.79 0.46 -15.87
CA CYS A 412 31.85 1.74 -15.20
C CYS A 412 33.30 2.20 -15.11
N SER A 413 33.51 3.50 -15.23
CA SER A 413 34.87 4.04 -15.25
C SER A 413 35.27 4.67 -13.92
N ASP A 414 34.32 5.23 -13.18
CA ASP A 414 34.66 5.91 -11.93
C ASP A 414 35.19 4.92 -10.89
N GLY A 415 34.44 3.86 -10.62
CA GLY A 415 34.85 2.89 -9.62
C GLY A 415 36.08 2.11 -10.06
N MET A 416 36.18 1.84 -11.36
CA MET A 416 37.26 1.02 -11.88
C MET A 416 38.59 1.76 -11.78
N ALA A 417 38.61 3.02 -12.21
CA ALA A 417 39.81 3.84 -12.10
C ALA A 417 40.14 4.16 -10.65
N TRP A 418 39.12 4.37 -9.82
CA TRP A 418 39.36 4.62 -8.39
C TRP A 418 40.00 3.39 -7.72
N THR A 419 39.53 2.20 -8.07
CA THR A 419 40.11 0.98 -7.52
C THR A 419 41.52 0.75 -8.03
N LEU A 420 41.79 1.09 -9.30
CA LEU A 420 43.17 1.07 -9.78
C LEU A 420 44.05 2.04 -9.01
N TYR A 421 43.53 3.23 -8.71
CA TYR A 421 44.28 4.21 -7.92
C TYR A 421 44.60 3.68 -6.54
N PHE A 422 43.63 3.01 -5.91
CA PHE A 422 43.85 2.45 -4.57
C PHE A 422 44.84 1.30 -4.59
N CYS A 423 44.76 0.43 -5.62
CA CYS A 423 45.69 -0.69 -5.72
C CYS A 423 47.12 -0.20 -5.98
N ILE A 424 47.29 0.77 -6.88
CA ILE A 424 48.63 1.25 -7.22
C ILE A 424 49.23 2.04 -6.07
N LYS A 425 48.44 2.93 -5.45
CA LYS A 425 48.97 3.82 -4.42
C LYS A 425 49.37 3.08 -3.16
N ASN A 426 48.74 1.94 -2.88
CA ASN A 426 49.00 1.17 -1.67
C ASN A 426 49.88 -0.05 -1.93
N ASN A 427 50.50 -0.13 -3.11
CA ASN A 427 51.36 -1.25 -3.51
C ASN A 427 50.63 -2.59 -3.44
N ILE A 428 49.39 -2.60 -3.90
CA ILE A 428 48.55 -3.80 -3.89
C ILE A 428 48.65 -4.45 -5.27
N ASP A 429 48.98 -5.74 -5.27
CA ASP A 429 49.16 -6.47 -6.53
C ASP A 429 47.84 -6.65 -7.26
N ILE A 430 47.93 -6.73 -8.58
CA ILE A 430 46.77 -6.87 -9.46
C ILE A 430 46.94 -8.15 -10.27
N ASP A 431 45.91 -8.98 -10.29
CA ASP A 431 45.98 -10.25 -10.98
C ASP A 431 45.92 -10.07 -12.51
N ASP A 432 46.45 -11.06 -13.22
CA ASP A 432 46.60 -10.95 -14.67
C ASP A 432 45.26 -11.07 -15.40
N ASP A 433 44.35 -11.90 -14.87
CA ASP A 433 43.06 -12.13 -15.51
C ASP A 433 42.24 -10.83 -15.51
N VAL A 434 42.27 -10.11 -14.39
CA VAL A 434 41.52 -8.86 -14.35
C VAL A 434 42.22 -7.77 -15.17
N ILE A 435 43.54 -7.88 -15.37
CA ILE A 435 44.23 -6.98 -16.31
C ILE A 435 43.74 -7.21 -17.73
N GLU A 436 43.63 -8.49 -18.13
CA GLU A 436 43.10 -8.82 -19.45
C GLU A 436 41.66 -8.33 -19.61
N LYS A 437 40.87 -8.44 -18.54
CA LYS A 437 39.50 -7.94 -18.60
C LYS A 437 39.42 -6.42 -18.60
N ILE A 438 40.41 -5.74 -18.00
CA ILE A 438 40.52 -4.28 -18.13
C ILE A 438 40.78 -3.91 -19.59
N ILE A 439 41.71 -4.61 -20.23
CA ILE A 439 42.04 -4.35 -21.63
C ILE A 439 40.84 -4.66 -22.52
N CYS A 440 40.06 -5.69 -22.17
CA CYS A 440 38.81 -5.98 -22.87
C CYS A 440 37.82 -4.84 -22.69
N PHE A 441 37.74 -4.27 -21.49
CA PHE A 441 36.92 -3.06 -21.29
C PHE A 441 37.48 -1.89 -22.10
N GLY A 442 38.76 -1.62 -21.95
CA GLY A 442 39.41 -0.62 -22.78
C GLY A 442 39.04 0.81 -22.48
N ASP A 443 38.74 1.14 -21.22
CA ASP A 443 38.56 2.53 -20.85
C ASP A 443 39.91 3.24 -20.87
N CYS A 444 39.88 4.53 -21.21
CA CYS A 444 41.13 5.26 -21.42
C CYS A 444 41.88 5.49 -20.10
N LEU A 445 41.17 5.95 -19.07
CA LEU A 445 41.86 6.39 -17.85
C LEU A 445 42.39 5.21 -17.04
N SER A 446 41.68 4.08 -17.07
CA SER A 446 42.21 2.87 -16.46
C SER A 446 43.49 2.43 -17.14
N LEU A 447 43.54 2.55 -18.46
CA LEU A 447 44.76 2.21 -19.19
C LEU A 447 45.87 3.22 -18.93
N CYS A 448 45.53 4.49 -18.68
CA CYS A 448 46.53 5.45 -18.25
C CYS A 448 47.11 5.09 -16.90
N LEU A 449 46.27 4.62 -15.97
CA LEU A 449 46.76 4.20 -14.66
C LEU A 449 47.64 2.96 -14.77
N LEU A 450 47.23 1.99 -15.60
CA LEU A 450 48.06 0.81 -15.83
C LEU A 450 49.38 1.17 -16.51
N ASP A 451 49.36 2.18 -17.39
CA ASP A 451 50.59 2.69 -17.98
C ASP A 451 51.48 3.29 -16.88
N SER A 452 50.88 4.03 -15.95
CA SER A 452 51.62 4.60 -14.84
C SER A 452 52.20 3.52 -13.93
N SER A 453 51.54 2.36 -13.84
CA SER A 453 52.07 1.26 -13.04
C SER A 453 53.35 0.69 -13.63
N ASP A 454 53.48 0.72 -14.96
CA ASP A 454 54.62 0.29 -15.77
C ASP A 454 54.84 -1.22 -15.77
N ILE A 455 54.08 -2.00 -15.00
CA ILE A 455 54.20 -3.45 -15.04
C ILE A 455 53.65 -3.99 -16.35
N TYR A 456 52.52 -3.44 -16.80
CA TYR A 456 51.77 -3.94 -17.96
C TYR A 456 52.07 -3.13 -19.21
N GLU A 457 53.34 -2.74 -19.37
CA GLU A 457 53.75 -1.89 -20.49
C GLU A 457 53.56 -2.59 -21.82
N GLU A 458 53.83 -3.90 -21.88
CA GLU A 458 53.73 -4.62 -23.16
C GLU A 458 52.29 -4.76 -23.62
N LYS A 459 51.36 -5.03 -22.70
CA LYS A 459 49.95 -5.18 -23.08
C LYS A 459 49.34 -3.84 -23.49
N ILE A 460 49.70 -2.77 -22.79
CA ILE A 460 49.29 -1.42 -23.18
C ILE A 460 49.88 -1.07 -24.55
N ASN A 461 51.11 -1.50 -24.80
CA ASN A 461 51.76 -1.28 -26.09
C ASN A 461 51.00 -2.00 -27.20
N ASN A 462 50.57 -3.24 -26.95
CA ASN A 462 49.77 -3.95 -27.95
C ASN A 462 48.43 -3.27 -28.19
N PHE A 463 47.80 -2.75 -27.13
CA PHE A 463 46.51 -2.07 -27.29
C PHE A 463 46.63 -0.81 -28.13
N VAL A 464 47.60 0.06 -27.79
CA VAL A 464 47.77 1.28 -28.57
C VAL A 464 48.32 0.97 -29.96
N SER A 465 49.02 -0.15 -30.13
CA SER A 465 49.45 -0.55 -31.46
C SER A 465 48.26 -0.95 -32.32
N ASP A 466 47.29 -1.66 -31.73
CA ASP A 466 46.06 -1.99 -32.46
C ASP A 466 45.28 -0.73 -32.82
N ILE A 467 45.24 0.24 -31.90
CA ILE A 467 44.59 1.53 -32.19
C ILE A 467 45.30 2.24 -33.34
N ILE A 468 46.64 2.18 -33.37
CA ILE A 468 47.39 2.83 -34.44
C ILE A 468 47.14 2.15 -35.78
N LYS A 469 47.22 0.82 -35.83
CA LYS A 469 46.97 0.13 -37.11
C LYS A 469 45.51 0.16 -37.52
N LEU A 470 44.59 0.56 -36.64
CA LEU A 470 43.21 0.78 -37.09
C LEU A 470 43.12 1.93 -38.08
N ASP A 471 44.01 2.92 -37.95
CA ASP A 471 44.12 4.10 -38.83
C ASP A 471 42.78 4.87 -38.83
N TYR A 472 42.47 5.38 -37.64
CA TYR A 472 41.32 6.25 -37.44
C TYR A 472 41.75 7.36 -36.51
N GLU A 473 41.50 8.61 -36.90
CA GLU A 473 41.92 9.74 -36.07
C GLU A 473 41.12 9.81 -34.79
N TYR A 474 39.82 9.49 -34.86
CA TYR A 474 38.96 9.60 -33.69
C TYR A 474 39.29 8.54 -32.64
N ASP A 475 39.74 7.36 -33.06
CA ASP A 475 40.11 6.33 -32.09
C ASP A 475 41.41 6.69 -31.37
N ILE A 476 42.29 7.44 -32.02
CA ILE A 476 43.46 7.98 -31.33
C ILE A 476 43.05 9.12 -30.41
N ASP A 477 42.06 9.92 -30.82
CA ASP A 477 41.61 11.02 -29.98
C ASP A 477 40.89 10.53 -28.73
N ARG A 478 40.23 9.37 -28.82
CA ARG A 478 39.59 8.78 -27.63
C ARG A 478 40.59 8.33 -26.59
N TYR A 479 41.86 8.11 -26.96
CA TYR A 479 42.89 7.68 -26.02
C TYR A 479 44.11 8.59 -26.05
N TRP A 480 43.91 9.85 -26.46
CA TRP A 480 45.00 10.85 -26.47
C TRP A 480 45.71 10.96 -25.14
N LEU A 481 44.99 10.79 -24.02
CA LEU A 481 45.66 10.90 -22.72
C LEU A 481 46.63 9.75 -22.50
N LEU A 482 46.21 8.53 -22.88
CA LEU A 482 47.12 7.38 -22.81
C LEU A 482 48.31 7.56 -23.74
N PHE A 483 48.06 8.05 -24.96
CA PHE A 483 49.15 8.26 -25.91
C PHE A 483 50.12 9.34 -25.43
N TYR A 484 49.61 10.42 -24.84
CA TYR A 484 50.49 11.46 -24.32
C TYR A 484 51.24 11.02 -23.09
N GLN A 485 50.63 10.18 -22.25
CA GLN A 485 51.32 9.69 -21.07
C GLN A 485 52.42 8.71 -21.47
N ARG A 486 52.20 7.91 -22.51
CA ARG A 486 53.29 7.08 -23.03
C ARG A 486 54.36 7.92 -23.71
N PHE A 487 53.97 9.03 -24.34
CA PHE A 487 54.95 9.93 -24.95
C PHE A 487 55.78 10.66 -23.92
N PHE A 488 55.20 10.97 -22.76
CA PHE A 488 55.90 11.75 -21.75
C PHE A 488 56.97 10.93 -21.04
N LYS A 489 56.77 9.62 -20.90
CA LYS A 489 57.78 8.74 -20.33
C LYS A 489 58.69 8.14 -21.41
N ASP A 490 58.61 8.65 -22.64
CA ASP A 490 59.47 8.25 -23.76
C ASP A 490 59.32 6.76 -24.08
N LYS A 491 58.08 6.28 -24.13
CA LYS A 491 57.80 4.89 -24.43
C LYS A 491 57.01 4.70 -25.72
N ALA A 492 56.60 5.78 -26.37
CA ALA A 492 55.83 5.69 -27.62
C ALA A 492 56.01 6.99 -28.38
N PRO A 493 56.05 6.93 -29.71
CA PRO A 493 56.09 8.17 -30.49
C PRO A 493 54.73 8.85 -30.52
N SER A 494 54.73 10.11 -30.91
CA SER A 494 53.50 10.88 -31.00
C SER A 494 52.68 10.40 -32.18
N PRO A 495 51.44 9.94 -31.96
CA PRO A 495 50.62 9.51 -33.11
C PRO A 495 50.25 10.65 -34.05
N TYR A 496 50.10 11.86 -33.51
CA TYR A 496 49.75 13.00 -34.34
C TYR A 496 50.99 13.61 -34.99
N ASN A 497 50.82 14.09 -36.22
CA ASN A 497 51.91 14.74 -36.94
C ASN A 497 52.12 16.18 -36.52
N ASP A 498 51.25 16.72 -35.67
CA ASP A 498 51.38 18.08 -35.19
C ASP A 498 52.37 18.16 -34.02
N LYS A 499 52.67 19.39 -33.61
CA LYS A 499 53.66 19.65 -32.58
C LYS A 499 53.04 20.01 -31.23
N CYS A 500 51.74 19.76 -31.05
CA CYS A 500 51.09 20.09 -29.78
C CYS A 500 51.63 19.23 -28.64
N PHE A 501 51.85 17.93 -28.90
CA PHE A 501 52.40 17.04 -27.88
C PHE A 501 53.83 17.44 -27.52
N ASP A 502 54.61 17.87 -28.52
CA ASP A 502 55.98 18.29 -28.25
C ASP A 502 56.01 19.62 -27.49
N ILE A 503 55.08 20.52 -27.79
CA ILE A 503 54.95 21.76 -27.02
C ILE A 503 54.61 21.45 -25.57
N MET A 504 53.69 20.51 -25.35
CA MET A 504 53.31 20.15 -23.99
C MET A 504 54.44 19.46 -23.25
N LYS A 505 55.17 18.58 -23.93
CA LYS A 505 56.28 17.87 -23.28
C LYS A 505 57.44 18.81 -22.96
N GLY A 506 57.76 19.72 -23.88
CA GLY A 506 58.89 20.61 -23.66
C GLY A 506 58.67 21.59 -22.52
N TYR A 507 57.44 22.04 -22.32
CA TYR A 507 57.12 23.00 -21.28
C TYR A 507 56.62 22.34 -20.00
N GLY A 508 56.65 21.01 -19.93
CA GLY A 508 56.38 20.33 -18.68
C GLY A 508 54.92 20.16 -18.31
N VAL A 509 54.16 19.46 -19.15
CA VAL A 509 52.78 19.12 -18.85
C VAL A 509 52.72 17.62 -18.56
N ASP A 510 52.39 17.28 -17.31
CA ASP A 510 52.13 15.91 -16.92
C ASP A 510 50.74 15.85 -16.32
N PHE A 511 49.90 14.96 -16.83
CA PHE A 511 48.57 14.77 -16.30
C PHE A 511 48.49 13.71 -15.22
N MET A 512 49.63 13.11 -14.86
CA MET A 512 49.77 12.32 -13.63
C MET A 512 50.97 12.83 -12.86
N PRO A 513 50.85 14.00 -12.23
CA PRO A 513 52.01 14.58 -11.54
C PRO A 513 52.16 14.07 -10.12
N ASP A 514 53.41 13.91 -9.70
CA ASP A 514 53.70 13.57 -8.32
C ASP A 514 53.97 14.84 -7.51
N GLU A 515 53.93 14.69 -6.19
CA GLU A 515 54.13 15.82 -5.30
C GLU A 515 55.58 16.29 -5.29
N ASP C 14 -25.24 -54.72 0.77
CA ASP C 14 -24.72 -54.44 2.11
C ASP C 14 -23.75 -53.26 2.07
N GLU C 15 -23.67 -52.54 3.17
CA GLU C 15 -22.81 -51.37 3.26
C GLU C 15 -21.41 -51.75 3.77
N LYS C 16 -21.32 -52.82 4.55
CA LYS C 16 -20.03 -53.36 4.97
C LYS C 16 -19.21 -53.87 3.78
N ARG C 17 -19.88 -54.56 2.85
CA ARG C 17 -19.21 -55.00 1.63
C ARG C 17 -18.76 -53.80 0.81
N HIS C 18 -19.58 -52.74 0.78
CA HIS C 18 -19.18 -51.51 0.08
C HIS C 18 -17.94 -50.89 0.73
N LEU C 19 -17.83 -50.99 2.06
CA LEU C 19 -16.60 -50.59 2.73
C LEU C 19 -15.40 -51.40 2.25
N TYR C 20 -15.57 -52.71 2.13
CA TYR C 20 -14.43 -53.55 1.72
C TYR C 20 -13.97 -53.20 0.31
N GLU C 21 -14.93 -53.09 -0.63
CA GLU C 21 -14.59 -52.75 -2.01
C GLU C 21 -14.00 -51.35 -2.11
N ALA C 22 -14.50 -50.42 -1.29
CA ALA C 22 -13.93 -49.08 -1.28
C ALA C 22 -12.51 -49.07 -0.76
N LEU C 23 -12.24 -49.83 0.31
CA LEU C 23 -10.92 -49.85 0.92
C LEU C 23 -9.89 -50.46 -0.01
N LEU C 24 -10.28 -51.50 -0.74
CA LEU C 24 -9.26 -52.17 -1.54
C LEU C 24 -9.22 -51.70 -3.00
N ARG C 25 -10.36 -51.57 -3.66
CA ARG C 25 -10.38 -51.34 -5.10
C ARG C 25 -10.48 -49.87 -5.49
N HIS C 26 -10.89 -49.00 -4.58
CA HIS C 26 -11.15 -47.61 -4.95
C HIS C 26 -10.35 -46.59 -4.17
N ASN C 27 -10.04 -46.85 -2.90
CA ASN C 27 -9.35 -45.88 -2.06
C ASN C 27 -8.09 -46.43 -1.41
N TYR C 28 -7.54 -47.54 -1.93
CA TYR C 28 -6.21 -47.96 -1.55
C TYR C 28 -5.17 -46.94 -2.00
N PHE C 29 -5.20 -46.59 -3.28
CA PHE C 29 -4.34 -45.57 -3.81
C PHE C 29 -4.85 -44.20 -3.38
N PRO C 30 -4.02 -43.16 -3.44
CA PRO C 30 -4.55 -41.81 -3.14
C PRO C 30 -5.47 -41.31 -4.25
N ASN C 31 -6.74 -41.75 -4.15
CA ASN C 31 -7.80 -41.41 -5.09
C ASN C 31 -8.86 -40.52 -4.45
N GLN C 32 -8.46 -39.71 -3.46
CA GLN C 32 -9.45 -38.94 -2.71
C GLN C 32 -9.87 -37.67 -3.44
N LYS C 33 -9.04 -37.19 -4.36
CA LYS C 33 -9.39 -36.01 -5.15
C LYS C 33 -10.44 -36.38 -6.19
N GLY C 34 -11.55 -35.65 -6.21
CA GLY C 34 -12.66 -36.02 -7.06
C GLY C 34 -12.57 -35.44 -8.46
N SER C 35 -12.06 -34.22 -8.59
CA SER C 35 -12.01 -33.57 -9.89
C SER C 35 -11.02 -34.25 -10.83
N ILE C 36 -9.79 -34.44 -10.37
CA ILE C 36 -8.77 -35.16 -11.12
C ILE C 36 -7.86 -35.86 -10.12
N SER C 37 -7.47 -37.09 -10.43
CA SER C 37 -6.66 -37.88 -9.53
C SER C 37 -5.23 -37.34 -9.48
N GLU C 38 -4.65 -37.33 -8.28
CA GLU C 38 -3.23 -37.01 -8.14
C GLU C 38 -2.37 -38.03 -8.86
N ILE C 39 -2.75 -39.29 -8.77
CA ILE C 39 -2.02 -40.39 -9.42
C ILE C 39 -2.59 -40.63 -10.81
N PRO C 40 -1.76 -40.85 -11.83
CA PRO C 40 -2.26 -41.09 -13.19
C PRO C 40 -3.14 -42.33 -13.25
N PRO C 41 -4.10 -42.39 -14.19
CA PRO C 41 -5.09 -43.49 -14.19
C PRO C 41 -4.52 -44.84 -14.57
N CYS C 42 -3.27 -44.89 -15.04
CA CYS C 42 -2.62 -46.16 -15.32
C CYS C 42 -2.46 -46.98 -14.04
N PHE C 43 -2.00 -46.33 -12.97
CA PHE C 43 -2.04 -46.97 -11.66
C PHE C 43 -3.48 -47.09 -11.18
N SER C 44 -3.84 -48.27 -10.71
CA SER C 44 -5.18 -48.49 -10.20
C SER C 44 -5.13 -49.61 -9.17
N SER C 45 -6.20 -49.72 -8.39
CA SER C 45 -6.27 -50.71 -7.33
C SER C 45 -7.42 -51.69 -7.51
N ARG C 46 -8.12 -51.66 -8.63
CA ARG C 46 -9.13 -52.68 -8.89
C ARG C 46 -8.43 -53.98 -9.30
N THR C 47 -9.23 -55.04 -9.43
CA THR C 47 -8.78 -56.44 -9.47
C THR C 47 -7.94 -56.79 -8.24
N PHE C 48 -8.24 -56.12 -7.11
CA PHE C 48 -7.72 -56.44 -5.79
C PHE C 48 -8.96 -56.56 -4.91
N THR C 49 -9.58 -57.74 -4.94
CA THR C 49 -10.87 -57.94 -4.30
C THR C 49 -10.68 -58.30 -2.83
N PRO C 50 -11.75 -58.22 -2.03
CA PRO C 50 -11.66 -58.65 -0.62
C PRO C 50 -11.18 -60.07 -0.40
N GLU C 51 -11.36 -60.96 -1.37
CA GLU C 51 -10.90 -62.34 -1.21
C GLU C 51 -9.37 -62.42 -1.13
N ILE C 52 -8.67 -61.63 -1.95
CA ILE C 52 -7.20 -61.65 -1.93
C ILE C 52 -6.66 -61.12 -0.62
N ALA C 53 -7.23 -60.01 -0.13
CA ALA C 53 -6.82 -59.49 1.18
C ALA C 53 -7.18 -60.45 2.30
N GLU C 54 -8.31 -61.16 2.16
CA GLU C 54 -8.68 -62.17 3.14
C GLU C 54 -7.67 -63.30 3.18
N LEU C 55 -7.12 -63.65 2.02
CA LEU C 55 -6.08 -64.67 1.96
C LEU C 55 -4.76 -64.16 2.55
N ILE C 56 -4.39 -62.92 2.22
CA ILE C 56 -3.10 -62.36 2.65
C ILE C 56 -3.07 -62.18 4.17
N SER C 57 -4.19 -61.75 4.75
CA SER C 57 -4.26 -61.62 6.22
C SER C 57 -4.14 -62.98 6.88
N SER C 58 -4.59 -64.04 6.21
CA SER C 58 -4.50 -65.39 6.77
C SER C 58 -3.09 -65.95 6.65
N ASP C 59 -2.31 -65.46 5.68
CA ASP C 59 -0.99 -66.02 5.41
C ASP C 59 -0.02 -65.71 6.55
N THR C 60 0.69 -66.75 6.99
CA THR C 60 1.69 -66.63 8.06
C THR C 60 3.11 -66.94 7.61
N SER C 61 3.33 -67.20 6.32
CA SER C 61 4.66 -67.57 5.85
C SER C 61 5.59 -66.36 5.83
N GLY C 62 6.89 -66.65 5.82
CA GLY C 62 7.91 -65.64 5.74
C GLY C 62 8.36 -65.11 7.09
N ARG C 63 9.45 -64.37 7.05
CA ARG C 63 10.02 -63.76 8.25
C ARG C 63 10.70 -62.46 7.86
N ARG C 64 10.52 -61.43 8.70
CA ARG C 64 11.08 -60.11 8.44
C ARG C 64 11.91 -59.67 9.64
N SER C 65 13.12 -59.17 9.37
CA SER C 65 14.01 -58.74 10.44
C SER C 65 13.52 -57.46 11.10
N LEU C 66 12.95 -56.55 10.30
CA LEU C 66 12.49 -55.25 10.80
C LEU C 66 10.98 -55.30 11.03
N GLN C 67 10.56 -54.83 12.20
CA GLN C 67 9.13 -54.75 12.49
C GLN C 67 8.49 -53.63 11.69
N GLY C 68 7.24 -53.85 11.28
CA GLY C 68 6.52 -52.87 10.50
C GLY C 68 6.92 -52.92 9.03
N TYR C 69 6.25 -52.06 8.25
CA TYR C 69 6.50 -51.94 6.83
C TYR C 69 6.66 -50.48 6.46
N ASP C 70 7.50 -50.22 5.46
CA ASP C 70 7.55 -48.90 4.87
C ASP C 70 6.58 -48.84 3.69
N CYS C 71 6.39 -47.64 3.16
CA CYS C 71 5.36 -47.40 2.15
C CYS C 71 5.96 -46.72 0.93
N VAL C 72 5.29 -46.91 -0.21
CA VAL C 72 5.70 -46.23 -1.44
C VAL C 72 5.44 -44.74 -1.28
N GLU C 73 6.46 -43.94 -1.56
CA GLU C 73 6.46 -42.51 -1.27
C GLU C 73 6.05 -41.74 -2.51
N TYR C 74 5.27 -40.68 -2.33
CA TYR C 74 4.79 -39.85 -3.43
C TYR C 74 4.78 -38.41 -2.96
N TYR C 75 5.39 -37.52 -3.72
CA TYR C 75 5.54 -36.12 -3.32
C TYR C 75 4.76 -35.26 -4.29
N ALA C 76 3.58 -34.80 -3.89
CA ALA C 76 2.68 -34.06 -4.76
C ALA C 76 2.77 -32.57 -4.46
N THR C 77 2.93 -31.76 -5.50
CA THR C 77 2.99 -30.32 -5.34
C THR C 77 1.61 -29.76 -4.99
N ARG C 78 1.57 -28.88 -3.99
CA ARG C 78 0.34 -28.18 -3.63
C ARG C 78 0.22 -26.93 -4.51
N TYR C 79 -0.72 -26.04 -4.16
CA TYR C 79 -0.93 -24.84 -4.96
C TYR C 79 0.28 -23.90 -4.90
N ASN C 80 0.93 -23.83 -3.74
CA ASN C 80 2.13 -23.02 -3.57
C ASN C 80 3.41 -23.79 -3.78
N ASN C 81 3.37 -24.86 -4.61
CA ASN C 81 4.49 -25.73 -4.93
C ASN C 81 5.09 -26.40 -3.70
N PHE C 82 4.31 -26.56 -2.64
CA PHE C 82 4.79 -27.25 -1.45
C PHE C 82 4.64 -28.76 -1.63
N PRO C 83 5.64 -29.55 -1.19
CA PRO C 83 5.51 -31.00 -1.28
C PRO C 83 4.57 -31.54 -0.19
N ARG C 84 3.65 -32.40 -0.61
CA ARG C 84 2.79 -33.16 0.28
C ARG C 84 3.13 -34.63 0.13
N THR C 85 3.32 -35.31 1.26
CA THR C 85 3.74 -36.70 1.28
C THR C 85 2.50 -37.60 1.27
N LEU C 86 2.29 -38.28 0.15
CA LEU C 86 1.31 -39.36 0.03
C LEU C 86 2.04 -40.69 0.10
N SER C 87 1.35 -41.70 0.63
CA SER C 87 1.95 -43.00 0.84
C SER C 87 1.03 -44.10 0.34
N ILE C 88 1.62 -45.09 -0.32
CA ILE C 88 0.92 -46.31 -0.73
C ILE C 88 1.39 -47.43 0.19
N ILE C 89 0.49 -47.92 1.03
CA ILE C 89 0.85 -48.90 2.05
C ILE C 89 1.14 -50.24 1.41
N HIS C 90 2.08 -50.98 2.01
CA HIS C 90 2.41 -52.33 1.55
C HIS C 90 1.18 -53.22 1.66
N PRO C 91 0.91 -54.06 0.65
CA PRO C 91 -0.38 -54.77 0.60
C PRO C 91 -0.58 -55.78 1.72
N LYS C 92 0.49 -56.28 2.35
CA LYS C 92 0.31 -57.14 3.52
C LYS C 92 -0.26 -56.35 4.69
N ALA C 93 0.39 -55.22 5.03
CA ALA C 93 -0.06 -54.37 6.12
C ALA C 93 -1.42 -53.75 5.81
N TYR C 94 -1.61 -53.30 4.57
CA TYR C 94 -2.89 -52.70 4.18
C TYR C 94 -3.99 -53.73 4.16
N SER C 95 -3.70 -54.97 3.74
CA SER C 95 -4.73 -56.00 3.73
C SER C 95 -5.16 -56.35 5.16
N LYS C 96 -4.21 -56.47 6.08
CA LYS C 96 -4.57 -56.71 7.48
C LYS C 96 -5.34 -55.54 8.06
N LEU C 97 -4.93 -54.31 7.75
CA LEU C 97 -5.60 -53.12 8.28
C LEU C 97 -7.01 -52.99 7.73
N ALA C 98 -7.20 -53.22 6.43
CA ALA C 98 -8.54 -53.16 5.83
C ALA C 98 -9.43 -54.27 6.37
N LYS C 99 -8.86 -55.46 6.59
CA LYS C 99 -9.61 -56.56 7.20
C LYS C 99 -10.09 -56.20 8.59
N HIS C 100 -9.20 -55.63 9.42
CA HIS C 100 -9.60 -55.29 10.77
C HIS C 100 -10.57 -54.13 10.81
N ILE C 101 -10.48 -53.19 9.86
CA ILE C 101 -11.42 -52.09 9.81
C ILE C 101 -12.80 -52.58 9.39
N HIS C 102 -12.86 -53.45 8.37
CA HIS C 102 -14.15 -53.95 7.91
C HIS C 102 -14.82 -54.86 8.92
N ASP C 103 -14.04 -55.75 9.56
CA ASP C 103 -14.63 -56.77 10.43
C ASP C 103 -15.29 -56.19 11.66
N ASN C 104 -14.98 -54.94 12.01
CA ASN C 104 -15.59 -54.28 13.14
C ASN C 104 -16.25 -52.96 12.77
N TRP C 105 -16.92 -52.88 11.62
CA TRP C 105 -17.52 -51.61 11.22
C TRP C 105 -18.76 -51.27 12.05
N GLU C 106 -19.36 -52.27 12.71
CA GLU C 106 -20.46 -51.94 13.60
C GLU C 106 -19.98 -51.20 14.84
N GLU C 107 -18.68 -51.29 15.12
CA GLU C 107 -18.08 -50.49 16.18
C GLU C 107 -17.46 -49.20 15.64
N ILE C 108 -17.15 -49.16 14.34
CA ILE C 108 -16.43 -48.03 13.75
C ILE C 108 -17.35 -47.00 13.12
N ARG C 109 -18.53 -47.40 12.64
CA ARG C 109 -19.39 -46.57 11.80
C ARG C 109 -20.05 -45.43 12.55
N PHE C 110 -19.70 -45.17 13.81
CA PHE C 110 -20.13 -43.99 14.53
C PHE C 110 -19.53 -42.72 13.95
N ILE C 111 -18.49 -42.86 13.10
CA ILE C 111 -17.97 -41.73 12.36
C ILE C 111 -18.83 -41.37 11.16
N LYS C 112 -19.68 -42.30 10.69
CA LYS C 112 -20.64 -41.97 9.64
C LYS C 112 -21.69 -40.98 10.14
N GLU C 113 -22.14 -41.17 11.39
CA GLU C 113 -23.18 -40.32 11.97
C GLU C 113 -22.55 -39.14 12.72
N ASN C 114 -21.76 -38.37 12.00
CA ASN C 114 -21.21 -37.11 12.49
C ASN C 114 -21.67 -36.01 11.56
N GLU C 115 -22.37 -35.02 12.11
CA GLU C 115 -22.86 -33.90 11.34
C GLU C 115 -21.88 -32.74 11.26
N ASN C 116 -20.80 -32.78 12.04
CA ASN C 116 -19.77 -31.76 11.98
C ASN C 116 -18.63 -32.12 11.06
N SER C 117 -18.50 -33.40 10.67
CA SER C 117 -17.49 -33.84 9.73
C SER C 117 -18.15 -33.94 8.36
N MET C 118 -17.80 -33.02 7.46
CA MET C 118 -18.40 -33.02 6.14
C MET C 118 -17.70 -34.01 5.20
N ILE C 119 -16.39 -34.14 5.33
CA ILE C 119 -15.64 -35.15 4.58
C ILE C 119 -15.52 -36.38 5.46
N LYS C 120 -16.19 -37.45 5.07
CA LYS C 120 -16.27 -38.68 5.85
C LYS C 120 -16.62 -39.81 4.90
N PRO C 121 -16.57 -41.07 5.36
CA PRO C 121 -17.06 -42.16 4.51
C PRO C 121 -18.52 -41.99 4.12
N ASP C 122 -18.82 -42.30 2.86
CA ASP C 122 -20.16 -42.24 2.28
C ASP C 122 -20.27 -43.32 1.22
N MET C 123 -21.51 -43.65 0.86
CA MET C 123 -21.76 -44.65 -0.18
C MET C 123 -21.88 -43.93 -1.51
N HIS C 124 -20.75 -43.77 -2.19
CA HIS C 124 -20.70 -43.01 -3.43
C HIS C 124 -21.01 -43.92 -4.63
N ALA C 125 -21.22 -43.28 -5.78
CA ALA C 125 -21.60 -44.00 -6.99
C ALA C 125 -20.43 -44.79 -7.57
N ASP C 126 -19.25 -44.17 -7.64
CA ASP C 126 -18.08 -44.86 -8.19
C ASP C 126 -17.56 -45.94 -7.28
N GLY C 127 -17.85 -45.87 -5.98
CA GLY C 127 -17.44 -46.86 -5.01
C GLY C 127 -16.59 -46.32 -3.87
N ARG C 128 -15.97 -45.16 -4.04
CA ARG C 128 -15.10 -44.60 -3.02
C ARG C 128 -15.89 -44.19 -1.78
N ILE C 129 -15.36 -44.51 -0.60
CA ILE C 129 -16.01 -44.04 0.62
C ILE C 129 -15.73 -42.55 0.84
N ILE C 130 -14.51 -42.11 0.60
CA ILE C 130 -14.07 -40.77 0.96
C ILE C 130 -13.61 -40.06 -0.31
N ILE C 131 -14.36 -39.03 -0.70
CA ILE C 131 -13.98 -38.12 -1.77
C ILE C 131 -13.95 -36.72 -1.20
N MET C 132 -12.83 -36.03 -1.39
CA MET C 132 -12.70 -34.66 -0.91
C MET C 132 -13.39 -33.71 -1.88
N ASN C 133 -14.31 -32.89 -1.35
CA ASN C 133 -15.05 -31.87 -2.11
C ASN C 133 -15.89 -32.48 -3.23
N TYR C 134 -16.66 -33.51 -2.89
CA TYR C 134 -17.66 -34.06 -3.78
C TYR C 134 -19.02 -33.38 -3.62
N GLU C 135 -19.19 -32.60 -2.55
CA GLU C 135 -20.49 -32.03 -2.22
C GLU C 135 -20.84 -30.82 -3.08
N ASP C 136 -19.82 -30.22 -3.73
CA ASP C 136 -19.85 -29.06 -4.62
C ASP C 136 -20.19 -27.78 -3.86
N ALA C 137 -19.86 -26.62 -4.45
CA ALA C 137 -19.81 -25.38 -3.68
C ALA C 137 -21.19 -24.78 -3.45
N GLU C 138 -22.23 -25.26 -4.14
CA GLU C 138 -23.56 -24.70 -3.94
C GLU C 138 -24.28 -25.35 -2.76
N THR C 139 -24.13 -26.67 -2.62
CA THR C 139 -24.62 -27.33 -1.42
C THR C 139 -23.84 -26.86 -0.20
N LYS C 140 -22.56 -26.55 -0.39
CA LYS C 140 -21.78 -25.90 0.66
C LYS C 140 -22.28 -24.48 0.91
N THR C 141 -22.72 -23.79 -0.16
CA THR C 141 -23.20 -22.42 -0.04
C THR C 141 -24.45 -22.33 0.82
N ILE C 142 -25.41 -23.23 0.60
CA ILE C 142 -26.65 -23.23 1.39
C ILE C 142 -26.34 -23.46 2.87
N ARG C 143 -25.50 -24.44 3.16
CA ARG C 143 -25.15 -24.75 4.55
C ARG C 143 -24.37 -23.62 5.20
N GLU C 144 -23.44 -23.00 4.45
CA GLU C 144 -22.64 -21.91 4.99
C GLU C 144 -23.52 -20.69 5.25
N LEU C 145 -24.49 -20.43 4.38
CA LEU C 145 -25.43 -19.34 4.60
C LEU C 145 -26.31 -19.59 5.83
N ASN C 146 -26.75 -20.84 6.01
CA ASN C 146 -27.56 -21.15 7.19
C ASN C 146 -26.75 -21.03 8.48
N ASP C 147 -25.50 -21.49 8.46
CA ASP C 147 -24.68 -21.46 9.66
C ASP C 147 -24.23 -20.04 10.01
N GLY C 148 -23.95 -19.23 8.99
CA GLY C 148 -23.35 -17.93 9.24
C GLY C 148 -24.35 -16.88 9.71
N PHE C 149 -25.63 -17.21 9.66
CA PHE C 149 -26.67 -16.25 10.04
C PHE C 149 -26.62 -15.95 11.54
N GLY C 150 -26.81 -14.68 11.88
CA GLY C 150 -26.91 -14.26 13.27
C GLY C 150 -25.61 -14.24 14.02
N ARG C 151 -24.51 -14.61 13.37
CA ARG C 151 -23.19 -14.63 13.99
C ARG C 151 -22.35 -13.57 13.30
N ARG C 152 -21.50 -12.88 14.06
CA ARG C 152 -20.68 -11.83 13.50
C ARG C 152 -19.19 -12.14 13.53
N PHE C 153 -18.79 -13.34 13.96
CA PHE C 153 -17.40 -13.74 13.91
C PHE C 153 -17.29 -15.17 13.38
N LYS C 154 -16.26 -15.41 12.56
CA LYS C 154 -15.97 -16.74 12.05
C LYS C 154 -14.53 -17.10 12.38
N VAL C 155 -14.33 -18.34 12.82
CA VAL C 155 -13.03 -18.83 13.26
C VAL C 155 -12.61 -19.96 12.32
N ASN C 156 -11.43 -19.83 11.74
CA ASN C 156 -10.83 -20.86 10.90
C ASN C 156 -9.58 -21.37 11.60
N ALA C 157 -9.64 -22.61 12.07
CA ALA C 157 -8.53 -23.19 12.83
C ALA C 157 -8.33 -24.64 12.42
N ASP C 158 -7.10 -25.02 12.10
CA ASP C 158 -6.82 -26.38 11.69
C ASP C 158 -5.66 -26.95 12.50
N ILE C 159 -5.61 -28.28 12.55
CA ILE C 159 -4.52 -28.97 13.24
C ILE C 159 -3.21 -28.76 12.47
N SER C 160 -2.12 -28.61 13.22
CA SER C 160 -0.86 -28.19 12.61
C SER C 160 -0.25 -29.27 11.73
N GLY C 161 -0.22 -30.51 12.21
CA GLY C 161 0.36 -31.59 11.44
C GLY C 161 -0.50 -32.83 11.41
N CYS C 162 -1.82 -32.64 11.30
CA CYS C 162 -2.88 -33.58 11.66
C CYS C 162 -2.60 -35.05 11.33
N PHE C 163 -2.42 -35.36 10.04
CA PHE C 163 -2.13 -36.73 9.66
C PHE C 163 -0.70 -37.12 10.03
N THR C 164 0.24 -36.18 9.95
CA THR C 164 1.65 -36.50 10.17
C THR C 164 2.00 -36.69 11.64
N ASN C 165 1.16 -36.24 12.57
CA ASN C 165 1.43 -36.45 13.98
C ASN C 165 0.21 -36.99 14.73
N ILE C 166 -0.57 -37.85 14.08
CA ILE C 166 -1.52 -38.67 14.82
C ILE C 166 -0.74 -39.66 15.68
N TYR C 167 -0.99 -39.63 16.98
CA TYR C 167 -0.37 -40.59 17.87
C TYR C 167 -1.23 -41.84 17.87
N SER C 168 -0.65 -42.96 17.42
CA SER C 168 -1.45 -44.15 17.15
C SER C 168 -2.09 -44.73 18.40
N HIS C 169 -1.41 -44.64 19.55
CA HIS C 169 -1.98 -45.16 20.78
C HIS C 169 -3.14 -44.32 21.30
N SER C 170 -3.43 -43.18 20.68
CA SER C 170 -4.66 -42.45 20.97
C SER C 170 -5.85 -42.99 20.19
N ILE C 171 -5.65 -43.98 19.32
CA ILE C 171 -6.78 -44.65 18.68
C ILE C 171 -7.65 -45.41 19.68
N PRO C 172 -7.11 -46.21 20.63
CA PRO C 172 -7.99 -46.76 21.67
C PRO C 172 -8.68 -45.71 22.52
N TRP C 173 -7.99 -44.61 22.84
CA TRP C 173 -8.51 -43.59 23.74
C TRP C 173 -9.83 -43.02 23.21
N ALA C 174 -9.82 -42.55 21.97
CA ALA C 174 -11.00 -41.97 21.34
C ALA C 174 -12.13 -42.99 21.19
N VAL C 175 -11.84 -44.28 21.32
CA VAL C 175 -12.92 -45.26 21.29
C VAL C 175 -13.56 -45.41 22.66
N ILE C 176 -12.75 -45.49 23.73
CA ILE C 176 -13.27 -45.87 25.03
C ILE C 176 -12.93 -44.86 26.12
N GLY C 177 -12.52 -43.65 25.75
CA GLY C 177 -12.10 -42.70 26.76
C GLY C 177 -10.62 -42.83 27.01
N VAL C 178 -9.95 -41.71 27.33
CA VAL C 178 -8.51 -41.73 27.56
C VAL C 178 -8.20 -42.48 28.85
N ASN C 179 -8.94 -42.17 29.92
CA ASN C 179 -8.63 -42.73 31.23
C ASN C 179 -8.96 -44.22 31.30
N ASN C 180 -10.07 -44.64 30.69
CA ASN C 180 -10.43 -46.05 30.69
C ASN C 180 -9.43 -46.88 29.88
N ALA C 181 -8.96 -46.33 28.76
CA ALA C 181 -7.97 -47.04 27.96
C ALA C 181 -6.62 -47.12 28.66
N LYS C 182 -6.23 -46.04 29.38
CA LYS C 182 -5.00 -46.10 30.15
C LYS C 182 -5.10 -47.04 31.34
N ILE C 183 -6.28 -47.14 31.96
CA ILE C 183 -6.49 -48.06 33.07
C ILE C 183 -6.46 -49.51 32.57
N ALA C 184 -7.05 -49.76 31.40
CA ALA C 184 -7.07 -51.11 30.84
C ALA C 184 -5.67 -51.60 30.46
N LEU C 185 -4.74 -50.68 30.23
CA LEU C 185 -3.36 -51.06 29.95
C LEU C 185 -2.68 -51.61 31.20
N LYS C 194 -7.70 -58.90 23.11
CA LYS C 194 -7.77 -57.49 23.46
C LYS C 194 -8.93 -56.81 22.75
N HIS C 195 -9.09 -55.52 23.02
CA HIS C 195 -10.12 -54.73 22.34
C HIS C 195 -9.75 -54.54 20.88
N TRP C 196 -10.79 -54.31 20.05
CA TRP C 196 -10.57 -54.20 18.62
C TRP C 196 -9.75 -52.97 18.25
N SER C 197 -9.89 -51.88 19.02
CA SER C 197 -9.19 -50.65 18.67
C SER C 197 -7.70 -50.73 19.03
N ASP C 198 -7.33 -51.55 20.00
CA ASP C 198 -5.92 -51.81 20.26
C ASP C 198 -5.28 -52.54 19.08
N LYS C 199 -6.01 -53.50 18.50
CA LYS C 199 -5.51 -54.18 17.32
C LYS C 199 -5.48 -53.24 16.12
N LEU C 200 -6.44 -52.31 16.03
CA LEU C 200 -6.41 -51.30 14.97
C LEU C 200 -5.21 -50.38 15.12
N ASP C 201 -4.90 -49.98 16.36
CA ASP C 201 -3.65 -49.32 16.69
C ASP C 201 -2.43 -50.09 16.19
N TYR C 202 -2.38 -51.40 16.49
CA TYR C 202 -1.23 -52.20 16.11
C TYR C 202 -1.08 -52.29 14.59
N PHE C 203 -2.21 -52.47 13.88
CA PHE C 203 -2.15 -52.57 12.42
C PHE C 203 -1.81 -51.24 11.77
N GLN C 204 -2.32 -50.13 12.32
CA GLN C 204 -1.97 -48.83 11.80
C GLN C 204 -0.49 -48.52 12.05
N ARG C 205 0.07 -49.03 13.15
CA ARG C 205 1.51 -48.93 13.37
C ARG C 205 2.28 -49.75 12.36
N GLN C 206 1.86 -51.00 12.12
CA GLN C 206 2.54 -51.87 11.16
C GLN C 206 2.46 -51.32 9.74
N ALA C 207 1.46 -50.50 9.45
CA ALA C 207 1.36 -49.88 8.13
C ALA C 207 2.53 -48.93 7.86
N LYS C 208 3.07 -48.28 8.89
CA LYS C 208 4.19 -47.35 8.74
C LYS C 208 5.27 -47.67 9.77
N ARG C 209 6.13 -48.63 9.46
CA ARG C 209 7.43 -48.87 10.11
C ARG C 209 7.34 -49.10 11.62
N ASN C 210 6.20 -49.56 12.12
CA ASN C 210 5.94 -49.73 13.57
C ASN C 210 6.18 -48.42 14.32
N GLU C 211 5.56 -47.36 13.82
CA GLU C 211 5.75 -46.02 14.38
C GLU C 211 4.42 -45.47 14.88
N THR C 212 4.43 -44.97 16.11
CA THR C 212 3.19 -44.52 16.73
C THR C 212 2.75 -43.15 16.22
N HIS C 213 3.69 -42.28 15.86
CA HIS C 213 3.33 -40.94 15.44
C HIS C 213 3.10 -40.88 13.93
N GLY C 214 1.93 -40.42 13.54
CA GLY C 214 1.60 -40.21 12.15
C GLY C 214 0.88 -41.38 11.52
N VAL C 215 0.20 -41.09 10.41
CA VAL C 215 -0.45 -42.09 9.58
C VAL C 215 -0.08 -41.81 8.13
N PRO C 216 -0.10 -42.79 7.23
CA PRO C 216 0.08 -42.50 5.81
C PRO C 216 -1.05 -41.64 5.26
N ILE C 217 -0.75 -40.89 4.21
CA ILE C 217 -1.71 -39.97 3.61
C ILE C 217 -2.10 -40.52 2.24
N GLY C 218 -3.41 -40.60 1.99
CA GLY C 218 -3.91 -41.09 0.72
C GLY C 218 -4.83 -42.31 0.78
N PRO C 219 -4.47 -43.35 1.54
CA PRO C 219 -5.44 -44.42 1.76
C PRO C 219 -6.58 -43.99 2.66
N ALA C 220 -7.72 -44.65 2.50
CA ALA C 220 -8.90 -44.31 3.29
C ALA C 220 -8.89 -44.93 4.68
N THR C 221 -8.03 -45.91 4.93
CA THR C 221 -7.91 -46.46 6.28
C THR C 221 -7.40 -45.42 7.26
N SER C 222 -6.41 -44.64 6.85
CA SER C 222 -5.87 -43.61 7.73
C SER C 222 -6.82 -42.43 7.85
N SER C 223 -7.61 -42.15 6.83
CA SER C 223 -8.66 -41.15 6.96
C SER C 223 -9.77 -41.62 7.88
N ILE C 224 -10.07 -42.92 7.87
CA ILE C 224 -10.99 -43.52 8.84
C ILE C 224 -10.44 -43.37 10.25
N VAL C 225 -9.15 -43.61 10.42
CA VAL C 225 -8.49 -43.45 11.72
C VAL C 225 -8.56 -42.01 12.21
N CYS C 226 -8.33 -41.05 11.30
CA CYS C 226 -8.41 -39.64 11.65
C CYS C 226 -9.85 -39.25 12.01
N GLU C 227 -10.84 -39.82 11.31
CA GLU C 227 -12.23 -39.59 11.67
C GLU C 227 -12.55 -40.15 13.05
N ILE C 228 -12.02 -41.34 13.35
CA ILE C 228 -12.25 -41.96 14.65
C ILE C 228 -11.67 -41.09 15.77
N ILE C 229 -10.47 -40.57 15.55
CA ILE C 229 -9.82 -39.74 16.58
C ILE C 229 -10.53 -38.40 16.73
N LEU C 230 -10.84 -37.73 15.61
CA LEU C 230 -11.42 -36.41 15.67
C LEU C 230 -12.91 -36.40 15.97
N SER C 231 -13.58 -37.56 15.91
CA SER C 231 -15.01 -37.60 16.24
C SER C 231 -15.26 -37.39 17.73
N ALA C 232 -14.32 -37.80 18.59
CA ALA C 232 -14.46 -37.52 20.01
C ALA C 232 -14.36 -36.02 20.30
N VAL C 233 -13.44 -35.34 19.60
CA VAL C 233 -13.33 -33.89 19.72
C VAL C 233 -14.58 -33.21 19.18
N ASP C 234 -15.13 -33.72 18.08
CA ASP C 234 -16.38 -33.21 17.54
C ASP C 234 -17.54 -33.41 18.52
N LYS C 235 -17.55 -34.56 19.21
CA LYS C 235 -18.60 -34.84 20.17
C LYS C 235 -18.52 -33.91 21.38
N ARG C 236 -17.32 -33.71 21.92
CA ARG C 236 -17.21 -32.87 23.10
C ARG C 236 -17.19 -31.38 22.75
N LEU C 237 -17.07 -31.03 21.48
CA LEU C 237 -17.35 -29.66 21.05
C LEU C 237 -18.84 -29.45 20.79
N ARG C 238 -19.52 -30.50 20.33
CA ARG C 238 -20.96 -30.42 20.09
C ARG C 238 -21.73 -30.31 21.40
N ASP C 239 -21.25 -31.00 22.44
CA ASP C 239 -21.96 -31.03 23.72
C ASP C 239 -21.98 -29.68 24.41
N ASP C 240 -21.05 -28.78 24.07
CA ASP C 240 -21.07 -27.43 24.58
C ASP C 240 -21.92 -26.49 23.75
N GLY C 241 -22.61 -27.00 22.73
CA GLY C 241 -23.50 -26.19 21.92
C GLY C 241 -22.83 -25.40 20.82
N PHE C 242 -21.56 -25.69 20.51
CA PHE C 242 -20.87 -24.96 19.45
C PHE C 242 -21.41 -25.35 18.08
N LEU C 243 -21.66 -24.35 17.25
CA LEU C 243 -22.07 -24.56 15.87
C LEU C 243 -20.82 -24.48 15.01
N PHE C 244 -20.31 -25.64 14.59
CA PHE C 244 -19.04 -25.71 13.88
C PHE C 244 -19.10 -26.80 12.83
N ARG C 245 -18.26 -26.66 11.82
CA ARG C 245 -18.08 -27.65 10.77
C ARG C 245 -16.61 -27.99 10.66
N ARG C 246 -16.30 -29.19 10.16
CA ARG C 246 -14.92 -29.54 9.91
C ARG C 246 -14.78 -30.30 8.60
N TYR C 247 -13.72 -29.96 7.88
CA TYR C 247 -13.31 -30.62 6.65
C TYR C 247 -11.94 -31.23 6.95
N ILE C 248 -11.93 -32.55 7.19
CA ILE C 248 -10.77 -33.29 7.69
C ILE C 248 -10.29 -32.63 8.98
N ASP C 249 -9.26 -31.79 8.88
CA ASP C 249 -8.64 -31.16 10.03
C ASP C 249 -9.01 -29.69 10.19
N ASP C 250 -9.73 -29.11 9.24
CA ASP C 250 -10.07 -27.69 9.29
C ASP C 250 -11.40 -27.49 9.99
N TYR C 251 -11.40 -26.70 11.05
CA TYR C 251 -12.59 -26.37 11.80
C TYR C 251 -12.99 -24.94 11.47
N THR C 252 -14.24 -24.76 11.05
CA THR C 252 -14.83 -23.44 10.92
C THR C 252 -15.91 -23.31 11.99
N CYS C 253 -15.97 -22.14 12.60
CA CYS C 253 -16.92 -21.89 13.68
C CYS C 253 -17.56 -20.53 13.47
N TYR C 254 -18.85 -20.44 13.82
CA TYR C 254 -19.64 -19.23 13.63
C TYR C 254 -20.16 -18.80 15.00
N CYS C 255 -19.64 -17.69 15.50
CA CYS C 255 -19.92 -17.22 16.85
C CYS C 255 -20.55 -15.83 16.81
N LYS C 256 -21.59 -15.66 17.64
CA LYS C 256 -22.23 -14.35 17.77
C LYS C 256 -21.29 -13.32 18.37
N THR C 257 -20.42 -13.76 19.29
CA THR C 257 -19.55 -12.88 20.03
C THR C 257 -18.10 -13.30 19.84
N HIS C 258 -17.19 -12.36 20.07
CA HIS C 258 -15.77 -12.65 19.96
C HIS C 258 -15.31 -13.53 21.12
N ASP C 259 -15.96 -13.37 22.28
CA ASP C 259 -15.65 -14.19 23.46
C ASP C 259 -15.91 -15.66 23.20
N ASP C 260 -17.03 -15.97 22.53
CA ASP C 260 -17.35 -17.35 22.20
C ASP C 260 -16.35 -17.91 21.19
N ALA C 261 -15.80 -17.04 20.34
CA ALA C 261 -14.75 -17.46 19.42
C ALA C 261 -13.48 -17.88 20.16
N LYS C 262 -13.03 -17.05 21.11
CA LYS C 262 -11.86 -17.43 21.91
C LYS C 262 -12.13 -18.65 22.78
N GLU C 263 -13.36 -18.79 23.27
CA GLU C 263 -13.70 -19.96 24.09
C GLU C 263 -13.73 -21.23 23.25
N PHE C 264 -14.21 -21.15 22.00
CA PHE C 264 -14.13 -22.27 21.09
C PHE C 264 -12.69 -22.65 20.78
N LEU C 265 -11.83 -21.65 20.56
CA LEU C 265 -10.42 -21.94 20.32
C LEU C 265 -9.78 -22.62 21.53
N HIS C 266 -10.11 -22.15 22.73
CA HIS C 266 -9.54 -22.75 23.95
C HIS C 266 -10.02 -24.18 24.15
N LEU C 267 -11.32 -24.45 23.94
CA LEU C 267 -11.85 -25.79 24.12
C LEU C 267 -11.34 -26.75 23.05
N LEU C 268 -11.20 -26.25 21.81
CA LEU C 268 -10.62 -27.06 20.74
C LEU C 268 -9.17 -27.41 21.04
N GLY C 269 -8.39 -26.44 21.53
CA GLY C 269 -7.02 -26.73 21.93
C GLY C 269 -6.95 -27.74 23.06
N MET C 270 -7.87 -27.64 24.03
CA MET C 270 -7.93 -28.60 25.12
C MET C 270 -8.19 -30.01 24.62
N GLU C 271 -9.24 -30.19 23.81
CA GLU C 271 -9.64 -31.53 23.42
C GLU C 271 -8.67 -32.13 22.40
N LEU C 272 -7.99 -31.28 21.63
CA LEU C 272 -6.93 -31.81 20.76
C LEU C 272 -5.69 -32.15 21.58
N SER C 273 -5.43 -31.42 22.67
CA SER C 273 -4.28 -31.72 23.50
C SER C 273 -4.47 -33.00 24.31
N LYS C 274 -5.73 -33.41 24.53
CA LYS C 274 -5.96 -34.73 25.10
C LYS C 274 -5.44 -35.84 24.20
N TYR C 275 -5.43 -35.60 22.88
CA TYR C 275 -4.99 -36.58 21.90
C TYR C 275 -3.65 -36.21 21.26
N LYS C 276 -2.82 -35.43 21.97
CA LYS C 276 -1.49 -35.00 21.51
C LYS C 276 -1.55 -34.26 20.18
N LEU C 277 -2.55 -33.41 20.00
CA LEU C 277 -2.75 -32.64 18.78
C LEU C 277 -2.86 -31.16 19.13
N SER C 278 -2.48 -30.31 18.17
CA SER C 278 -2.45 -28.87 18.40
C SER C 278 -2.85 -28.12 17.13
N LEU C 279 -3.35 -26.91 17.33
CA LEU C 279 -3.84 -26.06 16.25
C LEU C 279 -2.68 -25.44 15.47
N ASN C 280 -2.91 -25.22 14.18
CA ASN C 280 -2.01 -24.43 13.34
C ASN C 280 -2.41 -22.97 13.51
N LEU C 281 -1.66 -22.25 14.35
CA LEU C 281 -1.99 -20.86 14.61
C LEU C 281 -1.60 -19.92 13.48
N HIS C 282 -0.85 -20.40 12.50
CA HIS C 282 -0.66 -19.65 11.26
C HIS C 282 -1.98 -19.51 10.50
N LYS C 283 -2.69 -20.63 10.30
CA LYS C 283 -3.96 -20.62 9.60
C LYS C 283 -5.14 -20.34 10.51
N THR C 284 -4.94 -20.32 11.83
CA THR C 284 -6.03 -20.00 12.75
C THR C 284 -6.24 -18.50 12.78
N LYS C 285 -7.44 -18.06 12.38
CA LYS C 285 -7.73 -16.64 12.31
C LYS C 285 -9.21 -16.41 12.54
N ILE C 286 -9.53 -15.19 12.96
CA ILE C 286 -10.90 -14.76 13.24
C ILE C 286 -11.24 -13.64 12.28
N THR C 287 -12.32 -13.81 11.52
CA THR C 287 -12.77 -12.83 10.56
C THR C 287 -14.16 -12.34 10.96
N ASN C 288 -14.52 -11.17 10.45
CA ASN C 288 -15.77 -10.51 10.79
C ASN C 288 -16.81 -10.80 9.72
N LEU C 289 -17.93 -11.40 10.14
CA LEU C 289 -19.02 -11.67 9.22
C LEU C 289 -19.75 -10.37 8.88
N PRO C 290 -20.22 -10.20 7.64
CA PRO C 290 -20.27 -11.17 6.54
C PRO C 290 -19.00 -11.25 5.69
N GLY C 291 -18.34 -12.39 5.74
CA GLY C 291 -17.23 -12.70 4.86
C GLY C 291 -17.74 -13.56 3.71
N THR C 292 -16.94 -13.67 2.66
CA THR C 292 -17.34 -14.44 1.50
C THR C 292 -17.35 -15.92 1.81
N LEU C 293 -18.32 -16.63 1.21
CA LEU C 293 -18.49 -18.05 1.46
C LEU C 293 -17.30 -18.85 0.92
N ASN C 294 -16.88 -18.55 -0.30
CA ASN C 294 -15.68 -19.11 -0.88
C ASN C 294 -14.52 -18.15 -0.66
N ASP C 295 -13.39 -18.41 -1.31
CA ASP C 295 -12.29 -17.47 -1.28
C ASP C 295 -12.59 -16.26 -2.16
N ASN C 296 -11.74 -15.24 -2.05
CA ASN C 296 -11.94 -14.02 -2.83
C ASN C 296 -11.71 -14.27 -4.31
N TRP C 297 -10.61 -14.92 -4.64
CA TRP C 297 -10.23 -15.15 -6.03
C TRP C 297 -11.23 -16.05 -6.74
N VAL C 298 -11.98 -16.87 -5.99
CA VAL C 298 -13.07 -17.65 -6.59
C VAL C 298 -14.11 -16.72 -7.20
N SER C 299 -14.50 -15.70 -6.44
CA SER C 299 -15.50 -14.75 -6.93
C SER C 299 -14.94 -13.87 -8.03
N LEU C 300 -13.67 -13.42 -7.90
CA LEU C 300 -13.09 -12.60 -8.96
C LEU C 300 -12.93 -13.38 -10.27
N LEU C 301 -12.58 -14.67 -10.20
CA LEU C 301 -12.51 -15.48 -11.41
C LEU C 301 -13.89 -15.75 -11.98
N ASN C 302 -14.89 -15.94 -11.11
CA ASN C 302 -16.21 -16.30 -11.61
C ASN C 302 -16.97 -15.11 -12.19
N VAL C 303 -16.71 -13.89 -11.72
CA VAL C 303 -17.34 -12.74 -12.35
C VAL C 303 -16.68 -12.42 -13.69
N ASN C 304 -15.42 -12.79 -13.87
CA ASN C 304 -14.68 -12.56 -15.11
C ASN C 304 -14.60 -13.80 -15.98
N SER C 305 -15.32 -14.87 -15.61
CA SER C 305 -15.25 -16.11 -16.36
C SER C 305 -15.98 -15.95 -17.69
N PRO C 306 -15.40 -16.42 -18.81
CA PRO C 306 -16.12 -16.36 -20.08
C PRO C 306 -17.27 -17.35 -20.17
N THR C 307 -17.28 -18.38 -19.33
CA THR C 307 -18.32 -19.41 -19.34
C THR C 307 -19.27 -19.29 -18.16
N LYS C 308 -19.42 -18.10 -17.60
CA LYS C 308 -20.28 -17.95 -16.44
C LYS C 308 -21.77 -17.96 -16.79
N LYS C 309 -22.11 -17.81 -18.07
CA LYS C 309 -23.49 -17.91 -18.54
C LYS C 309 -23.59 -19.04 -19.54
N ARG C 310 -24.57 -19.93 -19.34
CA ARG C 310 -24.86 -21.01 -20.27
C ARG C 310 -26.02 -20.61 -21.16
N PHE C 311 -25.81 -20.69 -22.47
CA PHE C 311 -26.82 -20.27 -23.45
C PHE C 311 -27.70 -21.41 -23.95
N THR C 312 -27.50 -22.63 -23.43
CA THR C 312 -28.24 -23.86 -23.71
C THR C 312 -28.12 -24.34 -25.16
N ASP C 313 -27.31 -23.70 -25.99
CA ASP C 313 -26.96 -24.22 -27.32
C ASP C 313 -25.45 -24.31 -27.43
N GLN C 314 -24.97 -25.39 -28.04
CA GLN C 314 -23.56 -25.73 -27.96
C GLN C 314 -22.67 -24.77 -28.76
N ASP C 315 -23.21 -24.14 -29.79
CA ASP C 315 -22.39 -23.25 -30.62
C ASP C 315 -22.13 -21.92 -29.92
N LEU C 316 -23.05 -21.48 -29.07
CA LEU C 316 -22.95 -20.13 -28.51
C LEU C 316 -21.95 -20.04 -27.36
N ASN C 317 -21.71 -21.13 -26.64
CA ASN C 317 -20.78 -21.12 -25.52
C ASN C 317 -19.42 -21.69 -25.86
N LYS C 318 -19.14 -21.91 -27.15
CA LYS C 318 -17.78 -22.23 -27.58
C LYS C 318 -16.95 -20.95 -27.58
N LEU C 319 -15.94 -20.90 -26.72
CA LEU C 319 -15.18 -19.66 -26.56
C LEU C 319 -14.20 -19.47 -27.71
N SER C 320 -14.03 -18.21 -28.12
CA SER C 320 -13.01 -17.87 -29.09
C SER C 320 -11.65 -17.84 -28.42
N SER C 321 -10.60 -17.70 -29.24
CA SER C 321 -9.23 -17.73 -28.74
C SER C 321 -8.95 -16.55 -27.81
N SER C 322 -9.48 -15.38 -28.15
CA SER C 322 -9.22 -14.16 -27.38
C SER C 322 -9.76 -14.27 -25.97
N GLU C 323 -10.97 -14.82 -25.80
CA GLU C 323 -11.58 -14.93 -24.49
C GLU C 323 -10.78 -15.84 -23.56
N VAL C 324 -10.38 -17.01 -24.06
CA VAL C 324 -9.62 -17.95 -23.24
C VAL C 324 -8.23 -17.41 -22.93
N ILE C 325 -7.59 -16.80 -23.92
CA ILE C 325 -6.23 -16.25 -23.70
C ILE C 325 -6.28 -15.13 -22.67
N ASN C 326 -7.26 -14.23 -22.79
CA ASN C 326 -7.35 -13.12 -21.86
C ASN C 326 -7.76 -13.57 -20.46
N PHE C 327 -8.63 -14.58 -20.37
CA PHE C 327 -8.99 -15.11 -19.06
C PHE C 327 -7.81 -15.79 -18.39
N LEU C 328 -7.01 -16.55 -19.17
CA LEU C 328 -5.84 -17.19 -18.61
C LEU C 328 -4.78 -16.18 -18.17
N ASP C 329 -4.59 -15.11 -18.96
CA ASP C 329 -3.66 -14.05 -18.55
C ASP C 329 -4.13 -13.34 -17.29
N TYR C 330 -5.42 -13.03 -17.20
CA TYR C 330 -5.97 -12.42 -15.99
C TYR C 330 -5.84 -13.35 -14.79
N ALA C 331 -6.00 -14.66 -15.02
CA ALA C 331 -5.83 -15.63 -13.96
C ALA C 331 -4.38 -15.73 -13.50
N VAL C 332 -3.44 -15.62 -14.43
CA VAL C 332 -2.02 -15.59 -14.08
C VAL C 332 -1.72 -14.36 -13.22
N GLN C 333 -2.28 -13.21 -13.60
CA GLN C 333 -2.10 -12.00 -12.80
C GLN C 333 -2.73 -12.14 -11.42
N LEU C 334 -3.91 -12.74 -11.34
CA LEU C 334 -4.57 -12.95 -10.05
C LEU C 334 -3.77 -13.91 -9.17
N ASN C 335 -3.22 -14.97 -9.75
CA ASN C 335 -2.43 -15.93 -8.98
C ASN C 335 -1.12 -15.31 -8.50
N THR C 336 -0.50 -14.47 -9.33
CA THR C 336 0.70 -13.76 -8.92
C THR C 336 0.40 -12.75 -7.81
N GLN C 337 -0.71 -12.01 -7.95
CA GLN C 337 -1.01 -10.92 -7.03
C GLN C 337 -1.43 -11.44 -5.66
N VAL C 338 -2.31 -12.44 -5.62
CA VAL C 338 -2.85 -12.92 -4.36
C VAL C 338 -2.00 -14.08 -3.84
N GLY C 339 -1.94 -15.16 -4.60
CA GLY C 339 -1.16 -16.32 -4.20
C GLY C 339 -1.69 -17.05 -3.00
N GLY C 340 -2.98 -16.90 -2.69
CA GLY C 340 -3.59 -17.54 -1.55
C GLY C 340 -4.46 -18.74 -1.86
N GLY C 341 -4.39 -19.28 -3.07
CA GLY C 341 -5.22 -20.42 -3.42
C GLY C 341 -4.83 -20.94 -4.79
N SER C 342 -5.58 -21.96 -5.23
CA SER C 342 -5.37 -22.55 -6.56
C SER C 342 -6.17 -21.75 -7.59
N ILE C 343 -5.65 -20.56 -7.88
CA ILE C 343 -6.29 -19.68 -8.86
C ILE C 343 -6.20 -20.27 -10.25
N LEU C 344 -5.00 -20.73 -10.62
CA LEU C 344 -4.78 -21.25 -11.97
C LEU C 344 -5.48 -22.58 -12.17
N LYS C 345 -5.47 -23.45 -11.15
CA LYS C 345 -6.18 -24.72 -11.23
C LYS C 345 -7.67 -24.52 -11.50
N TYR C 346 -8.30 -23.66 -10.70
CA TYR C 346 -9.71 -23.35 -10.84
C TYR C 346 -10.01 -22.68 -12.18
N ALA C 347 -9.11 -21.78 -12.62
CA ALA C 347 -9.35 -21.03 -13.85
C ALA C 347 -9.26 -21.90 -15.08
N ILE C 348 -8.23 -22.75 -15.17
CA ILE C 348 -8.17 -23.66 -16.32
C ILE C 348 -9.27 -24.71 -16.26
N SER C 349 -9.69 -25.15 -15.07
CA SER C 349 -10.83 -26.05 -15.04
C SER C 349 -12.14 -25.36 -15.40
N LEU C 350 -12.19 -24.03 -15.34
CA LEU C 350 -13.39 -23.30 -15.75
C LEU C 350 -13.62 -23.40 -17.26
N VAL C 351 -12.56 -23.23 -18.07
CA VAL C 351 -12.71 -22.95 -19.49
C VAL C 351 -12.11 -24.05 -20.37
N ILE C 352 -11.81 -25.22 -19.82
CA ILE C 352 -11.12 -26.22 -20.63
C ILE C 352 -12.09 -27.11 -21.42
N ASN C 353 -13.34 -27.25 -20.97
CA ASN C 353 -14.31 -28.09 -21.65
C ASN C 353 -15.14 -27.33 -22.68
N ASN C 354 -14.99 -26.01 -22.75
CA ASN C 354 -15.79 -25.18 -23.63
C ASN C 354 -15.00 -24.67 -24.84
N LEU C 355 -13.84 -25.26 -25.12
CA LEU C 355 -13.04 -24.83 -26.25
C LEU C 355 -13.62 -25.39 -27.56
N ASP C 356 -13.40 -24.65 -28.64
CA ASP C 356 -13.62 -25.17 -29.98
C ASP C 356 -12.27 -25.52 -30.61
N GLU C 357 -12.32 -26.19 -31.76
CA GLU C 357 -11.12 -26.76 -32.37
C GLU C 357 -10.15 -25.70 -32.88
N TYR C 358 -10.55 -24.45 -32.98
CA TYR C 358 -9.65 -23.41 -33.49
C TYR C 358 -8.61 -23.02 -32.45
N THR C 359 -9.00 -22.94 -31.18
CA THR C 359 -8.11 -22.48 -30.13
C THR C 359 -7.52 -23.61 -29.29
N ILE C 360 -7.67 -24.86 -29.75
CA ILE C 360 -7.15 -25.99 -28.97
C ILE C 360 -5.64 -25.94 -28.87
N THR C 361 -4.96 -25.62 -29.98
CA THR C 361 -3.49 -25.61 -29.99
C THR C 361 -2.93 -24.45 -29.18
N GLN C 362 -3.55 -23.28 -29.23
CA GLN C 362 -3.05 -22.12 -28.49
C GLN C 362 -3.21 -22.30 -26.99
N VAL C 363 -4.37 -22.81 -26.56
CA VAL C 363 -4.57 -23.12 -25.15
C VAL C 363 -3.68 -24.29 -24.72
N TYR C 364 -3.40 -25.22 -25.62
CA TYR C 364 -2.48 -26.30 -25.30
C TYR C 364 -1.05 -25.79 -25.10
N ASP C 365 -0.64 -24.81 -25.92
CA ASP C 365 0.67 -24.20 -25.73
C ASP C 365 0.74 -23.40 -24.44
N TYR C 366 -0.33 -22.67 -24.12
CA TYR C 366 -0.40 -21.93 -22.86
C TYR C 366 -0.34 -22.89 -21.66
N LEU C 367 -1.08 -24.00 -21.76
CA LEU C 367 -1.05 -25.02 -20.72
C LEU C 367 0.30 -25.69 -20.61
N LEU C 368 1.01 -25.86 -21.73
CA LEU C 368 2.34 -26.44 -21.69
C LEU C 368 3.31 -25.53 -20.95
N ASN C 369 3.28 -24.23 -21.26
CA ASN C 369 4.13 -23.26 -20.57
C ASN C 369 3.78 -23.19 -19.08
N LEU C 370 2.49 -23.13 -18.76
CA LEU C 370 2.06 -23.00 -17.38
C LEU C 370 2.31 -24.28 -16.59
N SER C 371 2.12 -25.44 -17.22
CA SER C 371 2.35 -26.72 -16.57
C SER C 371 3.83 -26.99 -16.38
N TRP C 372 4.68 -26.41 -17.24
CA TRP C 372 6.09 -26.35 -16.88
C TRP C 372 6.30 -25.47 -15.66
N HIS C 373 5.69 -24.29 -15.63
CA HIS C 373 5.94 -23.38 -14.52
C HIS C 373 5.23 -23.82 -13.24
N TYR C 374 4.16 -24.61 -13.34
CA TYR C 374 3.48 -25.17 -12.18
C TYR C 374 3.10 -26.61 -12.50
N PRO C 375 3.70 -27.61 -11.84
CA PRO C 375 3.41 -29.01 -12.19
C PRO C 375 1.96 -29.44 -11.93
N MET C 376 1.24 -28.72 -11.07
CA MET C 376 -0.14 -29.09 -10.75
C MET C 376 -1.07 -29.01 -11.95
N LEU C 377 -0.71 -28.20 -12.95
CA LEU C 377 -1.49 -28.07 -14.16
C LEU C 377 -1.13 -29.11 -15.21
N ILE C 378 -0.17 -29.99 -14.93
CA ILE C 378 0.17 -31.07 -15.87
C ILE C 378 -0.99 -32.02 -16.16
N PRO C 379 -1.78 -32.51 -15.18
CA PRO C 379 -2.87 -33.46 -15.53
C PRO C 379 -3.93 -32.91 -16.48
N TYR C 380 -4.03 -31.59 -16.68
CA TYR C 380 -5.05 -31.05 -17.57
C TYR C 380 -4.77 -31.35 -19.03
N LEU C 381 -3.48 -31.51 -19.38
CA LEU C 381 -3.08 -31.68 -20.78
C LEU C 381 -3.75 -32.89 -21.43
N GLY C 382 -4.06 -33.92 -20.64
CA GLY C 382 -4.66 -35.12 -21.19
C GLY C 382 -6.05 -34.89 -21.74
N VAL C 383 -6.75 -33.85 -21.28
CA VAL C 383 -8.06 -33.58 -21.85
C VAL C 383 -7.95 -32.84 -23.18
N LEU C 384 -6.79 -32.26 -23.48
CA LEU C 384 -6.55 -31.64 -24.78
C LEU C 384 -5.48 -32.37 -25.58
N ILE C 385 -4.99 -33.52 -25.11
CA ILE C 385 -3.91 -34.20 -25.80
C ILE C 385 -4.42 -35.03 -26.96
N GLU C 386 -5.73 -35.31 -27.02
CA GLU C 386 -6.27 -36.09 -28.13
C GLU C 386 -6.41 -35.23 -29.38
N HIS C 387 -6.85 -33.99 -29.23
CA HIS C 387 -7.10 -33.14 -30.39
C HIS C 387 -5.80 -32.59 -30.97
N VAL C 388 -4.81 -32.32 -30.12
CA VAL C 388 -3.53 -31.83 -30.59
C VAL C 388 -2.76 -32.98 -31.23
N TYR C 389 -2.25 -32.75 -32.43
CA TYR C 389 -1.43 -33.74 -33.13
C TYR C 389 -0.06 -33.79 -32.47
N LEU C 390 0.27 -34.94 -31.88
CA LEU C 390 1.47 -35.03 -31.06
C LEU C 390 2.76 -35.02 -31.87
N ASP C 391 2.73 -35.59 -33.08
CA ASP C 391 3.93 -35.61 -33.92
C ASP C 391 4.32 -34.20 -34.34
N ASP C 392 3.47 -33.52 -35.12
CA ASP C 392 3.61 -32.10 -35.54
C ASP C 392 4.99 -31.90 -36.15
N GLY C 393 5.79 -30.95 -35.66
CA GLY C 393 7.16 -30.81 -36.08
C GLY C 393 8.14 -31.09 -34.97
N ASP C 394 7.87 -32.16 -34.18
CA ASP C 394 8.72 -32.74 -33.13
C ASP C 394 8.75 -31.85 -31.87
N GLU C 395 8.13 -30.66 -31.91
CA GLU C 395 8.25 -29.67 -30.84
C GLU C 395 7.66 -30.17 -29.52
N TYR C 396 6.53 -30.89 -29.57
CA TYR C 396 5.90 -31.39 -28.36
C TYR C 396 6.75 -32.44 -27.65
N LYS C 397 7.60 -33.17 -28.37
CA LYS C 397 8.53 -34.09 -27.73
C LYS C 397 9.52 -33.34 -26.85
N ASN C 398 10.07 -32.23 -27.36
CA ASN C 398 10.94 -31.39 -26.54
C ASN C 398 10.18 -30.73 -25.40
N LYS C 399 8.90 -30.38 -25.63
CA LYS C 399 8.05 -29.85 -24.57
C LYS C 399 7.98 -30.83 -23.40
N PHE C 400 7.62 -32.07 -23.70
CA PHE C 400 7.43 -33.07 -22.65
C PHE C 400 8.75 -33.47 -22.02
N ASN C 401 9.85 -33.51 -22.79
CA ASN C 401 11.14 -33.86 -22.22
C ASN C 401 11.66 -32.77 -21.30
N GLU C 402 11.43 -31.49 -21.64
CA GLU C 402 11.83 -30.40 -20.77
C GLU C 402 11.02 -30.42 -19.48
N ILE C 403 9.72 -30.70 -19.60
CA ILE C 403 8.86 -30.81 -18.41
C ILE C 403 9.31 -31.98 -17.53
N LEU C 404 9.67 -33.11 -18.15
CA LEU C 404 10.19 -34.26 -17.41
C LEU C 404 11.48 -33.93 -16.69
N SER C 405 12.38 -33.20 -17.36
CA SER C 405 13.65 -32.83 -16.75
C SER C 405 13.44 -31.91 -15.55
N MET C 406 12.54 -30.93 -15.67
CA MET C 406 12.31 -30.03 -14.55
C MET C 406 11.59 -30.74 -13.41
N CYS C 407 10.73 -31.71 -13.74
CA CYS C 407 10.09 -32.52 -12.72
C CYS C 407 11.10 -33.39 -11.98
N ALA C 408 12.14 -33.85 -12.68
CA ALA C 408 13.22 -34.56 -12.03
C ALA C 408 14.02 -33.63 -11.11
N GLU C 409 14.29 -32.40 -11.56
CA GLU C 409 15.07 -31.48 -10.74
C GLU C 409 14.30 -31.02 -9.51
N ASN C 410 13.01 -30.76 -9.64
CA ASN C 410 12.21 -30.22 -8.53
C ASN C 410 11.75 -31.29 -7.56
N LYS C 411 12.03 -32.56 -7.84
CA LYS C 411 11.71 -33.69 -6.96
C LYS C 411 10.22 -33.80 -6.65
N CYS C 412 9.40 -33.51 -7.65
CA CYS C 412 7.96 -33.63 -7.56
C CYS C 412 7.51 -34.93 -8.23
N SER C 413 6.48 -35.55 -7.68
CA SER C 413 6.04 -36.85 -8.18
C SER C 413 4.79 -36.78 -9.03
N ASP C 414 3.87 -35.86 -8.73
CA ASP C 414 2.62 -35.79 -9.47
C ASP C 414 2.87 -35.38 -10.93
N GLY C 415 3.62 -34.30 -11.14
CA GLY C 415 3.92 -33.88 -12.48
C GLY C 415 4.80 -34.86 -13.23
N MET C 416 5.74 -35.48 -12.52
CA MET C 416 6.68 -36.42 -13.15
C MET C 416 5.94 -37.66 -13.64
N ALA C 417 5.12 -38.26 -12.79
CA ALA C 417 4.36 -39.44 -13.18
C ALA C 417 3.31 -39.10 -14.23
N TRP C 418 2.67 -37.94 -14.12
CA TRP C 418 1.68 -37.54 -15.12
C TRP C 418 2.32 -37.32 -16.49
N THR C 419 3.50 -36.70 -16.52
CA THR C 419 4.21 -36.50 -17.78
C THR C 419 4.68 -37.81 -18.37
N LEU C 420 5.18 -38.74 -17.54
CA LEU C 420 5.54 -40.06 -18.04
C LEU C 420 4.33 -40.80 -18.59
N TYR C 421 3.18 -40.66 -17.93
CA TYR C 421 1.95 -41.26 -18.44
C TYR C 421 1.56 -40.69 -19.80
N PHE C 422 1.70 -39.37 -19.96
CA PHE C 422 1.37 -38.74 -21.23
C PHE C 422 2.35 -39.15 -22.33
N CYS C 423 3.63 -39.28 -22.00
CA CYS C 423 4.62 -39.71 -22.99
C CYS C 423 4.39 -41.15 -23.42
N ILE C 424 4.12 -42.05 -22.47
CA ILE C 424 3.95 -43.46 -22.81
C ILE C 424 2.63 -43.69 -23.53
N LYS C 425 1.55 -43.05 -23.09
CA LYS C 425 0.23 -43.31 -23.65
C LYS C 425 0.11 -42.79 -25.09
N ASN C 426 0.86 -41.76 -25.44
CA ASN C 426 0.79 -41.15 -26.76
C ASN C 426 1.94 -41.58 -27.66
N ASN C 427 2.70 -42.59 -27.27
CA ASN C 427 3.87 -43.10 -28.02
C ASN C 427 4.89 -42.00 -28.28
N ILE C 428 5.14 -41.19 -27.27
CA ILE C 428 6.10 -40.09 -27.36
C ILE C 428 7.44 -40.57 -26.83
N ASP C 429 8.48 -40.37 -27.62
CA ASP C 429 9.81 -40.84 -27.27
C ASP C 429 10.37 -40.08 -26.08
N ILE C 430 11.17 -40.77 -25.27
CA ILE C 430 11.77 -40.22 -24.06
C ILE C 430 13.29 -40.31 -24.19
N ASP C 431 13.97 -39.19 -23.95
CA ASP C 431 15.42 -39.14 -24.12
C ASP C 431 16.13 -39.88 -23.00
N ASP C 432 17.39 -40.26 -23.27
CA ASP C 432 18.14 -41.08 -22.33
C ASP C 432 18.61 -40.28 -21.13
N ASP C 433 18.96 -39.01 -21.33
CA ASP C 433 19.47 -38.17 -20.24
C ASP C 433 18.38 -37.95 -19.21
N VAL C 434 17.14 -37.74 -19.66
CA VAL C 434 16.05 -37.54 -18.72
C VAL C 434 15.69 -38.86 -18.02
N ILE C 435 15.93 -40.00 -18.68
CA ILE C 435 15.79 -41.29 -18.01
C ILE C 435 16.83 -41.41 -16.90
N GLU C 436 18.06 -40.93 -17.15
CA GLU C 436 19.10 -40.97 -16.13
C GLU C 436 18.77 -40.10 -14.93
N LYS C 437 18.20 -38.91 -15.16
CA LYS C 437 17.84 -38.11 -13.98
C LYS C 437 16.54 -38.58 -13.34
N ILE C 438 15.69 -39.34 -14.05
CA ILE C 438 14.62 -40.07 -13.38
C ILE C 438 15.19 -41.11 -12.43
N ILE C 439 16.21 -41.84 -12.90
CA ILE C 439 16.91 -42.83 -12.08
C ILE C 439 17.53 -42.17 -10.87
N CYS C 440 18.15 -41.01 -11.07
CA CYS C 440 18.75 -40.27 -9.95
C CYS C 440 17.68 -39.79 -8.97
N PHE C 441 16.52 -39.37 -9.47
CA PHE C 441 15.39 -39.06 -8.60
C PHE C 441 14.93 -40.29 -7.84
N GLY C 442 14.66 -41.37 -8.57
CA GLY C 442 14.36 -42.64 -7.93
C GLY C 442 13.05 -42.70 -7.19
N ASP C 443 12.04 -41.95 -7.62
CA ASP C 443 10.71 -42.11 -7.06
C ASP C 443 10.08 -43.38 -7.62
N CYS C 444 9.27 -44.05 -6.80
CA CYS C 444 8.83 -45.41 -7.10
C CYS C 444 7.90 -45.44 -8.32
N LEU C 445 6.92 -44.54 -8.37
CA LEU C 445 5.86 -44.67 -9.38
C LEU C 445 6.36 -44.29 -10.76
N SER C 446 7.30 -43.35 -10.84
CA SER C 446 7.95 -43.05 -12.12
C SER C 446 8.69 -44.27 -12.65
N LEU C 447 9.35 -45.00 -11.76
CA LEU C 447 10.05 -46.21 -12.18
C LEU C 447 9.08 -47.34 -12.51
N CYS C 448 7.91 -47.38 -11.87
CA CYS C 448 6.88 -48.33 -12.29
C CYS C 448 6.39 -48.02 -13.70
N LEU C 449 6.24 -46.73 -14.01
CA LEU C 449 5.85 -46.35 -15.37
C LEU C 449 6.93 -46.72 -16.39
N LEU C 450 8.19 -46.47 -16.06
CA LEU C 450 9.29 -46.87 -16.94
C LEU C 450 9.37 -48.39 -17.09
N ASP C 451 9.05 -49.12 -16.03
CA ASP C 451 8.96 -50.59 -16.09
C ASP C 451 7.85 -50.99 -17.05
N SER C 452 6.70 -50.31 -16.98
CA SER C 452 5.60 -50.59 -17.90
C SER C 452 5.97 -50.26 -19.34
N SER C 453 6.87 -49.30 -19.54
CA SER C 453 7.33 -48.98 -20.90
C SER C 453 8.14 -50.11 -21.50
N ASP C 454 8.89 -50.85 -20.68
CA ASP C 454 9.72 -52.02 -20.99
C ASP C 454 10.95 -51.70 -21.82
N ILE C 455 11.14 -50.45 -22.25
CA ILE C 455 12.35 -50.08 -22.99
C ILE C 455 13.55 -50.07 -22.06
N TYR C 456 13.37 -49.53 -20.86
CA TYR C 456 14.45 -49.29 -19.90
C TYR C 456 14.54 -50.40 -18.85
N GLU C 457 14.31 -51.65 -19.28
CA GLU C 457 14.24 -52.77 -18.35
C GLU C 457 15.59 -53.01 -17.66
N GLU C 458 16.69 -52.82 -18.38
CA GLU C 458 18.01 -53.08 -17.81
C GLU C 458 18.36 -52.07 -16.72
N LYS C 459 18.04 -50.80 -16.93
CA LYS C 459 18.34 -49.77 -15.93
C LYS C 459 17.47 -49.94 -14.69
N ILE C 460 16.20 -50.29 -14.87
CA ILE C 460 15.33 -50.63 -13.75
C ILE C 460 15.86 -51.84 -13.01
N ASN C 461 16.40 -52.82 -13.76
CA ASN C 461 17.00 -54.01 -13.15
C ASN C 461 18.21 -53.64 -12.30
N ASN C 462 19.06 -52.73 -12.80
CA ASN C 462 20.21 -52.29 -12.01
C ASN C 462 19.77 -51.53 -10.75
N PHE C 463 18.72 -50.71 -10.86
CA PHE C 463 18.24 -49.95 -9.71
C PHE C 463 17.68 -50.88 -8.63
N VAL C 464 16.81 -51.82 -9.03
CA VAL C 464 16.26 -52.75 -8.05
C VAL C 464 17.33 -53.71 -7.53
N SER C 465 18.36 -53.99 -8.33
CA SER C 465 19.47 -54.81 -7.84
C SER C 465 20.27 -54.08 -6.79
N ASP C 466 20.48 -52.77 -6.96
CA ASP C 466 21.14 -51.99 -5.93
C ASP C 466 20.31 -51.96 -4.65
N ILE C 467 18.98 -51.86 -4.79
CA ILE C 467 18.09 -51.95 -3.63
C ILE C 467 18.22 -53.32 -2.96
N ILE C 468 18.34 -54.38 -3.74
CA ILE C 468 18.42 -55.73 -3.18
C ILE C 468 19.73 -55.93 -2.43
N LYS C 469 20.87 -55.58 -3.04
CA LYS C 469 22.13 -55.74 -2.31
C LYS C 469 22.35 -54.68 -1.24
N LEU C 470 21.48 -53.65 -1.14
CA LEU C 470 21.55 -52.79 0.03
C LEU C 470 21.20 -53.55 1.31
N ASP C 471 20.32 -54.56 1.20
CA ASP C 471 19.89 -55.44 2.29
C ASP C 471 19.24 -54.60 3.41
N TYR C 472 18.13 -53.98 3.03
CA TYR C 472 17.29 -53.22 3.96
C TYR C 472 15.84 -53.52 3.62
N GLU C 473 15.08 -53.98 4.61
CA GLU C 473 13.68 -54.34 4.35
C GLU C 473 12.84 -53.12 4.03
N TYR C 474 13.12 -51.99 4.68
CA TYR C 474 12.35 -50.78 4.45
C TYR C 474 12.62 -50.20 3.06
N ASP C 475 13.83 -50.35 2.55
CA ASP C 475 14.13 -49.85 1.21
C ASP C 475 13.44 -50.68 0.14
N ILE C 476 13.24 -51.98 0.39
CA ILE C 476 12.41 -52.78 -0.50
C ILE C 476 10.95 -52.39 -0.37
N ASP C 477 10.51 -52.08 0.86
CA ASP C 477 9.12 -51.69 1.07
C ASP C 477 8.79 -50.36 0.42
N ARG C 478 9.78 -49.47 0.30
CA ARG C 478 9.55 -48.20 -0.39
C ARG C 478 9.35 -48.38 -1.90
N TYR C 479 9.74 -49.53 -2.46
CA TYR C 479 9.58 -49.79 -3.89
C TYR C 479 8.85 -51.10 -4.15
N TRP C 480 8.06 -51.57 -3.17
CA TRP C 480 7.26 -52.79 -3.33
C TRP C 480 6.39 -52.78 -4.58
N LEU C 481 5.88 -51.62 -4.99
CA LEU C 481 5.04 -51.59 -6.18
C LEU C 481 5.87 -51.87 -7.43
N LEU C 482 7.08 -51.31 -7.51
CA LEU C 482 7.97 -51.61 -8.63
C LEU C 482 8.38 -53.08 -8.63
N PHE C 483 8.69 -53.61 -7.44
CA PHE C 483 9.09 -55.01 -7.35
C PHE C 483 7.94 -55.95 -7.74
N TYR C 484 6.71 -55.64 -7.31
CA TYR C 484 5.57 -56.47 -7.65
C TYR C 484 5.22 -56.36 -9.13
N GLN C 485 5.38 -55.17 -9.72
CA GLN C 485 5.11 -55.02 -11.14
C GLN C 485 6.13 -55.79 -11.97
N ARG C 486 7.40 -55.81 -11.53
CA ARG C 486 8.39 -56.64 -12.20
C ARG C 486 8.11 -58.12 -11.99
N PHE C 487 7.56 -58.50 -10.83
CA PHE C 487 7.20 -59.89 -10.60
C PHE C 487 6.01 -60.32 -11.45
N PHE C 488 5.08 -59.42 -11.71
CA PHE C 488 3.85 -59.78 -12.42
C PHE C 488 4.12 -60.09 -13.89
N LYS C 489 5.12 -59.43 -14.48
CA LYS C 489 5.53 -59.71 -15.86
C LYS C 489 6.65 -60.74 -15.93
N ASP C 490 6.95 -61.41 -14.82
CA ASP C 490 7.95 -62.48 -14.73
C ASP C 490 9.35 -61.98 -15.13
N LYS C 491 9.74 -60.83 -14.58
CA LYS C 491 11.04 -60.25 -14.86
C LYS C 491 11.92 -60.14 -13.62
N ALA C 492 11.41 -60.49 -12.44
CA ALA C 492 12.19 -60.40 -11.21
C ALA C 492 11.60 -61.36 -10.21
N PRO C 493 12.42 -61.97 -9.35
CA PRO C 493 11.88 -62.79 -8.26
C PRO C 493 11.36 -61.92 -7.13
N SER C 494 10.61 -62.55 -6.24
CA SER C 494 10.04 -61.85 -5.10
C SER C 494 11.14 -61.53 -4.10
N PRO C 495 11.36 -60.26 -3.77
CA PRO C 495 12.34 -59.94 -2.71
C PRO C 495 11.93 -60.46 -1.35
N TYR C 496 10.63 -60.54 -1.08
CA TYR C 496 10.15 -61.06 0.20
C TYR C 496 10.05 -62.58 0.15
N ASN C 497 10.33 -63.21 1.29
CA ASN C 497 10.24 -64.65 1.40
C ASN C 497 8.82 -65.15 1.65
N ASP C 498 7.88 -64.23 1.91
CA ASP C 498 6.50 -64.59 2.17
C ASP C 498 5.73 -64.80 0.87
N LYS C 499 4.50 -65.28 1.00
CA LYS C 499 3.70 -65.71 -0.14
C LYS C 499 2.63 -64.71 -0.54
N CYS C 500 2.69 -63.47 -0.04
CA CYS C 500 1.69 -62.47 -0.38
C CYS C 500 1.74 -62.10 -1.86
N PHE C 501 2.95 -61.96 -2.41
CA PHE C 501 3.10 -61.66 -3.82
C PHE C 501 2.59 -62.79 -4.71
N ASP C 502 2.84 -64.03 -4.30
CA ASP C 502 2.34 -65.18 -5.07
C ASP C 502 0.82 -65.29 -4.97
N ILE C 503 0.25 -64.96 -3.82
CA ILE C 503 -1.21 -64.92 -3.68
C ILE C 503 -1.79 -63.86 -4.60
N MET C 504 -1.15 -62.70 -4.67
CA MET C 504 -1.65 -61.62 -5.53
C MET C 504 -1.51 -61.97 -7.00
N LYS C 505 -0.40 -62.62 -7.39
CA LYS C 505 -0.20 -62.98 -8.79
C LYS C 505 -1.14 -64.10 -9.22
N GLY C 506 -1.32 -65.11 -8.36
CA GLY C 506 -2.14 -66.25 -8.73
C GLY C 506 -3.61 -65.91 -8.90
N TYR C 507 -4.10 -64.95 -8.13
CA TYR C 507 -5.48 -64.52 -8.21
C TYR C 507 -5.69 -63.32 -9.11
N GLY C 508 -4.64 -62.85 -9.78
CA GLY C 508 -4.78 -61.82 -10.79
C GLY C 508 -4.93 -60.41 -10.26
N VAL C 509 -3.91 -59.90 -9.58
CA VAL C 509 -3.88 -58.53 -9.10
C VAL C 509 -2.81 -57.78 -9.89
N ASP C 510 -3.24 -56.81 -10.69
CA ASP C 510 -2.33 -55.94 -11.43
C ASP C 510 -2.65 -54.50 -11.07
N PHE C 511 -1.63 -53.73 -10.72
CA PHE C 511 -1.80 -52.32 -10.38
C PHE C 511 -1.58 -51.40 -11.57
N MET C 512 -1.32 -51.95 -12.75
CA MET C 512 -1.33 -51.19 -14.01
C MET C 512 -2.19 -51.94 -15.01
N PRO C 513 -3.50 -51.97 -14.81
CA PRO C 513 -4.36 -52.81 -15.65
C PRO C 513 -4.78 -52.12 -16.94
N ASP C 514 -4.90 -52.93 -17.99
CA ASP C 514 -5.41 -52.43 -19.26
C ASP C 514 -6.90 -52.74 -19.38
N GLU C 515 -7.55 -52.04 -20.31
CA GLU C 515 -8.99 -52.17 -20.50
C GLU C 515 -9.34 -53.52 -21.13
N ASP E 14 40.56 -30.90 32.02
CA ASP E 14 40.14 -31.74 30.90
C ASP E 14 38.86 -31.18 30.29
N GLU E 15 38.70 -31.43 28.98
CA GLU E 15 37.53 -30.94 28.26
C GLU E 15 36.39 -31.96 28.30
N LYS E 16 36.72 -33.25 28.42
CA LYS E 16 35.72 -34.30 28.60
C LYS E 16 34.97 -34.12 29.93
N ARG E 17 35.71 -33.81 30.99
CA ARG E 17 35.07 -33.52 32.27
C ARG E 17 34.17 -32.29 32.17
N HIS E 18 34.61 -31.29 31.40
CA HIS E 18 33.78 -30.10 31.18
C HIS E 18 32.49 -30.48 30.45
N LEU E 19 32.57 -31.44 29.52
CA LEU E 19 31.36 -31.98 28.90
C LEU E 19 30.43 -32.60 29.94
N TYR E 20 30.98 -33.38 30.87
CA TYR E 20 30.13 -34.03 31.86
C TYR E 20 29.42 -33.01 32.74
N GLU E 21 30.18 -32.03 33.26
CA GLU E 21 29.59 -31.00 34.12
C GLU E 21 28.59 -30.15 33.35
N ALA E 22 28.86 -29.88 32.07
CA ALA E 22 27.92 -29.12 31.24
C ALA E 22 26.63 -29.90 31.02
N LEU E 23 26.74 -31.20 30.75
CA LEU E 23 25.57 -32.02 30.45
C LEU E 23 24.68 -32.14 31.67
N LEU E 24 25.27 -32.29 32.85
CA LEU E 24 24.41 -32.54 34.00
C LEU E 24 24.06 -31.27 34.79
N ARG E 25 25.04 -30.42 35.08
CA ARG E 25 24.82 -29.31 36.00
C ARG E 25 24.42 -28.01 35.33
N HIS E 26 24.64 -27.86 34.03
CA HIS E 26 24.42 -26.57 33.38
C HIS E 26 23.44 -26.62 32.22
N ASN E 27 23.39 -27.72 31.47
CA ASN E 27 22.53 -27.79 30.29
C ASN E 27 21.58 -28.98 30.31
N TYR E 28 21.35 -29.58 31.48
CA TYR E 28 20.26 -30.53 31.62
C TYR E 28 18.91 -29.84 31.43
N PHE E 29 18.69 -28.75 32.15
CA PHE E 29 17.49 -27.95 31.99
C PHE E 29 17.62 -27.12 30.72
N PRO E 30 16.51 -26.62 30.18
CA PRO E 30 16.63 -25.71 29.02
C PRO E 30 17.23 -24.35 29.41
N ASN E 31 18.56 -24.35 29.49
CA ASN E 31 19.35 -23.18 29.85
C ASN E 31 20.16 -22.65 28.66
N GLN E 32 19.65 -22.84 27.44
CA GLN E 32 20.44 -22.50 26.26
C GLN E 32 20.37 -21.00 25.94
N LYS E 33 19.33 -20.33 26.41
CA LYS E 33 19.22 -18.89 26.20
C LYS E 33 20.21 -18.15 27.09
N GLY E 34 21.05 -17.33 26.47
CA GLY E 34 22.11 -16.68 27.22
C GLY E 34 21.68 -15.39 27.91
N SER E 35 20.75 -14.65 27.30
CA SER E 35 20.34 -13.37 27.84
C SER E 35 19.53 -13.55 29.13
N ILE E 36 18.40 -14.24 29.04
CA ILE E 36 17.61 -14.60 30.20
C ILE E 36 17.08 -16.01 30.00
N SER E 37 17.08 -16.79 31.09
CA SER E 37 16.67 -18.17 31.01
C SER E 37 15.16 -18.28 30.79
N GLU E 38 14.74 -19.23 29.96
CA GLU E 38 13.32 -19.52 29.80
C GLU E 38 12.74 -20.03 31.12
N ILE E 39 13.49 -20.85 31.82
CA ILE E 39 13.06 -21.43 33.10
C ILE E 39 13.51 -20.50 34.23
N PRO E 40 12.68 -20.24 35.24
CA PRO E 40 13.07 -19.37 36.36
C PRO E 40 14.26 -19.93 37.12
N PRO E 41 15.08 -19.06 37.73
CA PRO E 41 16.35 -19.52 38.33
C PRO E 41 16.17 -20.39 39.57
N CYS E 42 14.95 -20.49 40.10
CA CYS E 42 14.71 -21.40 41.21
C CYS E 42 14.95 -22.85 40.80
N PHE E 43 14.46 -23.24 39.64
CA PHE E 43 14.83 -24.52 39.05
C PHE E 43 16.29 -24.48 38.62
N SER E 44 17.04 -25.51 38.98
CA SER E 44 18.44 -25.58 38.58
C SER E 44 18.85 -27.05 38.54
N SER E 45 19.98 -27.31 37.90
CA SER E 45 20.46 -28.67 37.74
C SER E 45 21.83 -28.91 38.36
N ARG E 46 22.36 -27.94 39.12
CA ARG E 46 23.59 -28.18 39.85
C ARG E 46 23.28 -29.05 41.07
N THR E 47 24.33 -29.48 41.78
CA THR E 47 24.32 -30.57 42.76
C THR E 47 23.75 -31.84 42.15
N PHE E 48 24.01 -32.06 40.85
CA PHE E 48 23.73 -33.29 40.13
C PHE E 48 25.03 -33.63 39.42
N THR E 49 25.94 -34.28 40.14
CA THR E 49 27.32 -34.42 39.70
C THR E 49 27.48 -35.61 38.76
N PRO E 50 28.58 -35.65 37.99
CA PRO E 50 28.89 -36.82 37.18
C PRO E 50 28.86 -38.14 37.92
N GLU E 51 29.28 -38.18 39.19
CA GLU E 51 29.31 -39.43 39.95
C GLU E 51 27.90 -39.95 40.19
N ILE E 52 26.94 -39.04 40.38
CA ILE E 52 25.57 -39.44 40.68
C ILE E 52 24.93 -40.11 39.47
N ALA E 53 25.10 -39.51 38.30
CA ALA E 53 24.63 -40.14 37.07
C ALA E 53 25.41 -41.42 36.77
N GLU E 54 26.69 -41.46 37.16
CA GLU E 54 27.47 -42.68 37.01
C GLU E 54 26.87 -43.81 37.85
N LEU E 55 26.35 -43.47 39.02
CA LEU E 55 25.66 -44.45 39.87
C LEU E 55 24.32 -44.85 39.27
N ILE E 56 23.56 -43.88 38.76
CA ILE E 56 22.22 -44.15 38.23
C ILE E 56 22.29 -45.06 37.00
N SER E 57 23.27 -44.80 36.12
CA SER E 57 23.44 -45.64 34.93
C SER E 57 23.83 -47.06 35.32
N SER E 58 24.53 -47.23 36.44
CA SER E 58 24.93 -48.56 36.89
C SER E 58 23.76 -49.32 37.51
N ASP E 59 22.76 -48.58 38.02
CA ASP E 59 21.65 -49.20 38.74
C ASP E 59 20.77 -50.03 37.80
N THR E 60 20.47 -51.27 38.21
CA THR E 60 19.62 -52.17 37.44
C THR E 60 18.33 -52.53 38.15
N SER E 61 18.04 -51.93 39.31
CA SER E 61 16.85 -52.30 40.05
C SER E 61 15.59 -51.74 39.40
N GLY E 62 14.45 -52.33 39.75
CA GLY E 62 13.16 -51.87 39.27
C GLY E 62 12.73 -52.52 37.97
N ARG E 63 11.46 -52.31 37.64
CA ARG E 63 10.88 -52.83 36.41
C ARG E 63 9.80 -51.88 35.95
N ARG E 64 9.74 -51.66 34.63
CA ARG E 64 8.77 -50.75 34.03
C ARG E 64 8.01 -51.46 32.94
N SER E 65 6.68 -51.31 32.95
CA SER E 65 5.84 -51.99 31.96
C SER E 65 5.98 -51.36 30.58
N LEU E 66 6.14 -50.04 30.52
CA LEU E 66 6.24 -49.32 29.26
C LEU E 66 7.70 -49.04 28.94
N GLN E 67 8.10 -49.35 27.71
CA GLN E 67 9.46 -49.05 27.28
C GLN E 67 9.63 -47.55 27.07
N GLY E 68 10.82 -47.06 27.39
CA GLY E 68 11.12 -45.65 27.26
C GLY E 68 10.58 -44.85 28.43
N TYR E 69 10.85 -43.55 28.39
CA TYR E 69 10.42 -42.61 29.41
C TYR E 69 9.78 -41.41 28.75
N ASP E 70 8.80 -40.82 29.44
CA ASP E 70 8.28 -39.52 29.03
C ASP E 70 9.04 -38.43 29.76
N CYS E 71 8.80 -37.18 29.36
CA CYS E 71 9.57 -36.05 29.85
C CYS E 71 8.66 -34.97 30.39
N VAL E 72 9.21 -34.16 31.29
CA VAL E 72 8.49 -33.01 31.84
C VAL E 72 8.29 -31.99 30.72
N GLU E 73 7.05 -31.56 30.53
CA GLU E 73 6.66 -30.77 29.38
C GLU E 73 6.67 -29.29 29.75
N TYR E 74 7.09 -28.45 28.81
CA TYR E 74 7.18 -27.00 29.04
C TYR E 74 6.80 -26.30 27.74
N TYR E 75 5.85 -25.38 27.81
CA TYR E 75 5.34 -24.71 26.62
C TYR E 75 5.68 -23.24 26.71
N ALA E 76 6.71 -22.82 25.97
CA ALA E 76 7.23 -21.46 26.03
C ALA E 76 6.73 -20.64 24.86
N THR E 77 6.21 -19.45 25.14
CA THR E 77 5.73 -18.58 24.08
C THR E 77 6.91 -17.99 23.30
N ARG E 78 6.79 -18.02 21.97
CA ARG E 78 7.77 -17.39 21.10
C ARG E 78 7.40 -15.92 20.93
N TYR E 79 8.05 -15.23 19.97
CA TYR E 79 7.79 -13.82 19.76
C TYR E 79 6.38 -13.57 19.25
N ASN E 80 5.86 -14.48 18.42
CA ASN E 80 4.51 -14.39 17.90
C ASN E 80 3.50 -15.18 18.73
N ASN E 81 3.78 -15.38 20.02
CA ASN E 81 2.95 -16.12 20.98
C ASN E 81 2.73 -17.57 20.55
N PHE E 82 3.64 -18.13 19.77
CA PHE E 82 3.54 -19.52 19.38
C PHE E 82 4.13 -20.42 20.47
N PRO E 83 3.50 -21.55 20.77
CA PRO E 83 4.07 -22.47 21.76
C PRO E 83 5.25 -23.24 21.19
N ARG E 84 6.34 -23.29 21.96
CA ARG E 84 7.49 -24.12 21.68
C ARG E 84 7.61 -25.15 22.79
N THR E 85 7.82 -26.41 22.39
CA THR E 85 7.76 -27.54 23.28
C THR E 85 9.16 -27.88 23.79
N LEU E 86 9.48 -27.45 25.01
CA LEU E 86 10.69 -27.82 25.70
C LEU E 86 10.42 -29.02 26.59
N SER E 87 11.44 -29.85 26.79
CA SER E 87 11.29 -31.08 27.55
C SER E 87 12.44 -31.24 28.54
N ILE E 88 12.12 -31.70 29.73
CA ILE E 88 13.10 -32.07 30.74
C ILE E 88 13.10 -33.59 30.84
N ILE E 89 14.21 -34.20 30.43
CA ILE E 89 14.27 -35.65 30.34
C ILE E 89 14.34 -36.26 31.74
N HIS E 90 13.75 -37.45 31.88
CA HIS E 90 13.79 -38.19 33.14
C HIS E 90 15.22 -38.51 33.49
N PRO E 91 15.62 -38.35 34.77
CA PRO E 91 17.05 -38.44 35.11
C PRO E 91 17.67 -39.81 34.91
N LYS E 92 16.89 -40.89 34.87
CA LYS E 92 17.46 -42.19 34.53
C LYS E 92 17.89 -42.22 33.07
N ALA E 93 16.97 -41.86 32.17
CA ALA E 93 17.28 -41.83 30.74
C ALA E 93 18.33 -40.79 30.42
N TYR E 94 18.24 -39.61 31.03
CA TYR E 94 19.22 -38.56 30.78
C TYR E 94 20.58 -38.93 31.35
N SER E 95 20.62 -39.61 32.49
CA SER E 95 21.90 -40.03 33.05
C SER E 95 22.59 -41.05 32.16
N LYS E 96 21.82 -42.02 31.64
CA LYS E 96 22.41 -42.99 30.71
C LYS E 96 22.86 -42.32 29.42
N LEU E 97 22.05 -41.38 28.91
CA LEU E 97 22.39 -40.69 27.66
C LEU E 97 23.62 -39.81 27.83
N ALA E 98 23.72 -39.08 28.93
CA ALA E 98 24.89 -38.24 29.20
C ALA E 98 26.14 -39.09 29.40
N LYS E 99 25.99 -40.24 30.08
CA LYS E 99 27.10 -41.16 30.25
C LYS E 99 27.61 -41.66 28.89
N HIS E 100 26.70 -42.08 28.02
CA HIS E 100 27.13 -42.61 26.72
C HIS E 100 27.69 -41.52 25.82
N ILE E 101 27.20 -40.29 25.95
CA ILE E 101 27.74 -39.19 25.17
C ILE E 101 29.16 -38.84 25.64
N HIS E 102 29.37 -38.77 26.95
CA HIS E 102 30.68 -38.41 27.46
C HIS E 102 31.71 -39.50 27.23
N ASP E 103 31.32 -40.78 27.41
CA ASP E 103 32.28 -41.87 27.36
C ASP E 103 32.88 -42.07 25.97
N ASN E 104 32.24 -41.52 24.94
CA ASN E 104 32.76 -41.60 23.58
C ASN E 104 32.92 -40.22 22.93
N TRP E 105 33.37 -39.22 23.68
CA TRP E 105 33.51 -37.89 23.08
C TRP E 105 34.67 -37.82 22.10
N GLU E 106 35.62 -38.75 22.19
CA GLU E 106 36.68 -38.76 21.19
C GLU E 106 36.15 -39.20 19.83
N GLU E 107 34.98 -39.85 19.82
CA GLU E 107 34.32 -40.17 18.56
C GLU E 107 33.28 -39.10 18.19
N ILE E 108 32.81 -38.33 19.17
CA ILE E 108 31.72 -37.38 18.97
C ILE E 108 32.19 -35.97 18.66
N ARG E 109 33.38 -35.57 19.15
CA ARG E 109 33.84 -34.19 19.13
C ARG E 109 34.22 -33.68 17.75
N PHE E 110 33.94 -34.44 16.69
CA PHE E 110 34.07 -33.95 15.32
C PHE E 110 33.04 -32.88 15.01
N ILE E 111 32.02 -32.75 15.85
CA ILE E 111 31.08 -31.63 15.74
C ILE E 111 31.64 -30.34 16.30
N LYS E 112 32.67 -30.41 17.16
CA LYS E 112 33.34 -29.21 17.62
C LYS E 112 34.10 -28.54 16.48
N GLU E 113 34.73 -29.33 15.62
CA GLU E 113 35.52 -28.80 14.50
C GLU E 113 34.67 -28.67 13.25
N ASN E 114 33.60 -27.89 13.38
CA ASN E 114 32.74 -27.51 12.26
C ASN E 114 32.73 -25.99 12.18
N GLU E 115 33.17 -25.45 11.04
CA GLU E 115 33.20 -24.01 10.84
C GLU E 115 31.90 -23.46 10.27
N ASN E 116 30.99 -24.33 9.84
CA ASN E 116 29.68 -23.91 9.35
C ASN E 116 28.62 -23.90 10.42
N SER E 117 28.86 -24.57 11.55
CA SER E 117 27.93 -24.58 12.67
C SER E 117 28.42 -23.55 13.70
N MET E 118 27.74 -22.41 13.76
CA MET E 118 28.12 -21.37 14.71
C MET E 118 27.68 -21.71 16.12
N ILE E 119 26.49 -22.27 16.27
CA ILE E 119 26.00 -22.72 17.57
C ILE E 119 26.37 -24.19 17.73
N LYS E 120 27.26 -24.48 18.66
CA LYS E 120 27.80 -25.81 18.86
C LYS E 120 28.36 -25.88 20.27
N PRO E 121 28.76 -27.07 20.75
CA PRO E 121 29.46 -27.12 22.04
C PRO E 121 30.73 -26.29 22.05
N ASP E 122 30.97 -25.62 23.18
CA ASP E 122 32.14 -24.79 23.42
C ASP E 122 32.45 -24.82 24.90
N MET E 123 33.68 -24.43 25.24
CA MET E 123 34.11 -24.37 26.64
C MET E 123 33.84 -22.97 27.15
N HIS E 124 32.64 -22.76 27.68
CA HIS E 124 32.22 -21.44 28.13
C HIS E 124 32.65 -21.19 29.58
N ALA E 125 32.51 -19.93 30.00
CA ALA E 125 32.95 -19.54 31.34
C ALA E 125 32.01 -20.06 32.42
N ASP E 126 30.69 -19.95 32.21
CA ASP E 126 29.74 -20.42 33.20
C ASP E 126 29.69 -21.93 33.29
N GLY E 127 30.09 -22.64 32.23
CA GLY E 127 30.13 -24.08 32.20
C GLY E 127 29.30 -24.71 31.10
N ARG E 128 28.34 -23.98 30.53
CA ARG E 128 27.47 -24.52 29.50
C ARG E 128 28.23 -24.81 28.22
N ILE E 129 27.98 -25.96 27.61
CA ILE E 129 28.58 -26.24 26.31
C ILE E 129 27.91 -25.43 25.22
N ILE E 130 26.58 -25.34 25.25
CA ILE E 130 25.81 -24.77 24.16
C ILE E 130 25.01 -23.59 24.70
N ILE E 131 25.36 -22.39 24.25
CA ILE E 131 24.59 -21.18 24.51
C ILE E 131 24.20 -20.59 23.16
N MET E 132 22.92 -20.34 22.98
CA MET E 132 22.44 -19.71 21.75
C MET E 132 22.68 -18.21 21.82
N ASN E 133 23.33 -17.68 20.77
CA ASN E 133 23.59 -16.25 20.60
C ASN E 133 24.45 -15.68 21.71
N TYR E 134 25.53 -16.39 22.03
CA TYR E 134 26.56 -15.88 22.93
C TYR E 134 27.65 -15.13 22.19
N GLU E 135 27.67 -15.23 20.86
CA GLU E 135 28.78 -14.69 20.07
C GLU E 135 28.64 -13.20 19.83
N ASP E 136 27.45 -12.63 20.13
CA ASP E 136 27.01 -11.23 20.03
C ASP E 136 27.02 -10.71 18.58
N ALA E 137 26.30 -9.62 18.34
CA ALA E 137 25.94 -9.25 16.96
C ALA E 137 27.10 -8.58 16.21
N GLU E 138 28.14 -8.16 16.92
CA GLU E 138 29.25 -7.50 16.23
C GLU E 138 30.27 -8.49 15.70
N THR E 139 30.55 -9.55 16.46
CA THR E 139 31.35 -10.65 15.92
C THR E 139 30.59 -11.37 14.82
N LYS E 140 29.26 -11.41 14.92
CA LYS E 140 28.43 -11.83 13.79
C LYS E 140 28.56 -10.87 12.63
N THR E 141 28.63 -9.56 12.92
CA THR E 141 28.68 -8.54 11.87
C THR E 141 29.94 -8.65 11.03
N ILE E 142 31.09 -8.84 11.67
CA ILE E 142 32.36 -8.96 10.94
C ILE E 142 32.33 -10.18 10.01
N ARG E 143 31.87 -11.31 10.54
CA ARG E 143 31.80 -12.54 9.75
C ARG E 143 30.80 -12.42 8.61
N GLU E 144 29.65 -11.79 8.87
CA GLU E 144 28.63 -11.63 7.83
C GLU E 144 29.10 -10.68 6.74
N LEU E 145 29.85 -9.64 7.12
CA LEU E 145 30.42 -8.73 6.14
C LEU E 145 31.47 -9.43 5.28
N ASN E 146 32.31 -10.27 5.89
CA ASN E 146 33.32 -11.00 5.13
C ASN E 146 32.67 -12.01 4.19
N ASP E 147 31.62 -12.69 4.65
CA ASP E 147 30.98 -13.70 3.82
C ASP E 147 30.16 -13.07 2.69
N GLY E 148 29.51 -11.93 2.97
CA GLY E 148 28.59 -11.37 1.99
C GLY E 148 29.27 -10.65 0.85
N PHE E 149 30.59 -10.45 0.95
CA PHE E 149 31.32 -9.74 -0.07
C PHE E 149 31.34 -10.52 -1.38
N GLY E 150 31.18 -9.81 -2.50
CA GLY E 150 31.31 -10.40 -3.81
C GLY E 150 30.15 -11.28 -4.22
N ARG E 151 29.15 -11.45 -3.37
CA ARG E 151 27.98 -12.26 -3.65
C ARG E 151 26.79 -11.31 -3.72
N ARG E 152 25.86 -11.57 -4.64
CA ARG E 152 24.73 -10.68 -4.80
C ARG E 152 23.38 -11.32 -4.49
N PHE E 153 23.37 -12.59 -4.07
CA PHE E 153 22.14 -13.21 -3.56
C PHE E 153 22.42 -13.92 -2.24
N LYS E 154 21.44 -13.91 -1.34
CA LYS E 154 21.51 -14.60 -0.08
C LYS E 154 20.30 -15.52 0.08
N VAL E 155 20.54 -16.71 0.61
CA VAL E 155 19.51 -17.72 0.79
C VAL E 155 19.34 -17.98 2.28
N ASN E 156 18.11 -17.91 2.78
CA ASN E 156 17.77 -18.25 4.14
C ASN E 156 16.82 -19.44 4.11
N ALA E 157 17.30 -20.60 4.54
CA ALA E 157 16.52 -21.83 4.48
C ALA E 157 16.75 -22.65 5.74
N ASP E 158 15.68 -23.11 6.36
CA ASP E 158 15.80 -23.89 7.58
C ASP E 158 14.98 -25.18 7.47
N ILE E 159 15.34 -26.15 8.32
CA ILE E 159 14.61 -27.41 8.38
C ILE E 159 13.22 -27.16 8.96
N SER E 160 12.23 -27.88 8.45
CA SER E 160 10.83 -27.57 8.76
C SER E 160 10.49 -27.94 10.20
N GLY E 161 10.88 -29.12 10.65
CA GLY E 161 10.57 -29.55 11.99
C GLY E 161 11.76 -30.14 12.72
N CYS E 162 12.94 -29.53 12.53
CA CYS E 162 14.26 -30.10 12.75
C CYS E 162 14.41 -30.99 13.99
N PHE E 163 14.19 -30.43 15.17
CA PHE E 163 14.28 -31.22 16.39
C PHE E 163 13.09 -32.18 16.53
N THR E 164 11.91 -31.75 16.09
CA THR E 164 10.71 -32.55 16.29
C THR E 164 10.60 -33.75 15.35
N ASN E 165 11.36 -33.77 14.26
CA ASN E 165 11.34 -34.92 13.37
C ASN E 165 12.74 -35.41 13.01
N ILE E 166 13.67 -35.35 13.96
CA ILE E 166 14.90 -36.12 13.84
C ILE E 166 14.57 -37.60 13.94
N TYR E 167 14.94 -38.34 12.91
CA TYR E 167 14.75 -39.78 12.93
C TYR E 167 15.95 -40.39 13.64
N SER E 168 15.70 -41.05 14.78
CA SER E 168 16.78 -41.47 15.67
C SER E 168 17.70 -42.49 15.02
N HIS E 169 17.16 -43.38 14.19
CA HIS E 169 18.01 -44.37 13.52
C HIS E 169 18.91 -43.77 12.45
N SER E 170 18.76 -42.48 12.13
CA SER E 170 19.73 -41.78 11.32
C SER E 170 20.93 -41.29 12.10
N ILE E 171 20.94 -41.48 13.43
CA ILE E 171 22.13 -41.18 14.21
C ILE E 171 23.31 -42.09 13.84
N PRO E 172 23.15 -43.43 13.72
CA PRO E 172 24.28 -44.23 13.19
C PRO E 172 24.70 -43.83 11.78
N TRP E 173 23.74 -43.48 10.91
CA TRP E 173 24.05 -43.19 9.51
C TRP E 173 25.05 -42.06 9.39
N ALA E 174 24.75 -40.91 10.02
CA ALA E 174 25.62 -39.75 9.97
C ALA E 174 26.99 -40.01 10.62
N VAL E 175 27.12 -41.09 11.38
CA VAL E 175 28.43 -41.42 11.92
C VAL E 175 29.24 -42.23 10.91
N ILE E 176 28.62 -43.21 10.25
CA ILE E 176 29.38 -44.17 9.46
C ILE E 176 28.88 -44.27 8.02
N GLY E 177 28.08 -43.32 7.56
CA GLY E 177 27.50 -43.43 6.24
C GLY E 177 26.16 -44.15 6.31
N VAL E 178 25.24 -43.77 5.43
CA VAL E 178 23.92 -44.38 5.43
C VAL E 178 23.99 -45.84 4.98
N ASN E 179 24.73 -46.09 3.89
CA ASN E 179 24.77 -47.42 3.29
C ASN E 179 25.53 -48.40 4.18
N ASN E 180 26.65 -47.96 4.77
CA ASN E 180 27.42 -48.84 5.66
C ASN E 180 26.63 -49.20 6.91
N ALA E 181 25.88 -48.23 7.46
CA ALA E 181 25.07 -48.50 8.64
C ALA E 181 23.91 -49.43 8.31
N LYS E 182 23.30 -49.27 7.14
CA LYS E 182 22.23 -50.18 6.73
C LYS E 182 22.76 -51.58 6.44
N ILE E 183 23.98 -51.67 5.89
CA ILE E 183 24.58 -52.98 5.63
C ILE E 183 24.95 -53.67 6.94
N ALA E 184 25.45 -52.91 7.92
CA ALA E 184 25.81 -53.48 9.21
C ALA E 184 24.60 -54.01 9.98
N LEU E 185 23.41 -53.50 9.68
CA LEU E 185 22.19 -54.00 10.29
C LEU E 185 21.85 -55.40 9.79
N LYS E 194 27.90 -53.70 20.01
CA LYS E 194 27.56 -52.92 18.82
C LYS E 194 28.37 -51.62 18.78
N HIS E 195 28.16 -50.85 17.72
CA HIS E 195 28.81 -49.54 17.60
C HIS E 195 28.23 -48.57 18.62
N TRP E 196 29.03 -47.57 18.97
CA TRP E 196 28.62 -46.62 20.01
C TRP E 196 27.43 -45.77 19.57
N SER E 197 27.32 -45.48 18.28
CA SER E 197 26.24 -44.61 17.83
C SER E 197 24.91 -45.35 17.78
N ASP E 198 24.92 -46.67 17.62
CA ASP E 198 23.69 -47.44 17.76
C ASP E 198 23.17 -47.39 19.20
N LYS E 199 24.08 -47.46 20.17
CA LYS E 199 23.68 -47.31 21.56
C LYS E 199 23.23 -45.89 21.86
N LEU E 200 23.84 -44.90 21.21
CA LEU E 200 23.39 -43.52 21.36
C LEU E 200 21.98 -43.33 20.78
N ASP E 201 21.72 -43.95 19.63
CA ASP E 201 20.37 -44.08 19.10
C ASP E 201 19.40 -44.68 20.12
N TYR E 202 19.78 -45.80 20.74
CA TYR E 202 18.88 -46.46 21.69
C TYR E 202 18.60 -45.57 22.90
N PHE E 203 19.63 -44.90 23.42
CA PHE E 203 19.45 -44.05 24.59
C PHE E 203 18.64 -42.80 24.26
N GLN E 204 18.85 -42.22 23.08
CA GLN E 204 18.05 -41.08 22.65
C GLN E 204 16.59 -41.48 22.44
N ARG E 205 16.35 -42.72 22.00
CA ARG E 205 14.98 -43.23 21.94
C ARG E 205 14.38 -43.39 23.32
N GLN E 206 15.14 -43.97 24.26
CA GLN E 206 14.65 -44.17 25.63
C GLN E 206 14.38 -42.84 26.34
N ALA E 207 15.06 -41.77 25.90
CA ALA E 207 14.80 -40.46 26.48
C ALA E 207 13.38 -39.98 26.21
N LYS E 208 12.80 -40.36 25.07
CA LYS E 208 11.43 -39.94 24.72
C LYS E 208 10.63 -41.17 24.26
N ARG E 209 10.07 -41.90 25.24
CA ARG E 209 9.00 -42.89 25.05
C ARG E 209 9.32 -43.99 24.06
N ASN E 210 10.60 -44.30 23.84
CA ASN E 210 11.07 -45.28 22.84
C ASN E 210 10.53 -44.93 21.44
N GLU E 211 10.73 -43.68 21.05
CA GLU E 211 10.22 -43.16 19.79
C GLU E 211 11.36 -42.70 18.91
N THR E 212 11.35 -43.15 17.66
CA THR E 212 12.45 -42.86 16.75
C THR E 212 12.39 -41.44 16.19
N HIS E 213 11.20 -40.90 16.01
CA HIS E 213 11.07 -39.57 15.41
C HIS E 213 11.09 -38.49 16.48
N GLY E 214 12.02 -37.55 16.34
CA GLY E 214 12.10 -36.40 17.21
C GLY E 214 13.08 -36.59 18.36
N VAL E 215 13.49 -35.45 18.92
CA VAL E 215 14.33 -35.42 20.13
C VAL E 215 13.70 -34.39 21.07
N PRO E 216 13.93 -34.49 22.38
CA PRO E 216 13.50 -33.41 23.28
C PRO E 216 14.24 -32.12 23.01
N ILE E 217 13.60 -31.00 23.34
CA ILE E 217 14.16 -29.67 23.08
C ILE E 217 14.54 -29.05 24.41
N GLY E 218 15.77 -28.54 24.50
CA GLY E 218 16.25 -27.91 25.71
C GLY E 218 17.49 -28.52 26.35
N PRO E 219 17.56 -29.84 26.50
CA PRO E 219 18.83 -30.44 26.94
C PRO E 219 19.88 -30.37 25.83
N ALA E 220 21.15 -30.40 26.26
CA ALA E 220 22.25 -30.31 25.32
C ALA E 220 22.59 -31.64 24.66
N THR E 221 22.09 -32.75 25.22
CA THR E 221 22.32 -34.04 24.58
C THR E 221 21.62 -34.12 23.23
N SER E 222 20.40 -33.61 23.14
CA SER E 222 19.68 -33.62 21.88
C SER E 222 20.25 -32.60 20.90
N SER E 223 20.80 -31.49 21.41
CA SER E 223 21.49 -30.55 20.53
C SER E 223 22.79 -31.16 20.01
N ILE E 224 23.47 -31.96 20.83
CA ILE E 224 24.64 -32.72 20.38
C ILE E 224 24.24 -33.71 19.29
N VAL E 225 23.09 -34.38 19.47
CA VAL E 225 22.58 -35.31 18.47
C VAL E 225 22.27 -34.59 17.16
N CYS E 226 21.65 -33.42 17.25
CA CYS E 226 21.35 -32.63 16.05
C CYS E 226 22.62 -32.16 15.36
N GLU E 227 23.65 -31.80 16.14
CA GLU E 227 24.94 -31.45 15.56
C GLU E 227 25.57 -32.64 14.86
N ILE E 228 25.47 -33.83 15.45
CA ILE E 228 26.02 -35.05 14.85
C ILE E 228 25.34 -35.34 13.52
N ILE E 229 24.01 -35.20 13.49
CA ILE E 229 23.28 -35.49 12.26
C ILE E 229 23.56 -34.43 11.19
N LEU E 230 23.53 -33.15 11.56
CA LEU E 230 23.67 -32.08 10.58
C LEU E 230 25.11 -31.81 10.17
N SER E 231 26.09 -32.36 10.89
CA SER E 231 27.48 -32.17 10.51
C SER E 231 27.81 -32.92 9.22
N ALA E 232 27.17 -34.06 8.96
CA ALA E 232 27.37 -34.75 7.69
C ALA E 232 26.83 -33.92 6.52
N VAL E 233 25.69 -33.27 6.72
CA VAL E 233 25.15 -32.37 5.70
C VAL E 233 26.07 -31.17 5.51
N ASP E 234 26.63 -30.65 6.61
CA ASP E 234 27.59 -29.55 6.51
C ASP E 234 28.84 -29.98 5.77
N LYS E 235 29.30 -31.21 5.99
CA LYS E 235 30.48 -31.73 5.30
C LYS E 235 30.23 -31.89 3.81
N ARG E 236 29.09 -32.48 3.44
CA ARG E 236 28.81 -32.70 2.03
C ARG E 236 28.35 -31.43 1.31
N LEU E 237 27.99 -30.38 2.07
CA LEU E 237 27.81 -29.06 1.47
C LEU E 237 29.12 -28.30 1.34
N ARG E 238 30.04 -28.52 2.27
CA ARG E 238 31.34 -27.87 2.23
C ARG E 238 32.19 -28.40 1.08
N ASP E 239 32.07 -29.70 0.79
CA ASP E 239 32.91 -30.33 -0.24
C ASP E 239 32.61 -29.81 -1.64
N ASP E 240 31.40 -29.27 -1.85
CA ASP E 240 31.06 -28.66 -3.12
C ASP E 240 31.45 -27.18 -3.20
N GLY E 241 32.16 -26.66 -2.21
CA GLY E 241 32.64 -25.31 -2.23
C GLY E 241 31.64 -24.25 -1.84
N PHE E 242 30.51 -24.64 -1.25
CA PHE E 242 29.51 -23.66 -0.83
C PHE E 242 30.00 -22.89 0.40
N LEU E 243 29.85 -21.57 0.37
CA LEU E 243 30.18 -20.71 1.49
C LEU E 243 28.90 -20.42 2.26
N PHE E 244 28.69 -21.14 3.36
CA PHE E 244 27.41 -21.09 4.06
C PHE E 244 27.67 -21.17 5.56
N ARG E 245 26.69 -20.67 6.32
CA ARG E 245 26.70 -20.75 7.78
C ARG E 245 25.40 -21.38 8.24
N ARG E 246 25.43 -21.99 9.43
CA ARG E 246 24.19 -22.50 10.01
C ARG E 246 24.15 -22.21 11.51
N TYR E 247 22.96 -21.85 11.96
CA TYR E 247 22.64 -21.62 13.36
C TYR E 247 21.56 -22.65 13.70
N ILE E 248 21.98 -23.72 14.38
CA ILE E 248 21.18 -24.92 14.63
C ILE E 248 20.67 -25.44 13.29
N ASP E 249 19.43 -25.10 12.95
CA ASP E 249 18.78 -25.60 11.74
C ASP E 249 18.70 -24.56 10.63
N ASP E 250 19.07 -23.31 10.89
CA ASP E 250 18.96 -22.26 9.89
C ASP E 250 20.24 -22.18 9.07
N TYR E 251 20.12 -22.37 7.76
CA TYR E 251 21.23 -22.27 6.83
C TYR E 251 21.12 -20.94 6.10
N THR E 252 22.19 -20.16 6.12
CA THR E 252 22.30 -18.97 5.30
C THR E 252 23.44 -19.19 4.30
N CYS E 253 23.21 -18.76 3.07
CA CYS E 253 24.15 -18.98 1.99
C CYS E 253 24.33 -17.70 1.18
N TYR E 254 25.55 -17.50 0.69
CA TYR E 254 25.94 -16.29 -0.02
C TYR E 254 26.43 -16.71 -1.40
N CYS E 255 25.64 -16.39 -2.43
CA CYS E 255 25.92 -16.85 -3.79
C CYS E 255 26.09 -15.67 -4.73
N LYS E 256 27.12 -15.77 -5.58
CA LYS E 256 27.36 -14.77 -6.61
C LYS E 256 26.23 -14.75 -7.62
N THR E 257 25.65 -15.90 -7.91
CA THR E 257 24.64 -16.05 -8.95
C THR E 257 23.38 -16.65 -8.36
N HIS E 258 22.26 -16.42 -9.04
CA HIS E 258 20.97 -16.98 -8.61
C HIS E 258 20.94 -18.49 -8.82
N ASP E 259 21.58 -18.96 -9.90
CA ASP E 259 21.62 -20.39 -10.17
C ASP E 259 22.38 -21.16 -9.09
N ASP E 260 23.44 -20.56 -8.57
CA ASP E 260 24.17 -21.19 -7.46
C ASP E 260 23.29 -21.25 -6.21
N ALA E 261 22.42 -20.26 -6.04
CA ALA E 261 21.46 -20.29 -4.93
C ALA E 261 20.47 -21.44 -5.07
N LYS E 262 19.91 -21.62 -6.27
CA LYS E 262 19.00 -22.75 -6.48
C LYS E 262 19.72 -24.09 -6.37
N GLU E 263 20.97 -24.14 -6.81
CA GLU E 263 21.75 -25.37 -6.70
C GLU E 263 22.07 -25.71 -5.25
N PHE E 264 22.36 -24.69 -4.43
CA PHE E 264 22.53 -24.90 -3.00
C PHE E 264 21.25 -25.41 -2.36
N LEU E 265 20.11 -24.84 -2.73
CA LEU E 265 18.84 -25.31 -2.20
C LEU E 265 18.57 -26.76 -2.58
N HIS E 266 18.87 -27.12 -3.84
CA HIS E 266 18.67 -28.49 -4.30
C HIS E 266 19.59 -29.48 -3.57
N LEU E 267 20.87 -29.12 -3.41
CA LEU E 267 21.80 -30.02 -2.73
C LEU E 267 21.48 -30.14 -1.24
N LEU E 268 21.05 -29.04 -0.62
CA LEU E 268 20.63 -29.09 0.77
C LEU E 268 19.40 -29.97 0.95
N GLY E 269 18.42 -29.85 0.04
CA GLY E 269 17.26 -30.73 0.08
C GLY E 269 17.64 -32.19 -0.09
N MET E 270 18.59 -32.47 -1.00
CA MET E 270 19.06 -33.84 -1.20
C MET E 270 19.69 -34.40 0.06
N GLU E 271 20.65 -33.67 0.65
CA GLU E 271 21.40 -34.22 1.78
C GLU E 271 20.56 -34.28 3.05
N LEU E 272 19.56 -33.40 3.17
CA LEU E 272 18.61 -33.54 4.28
C LEU E 272 17.64 -34.69 4.04
N SER E 273 17.31 -34.97 2.77
CA SER E 273 16.40 -36.07 2.48
C SER E 273 17.07 -37.42 2.68
N LYS E 274 18.41 -37.46 2.63
CA LYS E 274 19.11 -38.68 3.04
C LYS E 274 18.84 -39.02 4.50
N TYR E 275 18.60 -38.01 5.33
CA TYR E 275 18.37 -38.21 6.76
C TYR E 275 16.92 -37.94 7.16
N LYS E 276 15.98 -38.11 6.21
CA LYS E 276 14.54 -37.92 6.43
C LYS E 276 14.21 -36.53 6.96
N LEU E 277 14.88 -35.51 6.42
CA LEU E 277 14.69 -34.13 6.82
C LEU E 277 14.38 -33.28 5.60
N SER E 278 13.63 -32.19 5.81
CA SER E 278 13.17 -31.36 4.70
C SER E 278 13.17 -29.89 5.10
N LEU E 279 13.26 -29.04 4.09
CA LEU E 279 13.36 -27.60 4.27
C LEU E 279 12.01 -26.98 4.61
N ASN E 280 12.05 -25.91 5.40
CA ASN E 280 10.87 -25.09 5.66
C ASN E 280 10.78 -24.06 4.55
N LEU E 281 9.94 -24.33 3.55
CA LEU E 281 9.85 -23.46 2.39
C LEU E 281 9.07 -22.18 2.67
N HIS E 282 8.38 -22.08 3.81
CA HIS E 282 7.83 -20.79 4.21
C HIS E 282 8.94 -19.81 4.56
N LYS E 283 9.90 -20.25 5.39
CA LYS E 283 11.03 -19.42 5.78
C LYS E 283 12.17 -19.46 4.78
N THR E 284 12.12 -20.36 3.80
CA THR E 284 13.16 -20.41 2.78
C THR E 284 12.91 -19.31 1.75
N LYS E 285 13.82 -18.35 1.66
CA LYS E 285 13.65 -17.23 0.76
C LYS E 285 15.01 -16.76 0.28
N ILE E 286 14.99 -16.10 -0.89
CA ILE E 286 16.19 -15.60 -1.54
C ILE E 286 16.07 -14.09 -1.64
N THR E 287 17.04 -13.38 -1.08
CA THR E 287 17.07 -11.93 -1.09
C THR E 287 18.28 -11.43 -1.86
N ASN E 288 18.22 -10.16 -2.26
CA ASN E 288 19.24 -9.55 -3.09
C ASN E 288 20.20 -8.75 -2.22
N LEU E 289 21.48 -9.10 -2.28
CA LEU E 289 22.50 -8.37 -1.54
C LEU E 289 22.75 -7.02 -2.22
N PRO E 290 23.04 -5.95 -1.45
CA PRO E 290 23.29 -5.91 0.00
C PRO E 290 22.03 -5.79 0.86
N GLY E 291 21.79 -6.82 1.67
CA GLY E 291 20.69 -6.84 2.61
C GLY E 291 21.17 -6.41 3.99
N THR E 292 20.23 -6.18 4.88
CA THR E 292 20.57 -5.83 6.26
C THR E 292 21.20 -7.03 6.95
N LEU E 293 22.28 -6.77 7.70
CA LEU E 293 22.97 -7.85 8.41
C LEU E 293 22.10 -8.44 9.51
N ASN E 294 21.46 -7.58 10.29
CA ASN E 294 20.44 -7.99 11.24
C ASN E 294 19.07 -7.83 10.58
N ASP E 295 18.02 -7.90 11.38
CA ASP E 295 16.70 -7.59 10.86
C ASP E 295 16.53 -6.09 10.70
N ASN E 296 15.44 -5.69 10.04
CA ASN E 296 15.18 -4.27 9.81
C ASN E 296 14.86 -3.56 11.11
N TRP E 297 13.99 -4.16 11.94
CA TRP E 297 13.56 -3.52 13.18
C TRP E 297 14.70 -3.38 14.18
N VAL E 298 15.74 -4.21 14.05
CA VAL E 298 16.93 -4.04 14.89
C VAL E 298 17.56 -2.69 14.64
N SER E 299 17.75 -2.34 13.36
CA SER E 299 18.36 -1.06 13.02
C SER E 299 17.41 0.10 13.31
N LEU E 300 16.10 -0.09 13.08
CA LEU E 300 15.15 0.98 13.39
C LEU E 300 15.09 1.26 14.89
N LEU E 301 15.16 0.23 15.72
CA LEU E 301 15.19 0.44 17.16
C LEU E 301 16.51 1.03 17.61
N ASN E 302 17.62 0.64 16.96
CA ASN E 302 18.92 1.10 17.41
C ASN E 302 19.22 2.52 16.99
N VAL E 303 18.66 3.01 15.88
CA VAL E 303 18.84 4.42 15.55
C VAL E 303 17.97 5.30 16.41
N ASN E 304 16.86 4.78 16.93
CA ASN E 304 15.95 5.53 17.80
C ASN E 304 16.15 5.20 19.26
N SER E 305 17.18 4.45 19.60
CA SER E 305 17.41 4.05 20.98
C SER E 305 17.88 5.26 21.80
N PRO E 306 17.34 5.47 23.00
CA PRO E 306 17.85 6.57 23.84
C PRO E 306 19.23 6.30 24.41
N THR E 307 19.65 5.03 24.47
CA THR E 307 20.95 4.66 25.01
C THR E 307 21.94 4.23 23.94
N LYS E 308 21.78 4.74 22.72
CA LYS E 308 22.68 4.34 21.64
C LYS E 308 24.04 5.01 21.74
N LYS E 309 24.18 6.04 22.58
CA LYS E 309 25.46 6.69 22.83
C LYS E 309 25.79 6.60 24.31
N ARG E 310 26.99 6.14 24.62
CA ARG E 310 27.49 6.08 25.99
C ARG E 310 28.34 7.31 26.26
N PHE E 311 28.01 8.03 27.33
CA PHE E 311 28.70 9.28 27.67
C PHE E 311 29.82 9.08 28.69
N THR E 312 30.07 7.84 29.12
CA THR E 312 31.11 7.39 30.05
C THR E 312 30.98 7.96 31.46
N ASP E 313 29.92 8.70 31.76
CA ASP E 313 29.60 9.10 33.13
C ASP E 313 28.18 8.65 33.45
N GLN E 314 27.98 8.14 34.66
CA GLN E 314 26.76 7.42 34.99
C GLN E 314 25.54 8.33 35.07
N ASP E 315 25.72 9.61 35.39
CA ASP E 315 24.59 10.51 35.52
C ASP E 315 24.02 10.92 34.16
N LEU E 316 24.86 10.97 33.12
CA LEU E 316 24.42 11.50 31.84
C LEU E 316 23.59 10.51 31.03
N ASN E 317 23.80 9.21 31.23
CA ASN E 317 23.05 8.19 30.49
C ASN E 317 21.90 7.60 31.30
N LYS E 318 21.59 8.19 32.45
CA LYS E 318 20.35 7.84 33.16
C LYS E 318 19.19 8.48 32.40
N LEU E 319 18.32 7.64 31.84
CA LEU E 319 17.25 8.13 30.99
C LEU E 319 16.14 8.74 31.82
N SER E 320 15.55 9.82 31.32
CA SER E 320 14.37 10.41 31.93
C SER E 320 13.14 9.57 31.59
N SER E 321 12.02 9.90 32.23
CA SER E 321 10.79 9.14 32.05
C SER E 321 10.26 9.26 30.61
N SER E 322 10.33 10.46 30.04
CA SER E 322 9.77 10.70 28.72
C SER E 322 10.50 9.91 27.64
N GLU E 323 11.83 9.80 27.76
CA GLU E 323 12.62 9.08 26.76
C GLU E 323 12.25 7.60 26.73
N VAL E 324 12.21 6.96 27.89
CA VAL E 324 11.89 5.53 27.95
C VAL E 324 10.45 5.29 27.53
N ILE E 325 9.52 6.15 27.98
CA ILE E 325 8.11 5.97 27.63
C ILE E 325 7.92 6.10 26.12
N ASN E 326 8.54 7.11 25.50
CA ASN E 326 8.37 7.31 24.07
C ASN E 326 9.06 6.22 23.28
N PHE E 327 10.19 5.72 23.76
CA PHE E 327 10.84 4.59 23.08
C PHE E 327 9.99 3.33 23.17
N LEU E 328 9.35 3.09 24.32
CA LEU E 328 8.49 1.91 24.45
C LEU E 328 7.24 2.03 23.58
N ASP E 329 6.63 3.22 23.48
CA ASP E 329 5.51 3.38 22.56
C ASP E 329 5.93 3.20 21.11
N TYR E 330 7.10 3.73 20.73
CA TYR E 330 7.60 3.54 19.37
C TYR E 330 7.88 2.06 19.09
N ALA E 331 8.37 1.35 20.11
CA ALA E 331 8.62 -0.08 19.97
C ALA E 331 7.31 -0.86 19.84
N VAL E 332 6.27 -0.43 20.56
CA VAL E 332 4.95 -1.06 20.41
C VAL E 332 4.43 -0.86 19.00
N GLN E 333 4.59 0.35 18.46
CA GLN E 333 4.18 0.61 17.07
C GLN E 333 4.98 -0.23 16.08
N LEU E 334 6.30 -0.36 16.31
CA LEU E 334 7.13 -1.16 15.41
C LEU E 334 6.75 -2.64 15.48
N ASN E 335 6.44 -3.14 16.68
CA ASN E 335 6.06 -4.54 16.83
C ASN E 335 4.69 -4.82 16.22
N THR E 336 3.76 -3.88 16.36
CA THR E 336 2.44 -4.04 15.76
C THR E 336 2.51 -3.95 14.24
N GLN E 337 3.32 -3.01 13.73
CA GLN E 337 3.36 -2.76 12.29
C GLN E 337 4.07 -3.88 11.54
N VAL E 338 5.21 -4.34 12.07
CA VAL E 338 6.02 -5.34 11.38
C VAL E 338 5.62 -6.73 11.85
N GLY E 339 5.82 -7.00 13.14
CA GLY E 339 5.48 -8.31 13.69
C GLY E 339 6.35 -9.44 13.20
N GLY E 340 7.56 -9.13 12.73
CA GLY E 340 8.47 -10.14 12.22
C GLY E 340 9.62 -10.51 13.12
N GLY E 341 9.60 -10.10 14.39
CA GLY E 341 10.70 -10.41 15.29
C GLY E 341 10.35 -10.00 16.70
N SER E 342 11.33 -10.19 17.59
CA SER E 342 11.19 -9.79 18.99
C SER E 342 11.57 -8.32 19.14
N ILE E 343 10.68 -7.47 18.64
CA ILE E 343 10.89 -6.02 18.72
C ILE E 343 10.82 -5.54 20.17
N LEU E 344 9.77 -5.97 20.88
CA LEU E 344 9.57 -5.51 22.24
C LEU E 344 10.62 -6.09 23.19
N LYS E 345 10.99 -7.35 23.00
CA LYS E 345 12.03 -7.98 23.81
C LYS E 345 13.34 -7.22 23.71
N TYR E 346 13.79 -6.98 22.46
CA TYR E 346 15.02 -6.25 22.21
C TYR E 346 14.94 -4.82 22.74
N ALA E 347 13.79 -4.17 22.56
CA ALA E 347 13.64 -2.78 22.96
C ALA E 347 13.67 -2.60 24.47
N ILE E 348 12.97 -3.47 25.21
CA ILE E 348 13.02 -3.37 26.66
C ILE E 348 14.41 -3.77 27.18
N SER E 349 15.07 -4.75 26.55
CA SER E 349 16.43 -5.05 26.99
C SER E 349 17.42 -3.94 26.66
N LEU E 350 17.09 -3.05 25.72
CA LEU E 350 17.95 -1.90 25.46
C LEU E 350 17.98 -0.93 26.64
N VAL E 351 16.84 -0.62 27.22
CA VAL E 351 16.70 0.53 28.11
C VAL E 351 16.35 0.14 29.54
N ILE E 352 16.50 -1.12 29.91
CA ILE E 352 16.05 -1.51 31.25
C ILE E 352 17.14 -1.31 32.30
N ASN E 353 18.40 -1.29 31.90
CA ASN E 353 19.50 -1.13 32.85
C ASN E 353 19.95 0.31 33.03
N ASN E 354 19.42 1.24 32.25
CA ASN E 354 19.83 2.64 32.28
C ASN E 354 18.80 3.53 32.97
N LEU E 355 17.87 2.95 33.71
CA LEU E 355 16.85 3.74 34.39
C LEU E 355 17.41 4.39 35.65
N ASP E 356 16.81 5.52 36.02
CA ASP E 356 16.99 6.09 37.34
C ASP E 356 15.74 5.82 38.17
N GLU E 357 15.83 6.12 39.46
CA GLU E 357 14.79 5.76 40.43
C GLU E 357 13.48 6.53 40.22
N TYR E 358 13.48 7.59 39.42
CA TYR E 358 12.24 8.36 39.22
C TYR E 358 11.27 7.63 38.30
N THR E 359 11.77 6.99 37.24
CA THR E 359 10.94 6.34 36.25
C THR E 359 10.85 4.83 36.43
N ILE E 360 11.30 4.30 37.57
CA ILE E 360 11.24 2.86 37.80
C ILE E 360 9.79 2.38 37.89
N THR E 361 8.94 3.13 38.59
CA THR E 361 7.56 2.70 38.79
C THR E 361 6.74 2.81 37.51
N GLN E 362 6.94 3.88 36.73
CA GLN E 362 6.20 4.05 35.48
C GLN E 362 6.59 2.98 34.46
N VAL E 363 7.88 2.69 34.36
CA VAL E 363 8.35 1.65 33.44
C VAL E 363 7.90 0.28 33.93
N TYR E 364 7.84 0.08 35.25
CA TYR E 364 7.32 -1.17 35.80
C TYR E 364 5.84 -1.35 35.47
N ASP E 365 5.07 -0.26 35.51
CA ASP E 365 3.67 -0.34 35.11
C ASP E 365 3.52 -0.65 33.63
N TYR E 366 4.35 -0.02 32.79
CA TYR E 366 4.35 -0.31 31.35
C TYR E 366 4.72 -1.77 31.09
N LEU E 367 5.72 -2.26 31.80
CA LEU E 367 6.13 -3.65 31.66
C LEU E 367 5.09 -4.60 32.19
N LEU E 368 4.33 -4.21 33.22
CA LEU E 368 3.25 -5.05 33.72
C LEU E 368 2.14 -5.18 32.69
N ASN E 369 1.75 -4.06 32.07
CA ASN E 369 0.74 -4.11 31.01
C ASN E 369 1.21 -4.92 29.81
N LEU E 370 2.46 -4.70 29.40
CA LEU E 370 2.99 -5.38 28.23
C LEU E 370 3.24 -6.86 28.50
N SER E 371 3.69 -7.20 29.71
CA SER E 371 3.94 -8.59 30.09
C SER E 371 2.64 -9.34 30.29
N TRP E 372 1.56 -8.64 30.64
CA TRP E 372 0.24 -9.25 30.50
C TRP E 372 -0.08 -9.50 29.04
N HIS E 373 0.15 -8.50 28.18
CA HIS E 373 -0.23 -8.67 26.78
C HIS E 373 0.73 -9.60 26.02
N TYR E 374 1.96 -9.75 26.50
CA TYR E 374 2.91 -10.69 25.93
C TYR E 374 3.67 -11.37 27.05
N PRO E 375 3.48 -12.68 27.27
CA PRO E 375 4.14 -13.35 28.41
C PRO E 375 5.66 -13.38 28.33
N MET E 376 6.24 -13.21 27.14
CA MET E 376 7.70 -13.28 26.98
C MET E 376 8.40 -12.15 27.71
N LEU E 377 7.70 -11.06 27.98
CA LEU E 377 8.25 -9.92 28.71
C LEU E 377 8.12 -10.06 30.21
N ILE E 378 7.51 -11.16 30.69
CA ILE E 378 7.41 -11.38 32.13
C ILE E 378 8.76 -11.51 32.84
N PRO E 379 9.78 -12.25 32.32
CA PRO E 379 11.05 -12.35 33.08
C PRO E 379 11.79 -11.03 33.32
N TYR E 380 11.46 -9.95 32.60
CA TYR E 380 12.15 -8.68 32.80
C TYR E 380 11.81 -8.05 34.14
N LEU E 381 10.59 -8.31 34.65
CA LEU E 381 10.10 -7.64 35.85
C LEU E 381 11.01 -7.86 37.04
N GLY E 382 11.71 -9.00 37.09
CA GLY E 382 12.58 -9.29 38.21
C GLY E 382 13.76 -8.35 38.33
N VAL E 383 14.17 -7.73 37.23
CA VAL E 383 15.25 -6.76 37.34
C VAL E 383 14.76 -5.42 37.87
N LEU E 384 13.46 -5.17 37.85
CA LEU E 384 12.87 -3.98 38.43
C LEU E 384 12.00 -4.28 39.64
N ILE E 385 11.93 -5.54 40.07
CA ILE E 385 11.04 -5.90 41.15
C ILE E 385 11.62 -5.57 42.52
N GLU E 386 12.93 -5.32 42.59
CA GLU E 386 13.56 -4.97 43.86
C GLU E 386 13.28 -3.52 44.23
N HIS E 387 13.34 -2.61 43.26
CA HIS E 387 13.18 -1.19 43.55
C HIS E 387 11.71 -0.83 43.79
N VAL E 388 10.80 -1.50 43.09
CA VAL E 388 9.39 -1.25 43.28
C VAL E 388 8.93 -1.88 44.60
N TYR E 389 8.23 -1.09 45.42
CA TYR E 389 7.68 -1.58 46.67
C TYR E 389 6.47 -2.45 46.36
N LEU E 390 6.58 -3.75 46.70
CA LEU E 390 5.56 -4.70 46.27
C LEU E 390 4.25 -4.55 47.03
N ASP E 391 4.31 -4.18 48.31
CA ASP E 391 3.09 -4.04 49.10
C ASP E 391 2.22 -2.91 48.58
N ASP E 392 2.72 -1.66 48.62
CA ASP E 392 2.09 -0.45 48.04
C ASP E 392 0.65 -0.34 48.54
N GLY E 393 -0.34 -0.26 47.67
CA GLY E 393 -1.72 -0.32 48.07
C GLY E 393 -2.43 -1.55 47.54
N ASP E 394 -1.75 -2.71 47.60
CA ASP E 394 -2.23 -4.05 47.26
C ASP E 394 -2.38 -4.23 45.74
N GLU E 395 -2.15 -3.18 44.95
CA GLU E 395 -2.42 -3.18 43.51
C GLU E 395 -1.57 -4.19 42.76
N TYR E 396 -0.28 -4.32 43.12
CA TYR E 396 0.61 -5.26 42.45
C TYR E 396 0.22 -6.71 42.67
N LYS E 397 -0.43 -7.02 43.80
CA LYS E 397 -0.96 -8.36 44.01
C LYS E 397 -2.04 -8.69 42.98
N ASN E 398 -2.94 -7.74 42.71
CA ASN E 398 -3.93 -7.92 41.66
C ASN E 398 -3.29 -8.00 40.28
N LYS E 399 -2.21 -7.22 40.06
CA LYS E 399 -1.46 -7.29 38.81
C LYS E 399 -0.96 -8.71 38.56
N PHE E 400 -0.27 -9.27 39.56
CA PHE E 400 0.33 -10.59 39.41
C PHE E 400 -0.72 -11.68 39.34
N ASN E 401 -1.83 -11.54 40.08
CA ASN E 401 -2.88 -12.55 40.02
C ASN E 401 -3.60 -12.54 38.68
N GLU E 402 -3.79 -11.35 38.09
CA GLU E 402 -4.38 -11.27 36.76
C GLU E 402 -3.46 -11.88 35.71
N ILE E 403 -2.15 -11.62 35.83
CA ILE E 403 -1.19 -12.22 34.89
C ILE E 403 -1.17 -13.74 35.04
N LEU E 404 -1.23 -14.22 36.29
CA LEU E 404 -1.30 -15.67 36.55
C LEU E 404 -2.55 -16.29 35.94
N SER E 405 -3.70 -15.62 36.09
CA SER E 405 -4.94 -16.13 35.54
C SER E 405 -4.89 -16.22 34.01
N MET E 406 -4.36 -15.16 33.37
CA MET E 406 -4.29 -15.20 31.91
C MET E 406 -3.28 -16.22 31.43
N CYS E 407 -2.19 -16.42 32.20
CA CYS E 407 -1.21 -17.45 31.86
C CYS E 407 -1.81 -18.84 31.98
N ALA E 408 -2.71 -19.04 32.95
CA ALA E 408 -3.44 -20.30 33.05
C ALA E 408 -4.38 -20.49 31.85
N GLU E 409 -5.08 -19.43 31.43
CA GLU E 409 -5.99 -19.56 30.30
C GLU E 409 -5.25 -19.81 28.99
N ASN E 410 -4.12 -19.14 28.77
CA ASN E 410 -3.40 -19.23 27.52
C ASN E 410 -2.52 -20.47 27.41
N LYS E 411 -2.41 -21.25 28.49
CA LYS E 411 -1.68 -22.53 28.53
C LYS E 411 -0.21 -22.35 28.19
N CYS E 412 0.36 -21.24 28.66
CA CYS E 412 1.78 -20.96 28.48
C CYS E 412 2.51 -21.28 29.77
N SER E 413 3.75 -21.75 29.64
CA SER E 413 4.51 -22.22 30.80
C SER E 413 5.57 -21.23 31.25
N ASP E 414 6.19 -20.49 30.32
CA ASP E 414 7.26 -19.58 30.70
C ASP E 414 6.74 -18.44 31.55
N GLY E 415 5.66 -17.78 31.10
CA GLY E 415 5.09 -16.69 31.86
C GLY E 415 4.47 -17.16 33.16
N MET E 416 3.85 -18.33 33.14
CA MET E 416 3.18 -18.87 34.32
C MET E 416 4.19 -19.19 35.43
N ALA E 417 5.26 -19.90 35.07
CA ALA E 417 6.29 -20.25 36.05
C ALA E 417 7.06 -19.01 36.50
N TRP E 418 7.32 -18.08 35.58
CA TRP E 418 8.03 -16.85 35.96
C TRP E 418 7.19 -16.00 36.92
N THR E 419 5.89 -15.91 36.68
CA THR E 419 5.01 -15.16 37.57
C THR E 419 4.89 -15.83 38.93
N LEU E 420 4.79 -17.17 38.96
CA LEU E 420 4.79 -17.87 40.25
C LEU E 420 6.10 -17.66 40.99
N TYR E 421 7.23 -17.65 40.28
CA TYR E 421 8.52 -17.37 40.91
C TYR E 421 8.55 -15.97 41.50
N PHE E 422 8.00 -14.99 40.78
CA PHE E 422 7.97 -13.62 41.29
C PHE E 422 7.05 -13.50 42.51
N CYS E 423 5.90 -14.18 42.49
CA CYS E 423 4.99 -14.14 43.62
C CYS E 423 5.60 -14.80 44.87
N ILE E 424 6.23 -15.97 44.70
CA ILE E 424 6.79 -16.68 45.84
C ILE E 424 8.01 -15.96 46.39
N LYS E 425 8.90 -15.47 45.50
CA LYS E 425 10.16 -14.88 45.96
C LYS E 425 9.95 -13.55 46.68
N ASN E 426 8.87 -12.84 46.36
CA ASN E 426 8.59 -11.53 46.95
C ASN E 426 7.52 -11.60 48.04
N ASN E 427 7.16 -12.80 48.50
CA ASN E 427 6.14 -13.03 49.51
C ASN E 427 4.80 -12.41 49.12
N ILE E 428 4.42 -12.57 47.85
CA ILE E 428 3.17 -12.03 47.32
C ILE E 428 2.12 -13.13 47.38
N ASP E 429 0.97 -12.81 47.98
CA ASP E 429 -0.08 -13.80 48.17
C ASP E 429 -0.71 -14.19 46.84
N ILE E 430 -1.16 -15.44 46.77
CA ILE E 430 -1.77 -16.01 45.57
C ILE E 430 -3.19 -16.44 45.92
N ASP E 431 -4.16 -16.02 45.11
CA ASP E 431 -5.55 -16.32 45.38
C ASP E 431 -5.86 -17.80 45.12
N ASP E 432 -6.96 -18.27 45.73
CA ASP E 432 -7.30 -19.69 45.64
C ASP E 432 -7.84 -20.06 44.26
N ASP E 433 -8.60 -19.15 43.64
CA ASP E 433 -9.23 -19.44 42.35
C ASP E 433 -8.15 -19.60 41.27
N VAL E 434 -7.11 -18.76 41.33
CA VAL E 434 -6.03 -18.89 40.37
C VAL E 434 -5.19 -20.14 40.65
N ILE E 435 -5.13 -20.59 41.90
CA ILE E 435 -4.52 -21.88 42.21
C ILE E 435 -5.33 -23.01 41.57
N GLU E 436 -6.66 -22.89 41.59
CA GLU E 436 -7.51 -23.90 40.98
C GLU E 436 -7.33 -23.94 39.46
N LYS E 437 -7.19 -22.78 38.81
CA LYS E 437 -6.95 -22.85 37.37
C LYS E 437 -5.52 -23.27 37.04
N ILE E 438 -4.57 -23.07 37.96
CA ILE E 438 -3.24 -23.66 37.80
C ILE E 438 -3.36 -25.18 37.83
N ILE E 439 -4.15 -25.71 38.76
CA ILE E 439 -4.40 -27.14 38.87
C ILE E 439 -5.05 -27.66 37.59
N CYS E 440 -6.02 -26.91 37.06
CA CYS E 440 -6.68 -27.29 35.82
C CYS E 440 -5.71 -27.28 34.64
N PHE E 441 -4.79 -26.31 34.62
CA PHE E 441 -3.72 -26.32 33.63
C PHE E 441 -2.81 -27.53 33.83
N GLY E 442 -2.31 -27.71 35.05
CA GLY E 442 -1.56 -28.91 35.37
C GLY E 442 -0.22 -29.04 34.71
N ASP E 443 0.46 -27.93 34.42
CA ASP E 443 1.83 -28.01 33.95
C ASP E 443 2.76 -28.34 35.11
N CYS E 444 3.82 -29.09 34.83
CA CYS E 444 4.62 -29.70 35.89
C CYS E 444 5.37 -28.66 36.70
N LEU E 445 6.01 -27.69 36.05
CA LEU E 445 6.93 -26.80 36.77
C LEU E 445 6.18 -25.79 37.63
N SER E 446 5.00 -25.36 37.18
CA SER E 446 4.14 -24.53 38.02
C SER E 446 3.76 -25.27 39.30
N LEU E 447 3.45 -26.56 39.18
CA LEU E 447 3.12 -27.35 40.35
C LEU E 447 4.34 -27.62 41.23
N CYS E 448 5.53 -27.71 40.64
CA CYS E 448 6.74 -27.78 41.45
C CYS E 448 6.95 -26.50 42.25
N LEU E 449 6.66 -25.35 41.64
CA LEU E 449 6.75 -24.09 42.38
C LEU E 449 5.73 -24.02 43.50
N LEU E 450 4.49 -24.45 43.23
CA LEU E 450 3.48 -24.50 44.29
C LEU E 450 3.85 -25.48 45.40
N ASP E 451 4.50 -26.59 45.03
CA ASP E 451 5.02 -27.54 46.01
C ASP E 451 6.08 -26.86 46.87
N SER E 452 6.96 -26.08 46.24
CA SER E 452 7.98 -25.34 46.99
C SER E 452 7.36 -24.29 47.90
N SER E 453 6.19 -23.76 47.53
CA SER E 453 5.50 -22.80 48.40
C SER E 453 5.00 -23.45 49.69
N ASP E 454 4.63 -24.73 49.63
CA ASP E 454 4.16 -25.60 50.72
C ASP E 454 2.79 -25.21 51.27
N ILE E 455 2.19 -24.12 50.81
CA ILE E 455 0.85 -23.75 51.28
C ILE E 455 -0.19 -24.70 50.70
N TYR E 456 -0.04 -25.07 49.43
CA TYR E 456 -1.02 -25.86 48.68
C TYR E 456 -0.63 -27.32 48.63
N GLU E 457 -0.07 -27.85 49.73
CA GLU E 457 0.44 -29.21 49.75
C GLU E 457 -0.68 -30.24 49.57
N GLU E 458 -1.87 -29.94 50.10
CA GLU E 458 -2.97 -30.90 50.00
C GLU E 458 -3.49 -31.02 48.56
N LYS E 459 -3.57 -29.90 47.84
CA LYS E 459 -4.07 -29.96 46.47
C LYS E 459 -3.04 -30.61 45.54
N ILE E 460 -1.76 -30.34 45.77
CA ILE E 460 -0.69 -31.04 45.06
C ILE E 460 -0.76 -32.53 45.35
N ASN E 461 -1.05 -32.88 46.61
CA ASN E 461 -1.19 -34.28 46.99
C ASN E 461 -2.34 -34.95 46.25
N ASN E 462 -3.48 -34.25 46.12
CA ASN E 462 -4.61 -34.80 45.37
C ASN E 462 -4.27 -34.96 43.89
N PHE E 463 -3.54 -33.99 43.32
CA PHE E 463 -3.17 -34.08 41.90
C PHE E 463 -2.24 -35.25 41.64
N VAL E 464 -1.17 -35.38 42.44
CA VAL E 464 -0.25 -36.49 42.25
C VAL E 464 -0.92 -37.82 42.61
N SER E 465 -1.91 -37.80 43.52
CA SER E 465 -2.64 -39.03 43.82
C SER E 465 -3.50 -39.46 42.64
N ASP E 466 -4.12 -38.50 41.95
CA ASP E 466 -4.86 -38.83 40.74
C ASP E 466 -3.94 -39.39 39.66
N ILE E 467 -2.73 -38.82 39.54
CA ILE E 467 -1.74 -39.38 38.62
C ILE E 467 -1.36 -40.81 39.02
N ILE E 468 -1.25 -41.07 40.33
CA ILE E 468 -0.87 -42.40 40.79
C ILE E 468 -1.96 -43.42 40.49
N LYS E 469 -3.22 -43.12 40.83
CA LYS E 469 -4.28 -44.09 40.55
C LYS E 469 -4.67 -44.13 39.08
N LEU E 470 -4.15 -43.23 38.23
CA LEU E 470 -4.34 -43.41 36.80
C LEU E 470 -3.63 -44.66 36.29
N ASP E 471 -2.51 -45.02 36.92
CA ASP E 471 -1.68 -46.20 36.61
C ASP E 471 -1.24 -46.12 35.14
N TYR E 472 -0.36 -45.15 34.92
CA TYR E 472 0.30 -44.95 33.63
C TYR E 472 1.72 -44.48 33.91
N GLU E 473 2.71 -45.21 33.38
CA GLU E 473 4.10 -44.86 33.65
C GLU E 473 4.48 -43.54 33.00
N TYR E 474 3.94 -43.26 31.82
CA TYR E 474 4.28 -42.03 31.11
C TYR E 474 3.68 -40.81 31.80
N ASP E 475 2.51 -40.96 32.43
CA ASP E 475 1.92 -39.83 33.15
C ASP E 475 2.71 -39.49 34.42
N ILE E 476 3.32 -40.49 35.05
CA ILE E 476 4.24 -40.23 36.14
C ILE E 476 5.53 -39.60 35.62
N ASP E 477 5.99 -40.04 34.45
CA ASP E 477 7.21 -39.49 33.87
C ASP E 477 7.03 -38.03 33.45
N ARG E 478 5.81 -37.63 33.09
CA ARG E 478 5.56 -36.24 32.76
C ARG E 478 5.62 -35.33 33.97
N TYR E 479 5.55 -35.87 35.19
CA TYR E 479 5.61 -35.08 36.41
C TYR E 479 6.67 -35.60 37.38
N TRP E 480 7.67 -36.32 36.86
CA TRP E 480 8.78 -36.82 37.68
C TRP E 480 9.45 -35.74 38.51
N LEU E 481 9.53 -34.51 38.00
CA LEU E 481 10.17 -33.45 38.78
C LEU E 481 9.34 -33.09 40.00
N LEU E 482 8.01 -33.01 39.84
CA LEU E 482 7.13 -32.77 40.98
C LEU E 482 7.18 -33.92 41.97
N PHE E 483 7.20 -35.16 41.47
CA PHE E 483 7.26 -36.32 42.35
C PHE E 483 8.59 -36.38 43.11
N TYR E 484 9.70 -36.06 42.44
CA TYR E 484 11.00 -36.06 43.12
C TYR E 484 11.12 -34.92 44.11
N GLN E 485 10.54 -33.76 43.79
CA GLN E 485 10.58 -32.65 44.74
C GLN E 485 9.75 -32.97 45.98
N ARG E 486 8.61 -33.64 45.82
CA ARG E 486 7.86 -34.09 46.98
C ARG E 486 8.61 -35.18 47.75
N PHE E 487 9.38 -36.03 47.05
CA PHE E 487 10.16 -37.05 47.74
C PHE E 487 11.32 -36.43 48.52
N PHE E 488 11.91 -35.34 48.01
CA PHE E 488 13.09 -34.77 48.65
C PHE E 488 12.76 -34.10 49.98
N LYS E 489 11.54 -33.56 50.11
CA LYS E 489 11.09 -32.99 51.38
C LYS E 489 10.32 -34.01 52.23
N ASP E 490 10.38 -35.29 51.86
CA ASP E 490 9.76 -36.39 52.61
C ASP E 490 8.25 -36.21 52.75
N LYS E 491 7.59 -35.89 51.63
CA LYS E 491 6.16 -35.70 51.62
C LYS E 491 5.43 -36.70 50.72
N ALA E 492 6.15 -37.55 50.00
CA ALA E 492 5.54 -38.53 49.12
C ALA E 492 6.51 -39.67 48.92
N PRO E 493 6.02 -40.90 48.77
CA PRO E 493 6.90 -42.02 48.42
C PRO E 493 7.26 -41.98 46.93
N SER E 494 8.26 -42.78 46.59
CA SER E 494 8.71 -42.85 45.20
C SER E 494 7.69 -43.61 44.37
N PRO E 495 7.14 -43.02 43.32
CA PRO E 495 6.24 -43.78 42.45
C PRO E 495 6.94 -44.90 41.70
N TYR E 496 8.22 -44.74 41.40
CA TYR E 496 8.99 -45.77 40.73
C TYR E 496 9.55 -46.77 41.73
N ASN E 497 9.62 -48.03 41.32
CA ASN E 497 10.16 -49.07 42.17
C ASN E 497 11.68 -49.15 42.12
N ASP E 498 12.32 -48.40 41.23
CA ASP E 498 13.77 -48.39 41.10
C ASP E 498 14.40 -47.45 42.13
N LYS E 499 15.73 -47.51 42.21
CA LYS E 499 16.48 -46.83 43.25
C LYS E 499 17.13 -45.53 42.78
N CYS E 500 16.75 -45.03 41.60
CA CYS E 500 17.36 -43.80 41.09
C CYS E 500 17.02 -42.60 41.97
N PHE E 501 15.77 -42.52 42.43
CA PHE E 501 15.37 -41.42 43.31
C PHE E 501 16.10 -41.48 44.65
N ASP E 502 16.30 -42.70 45.17
CA ASP E 502 17.02 -42.84 46.44
C ASP E 502 18.50 -42.53 46.27
N ILE E 503 19.08 -42.87 45.12
CA ILE E 503 20.45 -42.48 44.82
C ILE E 503 20.58 -40.96 44.75
N MET E 504 19.60 -40.30 44.12
CA MET E 504 19.64 -38.85 44.01
C MET E 504 19.45 -38.17 45.38
N LYS E 505 18.56 -38.72 46.21
CA LYS E 505 18.31 -38.12 47.52
C LYS E 505 19.49 -38.33 48.47
N GLY E 506 20.05 -39.54 48.47
CA GLY E 506 21.15 -39.84 49.39
C GLY E 506 22.41 -39.05 49.09
N TYR E 507 22.65 -38.76 47.82
CA TYR E 507 23.81 -37.99 47.41
C TYR E 507 23.53 -36.50 47.25
N GLY E 508 22.31 -36.06 47.57
CA GLY E 508 22.01 -34.65 47.63
C GLY E 508 21.76 -33.96 46.31
N VAL E 509 20.69 -34.35 45.60
CA VAL E 509 20.26 -33.68 44.38
C VAL E 509 18.97 -32.95 44.68
N ASP E 510 19.00 -31.62 44.60
CA ASP E 510 17.81 -30.80 44.71
C ASP E 510 17.73 -29.93 43.46
N PHE E 511 16.58 -29.96 42.80
CA PHE E 511 16.37 -29.15 41.61
C PHE E 511 15.73 -27.81 41.92
N MET E 512 15.51 -27.49 43.19
CA MET E 512 15.15 -26.16 43.64
C MET E 512 16.08 -25.76 44.78
N PRO E 513 17.36 -25.51 44.49
CA PRO E 513 18.32 -25.30 45.57
C PRO E 513 18.36 -23.86 46.05
N ASP E 514 18.60 -23.71 47.35
CA ASP E 514 18.78 -22.38 47.93
C ASP E 514 20.27 -22.05 48.03
N GLU E 515 20.56 -20.77 48.20
CA GLU E 515 21.94 -20.30 48.25
C GLU E 515 22.62 -20.72 49.56
N ASP G 14 -54.87 21.86 -12.31
CA ASP G 14 -54.10 22.94 -11.71
C ASP G 14 -52.84 22.37 -11.04
N GLU G 15 -51.77 23.17 -11.05
CA GLU G 15 -50.50 22.75 -10.47
C GLU G 15 -50.45 23.04 -8.96
N LYS G 16 -51.18 24.07 -8.53
CA LYS G 16 -51.32 24.37 -7.10
C LYS G 16 -52.03 23.25 -6.36
N ARG G 17 -53.11 22.72 -6.97
CA ARG G 17 -53.81 21.58 -6.39
C ARG G 17 -52.89 20.37 -6.32
N HIS G 18 -52.07 20.18 -7.35
CA HIS G 18 -51.09 19.10 -7.34
C HIS G 18 -50.10 19.27 -6.20
N LEU G 19 -49.72 20.52 -5.90
CA LEU G 19 -48.89 20.79 -4.73
C LEU G 19 -49.57 20.34 -3.44
N TYR G 20 -50.84 20.66 -3.29
CA TYR G 20 -51.52 20.35 -2.04
C TYR G 20 -51.68 18.83 -1.86
N GLU G 21 -52.07 18.14 -2.93
CA GLU G 21 -52.16 16.68 -2.86
C GLU G 21 -50.80 16.04 -2.62
N ALA G 22 -49.74 16.61 -3.20
CA ALA G 22 -48.39 16.10 -2.97
C ALA G 22 -47.97 16.31 -1.52
N LEU G 23 -48.28 17.48 -0.96
CA LEU G 23 -47.86 17.80 0.40
C LEU G 23 -48.58 16.92 1.40
N LEU G 24 -49.85 16.63 1.16
CA LEU G 24 -50.57 15.87 2.18
C LEU G 24 -50.57 14.36 1.93
N ARG G 25 -50.84 13.92 0.70
CA ARG G 25 -51.10 12.50 0.45
C ARG G 25 -49.87 11.73 -0.03
N HIS G 26 -48.84 12.40 -0.51
CA HIS G 26 -47.72 11.72 -1.12
C HIS G 26 -46.38 12.00 -0.47
N ASN G 27 -46.17 13.20 0.08
CA ASN G 27 -44.88 13.56 0.65
C ASN G 27 -44.99 14.11 2.08
N TYR G 28 -46.09 13.83 2.76
CA TYR G 28 -46.15 14.06 4.21
C TYR G 28 -45.18 13.12 4.92
N PHE G 29 -45.28 11.83 4.65
CA PHE G 29 -44.35 10.85 5.17
C PHE G 29 -43.03 10.96 4.44
N PRO G 30 -41.95 10.44 5.01
CA PRO G 30 -40.67 10.40 4.26
C PRO G 30 -40.71 9.41 3.10
N ASN G 31 -41.30 9.88 1.99
CA ASN G 31 -41.45 9.12 0.76
C ASN G 31 -40.60 9.67 -0.37
N GLN G 32 -39.46 10.28 -0.04
CA GLN G 32 -38.65 10.95 -1.06
C GLN G 32 -37.79 9.96 -1.84
N LYS G 33 -37.55 8.78 -1.27
CA LYS G 33 -36.76 7.76 -1.96
C LYS G 33 -37.61 7.10 -3.04
N GLY G 34 -37.11 7.11 -4.28
CA GLY G 34 -37.92 6.64 -5.39
C GLY G 34 -37.82 5.15 -5.63
N SER G 35 -36.64 4.57 -5.40
CA SER G 35 -36.44 3.15 -5.68
C SER G 35 -37.22 2.27 -4.71
N ILE G 36 -37.02 2.48 -3.42
CA ILE G 36 -37.78 1.80 -2.37
C ILE G 36 -37.93 2.76 -1.21
N SER G 37 -39.12 2.75 -0.61
CA SER G 37 -39.41 3.67 0.48
C SER G 37 -38.67 3.26 1.74
N GLU G 38 -38.17 4.26 2.47
CA GLU G 38 -37.60 3.99 3.80
C GLU G 38 -38.65 3.46 4.75
N ILE G 39 -39.87 3.99 4.64
CA ILE G 39 -40.98 3.60 5.50
C ILE G 39 -41.78 2.49 4.80
N PRO G 40 -42.19 1.44 5.50
CA PRO G 40 -42.94 0.34 4.86
C PRO G 40 -44.28 0.81 4.30
N PRO G 41 -44.81 0.10 3.28
CA PRO G 41 -46.04 0.56 2.60
C PRO G 41 -47.29 0.58 3.48
N CYS G 42 -47.25 -0.09 4.64
CA CYS G 42 -48.38 -0.06 5.55
C CYS G 42 -48.66 1.36 6.03
N PHE G 43 -47.63 2.08 6.44
CA PHE G 43 -47.77 3.50 6.71
C PHE G 43 -47.96 4.25 5.40
N SER G 44 -48.99 5.09 5.34
CA SER G 44 -49.24 5.89 4.15
C SER G 44 -49.96 7.16 4.58
N SER G 45 -49.98 8.13 3.68
CA SER G 45 -50.57 9.44 3.98
C SER G 45 -51.74 9.78 3.06
N ARG G 46 -52.19 8.84 2.22
CA ARG G 46 -53.41 9.08 1.45
C ARG G 46 -54.61 8.92 2.37
N THR G 47 -55.79 9.26 1.83
CA THR G 47 -57.01 9.52 2.60
C THR G 47 -56.79 10.60 3.66
N PHE G 48 -55.90 11.55 3.35
CA PHE G 48 -55.69 12.77 4.13
C PHE G 48 -55.78 13.87 3.06
N THR G 49 -57.01 14.26 2.76
CA THR G 49 -57.31 15.08 1.60
C THR G 49 -57.07 16.55 1.94
N PRO G 50 -57.06 17.44 0.94
CA PRO G 50 -57.02 18.89 1.23
C PRO G 50 -58.08 19.41 2.19
N GLU G 51 -59.29 18.86 2.15
CA GLU G 51 -60.38 19.41 2.95
C GLU G 51 -60.13 19.20 4.45
N ILE G 52 -59.56 18.05 4.81
CA ILE G 52 -59.30 17.77 6.23
C ILE G 52 -58.25 18.73 6.79
N ALA G 53 -57.17 18.96 6.02
CA ALA G 53 -56.15 19.91 6.48
C ALA G 53 -56.68 21.34 6.52
N GLU G 54 -57.56 21.67 5.57
CA GLU G 54 -58.21 22.99 5.59
C GLU G 54 -59.09 23.15 6.82
N LEU G 55 -59.72 22.06 7.27
CA LEU G 55 -60.51 22.11 8.49
C LEU G 55 -59.63 22.21 9.73
N ILE G 56 -58.52 21.47 9.76
CA ILE G 56 -57.64 21.44 10.93
C ILE G 56 -56.99 22.81 11.12
N SER G 57 -56.57 23.46 10.04
CA SER G 57 -55.99 24.79 10.15
C SER G 57 -57.01 25.81 10.67
N SER G 58 -58.30 25.59 10.38
CA SER G 58 -59.32 26.51 10.85
C SER G 58 -59.65 26.28 12.33
N ASP G 59 -59.35 25.09 12.85
CA ASP G 59 -59.72 24.74 14.21
C ASP G 59 -58.93 25.54 15.24
N THR G 60 -59.64 26.11 16.20
CA THR G 60 -59.02 26.89 17.27
C THR G 60 -59.22 26.29 18.66
N SER G 61 -59.84 25.12 18.76
CA SER G 61 -60.13 24.54 20.06
C SER G 61 -58.86 23.97 20.70
N GLY G 62 -58.93 23.79 22.02
CA GLY G 62 -57.85 23.19 22.77
C GLY G 62 -56.83 24.21 23.25
N ARG G 63 -55.95 23.74 24.13
CA ARG G 63 -54.88 24.56 24.68
C ARG G 63 -53.68 23.67 24.95
N ARG G 64 -52.49 24.25 24.79
CA ARG G 64 -51.24 23.53 24.97
C ARG G 64 -50.30 24.36 25.83
N SER G 65 -49.74 23.73 26.87
CA SER G 65 -48.85 24.44 27.78
C SER G 65 -47.50 24.74 27.12
N LEU G 66 -47.05 23.86 26.22
CA LEU G 66 -45.77 24.01 25.56
C LEU G 66 -45.97 24.54 24.15
N GLN G 67 -45.19 25.55 23.78
CA GLN G 67 -45.26 26.10 22.43
C GLN G 67 -44.60 25.14 21.44
N GLY G 68 -45.14 25.11 20.22
CA GLY G 68 -44.60 24.24 19.20
C GLY G 68 -45.09 22.81 19.36
N TYR G 69 -44.63 21.96 18.44
CA TYR G 69 -44.95 20.54 18.45
C TYR G 69 -43.70 19.73 18.24
N ASP G 70 -43.64 18.57 18.85
CA ASP G 70 -42.59 17.60 18.55
C ASP G 70 -43.08 16.69 17.42
N CYS G 71 -42.17 15.86 16.92
CA CYS G 71 -42.45 15.05 15.74
C CYS G 71 -42.11 13.60 16.00
N VAL G 72 -42.77 12.71 15.24
CA VAL G 72 -42.47 11.28 15.31
C VAL G 72 -41.07 11.04 14.77
N GLU G 73 -40.25 10.35 15.55
CA GLU G 73 -38.83 10.21 15.29
C GLU G 73 -38.59 8.90 14.55
N TYR G 74 -37.65 8.91 13.60
CA TYR G 74 -37.35 7.73 12.79
C TYR G 74 -35.86 7.73 12.52
N TYR G 75 -35.18 6.63 12.81
CA TYR G 75 -33.73 6.56 12.69
C TYR G 75 -33.39 5.54 11.61
N ALA G 76 -33.01 6.02 10.43
CA ALA G 76 -32.76 5.17 9.28
C ALA G 76 -31.26 5.00 9.09
N THR G 77 -30.81 3.76 8.94
CA THR G 77 -29.40 3.49 8.71
C THR G 77 -28.99 3.90 7.29
N ARG G 78 -27.86 4.58 7.18
CA ARG G 78 -27.30 4.96 5.90
C ARG G 78 -26.45 3.80 5.37
N TYR G 79 -25.67 4.05 4.32
CA TYR G 79 -24.84 2.99 3.73
C TYR G 79 -23.76 2.54 4.71
N ASN G 80 -23.20 3.47 5.48
CA ASN G 80 -22.18 3.16 6.47
C ASN G 80 -22.77 2.94 7.86
N ASN G 81 -24.03 2.49 7.93
CA ASN G 81 -24.77 2.20 9.18
C ASN G 81 -24.89 3.44 10.08
N PHE G 82 -24.82 4.63 9.50
CA PHE G 82 -24.98 5.84 10.29
C PHE G 82 -26.46 6.18 10.44
N PRO G 83 -26.88 6.62 11.62
CA PRO G 83 -28.29 6.99 11.81
C PRO G 83 -28.60 8.34 11.17
N ARG G 84 -29.68 8.38 10.40
CA ARG G 84 -30.25 9.61 9.86
C ARG G 84 -31.62 9.81 10.49
N THR G 85 -31.86 11.02 10.96
CA THR G 85 -33.09 11.35 11.71
C THR G 85 -34.13 11.89 10.73
N LEU G 86 -35.15 11.08 10.47
CA LEU G 86 -36.36 11.49 9.75
C LEU G 86 -37.45 11.81 10.77
N SER G 87 -38.32 12.73 10.41
CA SER G 87 -39.36 13.19 11.32
C SER G 87 -40.70 13.25 10.60
N ILE G 88 -41.75 12.82 11.30
CA ILE G 88 -43.13 12.93 10.83
C ILE G 88 -43.78 14.04 11.66
N ILE G 89 -44.10 15.15 11.00
CA ILE G 89 -44.61 16.32 11.70
C ILE G 89 -46.04 16.05 12.18
N HIS G 90 -46.36 16.62 13.34
CA HIS G 90 -47.69 16.52 13.91
C HIS G 90 -48.71 17.14 12.94
N PRO G 91 -49.85 16.49 12.71
CA PRO G 91 -50.74 16.91 11.61
C PRO G 91 -51.36 18.28 11.78
N LYS G 92 -51.47 18.80 13.00
CA LYS G 92 -51.92 20.18 13.17
C LYS G 92 -50.90 21.16 12.60
N ALA G 93 -49.64 21.02 13.03
CA ALA G 93 -48.57 21.88 12.54
C ALA G 93 -48.31 21.67 11.06
N TYR G 94 -48.32 20.42 10.60
CA TYR G 94 -48.09 20.16 9.18
C TYR G 94 -49.23 20.65 8.32
N SER G 95 -50.48 20.55 8.81
CA SER G 95 -51.61 21.06 8.05
C SER G 95 -51.54 22.56 7.90
N LYS G 96 -51.21 23.28 8.98
CA LYS G 96 -51.05 24.73 8.89
C LYS G 96 -49.89 25.09 7.97
N LEU G 97 -48.78 24.35 8.05
CA LEU G 97 -47.61 24.64 7.23
C LEU G 97 -47.89 24.40 5.74
N ALA G 98 -48.55 23.28 5.42
CA ALA G 98 -48.88 22.98 4.03
C ALA G 98 -49.89 23.98 3.47
N LYS G 99 -50.88 24.36 4.29
CA LYS G 99 -51.84 25.39 3.88
C LYS G 99 -51.14 26.71 3.57
N HIS G 100 -50.20 27.12 4.43
CA HIS G 100 -49.51 28.39 4.18
C HIS G 100 -48.57 28.30 2.98
N ILE G 101 -47.96 27.14 2.75
CA ILE G 101 -47.08 26.98 1.59
C ILE G 101 -47.88 27.06 0.30
N HIS G 102 -49.02 26.38 0.25
CA HIS G 102 -49.83 26.38 -0.96
C HIS G 102 -50.49 27.72 -1.22
N ASP G 103 -51.02 28.37 -0.17
CA ASP G 103 -51.80 29.59 -0.37
C ASP G 103 -50.95 30.74 -0.92
N ASN G 104 -49.62 30.60 -0.86
CA ASN G 104 -48.72 31.56 -1.48
C ASN G 104 -47.73 30.90 -2.44
N TRP G 105 -48.17 29.91 -3.22
CA TRP G 105 -47.23 29.26 -4.15
C TRP G 105 -46.87 30.18 -5.31
N GLU G 106 -47.69 31.19 -5.59
CA GLU G 106 -47.32 32.15 -6.63
C GLU G 106 -46.13 33.00 -6.18
N GLU G 107 -45.88 33.04 -4.86
CA GLU G 107 -44.69 33.68 -4.34
C GLU G 107 -43.56 32.68 -4.13
N ILE G 108 -43.89 31.40 -3.93
CA ILE G 108 -42.90 30.38 -3.57
C ILE G 108 -42.30 29.66 -4.78
N ARG G 109 -43.05 29.56 -5.90
CA ARG G 109 -42.69 28.68 -7.01
C ARG G 109 -41.48 29.17 -7.81
N PHE G 110 -40.77 30.19 -7.35
CA PHE G 110 -39.51 30.59 -7.97
C PHE G 110 -38.42 29.55 -7.75
N ILE G 111 -38.65 28.61 -6.82
CA ILE G 111 -37.75 27.47 -6.67
C ILE G 111 -37.96 26.41 -7.75
N LYS G 112 -39.12 26.41 -8.42
CA LYS G 112 -39.32 25.54 -9.57
C LYS G 112 -38.41 25.93 -10.72
N GLU G 113 -38.26 27.23 -10.96
CA GLU G 113 -37.46 27.74 -12.07
C GLU G 113 -36.01 27.99 -11.63
N ASN G 114 -35.39 26.92 -11.14
CA ASN G 114 -33.97 26.91 -10.81
C ASN G 114 -33.32 25.80 -11.64
N GLU G 115 -32.33 26.18 -12.45
CA GLU G 115 -31.62 25.22 -13.29
C GLU G 115 -30.41 24.62 -12.59
N ASN G 116 -30.03 25.15 -11.42
CA ASN G 116 -28.92 24.61 -10.65
C ASN G 116 -29.37 23.62 -9.59
N SER G 117 -30.65 23.60 -9.26
CA SER G 117 -31.20 22.64 -8.30
C SER G 117 -31.80 21.50 -9.08
N MET G 118 -31.12 20.35 -9.06
CA MET G 118 -31.63 19.19 -9.80
C MET G 118 -32.76 18.49 -9.06
N ILE G 119 -32.66 18.40 -7.74
CA ILE G 119 -33.74 17.86 -6.91
C ILE G 119 -34.59 19.02 -6.42
N LYS G 120 -35.82 19.09 -6.89
CA LYS G 120 -36.72 20.20 -6.61
C LYS G 120 -38.14 19.70 -6.83
N PRO G 121 -39.16 20.47 -6.43
CA PRO G 121 -40.54 20.09 -6.75
C PRO G 121 -40.77 19.96 -8.26
N ASP G 122 -41.46 18.89 -8.64
CA ASP G 122 -41.83 18.61 -10.01
C ASP G 122 -43.24 18.04 -10.02
N MET G 123 -43.84 17.98 -11.21
CA MET G 123 -45.15 17.36 -11.36
C MET G 123 -44.94 15.91 -11.81
N HIS G 124 -44.84 15.01 -10.83
CA HIS G 124 -44.54 13.62 -11.13
C HIS G 124 -45.84 12.84 -11.38
N ALA G 125 -45.66 11.62 -11.90
CA ALA G 125 -46.81 10.79 -12.27
C ALA G 125 -47.51 10.23 -11.04
N ASP G 126 -46.76 9.76 -10.05
CA ASP G 126 -47.37 9.21 -8.84
C ASP G 126 -48.00 10.29 -7.97
N GLY G 127 -47.57 11.54 -8.12
CA GLY G 127 -48.12 12.67 -7.38
C GLY G 127 -47.12 13.41 -6.53
N ARG G 128 -45.98 12.81 -6.22
CA ARG G 128 -44.98 13.44 -5.37
C ARG G 128 -44.35 14.65 -6.06
N ILE G 129 -44.09 15.71 -5.29
CA ILE G 129 -43.34 16.82 -5.86
C ILE G 129 -41.84 16.52 -5.88
N ILE G 130 -41.32 15.93 -4.81
CA ILE G 130 -39.88 15.79 -4.63
C ILE G 130 -39.58 14.30 -4.51
N ILE G 131 -38.93 13.76 -5.53
CA ILE G 131 -38.36 12.41 -5.51
C ILE G 131 -36.87 12.56 -5.72
N MET G 132 -36.09 12.02 -4.80
CA MET G 132 -34.64 12.07 -4.92
C MET G 132 -34.18 11.03 -5.94
N ASN G 133 -33.50 11.51 -6.98
CA ASN G 133 -32.93 10.67 -8.05
C ASN G 133 -34.01 9.90 -8.82
N TYR G 134 -34.98 10.64 -9.33
CA TYR G 134 -35.94 10.13 -10.30
C TYR G 134 -35.46 10.35 -11.74
N GLU G 135 -34.41 11.14 -11.91
CA GLU G 135 -33.97 11.57 -13.24
C GLU G 135 -33.16 10.49 -13.95
N ASP G 136 -32.68 9.48 -13.20
CA ASP G 136 -31.88 8.31 -13.60
C ASP G 136 -30.49 8.70 -14.11
N ALA G 137 -29.58 7.72 -14.14
CA ALA G 137 -28.16 8.05 -14.27
C ALA G 137 -27.76 8.38 -15.71
N GLU G 138 -28.61 8.08 -16.70
CA GLU G 138 -28.24 8.36 -18.07
C GLU G 138 -28.56 9.81 -18.46
N THR G 139 -29.70 10.31 -18.01
CA THR G 139 -29.99 11.74 -18.17
C THR G 139 -29.02 12.58 -17.36
N LYS G 140 -28.59 12.05 -16.22
CA LYS G 140 -27.52 12.70 -15.46
C LYS G 140 -26.19 12.59 -16.21
N THR G 141 -25.97 11.48 -16.91
CA THR G 141 -24.73 11.26 -17.67
C THR G 141 -24.57 12.29 -18.78
N ILE G 142 -25.64 12.53 -19.55
CA ILE G 142 -25.57 13.50 -20.64
C ILE G 142 -25.26 14.90 -20.11
N ARG G 143 -25.95 15.30 -19.03
CA ARG G 143 -25.75 16.62 -18.44
C ARG G 143 -24.35 16.76 -17.85
N GLU G 144 -23.85 15.71 -17.19
CA GLU G 144 -22.52 15.76 -16.57
C GLU G 144 -21.43 15.78 -17.64
N LEU G 145 -21.65 15.08 -18.76
CA LEU G 145 -20.71 15.14 -19.88
C LEU G 145 -20.70 16.52 -20.51
N ASN G 146 -21.86 17.16 -20.64
CA ASN G 146 -21.90 18.51 -21.18
C ASN G 146 -21.22 19.51 -20.25
N ASP G 147 -21.44 19.37 -18.94
CA ASP G 147 -20.87 20.31 -17.98
C ASP G 147 -19.37 20.12 -17.80
N GLY G 148 -18.89 18.88 -17.90
CA GLY G 148 -17.51 18.60 -17.58
C GLY G 148 -16.54 18.95 -18.69
N PHE G 149 -17.06 19.26 -19.88
CA PHE G 149 -16.21 19.55 -21.02
C PHE G 149 -15.46 20.86 -20.84
N GLY G 150 -14.19 20.86 -21.25
CA GLY G 150 -13.37 22.06 -21.24
C GLY G 150 -12.90 22.50 -19.87
N ARG G 151 -13.30 21.79 -18.82
CA ARG G 151 -12.91 22.10 -17.46
C ARG G 151 -12.00 20.98 -16.99
N ARG G 152 -10.97 21.33 -16.22
CA ARG G 152 -10.03 20.34 -15.73
C ARG G 152 -10.06 20.19 -14.21
N PHE G 153 -11.00 20.85 -13.52
CA PHE G 153 -11.15 20.65 -12.10
C PHE G 153 -12.63 20.56 -11.73
N LYS G 154 -12.95 19.66 -10.81
CA LYS G 154 -14.31 19.52 -10.29
C LYS G 154 -14.29 19.65 -8.78
N VAL G 155 -15.25 20.41 -8.25
CA VAL G 155 -15.33 20.71 -6.83
C VAL G 155 -16.61 20.08 -6.29
N ASN G 156 -16.47 19.27 -5.25
CA ASN G 156 -17.61 18.65 -4.57
C ASN G 156 -17.65 19.20 -3.15
N ALA G 157 -18.67 20.00 -2.85
CA ALA G 157 -18.78 20.66 -1.56
C ALA G 157 -20.22 20.65 -1.09
N ASP G 158 -20.46 20.22 0.15
CA ASP G 158 -21.81 20.17 0.67
C ASP G 158 -21.88 20.86 2.02
N ILE G 159 -23.09 21.29 2.38
CA ILE G 159 -23.33 21.92 3.66
C ILE G 159 -23.17 20.89 4.77
N SER G 160 -22.61 21.33 5.90
CA SER G 160 -22.20 20.40 6.96
C SER G 160 -23.39 19.76 7.65
N GLY G 161 -24.39 20.55 8.03
CA GLY G 161 -25.54 20.02 8.71
C GLY G 161 -26.85 20.53 8.15
N CYS G 162 -26.92 20.64 6.81
CA CYS G 162 -27.87 21.47 6.06
C CYS G 162 -29.28 21.53 6.60
N PHE G 163 -29.97 20.38 6.67
CA PHE G 163 -31.33 20.36 7.21
C PHE G 163 -31.33 20.56 8.72
N THR G 164 -30.32 20.03 9.41
CA THR G 164 -30.32 20.07 10.88
C THR G 164 -29.96 21.44 11.44
N ASN G 165 -29.37 22.33 10.64
CA ASN G 165 -29.05 23.66 11.14
C ASN G 165 -29.52 24.76 10.18
N ILE G 166 -30.67 24.57 9.54
CA ILE G 166 -31.35 25.67 8.89
C ILE G 166 -31.88 26.61 9.97
N TYR G 167 -31.47 27.87 9.90
CA TYR G 167 -31.97 28.88 10.83
C TYR G 167 -33.30 29.38 10.27
N SER G 168 -34.36 29.26 11.06
CA SER G 168 -35.71 29.50 10.55
C SER G 168 -35.94 30.97 10.20
N HIS G 169 -35.38 31.90 10.98
CA HIS G 169 -35.53 33.30 10.61
C HIS G 169 -34.71 33.72 9.40
N SER G 170 -33.91 32.83 8.84
CA SER G 170 -33.31 33.08 7.53
C SER G 170 -34.28 32.77 6.39
N ILE G 171 -35.45 32.22 6.69
CA ILE G 171 -36.48 32.05 5.65
C ILE G 171 -37.00 33.38 5.12
N PRO G 172 -37.34 34.39 5.96
CA PRO G 172 -37.67 35.70 5.36
C PRO G 172 -36.55 36.34 4.57
N TRP G 173 -35.30 36.18 5.03
CA TRP G 173 -34.16 36.84 4.40
C TRP G 173 -34.04 36.44 2.94
N ALA G 174 -34.01 35.13 2.67
CA ALA G 174 -33.89 34.61 1.31
C ALA G 174 -35.08 34.99 0.43
N VAL G 175 -36.18 35.43 1.03
CA VAL G 175 -37.30 35.90 0.22
C VAL G 175 -37.10 37.35 -0.19
N ILE G 176 -36.68 38.21 0.74
CA ILE G 176 -36.70 39.65 0.50
C ILE G 176 -35.36 40.31 0.74
N GLY G 177 -34.27 39.53 0.81
CA GLY G 177 -32.98 40.10 1.13
C GLY G 177 -32.76 40.09 2.62
N VAL G 178 -31.50 39.94 3.05
CA VAL G 178 -31.20 39.89 4.47
C VAL G 178 -31.42 41.26 5.12
N ASN G 179 -30.92 42.32 4.48
CA ASN G 179 -30.97 43.65 5.08
C ASN G 179 -32.39 44.20 5.12
N ASN G 180 -33.17 43.98 4.05
CA ASN G 180 -34.55 44.45 4.03
C ASN G 180 -35.40 43.73 5.07
N ALA G 181 -35.18 42.43 5.24
CA ALA G 181 -35.93 41.68 6.25
C ALA G 181 -35.52 42.10 7.66
N LYS G 182 -34.24 42.39 7.88
CA LYS G 182 -33.83 42.88 9.20
C LYS G 182 -34.34 44.29 9.48
N ILE G 183 -34.44 45.12 8.44
CA ILE G 183 -34.98 46.46 8.60
C ILE G 183 -36.48 46.41 8.89
N ALA G 184 -37.19 45.50 8.22
CA ALA G 184 -38.63 45.37 8.42
C ALA G 184 -38.97 44.89 9.84
N LEU G 185 -38.04 44.23 10.51
CA LEU G 185 -38.24 43.81 11.89
C LEU G 185 -38.23 45.01 12.83
N LYS G 194 -48.55 40.54 8.53
CA LYS G 194 -47.14 40.48 8.20
C LYS G 194 -46.91 39.86 6.84
N HIS G 195 -45.65 39.77 6.43
CA HIS G 195 -45.30 39.13 5.17
C HIS G 195 -45.54 37.63 5.28
N TRP G 196 -45.75 36.99 4.12
CA TRP G 196 -46.07 35.57 4.09
C TRP G 196 -44.90 34.72 4.55
N SER G 197 -43.67 35.15 4.29
CA SER G 197 -42.52 34.33 4.65
C SER G 197 -42.22 34.38 6.14
N ASP G 198 -42.60 35.46 6.82
CA ASP G 198 -42.51 35.49 8.27
C ASP G 198 -43.47 34.47 8.89
N LYS G 199 -44.68 34.36 8.33
CA LYS G 199 -45.61 33.34 8.80
C LYS G 199 -45.14 31.94 8.44
N LEU G 200 -44.46 31.79 7.30
CA LEU G 200 -43.87 30.51 6.94
C LEU G 200 -42.76 30.12 7.91
N ASP G 201 -41.93 31.10 8.30
CA ASP G 201 -40.96 30.93 9.37
C ASP G 201 -41.62 30.48 10.67
N TYR G 202 -42.71 31.14 11.06
CA TYR G 202 -43.40 30.79 12.30
C TYR G 202 -43.95 29.36 12.24
N PHE G 203 -44.55 28.98 11.12
CA PHE G 203 -45.13 27.65 11.00
C PHE G 203 -44.04 26.57 10.94
N GLN G 204 -42.93 26.86 10.27
CA GLN G 204 -41.81 25.92 10.26
C GLN G 204 -41.19 25.77 11.64
N ARG G 205 -41.22 26.83 12.44
CA ARG G 205 -40.81 26.73 13.84
C ARG G 205 -41.78 25.85 14.64
N GLN G 206 -43.09 26.10 14.49
CA GLN G 206 -44.09 25.33 15.22
C GLN G 206 -44.09 23.85 14.82
N ALA G 207 -43.59 23.54 13.62
CA ALA G 207 -43.46 22.15 13.21
C ALA G 207 -42.48 21.38 14.10
N LYS G 208 -41.45 22.05 14.62
CA LYS G 208 -40.45 21.40 15.47
C LYS G 208 -40.24 22.24 16.73
N ARG G 209 -41.10 22.04 17.73
CA ARG G 209 -40.91 22.48 19.12
C ARG G 209 -40.67 23.97 19.28
N ASN G 210 -41.11 24.78 18.32
CA ASN G 210 -40.85 26.23 18.27
C ASN G 210 -39.36 26.52 18.36
N GLU G 211 -38.60 25.87 17.47
CA GLU G 211 -37.14 25.96 17.49
C GLU G 211 -36.65 26.51 16.16
N THR G 212 -35.76 27.50 16.22
CA THR G 212 -35.34 28.21 15.03
C THR G 212 -34.32 27.42 14.22
N HIS G 213 -33.47 26.64 14.87
CA HIS G 213 -32.43 25.92 14.16
C HIS G 213 -32.91 24.54 13.72
N GLY G 214 -32.82 24.28 12.43
CA GLY G 214 -33.14 22.98 11.87
C GLY G 214 -34.56 22.89 11.34
N VAL G 215 -34.77 21.88 10.50
CA VAL G 215 -36.09 21.53 9.98
C VAL G 215 -36.24 20.02 10.10
N PRO G 216 -37.46 19.48 10.18
CA PRO G 216 -37.64 18.03 10.10
C PRO G 216 -37.21 17.50 8.73
N ILE G 217 -36.76 16.25 8.72
CA ILE G 217 -36.26 15.61 7.51
C ILE G 217 -37.27 14.57 7.05
N GLY G 218 -37.64 14.63 5.78
CA GLY G 218 -38.59 13.68 5.22
C GLY G 218 -39.85 14.26 4.61
N PRO G 219 -40.52 15.22 5.27
CA PRO G 219 -41.61 15.93 4.59
C PRO G 219 -41.09 16.86 3.52
N ALA G 220 -41.96 17.14 2.54
CA ALA G 220 -41.57 17.99 1.43
C ALA G 220 -41.69 19.47 1.75
N THR G 221 -42.38 19.84 2.84
CA THR G 221 -42.43 21.25 3.24
C THR G 221 -41.07 21.76 3.66
N SER G 222 -40.31 20.95 4.39
CA SER G 222 -38.98 21.35 4.80
C SER G 222 -37.99 21.32 3.64
N SER G 223 -38.20 20.42 2.67
CA SER G 223 -37.38 20.45 1.46
C SER G 223 -37.70 21.67 0.62
N ILE G 224 -38.96 22.11 0.61
CA ILE G 224 -39.35 23.36 -0.02
C ILE G 224 -38.67 24.54 0.67
N VAL G 225 -38.62 24.50 2.00
CA VAL G 225 -37.94 25.55 2.77
C VAL G 225 -36.44 25.59 2.46
N CYS G 226 -35.83 24.41 2.35
CA CYS G 226 -34.41 24.34 2.00
C CYS G 226 -34.16 24.84 0.58
N GLU G 227 -35.08 24.55 -0.35
CA GLU G 227 -34.98 25.09 -1.70
C GLU G 227 -35.11 26.61 -1.70
N ILE G 228 -36.02 27.15 -0.89
CA ILE G 228 -36.20 28.60 -0.80
C ILE G 228 -34.94 29.26 -0.27
N ILE G 229 -34.33 28.67 0.75
CA ILE G 229 -33.13 29.26 1.33
C ILE G 229 -31.94 29.15 0.38
N LEU G 230 -31.75 27.98 -0.23
CA LEU G 230 -30.58 27.75 -1.07
C LEU G 230 -30.72 28.32 -2.48
N SER G 231 -31.93 28.72 -2.88
CA SER G 231 -32.09 29.33 -4.20
C SER G 231 -31.47 30.71 -4.28
N ALA G 232 -31.42 31.44 -3.16
CA ALA G 232 -30.73 32.72 -3.14
C ALA G 232 -29.22 32.54 -3.34
N VAL G 233 -28.66 31.51 -2.72
CA VAL G 233 -27.25 31.18 -2.91
C VAL G 233 -27.01 30.73 -4.35
N ASP G 234 -27.93 29.95 -4.91
CA ASP G 234 -27.83 29.55 -6.31
C ASP G 234 -27.90 30.76 -7.24
N LYS G 235 -28.74 31.75 -6.90
CA LYS G 235 -28.87 32.95 -7.71
C LYS G 235 -27.58 33.78 -7.67
N ARG G 236 -27.03 33.98 -6.47
CA ARG G 236 -25.83 34.80 -6.38
C ARG G 236 -24.57 34.05 -6.78
N LEU G 237 -24.65 32.73 -6.93
CA LEU G 237 -23.57 31.99 -7.59
C LEU G 237 -23.74 31.97 -9.10
N ARG G 238 -24.98 32.01 -9.58
CA ARG G 238 -25.24 32.05 -11.01
C ARG G 238 -24.86 33.39 -11.61
N ASP G 239 -25.08 34.48 -10.87
CA ASP G 239 -24.83 35.83 -11.37
C ASP G 239 -23.35 36.09 -11.63
N ASP G 240 -22.47 35.35 -10.97
CA ASP G 240 -21.04 35.43 -11.26
C ASP G 240 -20.60 34.47 -12.36
N GLY G 241 -21.55 33.78 -13.00
CA GLY G 241 -21.24 32.94 -14.13
C GLY G 241 -20.73 31.56 -13.82
N PHE G 242 -20.85 31.10 -12.57
CA PHE G 242 -20.38 29.78 -12.21
C PHE G 242 -21.27 28.71 -12.83
N LEU G 243 -20.66 27.69 -13.41
CA LEU G 243 -21.36 26.54 -13.95
C LEU G 243 -21.35 25.45 -12.87
N PHE G 244 -22.48 25.32 -12.17
CA PHE G 244 -22.55 24.44 -11.01
C PHE G 244 -23.92 23.78 -10.97
N ARG G 245 -23.97 22.62 -10.32
CA ARG G 245 -25.20 21.89 -10.08
C ARG G 245 -25.30 21.59 -8.59
N ARG G 246 -26.53 21.40 -8.10
CA ARG G 246 -26.70 21.00 -6.72
C ARG G 246 -27.80 19.96 -6.59
N TYR G 247 -27.54 18.98 -5.75
CA TYR G 247 -28.48 17.94 -5.35
C TYR G 247 -28.72 18.13 -3.86
N ILE G 248 -29.88 18.73 -3.54
CA ILE G 248 -30.23 19.19 -2.19
C ILE G 248 -29.12 20.11 -1.68
N ASP G 249 -28.19 19.58 -0.90
CA ASP G 249 -27.13 20.37 -0.29
C ASP G 249 -25.76 20.15 -0.94
N ASP G 250 -25.65 19.25 -1.90
CA ASP G 250 -24.36 18.94 -2.52
C ASP G 250 -24.18 19.80 -3.76
N TYR G 251 -23.10 20.59 -3.79
CA TYR G 251 -22.74 21.43 -4.91
C TYR G 251 -21.59 20.78 -5.65
N THR G 252 -21.76 20.58 -6.95
CA THR G 252 -20.67 20.20 -7.83
C THR G 252 -20.41 21.37 -8.76
N CYS G 253 -19.12 21.63 -9.01
CA CYS G 253 -18.71 22.75 -9.85
C CYS G 253 -17.63 22.28 -10.80
N TYR G 254 -17.68 22.82 -12.02
CA TYR G 254 -16.76 22.44 -13.09
C TYR G 254 -16.00 23.69 -13.51
N CYS G 255 -14.72 23.74 -13.17
CA CYS G 255 -13.88 24.91 -13.39
C CYS G 255 -12.73 24.58 -14.32
N LYS G 256 -12.49 25.48 -15.28
CA LYS G 256 -11.31 25.39 -16.14
C LYS G 256 -10.03 25.52 -15.33
N THR G 257 -10.06 26.37 -14.30
CA THR G 257 -8.87 26.72 -13.53
C THR G 257 -9.07 26.31 -12.08
N HIS G 258 -7.95 25.97 -11.42
CA HIS G 258 -7.98 25.69 -9.99
C HIS G 258 -8.28 26.95 -9.20
N ASP G 259 -7.87 28.11 -9.73
CA ASP G 259 -8.13 29.38 -9.07
C ASP G 259 -9.63 29.68 -9.00
N ASP G 260 -10.35 29.40 -10.09
CA ASP G 260 -11.80 29.59 -10.06
C ASP G 260 -12.47 28.57 -9.15
N ALA G 261 -11.84 27.41 -8.98
CA ALA G 261 -12.34 26.43 -8.00
C ALA G 261 -12.25 26.97 -6.58
N LYS G 262 -11.09 27.53 -6.21
CA LYS G 262 -10.96 28.13 -4.89
C LYS G 262 -11.87 29.34 -4.72
N GLU G 263 -12.05 30.13 -5.79
CA GLU G 263 -12.94 31.28 -5.74
C GLU G 263 -14.39 30.85 -5.57
N PHE G 264 -14.80 29.76 -6.22
CA PHE G 264 -16.13 29.21 -6.03
C PHE G 264 -16.33 28.74 -4.60
N LEU G 265 -15.32 28.07 -4.03
CA LEU G 265 -15.43 27.63 -2.63
C LEU G 265 -15.56 28.81 -1.69
N HIS G 266 -14.78 29.88 -1.93
CA HIS G 266 -14.85 31.08 -1.10
C HIS G 266 -16.22 31.76 -1.21
N LEU G 267 -16.72 31.93 -2.43
CA LEU G 267 -18.00 32.59 -2.62
C LEU G 267 -19.16 31.76 -2.07
N LEU G 268 -19.10 30.43 -2.23
CA LEU G 268 -20.12 29.55 -1.68
C LEU G 268 -20.13 29.61 -0.16
N GLY G 269 -18.96 29.56 0.47
CA GLY G 269 -18.89 29.70 1.92
C GLY G 269 -19.43 31.04 2.40
N MET G 270 -19.11 32.12 1.70
CA MET G 270 -19.57 33.43 2.12
C MET G 270 -21.09 33.58 1.95
N GLU G 271 -21.64 33.05 0.86
CA GLU G 271 -23.08 33.18 0.62
C GLU G 271 -23.88 32.28 1.53
N LEU G 272 -23.31 31.14 1.93
CA LEU G 272 -23.94 30.35 2.99
C LEU G 272 -23.76 31.02 4.35
N SER G 273 -22.68 31.80 4.50
CA SER G 273 -22.44 32.48 5.77
C SER G 273 -23.39 33.66 5.98
N LYS G 274 -24.00 34.19 4.91
CA LYS G 274 -25.19 35.01 5.14
C LYS G 274 -26.25 34.26 5.94
N TYR G 275 -26.51 33.00 5.58
CA TYR G 275 -27.66 32.28 6.12
C TYR G 275 -27.29 31.32 7.24
N LYS G 276 -26.20 31.61 7.96
CA LYS G 276 -25.71 30.80 9.08
C LYS G 276 -25.47 29.34 8.67
N LEU G 277 -24.91 29.16 7.47
CA LEU G 277 -24.64 27.84 6.92
C LEU G 277 -23.18 27.76 6.53
N SER G 278 -22.63 26.53 6.59
CA SER G 278 -21.21 26.33 6.33
C SER G 278 -21.00 25.00 5.61
N LEU G 279 -19.90 24.95 4.86
CA LEU G 279 -19.54 23.78 4.06
C LEU G 279 -19.00 22.65 4.94
N ASN G 280 -19.27 21.43 4.51
CA ASN G 280 -18.66 20.23 5.10
C ASN G 280 -17.32 20.04 4.41
N LEU G 281 -16.24 20.44 5.09
CA LEU G 281 -14.91 20.35 4.49
C LEU G 281 -14.36 18.93 4.48
N HIS G 282 -15.02 17.99 5.17
CA HIS G 282 -14.68 16.58 5.00
C HIS G 282 -15.00 16.11 3.59
N LYS G 283 -16.23 16.38 3.13
CA LYS G 283 -16.65 15.97 1.80
C LYS G 283 -16.30 16.99 0.72
N THR G 284 -15.80 18.17 1.12
CA THR G 284 -15.39 19.16 0.14
C THR G 284 -14.03 18.81 -0.41
N LYS G 285 -13.95 18.56 -1.72
CA LYS G 285 -12.70 18.15 -2.32
C LYS G 285 -12.65 18.60 -3.78
N ILE G 286 -11.44 18.69 -4.30
CA ILE G 286 -11.19 19.10 -5.68
C ILE G 286 -10.51 17.93 -6.39
N THR G 287 -11.12 17.49 -7.49
CA THR G 287 -10.61 16.37 -8.28
C THR G 287 -10.25 16.87 -9.68
N ASN G 288 -9.39 16.11 -10.35
CA ASN G 288 -8.88 16.48 -11.66
C ASN G 288 -9.68 15.77 -12.74
N LEU G 289 -10.29 16.54 -13.62
CA LEU G 289 -11.01 15.97 -14.74
C LEU G 289 -10.02 15.43 -15.78
N PRO G 290 -10.35 14.31 -16.45
CA PRO G 290 -11.60 13.56 -16.44
C PRO G 290 -11.73 12.58 -15.28
N GLY G 291 -12.78 12.78 -14.47
CA GLY G 291 -13.14 11.84 -13.43
C GLY G 291 -14.37 11.07 -13.87
N THR G 292 -14.67 10.00 -13.16
CA THR G 292 -15.84 9.19 -13.50
C THR G 292 -17.13 9.94 -13.18
N LEU G 293 -18.14 9.73 -14.02
CA LEU G 293 -19.42 10.41 -13.86
C LEU G 293 -20.14 9.92 -12.62
N ASN G 294 -20.18 8.61 -12.43
CA ASN G 294 -20.69 8.01 -11.21
C ASN G 294 -19.52 7.72 -10.27
N ASP G 295 -19.79 6.96 -9.21
CA ASP G 295 -18.72 6.51 -8.35
C ASP G 295 -17.94 5.38 -9.03
N ASN G 296 -16.80 5.01 -8.43
CA ASN G 296 -15.96 3.97 -9.00
C ASN G 296 -16.65 2.60 -8.90
N TRP G 297 -17.15 2.26 -7.72
CA TRP G 297 -17.74 0.95 -7.48
C TRP G 297 -18.99 0.73 -8.32
N VAL G 298 -19.63 1.81 -8.76
CA VAL G 298 -20.72 1.69 -9.74
C VAL G 298 -20.21 1.05 -11.02
N SER G 299 -19.05 1.52 -11.50
CA SER G 299 -18.48 0.96 -12.73
C SER G 299 -17.94 -0.44 -12.52
N LEU G 300 -17.29 -0.70 -11.37
CA LEU G 300 -16.82 -2.07 -11.10
C LEU G 300 -17.98 -3.07 -10.98
N LEU G 301 -19.09 -2.67 -10.36
CA LEU G 301 -20.24 -3.55 -10.28
C LEU G 301 -20.89 -3.74 -11.65
N ASN G 302 -20.93 -2.69 -12.46
CA ASN G 302 -21.65 -2.77 -13.72
C ASN G 302 -20.85 -3.46 -14.81
N VAL G 303 -19.52 -3.50 -14.72
CA VAL G 303 -18.77 -4.31 -15.67
C VAL G 303 -18.82 -5.78 -15.30
N ASN G 304 -18.99 -6.10 -14.02
CA ASN G 304 -19.06 -7.47 -13.53
C ASN G 304 -20.48 -7.95 -13.31
N SER G 305 -21.47 -7.14 -13.68
CA SER G 305 -22.86 -7.51 -13.44
C SER G 305 -23.29 -8.63 -14.38
N PRO G 306 -24.01 -9.64 -13.87
CA PRO G 306 -24.51 -10.69 -14.78
C PRO G 306 -25.64 -10.22 -15.68
N THR G 307 -26.29 -9.11 -15.33
CA THR G 307 -27.44 -8.61 -16.07
C THR G 307 -27.10 -7.40 -16.93
N LYS G 308 -25.82 -7.21 -17.27
CA LYS G 308 -25.43 -6.00 -17.98
C LYS G 308 -25.79 -6.05 -19.46
N LYS G 309 -26.13 -7.22 -19.99
CA LYS G 309 -26.60 -7.36 -21.36
C LYS G 309 -28.01 -7.94 -21.35
N ARG G 310 -28.92 -7.30 -22.08
CA ARG G 310 -30.28 -7.78 -22.26
C ARG G 310 -30.38 -8.50 -23.60
N PHE G 311 -30.86 -9.74 -23.57
CA PHE G 311 -30.96 -10.57 -24.76
C PHE G 311 -32.33 -10.51 -25.44
N THR G 312 -33.25 -9.71 -24.91
CA THR G 312 -34.61 -9.45 -25.39
C THR G 312 -35.52 -10.68 -25.38
N ASP G 313 -35.07 -11.83 -24.86
CA ASP G 313 -35.93 -12.96 -24.60
C ASP G 313 -35.79 -13.36 -23.13
N GLN G 314 -36.92 -13.71 -22.51
CA GLN G 314 -36.97 -13.81 -21.05
C GLN G 314 -36.20 -15.01 -20.52
N ASP G 315 -36.02 -16.06 -21.32
CA ASP G 315 -35.33 -17.25 -20.83
C ASP G 315 -33.82 -17.04 -20.77
N LEU G 316 -33.27 -16.19 -21.64
CA LEU G 316 -31.81 -16.05 -21.74
C LEU G 316 -31.22 -15.24 -20.60
N ASN G 317 -31.97 -14.30 -20.03
CA ASN G 317 -31.44 -13.42 -18.99
C ASN G 317 -31.86 -13.84 -17.58
N LYS G 318 -32.43 -15.04 -17.42
CA LYS G 318 -32.62 -15.61 -16.10
C LYS G 318 -31.29 -16.16 -15.61
N LEU G 319 -30.77 -15.62 -14.51
CA LEU G 319 -29.45 -16.00 -14.05
C LEU G 319 -29.50 -17.30 -13.26
N SER G 320 -28.46 -18.11 -13.42
CA SER G 320 -28.30 -19.32 -12.62
C SER G 320 -27.82 -18.94 -11.22
N SER G 321 -27.76 -19.95 -10.34
CA SER G 321 -27.39 -19.72 -8.95
C SER G 321 -25.94 -19.25 -8.82
N SER G 322 -25.05 -19.81 -9.65
CA SER G 322 -23.63 -19.50 -9.56
C SER G 322 -23.36 -18.03 -9.87
N GLU G 323 -24.01 -17.49 -10.89
CA GLU G 323 -23.79 -16.10 -11.29
C GLU G 323 -24.19 -15.13 -10.19
N VAL G 324 -25.38 -15.32 -9.61
CA VAL G 324 -25.87 -14.41 -8.58
C VAL G 324 -25.05 -14.56 -7.30
N ILE G 325 -24.71 -15.80 -6.94
CA ILE G 325 -23.93 -16.02 -5.71
C ILE G 325 -22.54 -15.40 -5.84
N ASN G 326 -21.90 -15.58 -6.99
CA ASN G 326 -20.56 -15.03 -7.18
C ASN G 326 -20.59 -13.51 -7.31
N PHE G 327 -21.64 -12.96 -7.93
CA PHE G 327 -21.75 -11.51 -7.98
C PHE G 327 -21.98 -10.91 -6.60
N LEU G 328 -22.79 -11.57 -5.77
CA LEU G 328 -23.00 -11.09 -4.41
C LEU G 328 -21.74 -11.19 -3.57
N ASP G 329 -20.97 -12.27 -3.75
CA ASP G 329 -19.69 -12.39 -3.03
C ASP G 329 -18.70 -11.31 -3.47
N TYR G 330 -18.61 -11.05 -4.78
CA TYR G 330 -17.74 -9.99 -5.28
C TYR G 330 -18.21 -8.63 -4.78
N ALA G 331 -19.53 -8.43 -4.68
CA ALA G 331 -20.07 -7.19 -4.15
C ALA G 331 -19.73 -7.01 -2.68
N VAL G 332 -19.78 -8.10 -1.91
CA VAL G 332 -19.38 -8.03 -0.50
C VAL G 332 -17.90 -7.66 -0.38
N GLN G 333 -17.05 -8.25 -1.22
CA GLN G 333 -15.64 -7.90 -1.22
C GLN G 333 -15.40 -6.45 -1.59
N LEU G 334 -16.12 -5.95 -2.60
CA LEU G 334 -15.93 -4.57 -3.04
C LEU G 334 -16.47 -3.58 -2.01
N ASN G 335 -17.56 -3.95 -1.32
CA ASN G 335 -18.10 -3.11 -0.26
C ASN G 335 -17.16 -3.06 0.93
N THR G 336 -16.53 -4.19 1.27
CA THR G 336 -15.54 -4.19 2.35
C THR G 336 -14.29 -3.41 1.95
N GLN G 337 -13.85 -3.54 0.70
CA GLN G 337 -12.59 -2.96 0.28
C GLN G 337 -12.69 -1.44 0.15
N VAL G 338 -13.75 -0.94 -0.46
CA VAL G 338 -13.88 0.49 -0.72
C VAL G 338 -14.63 1.15 0.42
N GLY G 339 -15.88 0.74 0.63
CA GLY G 339 -16.70 1.31 1.69
C GLY G 339 -17.07 2.76 1.49
N GLY G 340 -17.06 3.23 0.24
CA GLY G 340 -17.41 4.60 -0.07
C GLY G 340 -18.78 4.83 -0.65
N GLY G 341 -19.67 3.84 -0.59
CA GLY G 341 -20.99 3.99 -1.15
C GLY G 341 -21.83 2.77 -0.85
N SER G 342 -23.05 2.79 -1.38
CA SER G 342 -23.99 1.67 -1.22
C SER G 342 -23.72 0.63 -2.31
N ILE G 343 -22.62 -0.09 -2.13
CA ILE G 343 -22.24 -1.13 -3.07
C ILE G 343 -23.24 -2.27 -3.03
N LEU G 344 -23.62 -2.70 -1.82
CA LEU G 344 -24.51 -3.85 -1.67
C LEU G 344 -25.93 -3.51 -2.10
N LYS G 345 -26.40 -2.30 -1.79
CA LYS G 345 -27.73 -1.86 -2.21
C LYS G 345 -27.87 -1.92 -3.73
N TYR G 346 -26.92 -1.29 -4.43
CA TYR G 346 -26.90 -1.27 -5.88
C TYR G 346 -26.76 -2.69 -6.44
N ALA G 347 -25.90 -3.51 -5.82
CA ALA G 347 -25.62 -4.84 -6.35
C ALA G 347 -26.83 -5.77 -6.23
N ILE G 348 -27.49 -5.80 -5.06
CA ILE G 348 -28.69 -6.61 -4.95
C ILE G 348 -29.81 -6.05 -5.84
N SER G 349 -29.92 -4.73 -5.98
CA SER G 349 -30.95 -4.22 -6.89
C SER G 349 -30.64 -4.49 -8.36
N LEU G 350 -29.40 -4.82 -8.70
CA LEU G 350 -29.09 -5.19 -10.09
C LEU G 350 -29.70 -6.53 -10.46
N VAL G 351 -29.61 -7.52 -9.57
CA VAL G 351 -29.85 -8.91 -9.94
C VAL G 351 -31.06 -9.52 -9.23
N ILE G 352 -31.91 -8.71 -8.61
CA ILE G 352 -33.01 -9.29 -7.84
C ILE G 352 -34.23 -9.57 -8.70
N ASN G 353 -34.41 -8.85 -9.80
CA ASN G 353 -35.58 -9.05 -10.66
C ASN G 353 -35.35 -10.06 -11.76
N ASN G 354 -34.11 -10.53 -11.94
CA ASN G 354 -33.76 -11.43 -13.02
C ASN G 354 -33.56 -12.86 -12.55
N LEU G 355 -33.98 -13.18 -11.32
CA LEU G 355 -33.84 -14.52 -10.80
C LEU G 355 -34.87 -15.46 -11.41
N ASP G 356 -34.52 -16.74 -11.49
CA ASP G 356 -35.49 -17.79 -11.75
C ASP G 356 -35.81 -18.51 -10.44
N GLU G 357 -36.78 -19.42 -10.50
CA GLU G 357 -37.28 -20.07 -9.30
C GLU G 357 -36.28 -21.04 -8.67
N TYR G 358 -35.20 -21.40 -9.38
CA TYR G 358 -34.24 -22.35 -8.83
C TYR G 358 -33.36 -21.71 -7.77
N THR G 359 -32.93 -20.47 -8.00
CA THR G 359 -32.00 -19.79 -7.09
C THR G 359 -32.70 -18.83 -6.15
N ILE G 360 -34.02 -18.87 -6.07
CA ILE G 360 -34.76 -17.91 -5.24
C ILE G 360 -34.45 -18.13 -3.76
N THR G 361 -34.39 -19.39 -3.32
CA THR G 361 -34.17 -19.68 -1.91
C THR G 361 -32.74 -19.38 -1.49
N GLN G 362 -31.76 -19.68 -2.35
CA GLN G 362 -30.36 -19.42 -2.01
C GLN G 362 -30.08 -17.92 -1.92
N VAL G 363 -30.62 -17.15 -2.87
CA VAL G 363 -30.47 -15.71 -2.84
C VAL G 363 -31.24 -15.13 -1.65
N TYR G 364 -32.39 -15.72 -1.30
CA TYR G 364 -33.12 -15.25 -0.13
C TYR G 364 -32.34 -15.50 1.16
N ASP G 365 -31.66 -16.64 1.26
CA ASP G 365 -30.82 -16.91 2.43
C ASP G 365 -29.63 -15.95 2.49
N TYR G 366 -29.00 -15.68 1.34
CA TYR G 366 -27.91 -14.70 1.29
C TYR G 366 -28.39 -13.32 1.70
N LEU G 367 -29.57 -12.93 1.22
CA LEU G 367 -30.16 -11.65 1.59
C LEU G 367 -30.54 -11.61 3.06
N LEU G 368 -30.97 -12.73 3.62
CA LEU G 368 -31.30 -12.79 5.05
C LEU G 368 -30.06 -12.56 5.90
N ASN G 369 -28.95 -13.24 5.56
CA ASN G 369 -27.70 -13.04 6.30
C ASN G 369 -27.19 -11.61 6.13
N LEU G 370 -27.22 -11.08 4.91
CA LEU G 370 -26.72 -9.73 4.66
C LEU G 370 -27.61 -8.67 5.29
N SER G 371 -28.92 -8.90 5.31
CA SER G 371 -29.86 -7.96 5.90
C SER G 371 -29.78 -7.97 7.42
N TRP G 372 -29.42 -9.11 8.01
CA TRP G 372 -29.02 -9.09 9.41
C TRP G 372 -27.76 -8.26 9.60
N HIS G 373 -26.77 -8.43 8.71
CA HIS G 373 -25.52 -7.70 8.89
C HIS G 373 -25.64 -6.24 8.49
N TYR G 374 -26.54 -5.91 7.55
CA TYR G 374 -26.79 -4.53 7.15
C TYR G 374 -28.29 -4.32 7.04
N PRO G 375 -28.91 -3.54 7.94
CA PRO G 375 -30.38 -3.40 7.92
C PRO G 375 -30.94 -2.75 6.66
N MET G 376 -30.13 -2.01 5.91
CA MET G 376 -30.60 -1.32 4.71
C MET G 376 -31.07 -2.30 3.63
N LEU G 377 -30.58 -3.54 3.67
CA LEU G 377 -30.97 -4.57 2.74
C LEU G 377 -32.23 -5.32 3.17
N ILE G 378 -32.80 -4.96 4.33
CA ILE G 378 -34.05 -5.60 4.76
C ILE G 378 -35.23 -5.36 3.81
N PRO G 379 -35.48 -4.14 3.28
CA PRO G 379 -36.65 -3.97 2.38
C PRO G 379 -36.63 -4.81 1.11
N TYR G 380 -35.48 -5.34 0.68
CA TYR G 380 -35.43 -6.13 -0.54
C TYR G 380 -36.14 -7.47 -0.39
N LEU G 381 -36.18 -8.01 0.83
CA LEU G 381 -36.74 -9.35 1.07
C LEU G 381 -38.19 -9.46 0.61
N GLY G 382 -38.92 -8.34 0.66
CA GLY G 382 -40.33 -8.37 0.30
C GLY G 382 -40.56 -8.67 -1.18
N VAL G 383 -39.56 -8.43 -2.03
CA VAL G 383 -39.75 -8.78 -3.42
C VAL G 383 -39.48 -10.26 -3.67
N LEU G 384 -38.82 -10.95 -2.74
CA LEU G 384 -38.62 -12.39 -2.83
C LEU G 384 -39.41 -13.16 -1.78
N ILE G 385 -40.26 -12.48 -1.00
CA ILE G 385 -40.92 -13.16 0.10
C ILE G 385 -42.17 -13.91 -0.35
N GLU G 386 -42.68 -13.63 -1.55
CA GLU G 386 -43.83 -14.37 -2.06
C GLU G 386 -43.42 -15.76 -2.55
N HIS G 387 -42.28 -15.86 -3.22
CA HIS G 387 -41.88 -17.14 -3.81
C HIS G 387 -41.33 -18.08 -2.74
N VAL G 388 -40.66 -17.56 -1.72
CA VAL G 388 -40.14 -18.39 -0.65
C VAL G 388 -41.29 -18.83 0.26
N TYR G 389 -41.37 -20.12 0.52
CA TYR G 389 -42.38 -20.67 1.42
C TYR G 389 -41.96 -20.32 2.84
N LEU G 390 -42.77 -19.47 3.49
CA LEU G 390 -42.35 -18.88 4.77
C LEU G 390 -42.41 -19.87 5.91
N ASP G 391 -43.35 -20.83 5.86
CA ASP G 391 -43.42 -21.86 6.90
C ASP G 391 -42.17 -22.73 6.90
N ASP G 392 -41.95 -23.49 5.83
CA ASP G 392 -40.76 -24.35 5.59
C ASP G 392 -40.56 -25.25 6.80
N GLY G 393 -39.39 -25.24 7.43
CA GLY G 393 -39.17 -25.97 8.66
C GLY G 393 -38.93 -25.04 9.84
N ASP G 394 -39.72 -23.96 9.93
CA ASP G 394 -39.79 -22.98 11.02
C ASP G 394 -38.56 -22.06 11.02
N GLU G 395 -37.57 -22.30 10.15
CA GLU G 395 -36.28 -21.61 10.20
C GLU G 395 -36.41 -20.12 9.93
N TYR G 396 -37.27 -19.72 8.99
CA TYR G 396 -37.43 -18.31 8.64
C TYR G 396 -38.03 -17.48 9.77
N LYS G 397 -38.83 -18.10 10.65
CA LYS G 397 -39.32 -17.40 11.83
C LYS G 397 -38.19 -17.02 12.76
N ASN G 398 -37.24 -17.94 12.99
CA ASN G 398 -36.05 -17.61 13.76
C ASN G 398 -35.18 -16.59 13.04
N LYS G 399 -35.12 -16.64 11.70
CA LYS G 399 -34.41 -15.64 10.93
C LYS G 399 -34.94 -14.24 11.22
N PHE G 400 -36.25 -14.08 11.10
CA PHE G 400 -36.87 -12.76 11.28
C PHE G 400 -36.80 -12.30 12.73
N ASN G 401 -36.93 -13.23 13.69
CA ASN G 401 -36.85 -12.84 15.10
C ASN G 401 -35.43 -12.42 15.47
N GLU G 402 -34.41 -13.10 14.95
CA GLU G 402 -33.03 -12.71 15.21
C GLU G 402 -32.75 -11.36 14.59
N ILE G 403 -33.27 -11.11 13.39
CA ILE G 403 -33.11 -9.81 12.73
C ILE G 403 -33.79 -8.72 13.55
N LEU G 404 -34.98 -9.01 14.10
CA LEU G 404 -35.68 -8.05 14.95
C LEU G 404 -34.88 -7.73 16.21
N SER G 405 -34.29 -8.75 16.84
CA SER G 405 -33.48 -8.52 18.03
C SER G 405 -32.26 -7.67 17.71
N MET G 406 -31.60 -7.94 16.58
CA MET G 406 -30.47 -7.13 16.16
C MET G 406 -30.88 -5.69 15.89
N CYS G 407 -32.05 -5.51 15.26
CA CYS G 407 -32.55 -4.16 14.97
C CYS G 407 -32.88 -3.40 16.24
N ALA G 408 -33.41 -4.09 17.25
CA ALA G 408 -33.70 -3.44 18.53
C ALA G 408 -32.40 -3.09 19.27
N GLU G 409 -31.39 -3.96 19.18
CA GLU G 409 -30.10 -3.62 19.80
C GLU G 409 -29.43 -2.44 19.11
N ASN G 410 -29.49 -2.38 17.78
CA ASN G 410 -28.79 -1.35 17.05
C ASN G 410 -29.53 -0.02 16.99
N LYS G 411 -30.75 0.04 17.54
CA LYS G 411 -31.56 1.26 17.64
C LYS G 411 -31.84 1.86 16.26
N CYS G 412 -32.06 0.99 15.27
CA CYS G 412 -32.41 1.41 13.93
C CYS G 412 -33.90 1.26 13.71
N SER G 413 -34.48 2.17 12.94
CA SER G 413 -35.92 2.18 12.75
C SER G 413 -36.35 1.60 11.42
N ASP G 414 -35.55 1.81 10.36
CA ASP G 414 -35.95 1.35 9.03
C ASP G 414 -36.02 -0.18 8.97
N GLY G 415 -34.96 -0.85 9.39
CA GLY G 415 -34.95 -2.31 9.34
C GLY G 415 -35.93 -2.92 10.32
N MET G 416 -36.10 -2.29 11.48
CA MET G 416 -36.95 -2.85 12.54
C MET G 416 -38.41 -2.79 12.12
N ALA G 417 -38.85 -1.63 11.62
CA ALA G 417 -40.23 -1.48 11.15
C ALA G 417 -40.47 -2.32 9.90
N TRP G 418 -39.47 -2.43 9.01
CA TRP G 418 -39.61 -3.27 7.84
C TRP G 418 -39.76 -4.74 8.21
N THR G 419 -39.01 -5.20 9.22
CA THR G 419 -39.12 -6.58 9.67
C THR G 419 -40.45 -6.83 10.36
N LEU G 420 -40.95 -5.86 11.13
CA LEU G 420 -42.32 -5.96 11.65
C LEU G 420 -43.33 -6.06 10.53
N TYR G 421 -43.16 -5.27 9.47
CA TYR G 421 -44.07 -5.32 8.33
C TYR G 421 -44.05 -6.70 7.67
N PHE G 422 -42.86 -7.27 7.52
CA PHE G 422 -42.74 -8.59 6.89
C PHE G 422 -43.33 -9.69 7.78
N CYS G 423 -43.11 -9.60 9.10
CA CYS G 423 -43.67 -10.60 10.00
C CYS G 423 -45.20 -10.53 10.05
N ILE G 424 -45.76 -9.33 10.10
CA ILE G 424 -47.20 -9.19 10.19
C ILE G 424 -47.88 -9.55 8.87
N LYS G 425 -47.31 -9.10 7.75
CA LYS G 425 -47.96 -9.30 6.45
C LYS G 425 -47.97 -10.76 6.03
N ASN G 426 -46.98 -11.54 6.47
CA ASN G 426 -46.86 -12.94 6.09
C ASN G 426 -47.34 -13.89 7.18
N ASN G 427 -48.03 -13.38 8.20
CA ASN G 427 -48.55 -14.15 9.33
C ASN G 427 -47.44 -14.92 10.05
N ILE G 428 -46.30 -14.26 10.25
CA ILE G 428 -45.16 -14.84 10.93
C ILE G 428 -45.21 -14.43 12.40
N ASP G 429 -45.09 -15.42 13.29
CA ASP G 429 -45.20 -15.18 14.72
C ASP G 429 -43.99 -14.41 15.23
N ILE G 430 -44.22 -13.65 16.31
CA ILE G 430 -43.19 -12.83 16.93
C ILE G 430 -43.05 -13.24 18.38
N ASP G 431 -41.81 -13.50 18.82
CA ASP G 431 -41.57 -13.95 20.17
C ASP G 431 -41.74 -12.83 21.18
N ASP G 432 -41.99 -13.20 22.44
CA ASP G 432 -42.34 -12.23 23.47
C ASP G 432 -41.11 -11.44 23.94
N ASP G 433 -39.94 -12.08 23.96
CA ASP G 433 -38.72 -11.43 24.43
C ASP G 433 -38.35 -10.28 23.48
N VAL G 434 -38.47 -10.51 22.17
CA VAL G 434 -38.15 -9.44 21.23
C VAL G 434 -39.24 -8.37 21.25
N ILE G 435 -40.48 -8.72 21.63
CA ILE G 435 -41.51 -7.70 21.85
C ILE G 435 -41.14 -6.79 23.01
N GLU G 436 -40.65 -7.38 24.11
CA GLU G 436 -40.19 -6.59 25.25
C GLU G 436 -39.00 -5.71 24.86
N LYS G 437 -38.11 -6.22 24.02
CA LYS G 437 -36.99 -5.40 23.57
C LYS G 437 -37.43 -4.32 22.58
N ILE G 438 -38.51 -4.54 21.83
CA ILE G 438 -39.11 -3.49 21.01
C ILE G 438 -39.62 -2.36 21.90
N ILE G 439 -40.35 -2.72 22.95
CA ILE G 439 -40.89 -1.71 23.87
C ILE G 439 -39.76 -0.98 24.59
N CYS G 440 -38.67 -1.70 24.91
CA CYS G 440 -37.49 -1.06 25.47
C CYS G 440 -36.87 -0.08 24.48
N PHE G 441 -36.83 -0.42 23.19
CA PHE G 441 -36.43 0.54 22.17
C PHE G 441 -37.42 1.69 22.10
N GLY G 442 -38.71 1.38 21.97
CA GLY G 442 -39.74 2.40 22.04
C GLY G 442 -39.79 3.37 20.88
N ASP G 443 -39.45 2.93 19.68
CA ASP G 443 -39.68 3.77 18.51
C ASP G 443 -41.18 3.85 18.23
N CYS G 444 -41.61 4.96 17.62
CA CYS G 444 -43.04 5.17 17.43
C CYS G 444 -43.63 4.22 16.40
N LEU G 445 -42.98 4.08 15.24
CA LEU G 445 -43.61 3.38 14.12
C LEU G 445 -43.65 1.87 14.34
N SER G 446 -42.64 1.33 15.02
CA SER G 446 -42.67 -0.09 15.39
C SER G 446 -43.84 -0.38 16.33
N LEU G 447 -44.10 0.51 17.27
CA LEU G 447 -45.25 0.32 18.15
C LEU G 447 -46.57 0.58 17.43
N CYS G 448 -46.58 1.43 16.41
CA CYS G 448 -47.76 1.53 15.55
C CYS G 448 -48.04 0.22 14.83
N LEU G 449 -46.98 -0.45 14.34
CA LEU G 449 -47.16 -1.74 13.69
C LEU G 449 -47.63 -2.81 14.66
N LEU G 450 -47.06 -2.83 15.87
CA LEU G 450 -47.52 -3.75 16.90
C LEU G 450 -48.97 -3.49 17.31
N ASP G 451 -49.36 -2.20 17.35
CA ASP G 451 -50.75 -1.84 17.59
C ASP G 451 -51.64 -2.37 16.47
N SER G 452 -51.17 -2.27 15.22
CA SER G 452 -51.91 -2.82 14.10
C SER G 452 -52.02 -4.35 14.16
N SER G 453 -51.04 -5.01 14.78
CA SER G 453 -51.10 -6.46 14.94
C SER G 453 -52.21 -6.89 15.90
N ASP G 454 -52.51 -6.05 16.90
CA ASP G 454 -53.55 -6.19 17.92
C ASP G 454 -53.29 -7.31 18.92
N ILE G 455 -52.24 -8.10 18.75
CA ILE G 455 -51.91 -9.13 19.74
C ILE G 455 -51.37 -8.49 21.01
N TYR G 456 -50.53 -7.47 20.86
CA TYR G 456 -49.80 -6.85 21.96
C TYR G 456 -50.47 -5.56 22.43
N GLU G 457 -51.80 -5.56 22.44
CA GLU G 457 -52.57 -4.36 22.77
C GLU G 457 -52.34 -3.92 24.21
N GLU G 458 -52.22 -4.87 25.13
CA GLU G 458 -52.06 -4.52 26.54
C GLU G 458 -50.72 -3.86 26.83
N LYS G 459 -49.65 -4.37 26.22
CA LYS G 459 -48.32 -3.79 26.45
C LYS G 459 -48.21 -2.40 25.82
N ILE G 460 -48.79 -2.22 24.64
CA ILE G 460 -48.87 -0.91 24.02
C ILE G 460 -49.68 0.05 24.88
N ASN G 461 -50.75 -0.47 25.48
CA ASN G 461 -51.58 0.33 26.39
C ASN G 461 -50.79 0.78 27.60
N ASN G 462 -49.97 -0.11 28.17
CA ASN G 462 -49.11 0.27 29.29
C ASN G 462 -48.09 1.32 28.88
N PHE G 463 -47.52 1.19 27.68
CA PHE G 463 -46.52 2.15 27.23
C PHE G 463 -47.12 3.55 27.05
N VAL G 464 -48.26 3.64 26.33
CA VAL G 464 -48.87 4.94 26.14
C VAL G 464 -49.48 5.46 27.44
N SER G 465 -49.83 4.56 28.38
CA SER G 465 -50.27 5.02 29.70
C SER G 465 -49.12 5.67 30.46
N ASP G 466 -47.92 5.09 30.37
CA ASP G 466 -46.75 5.71 31.00
C ASP G 466 -46.43 7.06 30.36
N ILE G 467 -46.58 7.15 29.03
CA ILE G 467 -46.39 8.43 28.34
C ILE G 467 -47.40 9.46 28.81
N ILE G 468 -48.65 9.03 29.04
CA ILE G 468 -49.69 9.95 29.50
C ILE G 468 -49.41 10.41 30.93
N LYS G 469 -49.09 9.49 31.84
CA LYS G 469 -48.79 9.91 33.21
C LYS G 469 -47.47 10.66 33.35
N LEU G 470 -46.61 10.63 32.32
CA LEU G 470 -45.42 11.49 32.35
C LEU G 470 -45.79 12.97 32.34
N ASP G 471 -46.91 13.31 31.69
CA ASP G 471 -47.47 14.66 31.59
C ASP G 471 -46.42 15.59 30.94
N TYR G 472 -46.17 15.29 29.66
CA TYR G 472 -45.31 16.11 28.81
C TYR G 472 -45.96 16.16 27.44
N GLU G 473 -46.17 17.38 26.93
CA GLU G 473 -46.82 17.53 25.63
C GLU G 473 -45.92 17.00 24.51
N TYR G 474 -44.62 17.23 24.61
CA TYR G 474 -43.70 16.80 23.56
C TYR G 474 -43.57 15.28 23.52
N ASP G 475 -43.69 14.61 24.66
CA ASP G 475 -43.61 13.15 24.66
C ASP G 475 -44.85 12.53 24.03
N ILE G 476 -46.00 13.20 24.12
CA ILE G 476 -47.19 12.76 23.38
C ILE G 476 -47.02 13.07 21.90
N ASP G 477 -46.39 14.20 21.57
CA ASP G 477 -46.19 14.57 20.18
C ASP G 477 -45.21 13.63 19.48
N ARG G 478 -44.25 13.07 20.22
CA ARG G 478 -43.33 12.09 19.64
C ARG G 478 -44.03 10.79 19.25
N TYR G 479 -45.19 10.50 19.83
CA TYR G 479 -45.93 9.27 19.53
C TYR G 479 -47.36 9.56 19.10
N TRP G 480 -47.61 10.76 18.55
CA TRP G 480 -48.94 11.12 18.04
C TRP G 480 -49.49 10.12 17.05
N LEU G 481 -48.63 9.49 16.23
CA LEU G 481 -49.13 8.52 15.27
C LEU G 481 -49.66 7.28 15.97
N LEU G 482 -48.95 6.81 16.99
CA LEU G 482 -49.45 5.68 17.78
C LEU G 482 -50.73 6.04 18.51
N PHE G 483 -50.79 7.25 19.08
CA PHE G 483 -52.00 7.68 19.78
C PHE G 483 -53.19 7.81 18.84
N TYR G 484 -52.96 8.35 17.63
CA TYR G 484 -54.05 8.49 16.67
C TYR G 484 -54.49 7.14 16.11
N GLN G 485 -53.55 6.21 15.93
CA GLN G 485 -53.92 4.89 15.45
C GLN G 485 -54.71 4.12 16.50
N ARG G 486 -54.37 4.30 17.78
CA ARG G 486 -55.20 3.72 18.83
C ARG G 486 -56.56 4.42 18.92
N PHE G 487 -56.61 5.72 18.64
CA PHE G 487 -57.88 6.44 18.63
C PHE G 487 -58.77 6.01 17.47
N PHE G 488 -58.17 5.67 16.33
CA PHE G 488 -58.96 5.32 15.14
C PHE G 488 -59.64 3.98 15.30
N LYS G 489 -59.03 3.04 16.03
CA LYS G 489 -59.63 1.75 16.30
C LYS G 489 -60.44 1.73 17.59
N ASP G 490 -60.68 2.91 18.18
CA ASP G 490 -61.50 3.07 19.39
C ASP G 490 -60.94 2.29 20.57
N LYS G 491 -59.62 2.36 20.77
CA LYS G 491 -58.96 1.67 21.87
C LYS G 491 -58.32 2.63 22.87
N ALA G 492 -58.32 3.93 22.60
CA ALA G 492 -57.72 4.90 23.49
C ALA G 492 -58.37 6.25 23.25
N PRO G 493 -58.55 7.07 24.28
CA PRO G 493 -59.06 8.42 24.07
C PRO G 493 -57.99 9.33 23.49
N SER G 494 -58.44 10.47 23.00
CA SER G 494 -57.52 11.44 22.41
C SER G 494 -56.72 12.12 23.51
N PRO G 495 -55.39 12.05 23.50
CA PRO G 495 -54.61 12.74 24.54
C PRO G 495 -54.72 14.25 24.47
N TYR G 496 -54.89 14.81 23.27
CA TYR G 496 -55.02 16.24 23.11
C TYR G 496 -56.45 16.69 23.34
N ASN G 497 -56.60 17.87 23.94
CA ASN G 497 -57.91 18.45 24.19
C ASN G 497 -58.51 19.11 22.96
N ASP G 498 -57.75 19.22 21.87
CA ASP G 498 -58.25 19.81 20.64
C ASP G 498 -59.07 18.80 19.84
N LYS G 499 -59.70 19.29 18.77
CA LYS G 499 -60.58 18.49 17.94
C LYS G 499 -59.94 18.08 16.62
N CYS G 500 -58.62 18.19 16.49
CA CYS G 500 -57.95 17.79 15.25
C CYS G 500 -58.07 16.29 15.01
N PHE G 501 -57.91 15.49 16.06
CA PHE G 501 -58.04 14.04 15.94
C PHE G 501 -59.47 13.65 15.60
N ASP G 502 -60.46 14.35 16.16
CA ASP G 502 -61.85 14.05 15.85
C ASP G 502 -62.20 14.48 14.43
N ILE G 503 -61.62 15.58 13.95
CA ILE G 503 -61.79 15.98 12.56
C ILE G 503 -61.21 14.94 11.62
N MET G 504 -60.03 14.42 11.96
CA MET G 504 -59.40 13.39 11.13
C MET G 504 -60.18 12.08 11.15
N LYS G 505 -60.68 11.68 12.32
CA LYS G 505 -61.46 10.44 12.42
C LYS G 505 -62.80 10.55 11.69
N GLY G 506 -63.47 11.70 11.82
CA GLY G 506 -64.77 11.86 11.19
C GLY G 506 -64.71 11.85 9.68
N TYR G 507 -63.64 12.40 9.12
CA TYR G 507 -63.47 12.49 7.67
C TYR G 507 -62.66 11.33 7.10
N GLY G 508 -62.28 10.35 7.93
CA GLY G 508 -61.67 9.14 7.44
C GLY G 508 -60.20 9.25 7.07
N VAL G 509 -59.36 9.53 8.05
CA VAL G 509 -57.91 9.52 7.88
C VAL G 509 -57.36 8.32 8.61
N ASP G 510 -56.83 7.36 7.85
CA ASP G 510 -56.11 6.23 8.41
C ASP G 510 -54.71 6.22 7.82
N PHE G 511 -53.70 6.20 8.69
CA PHE G 511 -52.32 6.14 8.25
C PHE G 511 -51.82 4.72 8.11
N MET G 512 -52.66 3.72 8.36
CA MET G 512 -52.41 2.32 7.98
C MET G 512 -53.61 1.80 7.21
N PRO G 513 -53.81 2.25 5.97
CA PRO G 513 -55.00 1.85 5.22
C PRO G 513 -54.81 0.52 4.48
N ASP G 514 -55.90 -0.23 4.41
CA ASP G 514 -55.90 -1.45 3.63
C ASP G 514 -56.45 -1.18 2.22
N GLU G 515 -56.22 -2.13 1.32
CA GLU G 515 -56.66 -1.98 -0.07
C GLU G 515 -58.17 -2.12 -0.19
N ASP I 14 7.43 -7.42 -59.30
CA ASP I 14 8.75 -7.31 -58.69
C ASP I 14 8.63 -6.75 -57.28
N GLU I 15 9.58 -7.12 -56.42
CA GLU I 15 9.56 -6.66 -55.04
C GLU I 15 10.35 -5.36 -54.87
N LYS I 16 11.34 -5.13 -55.74
CA LYS I 16 12.07 -3.85 -55.75
C LYS I 16 11.14 -2.70 -56.13
N ARG I 17 10.28 -2.92 -57.12
CA ARG I 17 9.30 -1.90 -57.47
C ARG I 17 8.34 -1.64 -56.32
N HIS I 18 7.96 -2.70 -55.59
CA HIS I 18 7.12 -2.54 -54.42
C HIS I 18 7.82 -1.71 -53.35
N LEU I 19 9.15 -1.87 -53.23
CA LEU I 19 9.92 -0.99 -52.35
C LEU I 19 9.80 0.46 -52.79
N TYR I 20 9.91 0.73 -54.08
CA TYR I 20 9.87 2.12 -54.55
C TYR I 20 8.49 2.74 -54.26
N GLU I 21 7.42 2.01 -54.60
CA GLU I 21 6.07 2.53 -54.36
C GLU I 21 5.79 2.69 -52.87
N ALA I 22 6.33 1.78 -52.04
CA ALA I 22 6.16 1.91 -50.60
C ALA I 22 6.90 3.12 -50.05
N LEU I 23 8.12 3.35 -50.53
CA LEU I 23 8.93 4.45 -50.04
C LEU I 23 8.31 5.79 -50.40
N LEU I 24 7.75 5.90 -51.60
CA LEU I 24 7.26 7.21 -52.00
C LEU I 24 5.77 7.43 -51.74
N ARG I 25 4.93 6.48 -52.10
CA ARG I 25 3.48 6.71 -52.09
C ARG I 25 2.80 6.28 -50.80
N HIS I 26 3.43 5.44 -49.99
CA HIS I 26 2.76 4.89 -48.83
C HIS I 26 3.45 5.16 -47.50
N ASN I 27 4.79 5.21 -47.48
CA ASN I 27 5.52 5.39 -46.24
C ASN I 27 6.48 6.57 -46.26
N TYR I 28 6.28 7.52 -47.18
CA TYR I 28 6.95 8.80 -47.08
C TYR I 28 6.48 9.56 -45.84
N PHE I 29 5.18 9.71 -45.70
CA PHE I 29 4.60 10.33 -44.52
C PHE I 29 4.66 9.36 -43.35
N PRO I 30 4.53 9.85 -42.12
CA PRO I 30 4.45 8.91 -40.98
C PRO I 30 3.13 8.14 -40.96
N ASN I 31 3.10 7.08 -41.77
CA ASN I 31 1.94 6.21 -41.92
C ASN I 31 2.22 4.80 -41.37
N GLN I 32 3.07 4.69 -40.35
CA GLN I 32 3.49 3.38 -39.88
C GLN I 32 2.46 2.75 -38.95
N LYS I 33 1.62 3.58 -38.32
CA LYS I 33 0.59 3.06 -37.43
C LYS I 33 -0.54 2.45 -38.25
N GLY I 34 -0.84 1.17 -38.01
CA GLY I 34 -1.80 0.46 -38.84
C GLY I 34 -3.25 0.69 -38.43
N SER I 35 -3.50 0.82 -37.12
CA SER I 35 -4.87 0.94 -36.63
C SER I 35 -5.48 2.28 -37.06
N ILE I 36 -4.79 3.37 -36.80
CA ILE I 36 -5.21 4.70 -37.23
C ILE I 36 -3.96 5.54 -37.46
N SER I 37 -3.97 6.34 -38.51
CA SER I 37 -2.80 7.13 -38.87
C SER I 37 -2.64 8.29 -37.89
N GLU I 38 -1.39 8.57 -37.53
CA GLU I 38 -1.10 9.77 -36.73
C GLU I 38 -1.45 11.03 -37.50
N ILE I 39 -1.19 11.02 -38.79
CA ILE I 39 -1.47 12.17 -39.67
C ILE I 39 -2.88 12.01 -40.26
N PRO I 40 -3.68 13.06 -40.32
CA PRO I 40 -5.03 12.96 -40.92
C PRO I 40 -4.97 12.55 -42.37
N PRO I 41 -6.00 11.85 -42.88
CA PRO I 41 -5.93 11.26 -44.23
C PRO I 41 -5.95 12.28 -45.36
N CYS I 42 -6.20 13.55 -45.06
CA CYS I 42 -6.12 14.59 -46.08
C CYS I 42 -4.70 14.72 -46.60
N PHE I 43 -3.72 14.72 -45.71
CA PHE I 43 -2.33 14.60 -46.13
C PHE I 43 -2.07 13.19 -46.66
N SER I 44 -1.45 13.12 -47.82
CA SER I 44 -1.12 11.83 -48.40
C SER I 44 0.10 11.99 -49.30
N SER I 45 0.70 10.85 -49.64
CA SER I 45 1.90 10.84 -50.45
C SER I 45 1.74 10.09 -51.77
N ARG I 46 0.53 9.67 -52.10
CA ARG I 46 0.32 9.10 -53.43
C ARG I 46 0.31 10.22 -54.47
N THR I 47 0.30 9.82 -55.74
CA THR I 47 0.67 10.68 -56.89
C THR I 47 2.05 11.29 -56.71
N PHE I 48 2.96 10.53 -56.06
CA PHE I 48 4.38 10.85 -55.99
C PHE I 48 5.06 9.58 -56.50
N THR I 49 5.17 9.50 -57.83
CA THR I 49 5.54 8.30 -58.54
C THR I 49 7.06 8.17 -58.61
N PRO I 50 7.60 6.94 -58.65
CA PRO I 50 9.06 6.75 -58.75
C PRO I 50 9.73 7.45 -59.92
N GLU I 51 9.03 7.67 -61.04
CA GLU I 51 9.61 8.45 -62.12
C GLU I 51 9.84 9.91 -61.70
N ILE I 52 8.92 10.46 -60.90
CA ILE I 52 9.08 11.84 -60.44
C ILE I 52 10.29 11.99 -59.51
N ALA I 53 10.47 11.04 -58.59
CA ALA I 53 11.65 11.08 -57.72
C ALA I 53 12.92 10.82 -58.50
N GLU I 54 12.85 9.96 -59.53
CA GLU I 54 14.01 9.73 -60.39
C GLU I 54 14.37 10.98 -61.18
N LEU I 55 13.37 11.80 -61.51
CA LEU I 55 13.62 13.09 -62.16
C LEU I 55 14.23 14.09 -61.18
N ILE I 56 13.72 14.12 -59.95
CA ILE I 56 14.21 15.07 -58.95
C ILE I 56 15.66 14.77 -58.58
N SER I 57 15.99 13.49 -58.46
CA SER I 57 17.37 13.09 -58.15
C SER I 57 18.33 13.45 -59.29
N SER I 58 17.84 13.43 -60.52
CA SER I 58 18.69 13.77 -61.66
C SER I 58 18.91 15.27 -61.76
N ASP I 59 18.00 16.07 -61.19
CA ASP I 59 18.07 17.51 -61.30
C ASP I 59 19.28 18.07 -60.54
N THR I 60 20.03 18.94 -61.20
CA THR I 60 21.20 19.59 -60.62
C THR I 60 21.06 21.10 -60.48
N SER I 61 19.90 21.67 -60.83
CA SER I 61 19.74 23.11 -60.82
C SER I 61 19.62 23.64 -59.40
N GLY I 62 19.91 24.93 -59.25
CA GLY I 62 19.80 25.62 -57.98
C GLY I 62 21.06 25.58 -57.16
N ARG I 63 21.06 26.37 -56.09
CA ARG I 63 22.17 26.46 -55.16
C ARG I 63 21.64 26.79 -53.78
N ARG I 64 22.25 26.16 -52.77
CA ARG I 64 21.83 26.35 -51.38
C ARG I 64 23.03 26.72 -50.54
N SER I 65 22.89 27.77 -49.72
CA SER I 65 23.99 28.23 -48.89
C SER I 65 24.28 27.27 -47.75
N LEU I 66 23.23 26.65 -47.20
CA LEU I 66 23.35 25.73 -46.07
C LEU I 66 23.35 24.29 -46.58
N GLN I 67 24.31 23.50 -46.10
CA GLN I 67 24.36 22.09 -46.46
C GLN I 67 23.25 21.33 -45.75
N GLY I 68 22.73 20.31 -46.42
CA GLY I 68 21.66 19.51 -45.87
C GLY I 68 20.32 20.20 -45.99
N TYR I 69 19.29 19.50 -45.49
CA TYR I 69 17.93 20.00 -45.50
C TYR I 69 17.32 19.80 -44.12
N ASP I 70 16.46 20.73 -43.72
CA ASP I 70 15.63 20.53 -42.54
C ASP I 70 14.34 19.82 -42.96
N CYS I 71 13.59 19.37 -41.97
CA CYS I 71 12.40 18.57 -42.21
C CYS I 71 11.19 19.18 -41.52
N VAL I 72 10.02 18.91 -42.09
CA VAL I 72 8.77 19.37 -41.49
C VAL I 72 8.56 18.67 -40.16
N GLU I 73 8.30 19.44 -39.12
CA GLU I 73 8.25 18.94 -37.75
C GLU I 73 6.82 18.59 -37.36
N TYR I 74 6.66 17.53 -36.58
CA TYR I 74 5.34 17.08 -36.14
C TYR I 74 5.50 16.52 -34.74
N TYR I 75 4.67 16.98 -33.81
CA TYR I 75 4.81 16.59 -32.41
C TYR I 75 3.56 15.83 -31.99
N ALA I 76 3.68 14.51 -31.87
CA ALA I 76 2.54 13.64 -31.59
C ALA I 76 2.57 13.21 -30.13
N THR I 77 1.43 13.33 -29.46
CA THR I 77 1.34 12.93 -28.06
C THR I 77 1.35 11.40 -27.94
N ARG I 78 2.15 10.90 -27.01
CA ARG I 78 2.16 9.47 -26.68
C ARG I 78 1.05 9.18 -25.68
N TYR I 79 1.04 7.98 -25.11
CA TYR I 79 -0.02 7.60 -24.18
C TYR I 79 0.04 8.41 -22.89
N ASN I 80 1.25 8.77 -22.45
CA ASN I 80 1.45 9.60 -21.28
C ASN I 80 1.60 11.08 -21.61
N ASN I 81 1.01 11.53 -22.72
CA ASN I 81 1.05 12.91 -23.21
C ASN I 81 2.47 13.40 -23.47
N PHE I 82 3.40 12.49 -23.74
CA PHE I 82 4.76 12.87 -24.07
C PHE I 82 4.86 13.23 -25.55
N PRO I 83 5.60 14.28 -25.89
CA PRO I 83 5.78 14.60 -27.31
C PRO I 83 6.78 13.65 -27.97
N ARG I 84 6.39 13.15 -29.14
CA ARG I 84 7.26 12.38 -30.02
C ARG I 84 7.46 13.16 -31.30
N THR I 85 8.71 13.28 -31.72
CA THR I 85 9.09 14.10 -32.86
C THR I 85 9.07 13.24 -34.12
N LEU I 86 8.08 13.48 -34.99
CA LEU I 86 8.02 12.93 -36.33
C LEU I 86 8.48 13.98 -37.33
N SER I 87 9.06 13.53 -38.42
CA SER I 87 9.61 14.44 -39.42
C SER I 87 9.18 14.01 -40.81
N ILE I 88 8.85 15.00 -41.63
CA ILE I 88 8.57 14.80 -43.04
C ILE I 88 9.75 15.35 -43.81
N ILE I 89 10.50 14.47 -44.48
CA ILE I 89 11.74 14.86 -45.14
C ILE I 89 11.43 15.66 -46.40
N HIS I 90 12.30 16.61 -46.70
CA HIS I 90 12.18 17.42 -47.90
C HIS I 90 12.26 16.52 -49.14
N PRO I 91 11.40 16.74 -50.14
CA PRO I 91 11.29 15.78 -51.26
C PRO I 91 12.54 15.65 -52.11
N LYS I 92 13.41 16.65 -52.14
CA LYS I 92 14.68 16.49 -52.84
C LYS I 92 15.57 15.48 -52.13
N ALA I 93 15.80 15.69 -50.83
CA ALA I 93 16.61 14.77 -50.04
C ALA I 93 15.96 13.40 -49.95
N TYR I 94 14.64 13.34 -49.75
CA TYR I 94 13.96 12.06 -49.66
C TYR I 94 13.95 11.33 -50.99
N SER I 95 13.84 12.07 -52.11
CA SER I 95 13.88 11.42 -53.42
C SER I 95 15.23 10.81 -53.69
N LYS I 96 16.31 11.54 -53.38
CA LYS I 96 17.66 10.98 -53.54
C LYS I 96 17.88 9.78 -52.62
N LEU I 97 17.40 9.88 -51.37
CA LEU I 97 17.57 8.81 -50.41
C LEU I 97 16.80 7.56 -50.82
N ALA I 98 15.55 7.74 -51.26
CA ALA I 98 14.73 6.61 -51.69
C ALA I 98 15.29 5.96 -52.95
N LYS I 99 15.80 6.77 -53.89
CA LYS I 99 16.42 6.20 -55.08
C LYS I 99 17.67 5.39 -54.73
N HIS I 100 18.50 5.91 -53.81
CA HIS I 100 19.69 5.17 -53.44
C HIS I 100 19.36 3.90 -52.65
N ILE I 101 18.29 3.94 -51.86
CA ILE I 101 17.87 2.74 -51.14
C ILE I 101 17.34 1.68 -52.10
N HIS I 102 16.52 2.09 -53.07
CA HIS I 102 15.95 1.12 -54.01
C HIS I 102 17.01 0.54 -54.94
N ASP I 103 17.93 1.39 -55.44
CA ASP I 103 18.86 0.94 -56.46
C ASP I 103 19.84 -0.11 -55.96
N ASN I 104 19.98 -0.25 -54.64
CA ASN I 104 20.85 -1.25 -54.06
C ASN I 104 20.11 -2.16 -53.08
N TRP I 105 18.86 -2.55 -53.38
CA TRP I 105 18.13 -3.39 -52.45
C TRP I 105 18.67 -4.82 -52.43
N GLU I 106 19.40 -5.23 -53.46
CA GLU I 106 20.01 -6.55 -53.41
C GLU I 106 21.15 -6.59 -52.39
N GLU I 107 21.66 -5.42 -52.02
CA GLU I 107 22.64 -5.34 -50.93
C GLU I 107 21.98 -5.02 -49.60
N ILE I 108 20.76 -4.46 -49.63
CA ILE I 108 20.09 -3.99 -48.41
C ILE I 108 19.13 -5.03 -47.84
N ARG I 109 18.56 -5.91 -48.66
CA ARG I 109 17.45 -6.77 -48.29
C ARG I 109 17.84 -7.90 -47.32
N PHE I 110 19.07 -7.91 -46.81
CA PHE I 110 19.46 -8.82 -45.74
C PHE I 110 18.75 -8.49 -44.43
N ILE I 111 18.12 -7.32 -44.35
CA ILE I 111 17.27 -6.99 -43.21
C ILE I 111 15.89 -7.64 -43.31
N LYS I 112 15.49 -8.06 -44.52
CA LYS I 112 14.25 -8.81 -44.66
C LYS I 112 14.38 -10.20 -44.04
N GLU I 113 15.53 -10.84 -44.20
CA GLU I 113 15.76 -12.18 -43.68
C GLU I 113 16.36 -12.12 -42.27
N ASN I 114 15.63 -11.46 -41.37
CA ASN I 114 15.95 -11.43 -39.96
C ASN I 114 14.77 -12.00 -39.20
N GLU I 115 15.02 -13.06 -38.43
CA GLU I 115 13.97 -13.71 -37.64
C GLU I 115 13.82 -13.10 -36.26
N ASN I 116 14.74 -12.22 -35.85
CA ASN I 116 14.66 -11.56 -34.56
C ASN I 116 14.01 -10.18 -34.65
N SER I 117 13.88 -9.61 -35.84
CA SER I 117 13.21 -8.34 -36.05
C SER I 117 11.79 -8.63 -36.53
N MET I 118 10.81 -8.32 -35.70
CA MET I 118 9.42 -8.58 -36.07
C MET I 118 8.84 -7.43 -36.90
N ILE I 119 9.20 -6.20 -36.57
CA ILE I 119 8.79 -5.05 -37.36
C ILE I 119 9.91 -4.75 -38.36
N LYS I 120 9.64 -5.00 -39.63
CA LYS I 120 10.63 -4.89 -40.69
C LYS I 120 9.87 -4.68 -42.00
N PRO I 121 10.57 -4.37 -43.09
CA PRO I 121 9.89 -4.32 -44.39
C PRO I 121 9.22 -5.64 -44.76
N ASP I 122 8.04 -5.53 -45.35
CA ASP I 122 7.25 -6.67 -45.81
C ASP I 122 6.40 -6.23 -46.98
N MET I 123 5.92 -7.20 -47.75
CA MET I 123 5.08 -6.92 -48.92
C MET I 123 3.63 -6.95 -48.47
N HIS I 124 3.14 -5.81 -47.99
CA HIS I 124 1.80 -5.72 -47.44
C HIS I 124 0.78 -5.47 -48.55
N ALA I 125 -0.50 -5.62 -48.18
CA ALA I 125 -1.58 -5.50 -49.16
C ALA I 125 -1.81 -4.05 -49.58
N ASP I 126 -1.82 -3.12 -48.62
CA ASP I 126 -2.05 -1.73 -48.94
C ASP I 126 -0.88 -1.09 -49.68
N GLY I 127 0.32 -1.67 -49.57
CA GLY I 127 1.50 -1.18 -50.25
C GLY I 127 2.64 -0.80 -49.34
N ARG I 128 2.37 -0.54 -48.05
CA ARG I 128 3.40 -0.14 -47.11
C ARG I 128 4.39 -1.27 -46.86
N ILE I 129 5.66 -0.92 -46.69
CA ILE I 129 6.63 -1.93 -46.29
C ILE I 129 6.61 -2.16 -44.79
N ILE I 130 6.50 -1.08 -44.00
CA ILE I 130 6.66 -1.16 -42.56
C ILE I 130 5.38 -0.66 -41.90
N ILE I 131 4.70 -1.56 -41.20
CA ILE I 131 3.53 -1.24 -40.40
C ILE I 131 3.80 -1.72 -38.97
N MET I 132 3.62 -0.81 -38.01
CA MET I 132 3.84 -1.15 -36.61
C MET I 132 2.66 -1.96 -36.08
N ASN I 133 2.95 -3.16 -35.59
CA ASN I 133 1.97 -4.07 -34.98
C ASN I 133 0.84 -4.44 -35.94
N TYR I 134 1.21 -4.99 -37.10
CA TYR I 134 0.27 -5.51 -38.06
C TYR I 134 0.02 -7.02 -37.87
N GLU I 135 0.88 -7.69 -37.11
CA GLU I 135 0.85 -9.15 -37.02
C GLU I 135 -0.22 -9.63 -36.04
N ASP I 136 -0.79 -8.73 -35.24
CA ASP I 136 -1.89 -8.87 -34.28
C ASP I 136 -1.48 -9.71 -33.07
N ALA I 137 -2.25 -9.63 -31.98
CA ALA I 137 -1.77 -10.12 -30.70
C ALA I 137 -1.91 -11.64 -30.56
N GLU I 138 -2.58 -12.30 -31.50
CA GLU I 138 -2.76 -13.75 -31.36
C GLU I 138 -1.62 -14.52 -32.04
N THR I 139 -1.20 -14.08 -33.23
CA THR I 139 0.04 -14.59 -33.80
C THR I 139 1.22 -14.23 -32.92
N LYS I 140 1.14 -13.06 -32.28
CA LYS I 140 2.13 -12.70 -31.26
C LYS I 140 2.04 -13.61 -30.05
N THR I 141 0.81 -14.02 -29.68
CA THR I 141 0.60 -14.90 -28.54
C THR I 141 1.22 -16.27 -28.75
N ILE I 142 1.03 -16.86 -29.93
CA ILE I 142 1.59 -18.18 -30.22
C ILE I 142 3.12 -18.14 -30.16
N ARG I 143 3.72 -17.12 -30.77
CA ARG I 143 5.17 -16.99 -30.76
C ARG I 143 5.70 -16.72 -29.36
N GLU I 144 5.01 -15.89 -28.58
CA GLU I 144 5.43 -15.59 -27.22
C GLU I 144 5.33 -16.84 -26.33
N LEU I 145 4.31 -17.65 -26.55
CA LEU I 145 4.16 -18.90 -25.80
C LEU I 145 5.26 -19.89 -26.17
N ASN I 146 5.61 -19.98 -27.45
CA ASN I 146 6.69 -20.88 -27.86
C ASN I 146 8.03 -20.42 -27.31
N ASP I 147 8.29 -19.11 -27.32
CA ASP I 147 9.56 -18.60 -26.83
C ASP I 147 9.66 -18.70 -25.30
N GLY I 148 8.53 -18.54 -24.61
CA GLY I 148 8.58 -18.46 -23.16
C GLY I 148 8.72 -19.80 -22.48
N PHE I 149 8.58 -20.89 -23.24
CA PHE I 149 8.63 -22.23 -22.67
C PHE I 149 10.02 -22.56 -22.15
N GLY I 150 10.08 -23.19 -20.98
CA GLY I 150 11.32 -23.66 -20.42
C GLY I 150 12.22 -22.58 -19.86
N ARG I 151 11.80 -21.33 -19.91
CA ARG I 151 12.59 -20.20 -19.42
C ARG I 151 11.85 -19.60 -18.24
N ARG I 152 12.60 -19.18 -17.23
CA ARG I 152 11.98 -18.60 -16.04
C ARG I 152 12.34 -17.13 -15.84
N PHE I 153 13.06 -16.52 -16.76
CA PHE I 153 13.34 -15.09 -16.69
C PHE I 153 13.15 -14.45 -18.05
N LYS I 154 12.56 -13.24 -18.06
CA LYS I 154 12.38 -12.47 -19.28
C LYS I 154 13.01 -11.10 -19.10
N VAL I 155 13.71 -10.64 -20.13
CA VAL I 155 14.43 -9.37 -20.11
C VAL I 155 13.79 -8.46 -21.14
N ASN I 156 13.39 -7.27 -20.70
CA ASN I 156 12.87 -6.23 -21.58
C ASN I 156 13.85 -5.07 -21.55
N ALA I 157 14.54 -4.84 -22.67
CA ALA I 157 15.58 -3.81 -22.74
C ALA I 157 15.50 -3.10 -24.07
N ASP I 158 15.54 -1.77 -24.05
CA ASP I 158 15.45 -1.00 -25.28
C ASP I 158 16.53 0.06 -25.34
N ILE I 159 16.83 0.50 -26.55
CA ILE I 159 17.79 1.57 -26.77
C ILE I 159 17.22 2.88 -26.23
N SER I 160 18.08 3.71 -25.64
CA SER I 160 17.62 4.89 -24.91
C SER I 160 17.06 5.95 -25.85
N GLY I 161 17.76 6.25 -26.93
CA GLY I 161 17.32 7.27 -27.85
C GLY I 161 17.39 6.85 -29.28
N CYS I 162 17.03 5.59 -29.56
CA CYS I 162 17.41 4.80 -30.74
C CYS I 162 17.42 5.57 -32.06
N PHE I 163 16.27 6.12 -32.48
CA PHE I 163 16.23 6.87 -33.71
C PHE I 163 16.91 8.24 -33.56
N THR I 164 16.82 8.85 -32.38
CA THR I 164 17.34 10.19 -32.20
C THR I 164 18.84 10.25 -32.05
N ASN I 165 19.50 9.12 -31.76
CA ASN I 165 20.96 9.12 -31.67
C ASN I 165 21.59 7.99 -32.48
N ILE I 166 21.01 7.66 -33.63
CA ILE I 166 21.72 6.86 -34.61
C ILE I 166 22.88 7.68 -35.16
N TYR I 167 24.08 7.14 -35.06
CA TYR I 167 25.24 7.76 -35.69
C TYR I 167 25.24 7.36 -37.15
N SER I 168 25.14 8.36 -38.05
CA SER I 168 25.00 8.05 -39.47
C SER I 168 26.25 7.40 -40.04
N HIS I 169 27.43 7.77 -39.54
CA HIS I 169 28.66 7.13 -39.99
C HIS I 169 28.78 5.68 -39.57
N SER I 170 27.91 5.20 -38.67
CA SER I 170 27.84 3.79 -38.37
C SER I 170 27.01 3.01 -39.37
N ILE I 171 26.40 3.67 -40.36
CA ILE I 171 25.74 2.94 -41.43
C ILE I 171 26.71 2.13 -42.29
N PRO I 172 27.88 2.66 -42.72
CA PRO I 172 28.84 1.77 -43.40
C PRO I 172 29.35 0.63 -42.52
N TRP I 173 29.55 0.88 -41.22
CA TRP I 173 30.13 -0.12 -40.33
C TRP I 173 29.29 -1.39 -40.31
N ALA I 174 27.99 -1.25 -40.04
CA ALA I 174 27.08 -2.39 -39.97
C ALA I 174 26.95 -3.10 -41.32
N VAL I 175 27.40 -2.49 -42.41
CA VAL I 175 27.38 -3.18 -43.68
C VAL I 175 28.64 -4.04 -43.83
N ILE I 176 29.81 -3.50 -43.49
CA ILE I 176 31.07 -4.15 -43.84
C ILE I 176 31.98 -4.36 -42.64
N GLY I 177 31.45 -4.25 -41.42
CA GLY I 177 32.30 -4.36 -40.26
C GLY I 177 32.81 -2.99 -39.85
N VAL I 178 33.00 -2.77 -38.55
CA VAL I 178 33.48 -1.48 -38.06
C VAL I 178 34.93 -1.26 -38.48
N ASN I 179 35.77 -2.28 -38.27
CA ASN I 179 37.20 -2.13 -38.52
C ASN I 179 37.51 -2.00 -40.01
N ASN I 180 36.83 -2.78 -40.84
CA ASN I 180 37.05 -2.69 -42.29
C ASN I 180 36.61 -1.34 -42.85
N ALA I 181 35.49 -0.82 -42.34
CA ALA I 181 35.02 0.49 -42.79
C ALA I 181 35.94 1.61 -42.31
N LYS I 182 36.48 1.49 -41.10
CA LYS I 182 37.44 2.49 -40.63
C LYS I 182 38.76 2.41 -41.39
N ILE I 183 39.18 1.20 -41.77
CA ILE I 183 40.40 1.03 -42.55
C ILE I 183 40.22 1.59 -43.96
N ALA I 184 39.05 1.38 -44.56
CA ALA I 184 38.78 1.88 -45.90
C ALA I 184 38.74 3.40 -45.97
N LEU I 185 38.47 4.06 -44.84
CA LEU I 185 38.50 5.51 -44.78
C LEU I 185 39.93 6.03 -44.88
N LYS I 194 32.74 5.28 -54.46
CA LYS I 194 32.77 4.73 -53.11
C LYS I 194 31.74 3.61 -52.94
N HIS I 195 31.71 3.02 -51.75
CA HIS I 195 30.74 1.99 -51.45
C HIS I 195 29.35 2.60 -51.36
N TRP I 196 28.33 1.76 -51.58
CA TRP I 196 26.95 2.24 -51.61
C TRP I 196 26.49 2.70 -50.23
N SER I 197 27.00 2.10 -49.16
CA SER I 197 26.53 2.47 -47.84
C SER I 197 27.13 3.79 -47.38
N ASP I 198 28.30 4.17 -47.90
CA ASP I 198 28.82 5.51 -47.65
C ASP I 198 27.91 6.57 -48.28
N LYS I 199 27.41 6.30 -49.49
CA LYS I 199 26.48 7.23 -50.12
C LYS I 199 25.13 7.23 -49.39
N LEU I 200 24.71 6.08 -48.86
CA LEU I 200 23.50 6.03 -48.06
C LEU I 200 23.66 6.84 -46.77
N ASP I 201 24.82 6.73 -46.13
CA ASP I 201 25.21 7.60 -45.03
C ASP I 201 25.10 9.08 -45.40
N TYR I 202 25.66 9.46 -46.56
CA TYR I 202 25.63 10.85 -46.98
C TYR I 202 24.20 11.34 -47.21
N PHE I 203 23.37 10.51 -47.85
CA PHE I 203 21.99 10.90 -48.13
C PHE I 203 21.15 10.98 -46.86
N GLN I 204 21.37 10.06 -45.92
CA GLN I 204 20.69 10.13 -44.63
C GLN I 204 21.13 11.36 -43.84
N ARG I 205 22.38 11.79 -44.01
CA ARG I 205 22.82 13.05 -43.43
C ARG I 205 22.12 14.24 -44.08
N GLN I 206 22.06 14.26 -45.42
CA GLN I 206 21.42 15.36 -46.13
C GLN I 206 19.93 15.44 -45.83
N ALA I 207 19.32 14.33 -45.45
CA ALA I 207 17.91 14.34 -45.07
C ALA I 207 17.64 15.21 -43.85
N LYS I 208 18.60 15.28 -42.91
CA LYS I 208 18.45 16.09 -41.70
C LYS I 208 19.69 16.95 -41.50
N ARG I 209 19.72 18.10 -42.17
CA ARG I 209 20.62 19.23 -41.89
C ARG I 209 22.10 18.88 -41.92
N ASN I 210 22.50 17.86 -42.67
CA ASN I 210 23.88 17.36 -42.73
C ASN I 210 24.40 17.02 -41.34
N GLU I 211 23.65 16.19 -40.63
CA GLU I 211 23.93 15.86 -39.24
C GLU I 211 24.09 14.35 -39.08
N THR I 212 25.17 13.95 -38.42
CA THR I 212 25.50 12.54 -38.29
C THR I 212 24.66 11.85 -37.22
N HIS I 213 24.27 12.57 -36.18
CA HIS I 213 23.53 11.95 -35.09
C HIS I 213 22.03 12.05 -35.32
N GLY I 214 21.35 10.91 -35.32
CA GLY I 214 19.92 10.85 -35.42
C GLY I 214 19.42 10.64 -36.84
N VAL I 215 18.19 10.16 -36.94
CA VAL I 215 17.49 10.02 -38.22
C VAL I 215 16.08 10.60 -38.02
N PRO I 216 15.41 11.05 -39.08
CA PRO I 216 14.01 11.46 -38.94
C PRO I 216 13.12 10.27 -38.57
N ILE I 217 12.02 10.55 -37.90
CA ILE I 217 11.10 9.53 -37.43
C ILE I 217 9.81 9.62 -38.25
N GLY I 218 9.36 8.49 -38.78
CA GLY I 218 8.15 8.45 -39.56
C GLY I 218 8.28 7.94 -40.99
N PRO I 219 9.27 8.39 -41.75
CA PRO I 219 9.53 7.76 -43.05
C PRO I 219 10.13 6.36 -42.88
N ALA I 220 9.96 5.55 -43.92
CA ALA I 220 10.45 4.18 -43.88
C ALA I 220 11.92 4.07 -44.28
N THR I 221 12.50 5.11 -44.87
CA THR I 221 13.93 5.07 -45.19
C THR I 221 14.76 5.05 -43.92
N SER I 222 14.37 5.83 -42.92
CA SER I 222 15.11 5.82 -41.66
C SER I 222 14.85 4.55 -40.86
N SER I 223 13.67 3.96 -40.99
CA SER I 223 13.43 2.66 -40.38
C SER I 223 14.25 1.57 -41.07
N ILE I 224 14.43 1.69 -42.38
CA ILE I 224 15.34 0.80 -43.12
C ILE I 224 16.77 0.96 -42.61
N VAL I 225 17.19 2.20 -42.39
CA VAL I 225 18.53 2.49 -41.84
C VAL I 225 18.69 1.88 -40.45
N CYS I 226 17.67 2.01 -39.61
CA CYS I 226 17.71 1.43 -38.28
C CYS I 226 17.75 -0.09 -38.32
N GLU I 227 17.02 -0.69 -39.26
CA GLU I 227 17.09 -2.14 -39.46
C GLU I 227 18.49 -2.57 -39.90
N ILE I 228 19.10 -1.80 -40.80
CA ILE I 228 20.46 -2.11 -41.27
C ILE I 228 21.45 -2.05 -40.12
N ILE I 229 21.33 -1.04 -39.26
CA ILE I 229 22.25 -0.90 -38.14
C ILE I 229 22.03 -1.99 -37.10
N LEU I 230 20.77 -2.25 -36.74
CA LEU I 230 20.46 -3.18 -35.67
C LEU I 230 20.51 -4.64 -36.09
N SER I 231 20.56 -4.93 -37.41
CA SER I 231 20.64 -6.31 -37.85
C SER I 231 22.00 -6.93 -37.55
N ALA I 232 23.07 -6.13 -37.54
CA ALA I 232 24.37 -6.65 -37.14
C ALA I 232 24.39 -7.04 -35.67
N VAL I 233 23.73 -6.24 -34.82
CA VAL I 233 23.58 -6.57 -33.42
C VAL I 233 22.72 -7.82 -33.25
N ASP I 234 21.67 -7.94 -34.05
CA ASP I 234 20.84 -9.15 -34.03
C ASP I 234 21.65 -10.38 -34.46
N LYS I 235 22.55 -10.21 -35.44
CA LYS I 235 23.38 -11.31 -35.91
C LYS I 235 24.37 -11.76 -34.85
N ARG I 236 25.06 -10.79 -34.21
CA ARG I 236 26.05 -11.15 -33.21
C ARG I 236 25.41 -11.52 -31.87
N LEU I 237 24.11 -11.27 -31.69
CA LEU I 237 23.39 -11.84 -30.56
C LEU I 237 22.86 -13.24 -30.90
N ARG I 238 22.54 -13.49 -32.16
CA ARG I 238 22.06 -14.79 -32.59
C ARG I 238 23.16 -15.84 -32.56
N ASP I 239 24.38 -15.43 -32.90
CA ASP I 239 25.51 -16.37 -32.98
C ASP I 239 25.89 -16.92 -31.61
N ASP I 240 25.54 -16.23 -30.54
CA ASP I 240 25.76 -16.73 -29.19
C ASP I 240 24.63 -17.63 -28.70
N GLY I 241 23.64 -17.92 -29.54
CA GLY I 241 22.56 -18.79 -29.16
C GLY I 241 21.46 -18.17 -28.35
N PHE I 242 21.39 -16.84 -28.27
CA PHE I 242 20.34 -16.19 -27.51
C PHE I 242 19.01 -16.28 -28.25
N LEU I 243 17.96 -16.63 -27.52
CA LEU I 243 16.60 -16.66 -28.05
C LEU I 243 15.94 -15.33 -27.70
N PHE I 244 15.84 -14.44 -28.67
CA PHE I 244 15.39 -13.08 -28.42
C PHE I 244 14.58 -12.59 -29.61
N ARG I 245 13.73 -11.60 -29.34
CA ARG I 245 12.95 -10.92 -30.36
C ARG I 245 13.14 -9.42 -30.21
N ARG I 246 12.94 -8.68 -31.30
CA ARG I 246 13.00 -7.24 -31.20
C ARG I 246 11.90 -6.59 -32.04
N TYR I 247 11.30 -5.55 -31.47
CA TYR I 247 10.32 -4.70 -32.12
C TYR I 247 10.97 -3.32 -32.19
N ILE I 248 11.48 -2.99 -33.39
CA ILE I 248 12.31 -1.81 -33.64
C ILE I 248 13.50 -1.84 -32.68
N ASP I 249 13.40 -1.08 -31.57
CA ASP I 249 14.48 -0.96 -30.62
C ASP I 249 14.27 -1.77 -29.34
N ASP I 250 13.12 -2.42 -29.19
CA ASP I 250 12.80 -3.16 -27.98
C ASP I 250 13.23 -4.61 -28.13
N TYR I 251 14.11 -5.05 -27.24
CA TYR I 251 14.61 -6.42 -27.21
C TYR I 251 13.95 -7.14 -26.04
N THR I 252 13.30 -8.26 -26.35
CA THR I 252 12.81 -9.18 -25.33
C THR I 252 13.62 -10.46 -25.42
N CYS I 253 14.00 -10.99 -24.26
CA CYS I 253 14.84 -12.18 -24.18
C CYS I 253 14.27 -13.13 -23.16
N TYR I 254 14.40 -14.42 -23.44
CA TYR I 254 13.85 -15.49 -22.62
C TYR I 254 14.99 -16.38 -22.18
N CYS I 255 15.33 -16.33 -20.90
CA CYS I 255 16.49 -17.03 -20.36
C CYS I 255 16.06 -18.00 -19.27
N LYS I 256 16.63 -19.21 -19.33
CA LYS I 256 16.41 -20.20 -18.28
C LYS I 256 17.00 -19.75 -16.96
N THR I 257 18.09 -19.00 -17.01
CA THR I 257 18.82 -18.58 -15.82
C THR I 257 18.81 -17.06 -15.73
N HIS I 258 18.95 -16.55 -14.50
CA HIS I 258 19.14 -15.12 -14.32
C HIS I 258 20.52 -14.70 -14.81
N ASP I 259 21.50 -15.61 -14.69
CA ASP I 259 22.87 -15.32 -15.13
C ASP I 259 22.93 -15.11 -16.64
N ASP I 260 22.22 -15.95 -17.40
CA ASP I 260 22.16 -15.76 -18.85
C ASP I 260 21.44 -14.47 -19.21
N ALA I 261 20.50 -14.04 -18.37
CA ALA I 261 19.85 -12.75 -18.57
C ALA I 261 20.84 -11.60 -18.42
N LYS I 262 21.66 -11.63 -17.36
CA LYS I 262 22.68 -10.60 -17.19
C LYS I 262 23.72 -10.65 -18.30
N GLU I 263 24.05 -11.86 -18.76
CA GLU I 263 25.02 -12.00 -19.86
C GLU I 263 24.45 -11.45 -21.16
N PHE I 264 23.15 -11.66 -21.41
CA PHE I 264 22.51 -11.07 -22.58
C PHE I 264 22.52 -9.55 -22.51
N LEU I 265 22.24 -9.00 -21.33
CA LEU I 265 22.30 -7.55 -21.16
C LEU I 265 23.70 -7.00 -21.42
N HIS I 266 24.71 -7.72 -20.93
CA HIS I 266 26.11 -7.32 -21.14
C HIS I 266 26.49 -7.37 -22.62
N LEU I 267 26.11 -8.44 -23.32
CA LEU I 267 26.49 -8.57 -24.73
C LEU I 267 25.73 -7.58 -25.60
N LEU I 268 24.46 -7.32 -25.26
CA LEU I 268 23.68 -6.31 -25.97
C LEU I 268 24.29 -4.92 -25.77
N GLY I 269 24.71 -4.61 -24.54
CA GLY I 269 25.40 -3.35 -24.30
C GLY I 269 26.69 -3.24 -25.09
N MET I 270 27.46 -4.33 -25.18
CA MET I 270 28.68 -4.33 -25.97
C MET I 270 28.42 -4.05 -27.44
N GLU I 271 27.46 -4.77 -28.03
CA GLU I 271 27.26 -4.67 -29.47
C GLU I 271 26.58 -3.35 -29.84
N LEU I 272 25.77 -2.80 -28.94
CA LEU I 272 25.21 -1.47 -29.20
C LEU I 272 26.24 -0.38 -29.00
N SER I 273 27.17 -0.56 -28.04
CA SER I 273 28.21 0.43 -27.83
C SER I 273 29.23 0.43 -28.97
N LYS I 274 29.32 -0.69 -29.69
CA LYS I 274 30.13 -0.68 -30.92
C LYS I 274 29.56 0.29 -31.95
N TYR I 275 28.26 0.55 -31.91
CA TYR I 275 27.61 1.47 -32.84
C TYR I 275 27.13 2.75 -32.17
N LYS I 276 27.79 3.15 -31.07
CA LYS I 276 27.48 4.37 -30.32
C LYS I 276 26.02 4.40 -29.83
N LEU I 277 25.53 3.24 -29.39
CA LEU I 277 24.16 3.09 -28.91
C LEU I 277 24.18 2.49 -27.52
N SER I 278 23.14 2.79 -26.73
CA SER I 278 23.10 2.35 -25.34
C SER I 278 21.67 2.03 -24.93
N LEU I 279 21.56 1.18 -23.91
CA LEU I 279 20.28 0.70 -23.40
C LEU I 279 19.58 1.76 -22.57
N ASN I 280 18.25 1.74 -22.61
CA ASN I 280 17.42 2.52 -21.69
C ASN I 280 17.24 1.68 -20.43
N LEU I 281 18.01 1.97 -19.40
CA LEU I 281 17.95 1.19 -18.16
C LEU I 281 16.72 1.52 -17.33
N HIS I 282 15.96 2.57 -17.67
CA HIS I 282 14.66 2.78 -17.06
C HIS I 282 13.70 1.67 -17.46
N LYS I 283 13.60 1.40 -18.76
CA LYS I 283 12.71 0.36 -19.26
C LYS I 283 13.36 -1.02 -19.28
N THR I 284 14.66 -1.12 -19.01
CA THR I 284 15.32 -2.41 -18.96
C THR I 284 15.02 -3.07 -17.62
N LYS I 285 14.34 -4.22 -17.66
CA LYS I 285 13.96 -4.90 -16.43
C LYS I 285 13.90 -6.40 -16.68
N ILE I 286 14.01 -7.15 -15.58
CA ILE I 286 13.97 -8.61 -15.60
C ILE I 286 12.77 -9.05 -14.78
N THR I 287 11.89 -9.83 -15.41
CA THR I 287 10.70 -10.34 -14.76
C THR I 287 10.75 -11.86 -14.71
N ASN I 288 9.97 -12.43 -13.80
CA ASN I 288 9.97 -13.87 -13.55
C ASN I 288 8.83 -14.52 -14.32
N LEU I 289 9.17 -15.45 -15.18
CA LEU I 289 8.15 -16.20 -15.92
C LEU I 289 7.46 -17.20 -14.99
N PRO I 290 6.16 -17.45 -15.16
CA PRO I 290 5.26 -16.97 -16.22
C PRO I 290 4.66 -15.59 -15.99
N GLY I 291 4.96 -14.67 -16.91
CA GLY I 291 4.41 -13.34 -16.89
C GLY I 291 3.28 -13.23 -17.88
N THR I 292 2.57 -12.10 -17.83
CA THR I 292 1.52 -11.84 -18.80
C THR I 292 2.11 -11.64 -20.18
N LEU I 293 1.47 -12.23 -21.19
CA LEU I 293 1.95 -12.12 -22.56
C LEU I 293 1.79 -10.70 -23.08
N ASN I 294 0.64 -10.09 -22.85
CA ASN I 294 0.41 -8.68 -23.09
C ASN I 294 0.64 -7.92 -21.79
N ASP I 295 0.21 -6.66 -21.75
CA ASP I 295 0.24 -5.93 -20.50
C ASP I 295 -0.90 -6.39 -19.60
N ASN I 296 -0.86 -5.94 -18.34
CA ASN I 296 -1.89 -6.34 -17.38
C ASN I 296 -3.24 -5.73 -17.74
N TRP I 297 -3.25 -4.41 -18.02
CA TRP I 297 -4.49 -3.71 -18.29
C TRP I 297 -5.17 -4.20 -19.57
N VAL I 298 -4.40 -4.81 -20.48
CA VAL I 298 -4.99 -5.46 -21.65
C VAL I 298 -5.95 -6.56 -21.20
N SER I 299 -5.49 -7.41 -20.28
CA SER I 299 -6.33 -8.51 -19.80
C SER I 299 -7.46 -8.01 -18.92
N LEU I 300 -7.20 -6.99 -18.08
CA LEU I 300 -8.29 -6.43 -17.27
C LEU I 300 -9.37 -5.79 -18.13
N LEU I 301 -9.00 -5.10 -19.20
CA LEU I 301 -9.99 -4.54 -20.11
C LEU I 301 -10.71 -5.62 -20.90
N ASN I 302 -10.01 -6.70 -21.25
CA ASN I 302 -10.60 -7.70 -22.10
C ASN I 302 -11.51 -8.67 -21.34
N VAL I 303 -11.30 -8.83 -20.03
CA VAL I 303 -12.25 -9.62 -19.26
C VAL I 303 -13.51 -8.82 -18.93
N ASN I 304 -13.41 -7.50 -18.89
CA ASN I 304 -14.52 -6.62 -18.60
C ASN I 304 -15.13 -6.00 -19.85
N SER I 305 -14.68 -6.41 -21.02
CA SER I 305 -15.15 -5.82 -22.27
C SER I 305 -16.58 -6.26 -22.55
N PRO I 306 -17.47 -5.36 -22.94
CA PRO I 306 -18.84 -5.79 -23.30
C PRO I 306 -18.90 -6.53 -24.62
N THR I 307 -17.88 -6.40 -25.48
CA THR I 307 -17.85 -7.05 -26.78
C THR I 307 -16.89 -8.22 -26.83
N LYS I 308 -16.61 -8.85 -25.68
CA LYS I 308 -15.64 -9.93 -25.67
C LYS I 308 -16.23 -11.23 -26.19
N LYS I 309 -17.55 -11.33 -26.34
CA LYS I 309 -18.20 -12.48 -26.94
C LYS I 309 -18.97 -12.02 -28.16
N ARG I 310 -18.76 -12.71 -29.28
CA ARG I 310 -19.49 -12.47 -30.51
C ARG I 310 -20.62 -13.48 -30.65
N PHE I 311 -21.84 -12.98 -30.84
CA PHE I 311 -23.01 -13.83 -30.89
C PHE I 311 -23.42 -14.21 -32.31
N THR I 312 -22.65 -13.77 -33.32
CA THR I 312 -22.82 -14.05 -34.76
C THR I 312 -24.10 -13.49 -35.36
N ASP I 313 -24.91 -12.74 -34.61
CA ASP I 313 -26.03 -11.99 -35.16
C ASP I 313 -25.86 -10.53 -34.77
N GLN I 314 -26.17 -9.63 -35.70
CA GLN I 314 -25.78 -8.23 -35.55
C GLN I 314 -26.60 -7.51 -34.48
N ASP I 315 -27.83 -7.96 -34.21
CA ASP I 315 -28.66 -7.28 -33.23
C ASP I 315 -28.21 -7.56 -31.80
N LEU I 316 -27.62 -8.73 -31.56
CA LEU I 316 -27.34 -9.14 -30.18
C LEU I 316 -26.07 -8.50 -29.63
N ASN I 317 -25.13 -8.10 -30.48
CA ASN I 317 -23.89 -7.49 -30.00
C ASN I 317 -23.88 -5.97 -30.15
N LYS I 318 -25.02 -5.35 -30.44
CA LYS I 318 -25.14 -3.90 -30.34
C LYS I 318 -25.25 -3.53 -28.87
N LEU I 319 -24.25 -2.80 -28.36
CA LEU I 319 -24.22 -2.48 -26.95
C LEU I 319 -25.22 -1.38 -26.61
N SER I 320 -25.83 -1.51 -25.43
CA SER I 320 -26.68 -0.44 -24.90
C SER I 320 -25.83 0.67 -24.34
N SER I 321 -26.48 1.77 -23.96
CA SER I 321 -25.76 2.94 -23.45
C SER I 321 -25.07 2.64 -22.13
N SER I 322 -25.72 1.87 -21.26
CA SER I 322 -25.17 1.59 -19.94
C SER I 322 -23.87 0.81 -20.03
N GLU I 323 -23.79 -0.18 -20.93
CA GLU I 323 -22.61 -1.01 -21.05
C GLU I 323 -21.40 -0.18 -21.50
N VAL I 324 -21.56 0.64 -22.54
CA VAL I 324 -20.45 1.42 -23.04
C VAL I 324 -20.04 2.49 -22.05
N ILE I 325 -21.02 3.14 -21.40
CA ILE I 325 -20.71 4.18 -20.43
C ILE I 325 -19.95 3.59 -19.23
N ASN I 326 -20.39 2.43 -18.74
CA ASN I 326 -19.72 1.83 -17.60
C ASN I 326 -18.35 1.29 -17.98
N PHE I 327 -18.20 0.75 -19.20
CA PHE I 327 -16.89 0.29 -19.63
C PHE I 327 -15.92 1.46 -19.79
N LEU I 328 -16.40 2.60 -20.31
CA LEU I 328 -15.53 3.77 -20.46
C LEU I 328 -15.16 4.36 -19.10
N ASP I 329 -16.09 4.36 -18.15
CA ASP I 329 -15.76 4.83 -16.80
C ASP I 329 -14.75 3.91 -16.13
N TYR I 330 -14.92 2.59 -16.26
CA TYR I 330 -13.96 1.65 -15.71
C TYR I 330 -12.60 1.78 -16.39
N ALA I 331 -12.60 2.08 -17.69
CA ALA I 331 -11.36 2.30 -18.41
C ALA I 331 -10.65 3.57 -17.94
N VAL I 332 -11.41 4.62 -17.65
CA VAL I 332 -10.83 5.84 -17.10
C VAL I 332 -10.20 5.56 -15.74
N GLN I 333 -10.89 4.79 -14.90
CA GLN I 333 -10.32 4.40 -13.60
C GLN I 333 -9.06 3.56 -13.77
N LEU I 334 -9.06 2.63 -14.72
CA LEU I 334 -7.90 1.78 -14.93
C LEU I 334 -6.71 2.57 -15.48
N ASN I 335 -6.99 3.56 -16.34
CA ASN I 335 -5.93 4.40 -16.89
C ASN I 335 -5.36 5.33 -15.81
N THR I 336 -6.23 5.84 -14.92
CA THR I 336 -5.74 6.68 -13.83
C THR I 336 -4.95 5.86 -12.81
N GLN I 337 -5.41 4.65 -12.52
CA GLN I 337 -4.78 3.85 -11.46
C GLN I 337 -3.42 3.31 -11.90
N VAL I 338 -3.32 2.78 -13.11
CA VAL I 338 -2.10 2.15 -13.57
C VAL I 338 -1.24 3.17 -14.31
N GLY I 339 -1.76 3.71 -15.41
CA GLY I 339 -1.03 4.70 -16.19
C GLY I 339 0.20 4.15 -16.89
N GLY I 340 0.24 2.84 -17.14
CA GLY I 340 1.36 2.22 -17.80
C GLY I 340 1.17 1.85 -19.25
N GLY I 341 0.11 2.34 -19.89
CA GLY I 341 -0.14 2.00 -21.28
C GLY I 341 -1.31 2.80 -21.81
N SER I 342 -1.65 2.49 -23.07
CA SER I 342 -2.80 3.13 -23.72
C SER I 342 -4.08 2.37 -23.37
N ILE I 343 -4.50 2.55 -22.11
CA ILE I 343 -5.72 1.91 -21.63
C ILE I 343 -6.93 2.49 -22.35
N LEU I 344 -6.98 3.81 -22.46
CA LEU I 344 -8.14 4.46 -23.06
C LEU I 344 -8.19 4.24 -24.57
N LYS I 345 -7.05 4.26 -25.24
CA LYS I 345 -7.00 4.00 -26.68
C LYS I 345 -7.54 2.60 -27.01
N TYR I 346 -7.03 1.59 -26.29
CA TYR I 346 -7.47 0.22 -26.49
C TYR I 346 -8.95 0.07 -26.13
N ALA I 347 -9.38 0.73 -25.04
CA ALA I 347 -10.75 0.57 -24.56
C ALA I 347 -11.77 1.14 -25.53
N ILE I 348 -11.53 2.37 -26.02
CA ILE I 348 -12.48 2.92 -27.00
C ILE I 348 -12.37 2.21 -28.33
N SER I 349 -11.19 1.70 -28.73
CA SER I 349 -11.17 0.90 -29.95
C SER I 349 -11.86 -0.44 -29.80
N LEU I 350 -12.09 -0.90 -28.55
CA LEU I 350 -12.85 -2.13 -28.36
C LEU I 350 -14.33 -1.96 -28.71
N VAL I 351 -14.94 -0.86 -28.29
CA VAL I 351 -16.40 -0.75 -28.26
C VAL I 351 -16.93 0.33 -29.19
N ILE I 352 -16.12 0.83 -30.13
CA ILE I 352 -16.61 1.95 -30.94
C ILE I 352 -17.34 1.49 -32.20
N ASN I 353 -17.08 0.27 -32.67
CA ASN I 353 -17.74 -0.23 -33.87
C ASN I 353 -19.02 -1.02 -33.58
N ASN I 354 -19.30 -1.30 -32.32
CA ASN I 354 -20.44 -2.12 -31.93
C ASN I 354 -21.59 -1.29 -31.37
N LEU I 355 -21.56 0.02 -31.57
CA LEU I 355 -22.61 0.90 -31.07
C LEU I 355 -23.86 0.80 -31.94
N ASP I 356 -25.00 1.08 -31.33
CA ASP I 356 -26.23 1.37 -32.06
C ASP I 356 -26.49 2.87 -32.04
N GLU I 357 -27.51 3.29 -32.78
CA GLU I 357 -27.79 4.72 -32.97
C GLU I 357 -28.30 5.40 -31.71
N TYR I 358 -28.71 4.64 -30.68
CA TYR I 358 -29.25 5.25 -29.47
C TYR I 358 -28.14 5.86 -28.61
N THR I 359 -27.00 5.18 -28.49
CA THR I 359 -25.92 5.64 -27.64
C THR I 359 -24.81 6.36 -28.40
N ILE I 360 -25.05 6.69 -29.68
CA ILE I 360 -24.03 7.33 -30.51
C ILE I 360 -23.70 8.71 -29.96
N THR I 361 -24.72 9.48 -29.58
CA THR I 361 -24.49 10.86 -29.12
C THR I 361 -23.85 10.90 -27.74
N GLN I 362 -24.28 10.02 -26.83
CA GLN I 362 -23.70 9.97 -25.49
C GLN I 362 -22.24 9.55 -25.54
N VAL I 363 -21.92 8.56 -26.36
CA VAL I 363 -20.55 8.11 -26.51
C VAL I 363 -19.73 9.19 -27.21
N TYR I 364 -20.33 9.92 -28.15
CA TYR I 364 -19.63 11.03 -28.79
C TYR I 364 -19.32 12.15 -27.80
N ASP I 365 -20.23 12.42 -26.87
CA ASP I 365 -19.96 13.41 -25.83
C ASP I 365 -18.86 12.95 -24.88
N TYR I 366 -18.88 11.66 -24.51
CA TYR I 366 -17.82 11.11 -23.68
C TYR I 366 -16.47 11.19 -24.38
N LEU I 367 -16.45 10.87 -25.67
CA LEU I 367 -15.25 10.99 -26.49
C LEU I 367 -14.81 12.43 -26.64
N LEU I 368 -15.75 13.37 -26.71
CA LEU I 368 -15.38 14.78 -26.82
C LEU I 368 -14.68 15.25 -25.55
N ASN I 369 -15.22 14.89 -24.38
CA ASN I 369 -14.59 15.23 -23.11
C ASN I 369 -13.22 14.58 -22.98
N LEU I 370 -13.14 13.27 -23.30
CA LEU I 370 -11.89 12.54 -23.15
C LEU I 370 -10.84 12.99 -24.15
N SER I 371 -11.26 13.33 -25.38
CA SER I 371 -10.35 13.78 -26.41
C SER I 371 -9.87 15.20 -26.14
N TRP I 372 -10.67 16.00 -25.45
CA TRP I 372 -10.12 17.23 -24.88
C TRP I 372 -9.08 16.91 -23.84
N HIS I 373 -9.37 15.97 -22.93
CA HIS I 373 -8.42 15.70 -21.86
C HIS I 373 -7.21 14.90 -22.33
N TYR I 374 -7.36 14.10 -23.38
CA TYR I 374 -6.24 13.37 -23.98
C TYR I 374 -6.33 13.51 -25.48
N PRO I 375 -5.41 14.22 -26.14
CA PRO I 375 -5.52 14.45 -27.59
C PRO I 375 -5.41 13.18 -28.42
N MET I 376 -4.86 12.10 -27.87
CA MET I 376 -4.68 10.85 -28.61
C MET I 376 -6.01 10.25 -29.05
N LEU I 377 -7.09 10.55 -28.33
CA LEU I 377 -8.41 10.04 -28.64
C LEU I 377 -9.15 10.91 -29.64
N ILE I 378 -8.54 12.01 -30.10
CA ILE I 378 -9.18 12.85 -31.12
C ILE I 378 -9.44 12.12 -32.44
N PRO I 379 -8.53 11.32 -33.01
CA PRO I 379 -8.86 10.65 -34.29
C PRO I 379 -10.05 9.70 -34.26
N TYR I 380 -10.49 9.24 -33.07
CA TYR I 380 -11.62 8.32 -33.00
C TYR I 380 -12.93 8.99 -33.38
N LEU I 381 -13.05 10.30 -33.13
CA LEU I 381 -14.29 11.04 -33.37
C LEU I 381 -14.79 10.92 -34.80
N GLY I 382 -13.86 10.77 -35.75
CA GLY I 382 -14.25 10.70 -37.15
C GLY I 382 -15.07 9.47 -37.49
N VAL I 383 -14.95 8.41 -36.69
CA VAL I 383 -15.79 7.24 -36.96
C VAL I 383 -17.20 7.42 -36.42
N LEU I 384 -17.42 8.38 -35.52
CA LEU I 384 -18.75 8.71 -35.04
C LEU I 384 -19.22 10.08 -35.50
N ILE I 385 -18.44 10.77 -36.31
CA ILE I 385 -18.79 12.13 -36.70
C ILE I 385 -19.84 12.15 -37.81
N GLU I 386 -20.05 11.03 -38.50
CA GLU I 386 -21.05 10.98 -39.55
C GLU I 386 -22.46 10.87 -38.96
N HIS I 387 -22.63 10.06 -37.92
CA HIS I 387 -23.96 9.83 -37.37
C HIS I 387 -24.42 11.01 -36.51
N VAL I 388 -23.48 11.66 -35.82
CA VAL I 388 -23.84 12.82 -35.01
C VAL I 388 -24.11 14.01 -35.91
N TYR I 389 -25.24 14.67 -35.69
CA TYR I 389 -25.59 15.87 -36.43
C TYR I 389 -24.72 17.01 -35.93
N LEU I 390 -23.88 17.55 -36.83
CA LEU I 390 -22.85 18.49 -36.40
C LEU I 390 -23.43 19.87 -36.08
N ASP I 391 -24.48 20.29 -36.79
CA ASP I 391 -25.09 21.58 -36.53
C ASP I 391 -25.70 21.64 -35.14
N ASP I 392 -26.73 20.81 -34.88
CA ASP I 392 -27.39 20.62 -33.57
C ASP I 392 -27.81 22.00 -33.02
N GLY I 393 -27.38 22.36 -31.81
CA GLY I 393 -27.62 23.69 -31.30
C GLY I 393 -26.33 24.47 -31.10
N ASP I 394 -25.42 24.37 -32.08
CA ASP I 394 -24.15 25.09 -32.20
C ASP I 394 -23.10 24.57 -31.19
N GLU I 395 -23.49 23.63 -30.32
CA GLU I 395 -22.64 23.19 -29.21
C GLU I 395 -21.35 22.51 -29.70
N TYR I 396 -21.45 21.69 -30.75
CA TYR I 396 -20.27 20.98 -31.25
C TYR I 396 -19.23 21.91 -31.86
N LYS I 397 -19.65 23.07 -32.37
CA LYS I 397 -18.69 24.07 -32.83
C LYS I 397 -17.84 24.58 -31.66
N ASN I 398 -18.47 24.86 -30.53
CA ASN I 398 -17.72 25.24 -29.32
C ASN I 398 -16.87 24.09 -28.81
N LYS I 399 -17.35 22.85 -28.93
CA LYS I 399 -16.55 21.67 -28.57
C LYS I 399 -15.23 21.65 -29.34
N PHE I 400 -15.35 21.75 -30.67
CA PHE I 400 -14.16 21.65 -31.52
C PHE I 400 -13.25 22.86 -31.36
N ASN I 401 -13.83 24.05 -31.14
CA ASN I 401 -13.00 25.24 -30.95
C ASN I 401 -12.24 25.19 -29.62
N GLU I 402 -12.87 24.65 -28.57
CA GLU I 402 -12.20 24.53 -27.29
C GLU I 402 -11.08 23.49 -27.39
N ILE I 403 -11.33 22.39 -28.11
CA ILE I 403 -10.30 21.38 -28.33
C ILE I 403 -9.14 21.97 -29.13
N LEU I 404 -9.45 22.78 -30.14
CA LEU I 404 -8.41 23.46 -30.93
C LEU I 404 -7.58 24.40 -30.06
N SER I 405 -8.24 25.14 -29.18
CA SER I 405 -7.52 26.06 -28.30
C SER I 405 -6.58 25.30 -27.37
N MET I 406 -7.04 24.20 -26.78
CA MET I 406 -6.18 23.45 -25.87
C MET I 406 -5.06 22.74 -26.63
N CYS I 407 -5.32 22.35 -27.88
CA CYS I 407 -4.27 21.77 -28.70
C CYS I 407 -3.22 22.80 -29.07
N ALA I 408 -3.63 24.05 -29.28
CA ALA I 408 -2.66 25.13 -29.51
C ALA I 408 -1.83 25.41 -28.26
N GLU I 409 -2.47 25.41 -27.08
CA GLU I 409 -1.71 25.67 -25.85
C GLU I 409 -0.76 24.52 -25.51
N ASN I 410 -1.18 23.28 -25.72
CA ASN I 410 -0.34 22.14 -25.33
C ASN I 410 0.74 21.82 -26.35
N LYS I 411 0.77 22.53 -27.48
CA LYS I 411 1.79 22.42 -28.52
C LYS I 411 1.87 21.00 -29.09
N CYS I 412 0.72 20.36 -29.20
CA CYS I 412 0.62 19.03 -29.79
C CYS I 412 0.15 19.16 -31.23
N SER I 413 0.66 18.30 -32.10
CA SER I 413 0.37 18.41 -33.53
C SER I 413 -0.66 17.39 -34.00
N ASP I 414 -0.70 16.21 -33.40
CA ASP I 414 -1.62 15.17 -33.86
C ASP I 414 -3.07 15.57 -33.62
N GLY I 415 -3.39 15.97 -32.39
CA GLY I 415 -4.75 16.37 -32.09
C GLY I 415 -5.16 17.64 -32.79
N MET I 416 -4.23 18.58 -32.92
CA MET I 416 -4.53 19.88 -33.51
C MET I 416 -4.84 19.74 -35.01
N ALA I 417 -4.00 18.98 -35.72
CA ALA I 417 -4.24 18.74 -37.14
C ALA I 417 -5.47 17.88 -37.36
N TRP I 418 -5.70 16.90 -36.49
CA TRP I 418 -6.91 16.07 -36.61
C TRP I 418 -8.17 16.90 -36.38
N THR I 419 -8.14 17.83 -35.44
CA THR I 419 -9.29 18.68 -35.18
C THR I 419 -9.52 19.66 -36.33
N LEU I 420 -8.44 20.21 -36.92
CA LEU I 420 -8.59 20.98 -38.15
C LEU I 420 -9.22 20.14 -39.27
N TYR I 421 -8.81 18.89 -39.39
CA TYR I 421 -9.38 18.02 -40.41
C TYR I 421 -10.86 17.80 -40.18
N PHE I 422 -11.26 17.61 -38.93
CA PHE I 422 -12.68 17.39 -38.61
C PHE I 422 -13.49 18.66 -38.83
N CYS I 423 -12.95 19.83 -38.47
CA CYS I 423 -13.67 21.08 -38.68
C CYS I 423 -13.84 21.39 -40.17
N ILE I 424 -12.78 21.22 -40.96
CA ILE I 424 -12.85 21.55 -42.38
C ILE I 424 -13.72 20.54 -43.13
N LYS I 425 -13.57 19.25 -42.82
CA LYS I 425 -14.28 18.22 -43.57
C LYS I 425 -15.79 18.26 -43.33
N ASN I 426 -16.21 18.72 -42.16
CA ASN I 426 -17.62 18.76 -41.79
C ASN I 426 -18.22 20.16 -41.91
N ASN I 427 -17.52 21.09 -42.56
CA ASN I 427 -17.95 22.48 -42.76
C ASN I 427 -18.26 23.16 -41.42
N ILE I 428 -17.40 22.94 -40.43
CA ILE I 428 -17.54 23.52 -39.10
C ILE I 428 -16.68 24.78 -39.04
N ASP I 429 -17.30 25.89 -38.64
CA ASP I 429 -16.62 27.18 -38.63
C ASP I 429 -15.55 27.22 -37.54
N ILE I 430 -14.49 27.98 -37.82
CA ILE I 430 -13.34 28.12 -36.92
C ILE I 430 -13.24 29.59 -36.53
N ASP I 431 -13.12 29.86 -35.23
CA ASP I 431 -13.08 31.22 -34.73
C ASP I 431 -11.72 31.88 -35.04
N ASP I 432 -11.72 33.22 -35.01
CA ASP I 432 -10.52 33.96 -35.40
C ASP I 432 -9.43 33.90 -34.33
N ASP I 433 -9.82 33.90 -33.06
CA ASP I 433 -8.85 33.88 -31.96
C ASP I 433 -8.08 32.56 -31.97
N VAL I 434 -8.78 31.46 -32.25
CA VAL I 434 -8.07 30.19 -32.30
C VAL I 434 -7.21 30.09 -33.56
N ILE I 435 -7.58 30.79 -34.63
CA ILE I 435 -6.69 30.92 -35.78
C ILE I 435 -5.42 31.66 -35.40
N GLU I 436 -5.56 32.70 -34.58
CA GLU I 436 -4.38 33.47 -34.14
C GLU I 436 -3.46 32.64 -33.26
N LYS I 437 -4.02 31.82 -32.36
CA LYS I 437 -3.09 30.98 -31.59
C LYS I 437 -2.58 29.77 -32.37
N ILE I 438 -3.26 29.37 -33.46
CA ILE I 438 -2.66 28.44 -34.41
C ILE I 438 -1.44 29.09 -35.07
N ILE I 439 -1.59 30.36 -35.47
CA ILE I 439 -0.49 31.12 -36.04
C ILE I 439 0.68 31.21 -35.05
N CYS I 440 0.36 31.47 -33.78
CA CYS I 440 1.39 31.54 -32.75
C CYS I 440 2.08 30.18 -32.55
N PHE I 441 1.31 29.08 -32.60
CA PHE I 441 1.91 27.76 -32.54
C PHE I 441 2.79 27.51 -33.78
N GLY I 442 2.25 27.71 -34.96
CA GLY I 442 3.04 27.63 -36.18
C GLY I 442 3.54 26.26 -36.54
N ASP I 443 2.80 25.20 -36.24
CA ASP I 443 3.13 23.88 -36.77
C ASP I 443 2.76 23.83 -38.25
N CYS I 444 3.56 23.10 -39.02
CA CYS I 444 3.47 23.18 -40.48
C CYS I 444 2.17 22.60 -41.01
N LEU I 445 1.76 21.42 -40.51
CA LEU I 445 0.61 20.74 -41.11
C LEU I 445 -0.70 21.42 -40.76
N SER I 446 -0.80 22.04 -39.58
CA SER I 446 -1.97 22.85 -39.26
C SER I 446 -2.08 24.02 -40.24
N LEU I 447 -0.96 24.64 -40.58
CA LEU I 447 -0.99 25.74 -41.54
C LEU I 447 -1.28 25.25 -42.94
N CYS I 448 -0.86 24.03 -43.28
CA CYS I 448 -1.26 23.44 -44.56
C CYS I 448 -2.76 23.21 -44.63
N LEU I 449 -3.35 22.75 -43.52
CA LEU I 449 -4.80 22.56 -43.49
C LEU I 449 -5.55 23.88 -43.60
N LEU I 450 -5.07 24.92 -42.89
CA LEU I 450 -5.65 26.25 -43.03
C LEU I 450 -5.48 26.81 -44.44
N ASP I 451 -4.35 26.50 -45.09
CA ASP I 451 -4.14 26.87 -46.48
C ASP I 451 -5.17 26.17 -47.37
N SER I 452 -5.42 24.89 -47.11
CA SER I 452 -6.43 24.15 -47.85
C SER I 452 -7.83 24.71 -47.62
N SER I 453 -8.07 25.31 -46.45
CA SER I 453 -9.38 25.93 -46.19
C SER I 453 -9.59 27.16 -47.06
N ASP I 454 -8.52 27.88 -47.39
CA ASP I 454 -8.45 29.07 -48.25
C ASP I 454 -9.11 30.31 -47.65
N ILE I 455 -9.76 30.19 -46.48
CA ILE I 455 -10.34 31.36 -45.82
C ILE I 455 -9.24 32.27 -45.27
N TYR I 456 -8.20 31.67 -44.69
CA TYR I 456 -7.14 32.38 -43.98
C TYR I 456 -5.91 32.57 -44.85
N GLU I 457 -6.11 32.82 -46.15
CA GLU I 457 -5.01 32.89 -47.09
C GLU I 457 -4.08 34.07 -46.78
N GLU I 458 -4.64 35.20 -46.34
CA GLU I 458 -3.82 36.37 -46.08
C GLU I 458 -2.91 36.17 -44.86
N LYS I 459 -3.42 35.54 -43.80
CA LYS I 459 -2.59 35.31 -42.61
C LYS I 459 -1.50 34.28 -42.88
N ILE I 460 -1.82 33.25 -43.66
CA ILE I 460 -0.81 32.29 -44.11
C ILE I 460 0.23 32.98 -44.97
N ASN I 461 -0.21 33.93 -45.80
CA ASN I 461 0.71 34.70 -46.64
C ASN I 461 1.65 35.54 -45.79
N ASN I 462 1.14 36.17 -44.72
CA ASN I 462 2.00 36.94 -43.83
C ASN I 462 2.99 36.04 -43.10
N PHE I 463 2.55 34.85 -42.68
CA PHE I 463 3.44 33.92 -41.97
C PHE I 463 4.57 33.44 -42.88
N VAL I 464 4.23 32.99 -44.09
CA VAL I 464 5.27 32.53 -45.01
C VAL I 464 6.12 33.69 -45.48
N SER I 465 5.58 34.92 -45.52
CA SER I 465 6.38 36.08 -45.87
C SER I 465 7.40 36.38 -44.79
N ASP I 466 7.02 36.24 -43.51
CA ASP I 466 7.97 36.40 -42.42
C ASP I 466 9.07 35.34 -42.50
N ILE I 467 8.70 34.10 -42.84
CA ILE I 467 9.70 33.05 -43.05
C ILE I 467 10.63 33.42 -44.20
N ILE I 468 10.10 34.01 -45.27
CA ILE I 468 10.93 34.39 -46.42
C ILE I 468 11.91 35.50 -46.05
N LYS I 469 11.43 36.57 -45.41
CA LYS I 469 12.35 37.65 -45.04
C LYS I 469 13.26 37.29 -43.88
N LEU I 470 13.03 36.16 -43.19
CA LEU I 470 14.02 35.71 -42.21
C LEU I 470 15.34 35.32 -42.87
N ASP I 471 15.26 34.84 -44.12
CA ASP I 471 16.41 34.43 -44.95
C ASP I 471 17.22 33.35 -44.22
N TYR I 472 16.55 32.21 -44.06
CA TYR I 472 17.16 31.01 -43.50
C TYR I 472 16.65 29.84 -44.31
N GLU I 473 17.56 29.04 -44.86
CA GLU I 473 17.16 27.91 -45.69
C GLU I 473 16.45 26.84 -44.86
N TYR I 474 16.92 26.63 -43.63
CA TYR I 474 16.33 25.60 -42.78
C TYR I 474 14.91 25.97 -42.33
N ASP I 475 14.64 27.26 -42.16
CA ASP I 475 13.30 27.68 -41.76
C ASP I 475 12.31 27.53 -42.91
N ILE I 476 12.77 27.66 -44.14
CA ILE I 476 11.93 27.33 -45.30
C ILE I 476 11.75 25.82 -45.41
N ASP I 477 12.80 25.07 -45.10
CA ASP I 477 12.70 23.61 -45.16
C ASP I 477 11.75 23.06 -44.11
N ARG I 478 11.62 23.74 -42.97
CA ARG I 478 10.68 23.31 -41.94
C ARG I 478 9.22 23.50 -42.37
N TYR I 479 8.95 24.30 -43.40
CA TYR I 479 7.60 24.54 -43.89
C TYR I 479 7.48 24.32 -45.40
N TRP I 480 8.39 23.51 -45.98
CA TRP I 480 8.33 23.17 -47.40
C TRP I 480 6.98 22.63 -47.82
N LEU I 481 6.29 21.89 -46.94
CA LEU I 481 4.98 21.37 -47.30
C LEU I 481 3.97 22.50 -47.52
N LEU I 482 3.98 23.49 -46.61
CA LEU I 482 3.11 24.65 -46.76
C LEU I 482 3.48 25.46 -48.00
N PHE I 483 4.78 25.64 -48.24
CA PHE I 483 5.22 26.40 -49.41
C PHE I 483 4.85 25.70 -50.71
N TYR I 484 4.99 24.38 -50.76
CA TYR I 484 4.63 23.64 -51.97
C TYR I 484 3.13 23.59 -52.18
N GLN I 485 2.36 23.52 -51.09
CA GLN I 485 0.91 23.54 -51.23
C GLN I 485 0.42 24.90 -51.70
N ARG I 486 1.06 25.97 -51.26
CA ARG I 486 0.73 27.29 -51.81
C ARG I 486 1.18 27.42 -53.26
N PHE I 487 2.29 26.78 -53.63
CA PHE I 487 2.72 26.81 -55.03
C PHE I 487 1.79 26.02 -55.93
N PHE I 488 1.21 24.92 -55.43
CA PHE I 488 0.41 24.05 -56.27
C PHE I 488 -0.92 24.69 -56.66
N LYS I 489 -1.48 25.54 -55.80
CA LYS I 489 -2.67 26.30 -56.12
C LYS I 489 -2.36 27.67 -56.72
N ASP I 490 -1.10 27.91 -57.10
CA ASP I 490 -0.64 29.14 -57.76
C ASP I 490 -0.90 30.37 -56.89
N LYS I 491 -0.52 30.30 -55.62
CA LYS I 491 -0.70 31.40 -54.70
C LYS I 491 0.62 31.93 -54.15
N ALA I 492 1.74 31.29 -54.45
CA ALA I 492 3.04 31.73 -53.95
C ALA I 492 4.12 31.23 -54.90
N PRO I 493 5.19 31.99 -55.10
CA PRO I 493 6.32 31.49 -55.88
C PRO I 493 7.16 30.50 -55.09
N SER I 494 8.02 29.80 -55.80
CA SER I 494 8.88 28.80 -55.17
C SER I 494 9.98 29.51 -54.39
N PRO I 495 10.09 29.28 -53.08
CA PRO I 495 11.21 29.86 -52.33
C PRO I 495 12.57 29.33 -52.76
N TYR I 496 12.62 28.09 -53.23
CA TYR I 496 13.87 27.51 -53.68
C TYR I 496 14.13 27.85 -55.15
N ASN I 497 15.41 28.03 -55.47
CA ASN I 497 15.80 28.33 -56.85
C ASN I 497 15.92 27.09 -57.71
N ASP I 498 15.78 25.91 -57.13
CA ASP I 498 15.85 24.68 -57.89
C ASP I 498 14.52 24.38 -58.59
N LYS I 499 14.54 23.35 -59.45
CA LYS I 499 13.39 22.97 -60.25
C LYS I 499 12.64 21.77 -59.69
N CYS I 500 12.92 21.38 -58.44
CA CYS I 500 12.25 20.23 -57.85
C CYS I 500 10.75 20.47 -57.68
N PHE I 501 10.37 21.68 -57.23
CA PHE I 501 8.97 22.02 -57.07
C PHE I 501 8.27 22.06 -58.42
N ASP I 502 8.95 22.56 -59.45
CA ASP I 502 8.36 22.61 -60.79
C ASP I 502 8.23 21.21 -61.38
N ILE I 503 9.19 20.32 -61.09
CA ILE I 503 9.08 18.92 -61.51
C ILE I 503 7.89 18.26 -60.84
N MET I 504 7.70 18.53 -59.54
CA MET I 504 6.57 17.94 -58.81
C MET I 504 5.24 18.49 -59.31
N LYS I 505 5.17 19.79 -59.60
CA LYS I 505 3.92 20.38 -60.09
C LYS I 505 3.58 19.92 -61.50
N GLY I 506 4.59 19.85 -62.38
CA GLY I 506 4.33 19.47 -63.76
C GLY I 506 3.87 18.04 -63.91
N TYR I 507 4.36 17.15 -63.06
CA TYR I 507 3.99 15.74 -63.11
C TYR I 507 2.85 15.40 -62.16
N GLY I 508 2.27 16.39 -61.50
CA GLY I 508 1.05 16.18 -60.72
C GLY I 508 1.24 15.54 -59.37
N VAL I 509 1.97 16.22 -58.48
CA VAL I 509 2.14 15.78 -57.09
C VAL I 509 1.36 16.73 -56.20
N ASP I 510 0.33 16.21 -55.54
CA ASP I 510 -0.42 16.97 -54.55
C ASP I 510 -0.43 16.17 -53.25
N PHE I 511 -0.02 16.81 -52.17
CA PHE I 511 -0.01 16.18 -50.86
C PHE I 511 -1.31 16.39 -50.09
N MET I 512 -2.29 17.05 -50.70
CA MET I 512 -3.67 17.07 -50.21
C MET I 512 -4.60 16.69 -51.35
N PRO I 513 -4.61 15.42 -51.75
CA PRO I 513 -5.41 15.02 -52.91
C PRO I 513 -6.86 14.71 -52.56
N ASP I 514 -7.74 15.07 -53.48
CA ASP I 514 -9.14 14.71 -53.34
C ASP I 514 -9.44 13.43 -54.13
N GLU I 515 -10.58 12.82 -53.81
CA GLU I 515 -10.97 11.57 -54.44
C GLU I 515 -11.37 11.76 -55.89
N ASP K 14 -11.55 31.19 50.22
CA ASP K 14 -12.76 30.47 49.85
C ASP K 14 -12.66 29.98 48.41
N GLU K 15 -13.35 28.88 48.13
CA GLU K 15 -13.32 28.29 46.79
C GLU K 15 -14.44 28.84 45.92
N LYS K 16 -15.56 29.28 46.53
CA LYS K 16 -16.63 29.94 45.80
C LYS K 16 -16.17 31.27 45.22
N ARG K 17 -15.40 32.03 46.00
CA ARG K 17 -14.81 33.27 45.49
C ARG K 17 -13.85 32.99 44.34
N HIS K 18 -13.09 31.88 44.45
CA HIS K 18 -12.21 31.48 43.36
C HIS K 18 -13.00 31.16 42.11
N LEU K 19 -14.20 30.56 42.27
CA LEU K 19 -15.09 30.38 41.14
C LEU K 19 -15.48 31.69 40.50
N TYR K 20 -15.80 32.70 41.32
CA TYR K 20 -16.23 33.98 40.76
C TYR K 20 -15.10 34.64 39.98
N GLU K 21 -13.90 34.68 40.56
CA GLU K 21 -12.76 35.30 39.89
C GLU K 21 -12.38 34.52 38.64
N ALA K 22 -12.50 33.18 38.67
CA ALA K 22 -12.22 32.38 37.49
C ALA K 22 -13.22 32.64 36.38
N LEU K 23 -14.51 32.76 36.74
CA LEU K 23 -15.55 32.96 35.75
C LEU K 23 -15.41 34.31 35.07
N LEU K 24 -15.06 35.34 35.84
CA LEU K 24 -15.03 36.66 35.22
C LEU K 24 -13.66 37.08 34.70
N ARG K 25 -12.61 36.92 35.50
CA ARG K 25 -11.33 37.50 35.17
C ARG K 25 -10.39 36.57 34.40
N HIS K 26 -10.66 35.27 34.39
CA HIS K 26 -9.72 34.33 33.81
C HIS K 26 -10.31 33.44 32.74
N ASN K 27 -11.58 33.07 32.83
CA ASN K 27 -12.18 32.15 31.88
C ASN K 27 -13.46 32.70 31.24
N TYR K 28 -13.66 34.03 31.29
CA TYR K 28 -14.68 34.65 30.45
C TYR K 28 -14.32 34.51 28.98
N PHE K 29 -13.11 34.93 28.62
CA PHE K 29 -12.62 34.77 27.27
C PHE K 29 -12.24 33.31 27.03
N PRO K 30 -12.13 32.88 25.78
CA PRO K 30 -11.63 31.51 25.52
C PRO K 30 -10.15 31.37 25.85
N ASN K 31 -9.89 31.16 27.15
CA ASN K 31 -8.55 31.01 27.69
C ASN K 31 -8.31 29.59 28.21
N GLN K 32 -8.97 28.59 27.62
CA GLN K 32 -8.91 27.24 28.17
C GLN K 32 -7.64 26.52 27.76
N LYS K 33 -7.01 26.94 26.67
CA LYS K 33 -5.77 26.31 26.22
C LYS K 33 -4.61 26.76 27.10
N GLY K 34 -3.92 25.80 27.71
CA GLY K 34 -2.89 26.13 28.68
C GLY K 34 -1.55 26.46 28.07
N SER K 35 -1.21 25.80 26.96
CA SER K 35 0.11 25.99 26.34
C SER K 35 0.23 27.38 25.73
N ILE K 36 -0.70 27.74 24.86
CA ILE K 36 -0.77 29.09 24.29
C ILE K 36 -2.23 29.43 24.06
N SER K 37 -2.59 30.68 24.34
CA SER K 37 -3.97 31.10 24.23
C SER K 37 -4.37 31.22 22.77
N GLU K 38 -5.60 30.81 22.45
CA GLU K 38 -6.14 31.03 21.11
C GLU K 38 -6.28 32.52 20.84
N ILE K 39 -6.69 33.28 21.84
CA ILE K 39 -6.86 34.72 21.72
C ILE K 39 -5.56 35.42 22.11
N PRO K 40 -5.13 36.45 21.37
CA PRO K 40 -3.89 37.17 21.73
C PRO K 40 -4.00 37.81 23.10
N PRO K 41 -2.86 37.98 23.81
CA PRO K 41 -2.90 38.42 25.21
C PRO K 41 -3.32 39.87 25.40
N CYS K 42 -3.43 40.63 24.31
CA CYS K 42 -3.94 41.99 24.40
C CYS K 42 -5.39 41.99 24.88
N PHE K 43 -6.21 41.10 24.33
CA PHE K 43 -7.54 40.87 24.88
C PHE K 43 -7.41 40.16 26.22
N SER K 44 -8.11 40.68 27.22
CA SER K 44 -8.09 40.07 28.54
C SER K 44 -9.40 40.38 29.25
N SER K 45 -9.66 39.65 30.32
CA SER K 45 -10.90 39.81 31.07
C SER K 45 -10.68 40.20 32.52
N ARG K 46 -9.45 40.51 32.93
CA ARG K 46 -9.24 41.03 34.26
C ARG K 46 -9.67 42.50 34.31
N THR K 47 -9.64 43.07 35.52
CA THR K 47 -10.33 44.31 35.88
C THR K 47 -11.83 44.23 35.56
N PHE K 48 -12.39 43.02 35.68
CA PHE K 48 -13.83 42.76 35.61
C PHE K 48 -14.14 41.93 36.84
N THR K 49 -14.35 42.61 37.97
CA THR K 49 -14.44 41.96 39.27
C THR K 49 -15.85 41.45 39.50
N PRO K 50 -16.04 40.55 40.48
CA PRO K 50 -17.40 40.12 40.84
C PRO K 50 -18.34 41.24 41.26
N GLU K 51 -17.82 42.34 41.79
CA GLU K 51 -18.68 43.46 42.19
C GLU K 51 -19.35 44.09 40.98
N ILE K 52 -18.61 44.25 39.88
CA ILE K 52 -19.17 44.87 38.68
C ILE K 52 -20.25 43.98 38.05
N ALA K 53 -20.01 42.67 38.01
CA ALA K 53 -21.02 41.76 37.47
C ALA K 53 -22.24 41.69 38.38
N GLU K 54 -22.02 41.78 39.70
CA GLU K 54 -23.14 41.83 40.64
C GLU K 54 -23.96 43.10 40.45
N LEU K 55 -23.29 44.20 40.06
CA LEU K 55 -24.01 45.43 39.75
C LEU K 55 -24.79 45.31 38.45
N ILE K 56 -24.18 44.70 37.43
CA ILE K 56 -24.83 44.55 36.13
C ILE K 56 -26.06 43.66 36.23
N SER K 57 -25.96 42.57 37.00
CA SER K 57 -27.11 41.68 37.20
C SER K 57 -28.24 42.38 37.93
N SER K 58 -27.91 43.31 38.83
CA SER K 58 -28.93 44.05 39.56
C SER K 58 -29.61 45.09 38.68
N ASP K 59 -28.93 45.54 37.63
CA ASP K 59 -29.45 46.60 36.77
C ASP K 59 -30.67 46.13 35.99
N THR K 60 -31.73 46.96 36.00
CA THR K 60 -32.96 46.67 35.29
C THR K 60 -33.28 47.68 34.19
N SER K 61 -32.39 48.65 33.96
CA SER K 61 -32.67 49.69 32.98
C SER K 61 -32.58 49.16 31.55
N GLY K 62 -33.20 49.89 30.64
CA GLY K 62 -33.15 49.58 29.22
C GLY K 62 -34.25 48.63 28.78
N ARG K 63 -34.36 48.49 27.46
CA ARG K 63 -35.33 47.61 26.85
C ARG K 63 -34.77 47.10 25.53
N ARG K 64 -35.04 45.82 25.24
CA ARG K 64 -34.54 45.18 24.03
C ARG K 64 -35.70 44.52 23.30
N SER K 65 -35.79 44.76 21.99
CA SER K 65 -36.88 44.21 21.20
C SER K 65 -36.72 42.70 21.00
N LEU K 66 -35.49 42.23 20.86
CA LEU K 66 -35.20 40.83 20.62
C LEU K 66 -34.81 40.16 21.93
N GLN K 67 -35.43 39.01 22.20
CA GLN K 67 -35.09 38.25 23.40
C GLN K 67 -33.73 37.58 23.23
N GLY K 68 -33.01 37.46 24.34
CA GLY K 68 -31.69 36.87 24.30
C GLY K 68 -30.64 37.83 23.80
N TYR K 69 -29.41 37.33 23.74
CA TYR K 69 -28.27 38.09 23.27
C TYR K 69 -27.47 37.25 22.29
N ASP K 70 -26.89 37.89 21.29
CA ASP K 70 -25.91 37.23 20.44
C ASP K 70 -24.52 37.41 21.06
N CYS K 71 -23.56 36.68 20.52
CA CYS K 71 -22.22 36.64 21.09
C CYS K 71 -21.18 36.99 20.04
N VAL K 72 -20.06 37.52 20.50
CA VAL K 72 -18.95 37.83 19.61
C VAL K 72 -18.37 36.54 19.06
N GLU K 73 -18.23 36.48 17.73
CA GLU K 73 -17.89 35.26 17.03
C GLU K 73 -16.38 35.19 16.79
N TYR K 74 -15.82 33.99 16.88
CA TYR K 74 -14.38 33.79 16.68
C TYR K 74 -14.20 32.44 16.01
N TYR K 75 -13.46 32.40 14.91
CA TYR K 75 -13.31 31.18 14.13
C TYR K 75 -11.84 30.76 14.17
N ALA K 76 -11.54 29.73 14.95
CA ALA K 76 -10.18 29.28 15.18
C ALA K 76 -9.89 28.04 14.36
N THR K 77 -8.77 28.04 13.64
CA THR K 77 -8.40 26.88 12.85
C THR K 77 -7.94 25.73 13.74
N ARG K 78 -8.43 24.53 13.45
CA ARG K 78 -7.99 23.33 14.13
C ARG K 78 -6.73 22.80 13.44
N TYR K 79 -6.30 21.59 13.79
CA TYR K 79 -5.08 21.03 13.22
C TYR K 79 -5.24 20.75 11.73
N ASN K 80 -6.45 20.35 11.31
CA ASN K 80 -6.74 20.09 9.91
C ASN K 80 -7.36 21.30 9.21
N ASN K 81 -7.06 22.51 9.69
CA ASN K 81 -7.57 23.78 9.16
C ASN K 81 -9.09 23.87 9.19
N PHE K 82 -9.73 23.12 10.10
CA PHE K 82 -11.17 23.20 10.23
C PHE K 82 -11.55 24.35 11.15
N PRO K 83 -12.61 25.10 10.83
CA PRO K 83 -13.05 26.19 11.71
C PRO K 83 -13.75 25.66 12.95
N ARG K 84 -13.37 26.18 14.11
CA ARG K 84 -14.06 25.95 15.35
C ARG K 84 -14.64 27.27 15.84
N THR K 85 -15.90 27.23 16.24
CA THR K 85 -16.66 28.43 16.58
C THR K 85 -16.54 28.67 18.09
N LEU K 86 -15.77 29.70 18.46
CA LEU K 86 -15.71 30.20 19.82
C LEU K 86 -16.56 31.45 19.94
N SER K 87 -17.11 31.67 21.12
CA SER K 87 -18.00 32.78 21.35
C SER K 87 -17.63 33.52 22.62
N ILE K 88 -17.71 34.85 22.57
CA ILE K 88 -17.54 35.71 23.73
C ILE K 88 -18.93 36.25 24.07
N ILE K 89 -19.45 35.83 25.23
CA ILE K 89 -20.82 36.15 25.61
C ILE K 89 -20.91 37.63 26.01
N HIS K 90 -22.06 38.23 25.72
CA HIS K 90 -22.33 39.61 26.09
C HIS K 90 -22.26 39.76 27.61
N PRO K 91 -21.64 40.83 28.12
CA PRO K 91 -21.37 40.92 29.57
C PRO K 91 -22.61 41.00 30.44
N LYS K 92 -23.75 41.44 29.91
CA LYS K 92 -24.98 41.40 30.69
C LYS K 92 -25.43 39.97 30.92
N ALA K 93 -25.55 39.20 29.83
CA ALA K 93 -25.94 37.80 29.92
C ALA K 93 -24.91 36.98 30.67
N TYR K 94 -23.62 37.21 30.40
CA TYR K 94 -22.58 36.47 31.09
C TYR K 94 -22.50 36.83 32.56
N SER K 95 -22.76 38.10 32.91
CA SER K 95 -22.75 38.49 34.32
C SER K 95 -23.88 37.83 35.08
N LYS K 96 -25.08 37.81 34.49
CA LYS K 96 -26.20 37.12 35.13
C LYS K 96 -25.94 35.62 35.25
N LEU K 97 -25.39 35.02 34.20
CA LEU K 97 -25.11 33.59 34.19
C LEU K 97 -24.03 33.22 35.22
N ALA K 98 -22.96 34.02 35.29
CA ALA K 98 -21.89 33.76 36.25
C ALA K 98 -22.37 33.96 37.68
N LYS K 99 -23.20 34.98 37.92
CA LYS K 99 -23.76 35.18 39.26
C LYS K 99 -24.64 34.00 39.66
N HIS K 100 -25.49 33.52 38.75
CA HIS K 100 -26.35 32.39 39.09
C HIS K 100 -25.56 31.10 39.27
N ILE K 101 -24.45 30.95 38.54
CA ILE K 101 -23.61 29.76 38.72
C ILE K 101 -22.91 29.81 40.07
N HIS K 102 -22.37 30.98 40.44
CA HIS K 102 -21.63 31.09 41.70
C HIS K 102 -22.56 30.98 42.90
N ASP K 103 -23.75 31.60 42.84
CA ASP K 103 -24.62 31.68 44.00
C ASP K 103 -25.16 30.31 44.42
N ASN K 104 -25.10 29.32 43.54
CA ASN K 104 -25.55 27.97 43.86
C ASN K 104 -24.47 26.93 43.63
N TRP K 105 -23.21 27.24 43.96
CA TRP K 105 -22.15 26.26 43.72
C TRP K 105 -22.21 25.11 44.71
N GLU K 106 -22.89 25.28 45.84
CA GLU K 106 -23.07 24.14 46.74
C GLU K 106 -24.03 23.12 46.13
N GLU K 107 -24.82 23.53 45.14
CA GLU K 107 -25.64 22.59 44.40
C GLU K 107 -24.94 22.12 43.11
N ILE K 108 -23.98 22.89 42.61
CA ILE K 108 -23.35 22.62 41.33
C ILE K 108 -22.05 21.82 41.46
N ARG K 109 -21.34 21.93 42.57
CA ARG K 109 -19.99 21.41 42.73
C ARG K 109 -19.91 19.89 42.78
N PHE K 110 -21.00 19.18 42.55
CA PHE K 110 -20.97 17.73 42.38
C PHE K 110 -20.24 17.33 41.10
N ILE K 111 -20.01 18.28 40.20
CA ILE K 111 -19.16 18.03 39.03
C ILE K 111 -17.69 18.06 39.38
N LYS K 112 -17.30 18.68 40.49
CA LYS K 112 -15.92 18.63 40.96
C LYS K 112 -15.56 17.21 41.40
N GLU K 113 -16.48 16.53 42.06
CA GLU K 113 -16.23 15.18 42.59
C GLU K 113 -16.65 14.13 41.56
N ASN K 114 -16.03 14.22 40.38
CA ASN K 114 -16.19 13.22 39.33
C ASN K 114 -14.81 12.70 38.98
N GLU K 115 -14.62 11.38 39.12
CA GLU K 115 -13.35 10.76 38.82
C GLU K 115 -13.25 10.31 37.36
N ASN K 116 -14.35 10.34 36.61
CA ASN K 116 -14.32 9.99 35.20
C ASN K 116 -14.16 11.20 34.29
N SER K 117 -14.35 12.41 34.82
CA SER K 117 -14.12 13.64 34.06
C SER K 117 -12.75 14.18 34.46
N MET K 118 -11.81 14.16 33.50
CA MET K 118 -10.48 14.63 33.79
C MET K 118 -10.36 16.14 33.60
N ILE K 119 -11.04 16.69 32.60
CA ILE K 119 -11.09 18.13 32.39
C ILE K 119 -12.35 18.64 33.09
N LYS K 120 -12.16 19.39 34.16
CA LYS K 120 -13.26 19.85 35.01
C LYS K 120 -12.75 21.08 35.76
N PRO K 121 -13.63 21.79 36.48
CA PRO K 121 -13.15 22.88 37.34
C PRO K 121 -12.16 22.40 38.38
N ASP K 122 -11.13 23.23 38.61
CA ASP K 122 -10.10 22.96 39.60
C ASP K 122 -9.56 24.30 40.10
N MET K 123 -8.90 24.26 41.25
CA MET K 123 -8.32 25.46 41.84
C MET K 123 -6.88 25.59 41.34
N HIS K 124 -6.71 26.25 40.20
CA HIS K 124 -5.41 26.36 39.57
C HIS K 124 -4.64 27.56 40.12
N ALA K 125 -3.34 27.60 39.79
CA ALA K 125 -2.47 28.65 40.30
C ALA K 125 -2.75 29.99 39.65
N ASP K 126 -2.93 30.02 38.32
CA ASP K 126 -3.18 31.27 37.63
C ASP K 126 -4.57 31.82 37.92
N GLY K 127 -5.50 30.96 38.34
CA GLY K 127 -6.85 31.37 38.69
C GLY K 127 -7.94 30.69 37.88
N ARG K 128 -7.61 30.14 36.72
CA ARG K 128 -8.61 29.50 35.85
C ARG K 128 -9.17 28.25 36.51
N ILE K 129 -10.47 28.03 36.36
CA ILE K 129 -11.04 26.77 36.83
C ILE K 129 -10.76 25.65 35.84
N ILE K 130 -10.89 25.91 34.55
CA ILE K 130 -10.87 24.87 33.52
C ILE K 130 -9.73 25.18 32.56
N ILE K 131 -8.73 24.32 32.53
CA ILE K 131 -7.63 24.38 31.58
C ILE K 131 -7.58 23.06 30.82
N MET K 132 -7.58 23.13 29.50
CA MET K 132 -7.51 21.94 28.68
C MET K 132 -6.11 21.37 28.70
N ASN K 133 -5.98 20.15 29.25
CA ASN K 133 -4.73 19.38 29.30
C ASN K 133 -3.63 20.09 30.08
N TYR K 134 -3.92 20.40 31.34
CA TYR K 134 -2.94 20.92 32.28
C TYR K 134 -2.24 19.81 33.06
N GLU K 135 -2.75 18.58 32.95
CA GLU K 135 -2.31 17.47 33.80
C GLU K 135 -0.95 16.93 33.38
N ASP K 136 -0.56 17.15 32.12
CA ASP K 136 0.66 16.78 31.37
C ASP K 136 0.60 15.29 31.03
N ALA K 137 1.39 14.87 30.03
CA ALA K 137 1.19 13.55 29.44
C ALA K 137 1.78 12.43 30.29
N GLU K 138 2.60 12.76 31.30
CA GLU K 138 3.17 11.70 32.14
C GLU K 138 2.23 11.31 33.27
N THR K 139 1.53 12.28 33.87
CA THR K 139 0.47 11.95 34.80
C THR K 139 -0.68 11.25 34.08
N LYS K 140 -0.91 11.61 32.82
CA LYS K 140 -1.85 10.86 31.99
C LYS K 140 -1.31 9.47 31.68
N THR K 141 0.02 9.35 31.52
CA THR K 141 0.65 8.07 31.20
C THR K 141 0.48 7.06 32.32
N ILE K 142 0.71 7.48 33.57
CA ILE K 142 0.56 6.58 34.71
C ILE K 142 -0.88 6.07 34.84
N ARG K 143 -1.85 7.00 34.72
CA ARG K 143 -3.25 6.63 34.81
C ARG K 143 -3.68 5.74 33.65
N GLU K 144 -3.19 6.03 32.45
CA GLU K 144 -3.53 5.22 31.27
C GLU K 144 -2.95 3.82 31.37
N LEU K 145 -1.74 3.71 31.93
CA LEU K 145 -1.14 2.40 32.17
C LEU K 145 -1.92 1.61 33.21
N ASN K 146 -2.37 2.27 34.28
CA ASN K 146 -3.16 1.59 35.29
C ASN K 146 -4.51 1.13 34.75
N ASP K 147 -5.15 1.97 33.93
CA ASP K 147 -6.45 1.61 33.37
C ASP K 147 -6.33 0.53 32.31
N GLY K 148 -5.23 0.52 31.55
CA GLY K 148 -5.14 -0.38 30.41
C GLY K 148 -4.80 -1.81 30.80
N PHE K 149 -4.42 -2.03 32.05
CA PHE K 149 -4.00 -3.36 32.49
C PHE K 149 -5.17 -4.33 32.48
N GLY K 150 -4.91 -5.56 32.02
CA GLY K 150 -5.88 -6.62 32.06
C GLY K 150 -6.99 -6.51 31.04
N ARG K 151 -6.99 -5.47 30.22
CA ARG K 151 -8.01 -5.25 29.22
C ARG K 151 -7.34 -5.38 27.85
N ARG K 152 -8.05 -5.97 26.90
CA ARG K 152 -7.51 -6.14 25.57
C ARG K 152 -8.27 -5.36 24.50
N PHE K 153 -9.25 -4.54 24.89
CA PHE K 153 -9.94 -3.68 23.93
C PHE K 153 -10.11 -2.28 24.52
N LYS K 154 -9.92 -1.27 23.68
CA LYS K 154 -10.13 0.12 24.06
C LYS K 154 -11.12 0.77 23.10
N VAL K 155 -12.04 1.54 23.67
CA VAL K 155 -13.12 2.18 22.92
C VAL K 155 -12.93 3.68 23.01
N ASN K 156 -12.88 4.35 21.87
CA ASN K 156 -12.81 5.80 21.79
C ASN K 156 -14.09 6.29 21.13
N ALA K 157 -14.94 6.97 21.90
CA ALA K 157 -16.23 7.44 21.40
C ALA K 157 -16.50 8.83 21.94
N ASP K 158 -16.86 9.75 21.06
CA ASP K 158 -17.15 11.12 21.49
C ASP K 158 -18.50 11.56 20.94
N ILE K 159 -19.09 12.55 21.61
CA ILE K 159 -20.36 13.12 21.19
C ILE K 159 -20.16 13.87 19.88
N SER K 160 -21.16 13.80 19.00
CA SER K 160 -21.00 14.28 17.63
C SER K 160 -20.91 15.80 17.56
N GLY K 161 -21.79 16.50 18.25
CA GLY K 161 -21.78 17.94 18.23
C GLY K 161 -21.89 18.56 19.61
N CYS K 162 -21.21 17.96 20.58
CA CYS K 162 -21.46 18.06 22.03
C CYS K 162 -21.86 19.44 22.53
N PHE K 163 -20.98 20.44 22.34
CA PHE K 163 -21.32 21.79 22.77
C PHE K 163 -22.35 22.43 21.85
N THR K 164 -22.31 22.13 20.56
CA THR K 164 -23.18 22.79 19.60
C THR K 164 -24.61 22.26 19.63
N ASN K 165 -24.86 21.10 20.22
CA ASN K 165 -26.23 20.59 20.31
C ASN K 165 -26.57 20.12 21.72
N ILE K 166 -26.05 20.80 22.74
CA ILE K 166 -26.60 20.66 24.08
C ILE K 166 -28.00 21.25 24.09
N TYR K 167 -28.97 20.47 24.54
CA TYR K 167 -30.30 20.98 24.79
C TYR K 167 -30.27 21.70 26.12
N SER K 168 -30.67 22.97 26.12
CA SER K 168 -30.66 23.74 27.36
C SER K 168 -31.66 23.18 28.36
N HIS K 169 -32.83 22.72 27.89
CA HIS K 169 -33.85 22.19 28.80
C HIS K 169 -33.45 20.86 29.41
N SER K 170 -32.38 20.24 28.95
CA SER K 170 -31.81 19.08 29.62
C SER K 170 -30.93 19.45 30.80
N ILE K 171 -30.70 20.74 31.03
CA ILE K 171 -29.98 21.16 32.25
C ILE K 171 -30.79 20.85 33.52
N PRO K 172 -32.09 21.16 33.62
CA PRO K 172 -32.83 20.69 34.82
C PRO K 172 -32.87 19.19 34.98
N TRP K 173 -32.98 18.45 33.87
CA TRP K 173 -33.11 16.99 33.92
C TRP K 173 -31.93 16.36 34.63
N ALA K 174 -30.71 16.68 34.18
CA ALA K 174 -29.50 16.13 34.77
C ALA K 174 -29.31 16.56 36.21
N VAL K 175 -30.04 17.57 36.67
CA VAL K 175 -29.96 17.92 38.09
C VAL K 175 -30.90 17.05 38.91
N ILE K 176 -32.14 16.84 38.45
CA ILE K 176 -33.15 16.24 39.29
C ILE K 176 -33.82 15.02 38.64
N GLY K 177 -33.21 14.46 37.60
CA GLY K 177 -33.85 13.37 36.89
C GLY K 177 -34.70 13.90 35.76
N VAL K 178 -34.79 13.15 34.67
CA VAL K 178 -35.58 13.59 33.52
C VAL K 178 -37.07 13.58 33.86
N ASN K 179 -37.54 12.49 34.46
CA ASN K 179 -38.96 12.32 34.72
C ASN K 179 -39.46 13.28 35.78
N ASN K 180 -38.68 13.49 36.84
CA ASN K 180 -39.08 14.43 37.90
C ASN K 180 -39.13 15.86 37.38
N ALA K 181 -38.17 16.23 36.53
CA ALA K 181 -38.16 17.57 35.96
C ALA K 181 -39.32 17.77 34.99
N LYS K 182 -39.66 16.74 34.21
CA LYS K 182 -40.82 16.85 33.32
C LYS K 182 -42.13 16.88 34.11
N ILE K 183 -42.20 16.16 35.23
CA ILE K 183 -43.40 16.19 36.06
C ILE K 183 -43.55 17.55 36.74
N ALA K 184 -42.44 18.14 37.18
CA ALA K 184 -42.49 19.44 37.84
C ALA K 184 -42.93 20.55 36.89
N LEU K 185 -42.74 20.37 35.58
CA LEU K 185 -43.21 21.33 34.60
C LEU K 185 -44.74 21.33 34.51
N LYS K 194 -38.79 29.23 41.32
CA LYS K 194 -38.51 27.95 40.66
C LYS K 194 -37.19 27.37 41.15
N HIS K 195 -36.85 26.19 40.64
CA HIS K 195 -35.58 25.56 40.96
C HIS K 195 -34.43 26.35 40.33
N TRP K 196 -33.24 26.23 40.92
CA TRP K 196 -32.10 26.98 40.46
C TRP K 196 -31.64 26.55 39.07
N SER K 197 -31.82 25.28 38.73
CA SER K 197 -31.36 24.80 37.44
C SER K 197 -32.27 25.25 36.31
N ASP K 198 -33.55 25.51 36.58
CA ASP K 198 -34.41 26.12 35.58
C ASP K 198 -33.97 27.55 35.28
N LYS K 199 -33.54 28.28 36.30
CA LYS K 199 -33.01 29.62 36.06
C LYS K 199 -31.67 29.55 35.34
N LEU K 200 -30.87 28.52 35.62
CA LEU K 200 -29.62 28.33 34.88
C LEU K 200 -29.89 28.00 33.42
N ASP K 201 -30.91 27.18 33.16
CA ASP K 201 -31.47 27.01 31.82
C ASP K 201 -31.80 28.33 31.15
N TYR K 202 -32.56 29.18 31.85
CA TYR K 202 -33.00 30.43 31.24
C TYR K 202 -31.82 31.34 30.95
N PHE K 203 -30.84 31.40 31.86
CA PHE K 203 -29.68 32.27 31.66
C PHE K 203 -28.77 31.75 30.56
N GLN K 204 -28.59 30.43 30.47
CA GLN K 204 -27.80 29.87 29.38
C GLN K 204 -28.49 30.07 28.04
N ARG K 205 -29.83 30.10 28.03
CA ARG K 205 -30.56 30.45 26.81
C ARG K 205 -30.33 31.92 26.44
N GLN K 206 -30.44 32.82 27.43
CA GLN K 206 -30.24 34.24 27.17
C GLN K 206 -28.81 34.55 26.72
N ALA K 207 -27.86 33.69 27.08
CA ALA K 207 -26.48 33.87 26.63
C ALA K 207 -26.36 33.77 25.12
N LYS K 208 -27.17 32.92 24.47
CA LYS K 208 -27.13 32.74 23.02
C LYS K 208 -28.54 32.83 22.45
N ARG K 209 -29.00 34.07 22.21
CA ARG K 209 -30.15 34.40 21.36
C ARG K 209 -31.46 33.72 21.78
N ASN K 210 -31.61 33.37 23.05
CA ASN K 210 -32.77 32.64 23.59
C ASN K 210 -33.01 31.34 22.82
N GLU K 211 -31.94 30.55 22.70
CA GLU K 211 -31.97 29.32 21.91
C GLU K 211 -31.64 28.14 22.81
N THR K 212 -32.47 27.09 22.73
CA THR K 212 -32.30 25.94 23.60
C THR K 212 -31.17 25.03 23.14
N HIS K 213 -30.94 24.93 21.83
CA HIS K 213 -29.90 24.04 21.33
C HIS K 213 -28.55 24.73 21.32
N GLY K 214 -27.57 24.09 21.96
CA GLY K 214 -26.20 24.55 21.91
C GLY K 214 -25.84 25.47 23.05
N VAL K 215 -24.54 25.58 23.29
CA VAL K 215 -23.97 26.52 24.25
C VAL K 215 -22.81 27.22 23.56
N PRO K 216 -22.42 28.43 23.97
CA PRO K 216 -21.21 29.04 23.43
C PRO K 216 -19.96 28.26 23.83
N ILE K 217 -18.93 28.35 23.02
CA ILE K 217 -17.68 27.61 23.23
C ILE K 217 -16.60 28.60 23.62
N GLY K 218 -15.89 28.30 24.71
CA GLY K 218 -14.83 29.15 25.18
C GLY K 218 -14.96 29.68 26.60
N PRO K 219 -16.13 30.19 26.99
CA PRO K 219 -16.34 30.51 28.40
C PRO K 219 -16.45 29.26 29.26
N ALA K 220 -16.16 29.42 30.55
CA ALA K 220 -16.22 28.30 31.47
C ALA K 220 -17.61 28.02 32.01
N THR K 221 -18.55 28.97 31.85
CA THR K 221 -19.92 28.71 32.27
C THR K 221 -20.56 27.61 31.44
N SER K 222 -20.31 27.62 30.13
CA SER K 222 -20.86 26.58 29.27
C SER K 222 -20.14 25.25 29.47
N SER K 223 -18.86 25.28 29.82
CA SER K 223 -18.16 24.05 30.17
C SER K 223 -18.69 23.49 31.49
N ILE K 224 -19.05 24.37 32.42
CA ILE K 224 -19.72 23.95 33.67
C ILE K 224 -21.06 23.31 33.34
N VAL K 225 -21.81 23.89 32.41
CA VAL K 225 -23.09 23.34 31.99
C VAL K 225 -22.91 21.95 31.35
N CYS K 226 -21.88 21.81 30.51
CA CYS K 226 -21.60 20.52 29.89
C CYS K 226 -21.18 19.48 30.92
N GLU K 227 -20.41 19.90 31.93
CA GLU K 227 -20.07 19.00 33.02
C GLU K 227 -21.30 18.57 33.81
N ILE K 228 -22.22 19.49 34.05
CA ILE K 228 -23.46 19.18 34.77
C ILE K 228 -24.29 18.17 33.99
N ILE K 229 -24.38 18.35 32.67
CA ILE K 229 -25.18 17.44 31.85
C ILE K 229 -24.51 16.07 31.76
N LEU K 230 -23.19 16.04 31.49
CA LEU K 230 -22.50 14.79 31.26
C LEU K 230 -22.15 14.03 32.54
N SER K 231 -22.27 14.67 33.70
CA SER K 231 -21.98 13.98 34.94
C SER K 231 -23.04 12.94 35.28
N ALA K 232 -24.29 13.16 34.86
CA ALA K 232 -25.32 12.13 35.04
C ALA K 232 -25.03 10.90 34.19
N VAL K 233 -24.56 11.11 32.95
CA VAL K 233 -24.14 10.00 32.11
C VAL K 233 -22.94 9.29 32.72
N ASP K 234 -21.99 10.05 33.27
CA ASP K 234 -20.85 9.44 33.96
C ASP K 234 -21.28 8.64 35.17
N LYS K 235 -22.30 9.12 35.89
CA LYS K 235 -22.80 8.42 37.08
C LYS K 235 -23.48 7.12 36.68
N ARG K 236 -24.34 7.15 35.67
CA ARG K 236 -25.06 5.93 35.29
C ARG K 236 -24.18 4.99 34.46
N LEU K 237 -23.03 5.45 33.98
CA LEU K 237 -22.02 4.54 33.44
C LEU K 237 -21.14 3.95 34.53
N ARG K 238 -20.89 4.72 35.59
CA ARG K 238 -20.08 4.25 36.71
C ARG K 238 -20.81 3.16 37.50
N ASP K 239 -22.14 3.30 37.64
CA ASP K 239 -22.91 2.36 38.44
C ASP K 239 -22.94 0.97 37.83
N ASP K 240 -22.70 0.85 36.53
CA ASP K 240 -22.60 -0.45 35.87
C ASP K 240 -21.20 -1.05 35.95
N GLY K 241 -20.28 -0.39 36.65
CA GLY K 241 -18.93 -0.91 36.84
C GLY K 241 -17.98 -0.67 35.68
N PHE K 242 -18.34 0.21 34.75
CA PHE K 242 -17.45 0.48 33.61
C PHE K 242 -16.25 1.30 34.06
N LEU K 243 -15.07 0.89 33.62
CA LEU K 243 -13.83 1.62 33.87
C LEU K 243 -13.57 2.51 32.66
N PHE K 244 -13.89 3.80 32.80
CA PHE K 244 -13.84 4.72 31.67
C PHE K 244 -13.38 6.08 32.15
N ARG K 245 -12.83 6.85 31.20
CA ARG K 245 -12.42 8.23 31.43
C ARG K 245 -13.04 9.10 30.36
N ARG K 246 -13.21 10.39 30.67
CA ARG K 246 -13.67 11.32 29.65
C ARG K 246 -12.92 12.64 29.75
N TYR K 247 -12.62 13.18 28.58
CA TYR K 247 -12.02 14.51 28.40
C TYR K 247 -13.06 15.32 27.65
N ILE K 248 -13.78 16.17 28.39
CA ILE K 248 -14.96 16.90 27.91
C ILE K 248 -15.96 15.89 27.33
N ASP K 249 -15.95 15.73 26.02
CA ASP K 249 -16.90 14.87 25.33
C ASP K 249 -16.30 13.55 24.86
N ASP K 250 -15.00 13.36 24.99
CA ASP K 250 -14.34 12.15 24.51
C ASP K 250 -14.32 11.11 25.63
N TYR K 251 -14.90 9.94 25.37
CA TYR K 251 -14.94 8.84 26.30
C TYR K 251 -13.96 7.78 25.83
N THR K 252 -13.07 7.36 26.72
CA THR K 252 -12.23 6.20 26.49
C THR K 252 -12.63 5.13 27.50
N CYS K 253 -12.71 3.89 27.02
CA CYS K 253 -13.13 2.77 27.84
C CYS K 253 -12.17 1.60 27.63
N TYR K 254 -11.95 0.85 28.70
CA TYR K 254 -10.98 -0.25 28.71
C TYR K 254 -11.73 -1.52 29.10
N CYS K 255 -11.94 -2.41 28.14
CA CYS K 255 -12.74 -3.60 28.33
C CYS K 255 -11.90 -4.85 28.11
N LYS K 256 -12.07 -5.82 29.00
CA LYS K 256 -11.43 -7.12 28.84
C LYS K 256 -11.93 -7.84 27.60
N THR K 257 -13.19 -7.63 27.25
CA THR K 257 -13.85 -8.34 26.17
C THR K 257 -14.38 -7.37 25.14
N HIS K 258 -14.56 -7.85 23.91
CA HIS K 258 -15.15 -7.03 22.87
C HIS K 258 -16.65 -6.84 23.12
N ASP K 259 -17.30 -7.84 23.74
CA ASP K 259 -18.72 -7.74 24.03
C ASP K 259 -19.00 -6.64 25.05
N ASP K 260 -18.14 -6.51 26.06
CA ASP K 260 -18.31 -5.44 27.03
C ASP K 260 -18.07 -4.08 26.38
N ALA K 261 -17.21 -4.04 25.35
CA ALA K 261 -17.02 -2.81 24.59
C ALA K 261 -18.29 -2.41 23.85
N LYS K 262 -18.93 -3.37 23.17
CA LYS K 262 -20.19 -3.07 22.49
C LYS K 262 -21.28 -2.70 23.49
N GLU K 263 -21.30 -3.34 24.66
CA GLU K 263 -22.28 -3.01 25.69
C GLU K 263 -22.06 -1.61 26.24
N PHE K 264 -20.79 -1.21 26.41
CA PHE K 264 -20.50 0.16 26.82
C PHE K 264 -20.97 1.17 25.78
N LEU K 265 -20.74 0.87 24.50
CA LEU K 265 -21.21 1.76 23.44
C LEU K 265 -22.74 1.87 23.45
N HIS K 266 -23.42 0.75 23.66
CA HIS K 266 -24.89 0.75 23.71
C HIS K 266 -25.41 1.56 24.90
N LEU K 267 -24.81 1.37 26.09
CA LEU K 267 -25.29 2.09 27.27
C LEU K 267 -24.96 3.58 27.19
N LEU K 268 -23.80 3.92 26.62
CA LEU K 268 -23.46 5.31 26.40
C LEU K 268 -24.42 5.97 25.43
N GLY K 269 -24.77 5.26 24.35
CA GLY K 269 -25.77 5.78 23.43
C GLY K 269 -27.13 5.99 24.10
N MET K 270 -27.54 5.05 24.96
CA MET K 270 -28.79 5.20 25.68
C MET K 270 -28.78 6.42 26.59
N GLU K 271 -27.73 6.59 27.39
CA GLU K 271 -27.73 7.66 28.38
C GLU K 271 -27.53 9.02 27.73
N LEU K 272 -26.83 9.07 26.59
CA LEU K 272 -26.72 10.32 25.85
C LEU K 272 -28.03 10.64 25.12
N SER K 273 -28.74 9.61 24.64
CA SER K 273 -30.00 9.85 23.94
C SER K 273 -31.09 10.27 24.90
N LYS K 274 -30.95 9.94 26.19
CA LYS K 274 -31.86 10.50 27.20
C LYS K 274 -31.73 12.02 27.29
N TYR K 275 -30.56 12.57 26.93
CA TYR K 275 -30.33 14.01 26.96
C TYR K 275 -30.19 14.60 25.56
N LYS K 276 -30.81 13.97 24.55
CA LYS K 276 -30.80 14.42 23.15
C LYS K 276 -29.38 14.56 22.60
N LEU K 277 -28.52 13.61 22.96
CA LEU K 277 -27.12 13.61 22.54
C LEU K 277 -26.78 12.28 21.88
N SER K 278 -25.82 12.30 20.97
CA SER K 278 -25.45 11.10 20.23
C SER K 278 -23.95 11.08 19.97
N LEU K 279 -23.42 9.87 19.80
CA LEU K 279 -22.01 9.63 19.59
C LEU K 279 -21.59 9.97 18.17
N ASN K 280 -20.34 10.41 18.02
CA ASN K 280 -19.71 10.60 16.72
C ASN K 280 -19.15 9.26 16.29
N LEU K 281 -19.84 8.56 15.40
CA LEU K 281 -19.41 7.24 14.98
C LEU K 281 -18.25 7.29 14.00
N HIS K 282 -17.89 8.48 13.50
CA HIS K 282 -16.64 8.62 12.74
C HIS K 282 -15.44 8.39 13.64
N LYS K 283 -15.43 9.07 14.80
CA LYS K 283 -14.33 8.93 15.75
C LYS K 283 -14.52 7.78 16.72
N THR K 284 -15.69 7.15 16.72
CA THR K 284 -15.92 6.01 17.60
C THR K 284 -15.27 4.77 17.00
N LYS K 285 -14.30 4.20 17.70
CA LYS K 285 -13.58 3.05 17.18
C LYS K 285 -13.09 2.19 18.33
N ILE K 286 -12.84 0.92 18.01
CA ILE K 286 -12.38 -0.07 18.97
C ILE K 286 -11.00 -0.54 18.51
N THR K 287 -10.01 -0.41 19.38
CA THR K 287 -8.65 -0.82 19.09
C THR K 287 -8.23 -1.93 20.05
N ASN K 288 -7.22 -2.69 19.64
CA ASN K 288 -6.76 -3.86 20.39
C ASN K 288 -5.57 -3.46 21.25
N LEU K 289 -5.71 -3.66 22.57
CA LEU K 289 -4.60 -3.40 23.47
C LEU K 289 -3.55 -4.49 23.34
N PRO K 290 -2.25 -4.14 23.46
CA PRO K 290 -1.69 -2.85 23.83
C PRO K 290 -1.54 -1.85 22.68
N GLY K 291 -2.27 -0.75 22.78
CA GLY K 291 -2.12 0.38 21.87
C GLY K 291 -1.28 1.44 22.56
N THR K 292 -0.79 2.39 21.77
CA THR K 292 0.06 3.43 22.33
C THR K 292 -0.73 4.38 23.21
N LEU K 293 -0.08 4.87 24.26
CA LEU K 293 -0.74 5.73 25.23
C LEU K 293 -1.09 7.08 24.61
N ASN K 294 -0.15 7.66 23.88
CA ASN K 294 -0.38 8.86 23.08
C ASN K 294 -0.67 8.44 21.64
N ASP K 295 -0.67 9.42 20.73
CA ASP K 295 -0.77 9.11 19.33
C ASP K 295 0.55 8.55 18.80
N ASN K 296 0.52 8.04 17.56
CA ASN K 296 1.72 7.47 16.97
C ASN K 296 2.77 8.53 16.68
N TRP K 297 2.35 9.62 16.05
CA TRP K 297 3.27 10.68 15.65
C TRP K 297 3.92 11.36 16.84
N VAL K 298 3.27 11.30 18.01
CA VAL K 298 3.91 11.78 19.25
C VAL K 298 5.18 11.00 19.52
N SER K 299 5.11 9.68 19.42
CA SER K 299 6.28 8.85 19.67
C SER K 299 7.31 8.98 18.56
N LEU K 300 6.86 9.07 17.30
CA LEU K 300 7.81 9.27 16.20
C LEU K 300 8.55 10.60 16.31
N LEU K 301 7.85 11.67 16.72
CA LEU K 301 8.52 12.94 16.90
C LEU K 301 9.43 12.92 18.12
N ASN K 302 9.06 12.19 19.16
CA ASN K 302 9.83 12.23 20.40
C ASN K 302 11.06 11.32 20.34
N VAL K 303 11.06 10.29 19.48
CA VAL K 303 12.30 9.53 19.31
C VAL K 303 13.27 10.26 18.40
N ASN K 304 12.77 11.13 17.52
CA ASN K 304 13.60 11.90 16.59
C ASN K 304 13.83 13.32 17.06
N SER K 305 13.41 13.65 18.27
CA SER K 305 13.54 15.02 18.77
C SER K 305 15.00 15.33 19.08
N PRO K 306 15.51 16.49 18.67
CA PRO K 306 16.89 16.83 19.04
C PRO K 306 17.06 17.19 20.50
N THR K 307 15.97 17.53 21.20
CA THR K 307 16.01 17.91 22.60
C THR K 307 15.42 16.84 23.52
N LYS K 308 15.46 15.58 23.09
CA LYS K 308 14.87 14.53 23.91
C LYS K 308 15.75 14.14 25.09
N LYS K 309 17.01 14.58 25.11
CA LYS K 309 17.91 14.36 26.23
C LYS K 309 18.37 15.71 26.77
N ARG K 310 18.24 15.90 28.08
CA ARG K 310 18.73 17.10 28.75
C ARG K 310 20.09 16.82 29.36
N PHE K 311 21.06 17.66 29.03
CA PHE K 311 22.44 17.48 29.48
C PHE K 311 22.77 18.26 30.74
N THR K 312 21.80 18.99 31.31
CA THR K 312 21.87 19.77 32.54
C THR K 312 22.84 20.96 32.47
N ASP K 313 23.46 21.23 31.33
CA ASP K 313 24.23 22.45 31.11
C ASP K 313 23.67 23.15 29.88
N GLN K 314 23.58 24.48 29.96
CA GLN K 314 22.81 25.23 28.97
C GLN K 314 23.48 25.29 27.61
N ASP K 315 24.81 25.15 27.56
CA ASP K 315 25.50 25.22 26.27
C ASP K 315 25.34 23.95 25.46
N LEU K 316 25.17 22.79 26.12
CA LEU K 316 25.16 21.53 25.40
C LEU K 316 23.84 21.26 24.70
N ASN K 317 22.72 21.79 25.20
CA ASN K 317 21.43 21.54 24.60
C ASN K 317 20.95 22.70 23.73
N LYS K 318 21.82 23.66 23.44
CA LYS K 318 21.52 24.67 22.42
C LYS K 318 21.65 24.02 21.05
N LEU K 319 20.55 23.94 20.32
CA LEU K 319 20.55 23.21 19.05
C LEU K 319 21.21 24.03 17.96
N SER K 320 21.96 23.34 17.10
CA SER K 320 22.52 23.96 15.91
C SER K 320 21.43 24.11 14.84
N SER K 321 21.77 24.83 13.77
CA SER K 321 20.79 25.12 12.73
C SER K 321 20.35 23.85 12.00
N SER K 322 21.29 22.94 11.74
CA SER K 322 20.99 21.74 10.97
C SER K 322 20.01 20.83 11.71
N GLU K 323 20.15 20.71 13.03
CA GLU K 323 19.27 19.86 13.82
C GLU K 323 17.83 20.34 13.77
N VAL K 324 17.61 21.64 14.00
CA VAL K 324 16.26 22.18 13.99
C VAL K 324 15.66 22.14 12.60
N ILE K 325 16.46 22.46 11.58
CA ILE K 325 15.96 22.46 10.20
C ILE K 325 15.55 21.05 9.79
N ASN K 326 16.38 20.05 10.12
CA ASN K 326 16.07 18.69 9.74
C ASN K 326 14.90 18.14 10.54
N PHE K 327 14.77 18.52 11.82
CA PHE K 327 13.62 18.09 12.59
C PHE K 327 12.33 18.71 12.07
N LEU K 328 12.38 19.99 11.66
CA LEU K 328 11.20 20.63 11.11
C LEU K 328 10.82 20.04 9.76
N ASP K 329 11.81 19.70 8.92
CA ASP K 329 11.51 19.05 7.64
C ASP K 329 10.89 17.67 7.87
N TYR K 330 11.45 16.89 8.81
CA TYR K 330 10.90 15.58 9.12
C TYR K 330 9.49 15.71 9.70
N ALA K 331 9.24 16.77 10.48
CA ALA K 331 7.91 17.01 11.03
C ALA K 331 6.91 17.39 9.94
N VAL K 332 7.35 18.17 8.94
CA VAL K 332 6.50 18.49 7.81
C VAL K 332 6.13 17.22 7.04
N GLN K 333 7.11 16.33 6.84
CA GLN K 333 6.83 15.05 6.18
C GLN K 333 5.88 14.18 7.00
N LEU K 334 6.05 14.16 8.33
CA LEU K 334 5.19 13.36 9.18
C LEU K 334 3.78 13.92 9.22
N ASN K 335 3.64 15.25 9.18
CA ASN K 335 2.31 15.86 9.14
C ASN K 335 1.63 15.63 7.80
N THR K 336 2.39 15.67 6.71
CA THR K 336 1.81 15.39 5.40
C THR K 336 1.42 13.92 5.25
N GLN K 337 2.25 13.02 5.76
CA GLN K 337 2.03 11.59 5.56
C GLN K 337 0.86 11.08 6.39
N VAL K 338 0.79 11.48 7.67
CA VAL K 338 -0.22 10.97 8.57
C VAL K 338 -1.43 11.90 8.55
N GLY K 339 -1.24 13.15 8.97
CA GLY K 339 -2.33 14.10 9.00
C GLY K 339 -3.39 13.80 10.04
N GLY K 340 -3.05 13.04 11.07
CA GLY K 340 -4.00 12.68 12.10
C GLY K 340 -3.88 13.45 13.40
N GLY K 341 -3.11 14.53 13.43
CA GLY K 341 -2.94 15.30 14.66
C GLY K 341 -2.12 16.54 14.38
N SER K 342 -1.85 17.27 15.47
CA SER K 342 -1.02 18.48 15.39
C SER K 342 0.45 18.09 15.51
N ILE K 343 0.96 17.51 14.42
CA ILE K 343 2.37 17.13 14.35
C ILE K 343 3.25 18.37 14.37
N LEU K 344 2.89 19.39 13.58
CA LEU K 344 3.70 20.58 13.48
C LEU K 344 3.66 21.42 14.76
N LYS K 345 2.48 21.51 15.38
CA LYS K 345 2.36 22.26 16.64
C LYS K 345 3.25 21.67 17.72
N TYR K 346 3.15 20.35 17.92
CA TYR K 346 3.98 19.65 18.90
C TYR K 346 5.45 19.76 18.55
N ALA K 347 5.78 19.65 17.26
CA ALA K 347 7.18 19.64 16.83
C ALA K 347 7.85 20.98 17.07
N ILE K 348 7.22 22.08 16.65
CA ILE K 348 7.82 23.38 16.91
C ILE K 348 7.79 23.73 18.39
N SER K 349 6.79 23.29 19.15
CA SER K 349 6.85 23.53 20.58
C SER K 349 7.93 22.70 21.28
N LEU K 350 8.43 21.64 20.63
CA LEU K 350 9.54 20.88 21.20
C LEU K 350 10.84 21.68 21.18
N VAL K 351 11.14 22.36 20.07
CA VAL K 351 12.49 22.86 19.82
C VAL K 351 12.56 24.37 19.75
N ILE K 352 11.53 25.08 20.23
CA ILE K 352 11.54 26.53 20.04
C ILE K 352 12.24 27.25 21.20
N ASN K 353 12.34 26.62 22.36
CA ASN K 353 12.98 27.25 23.51
C ASN K 353 14.45 26.89 23.65
N ASN K 354 14.95 25.96 22.85
CA ASN K 354 16.32 25.50 22.95
C ASN K 354 17.22 26.07 21.85
N LEU K 355 16.77 27.10 21.16
CA LEU K 355 17.56 27.70 20.09
C LEU K 355 18.66 28.58 20.66
N ASP K 356 19.74 28.73 19.88
CA ASP K 356 20.72 29.77 20.11
C ASP K 356 20.52 30.87 19.08
N GLU K 357 21.26 31.97 19.25
CA GLU K 357 21.07 33.16 18.43
C GLU K 357 21.49 32.98 16.98
N TYR K 358 22.22 31.91 16.65
CA TYR K 358 22.68 31.70 15.28
C TYR K 358 21.54 31.25 14.37
N THR K 359 20.68 30.35 14.86
CA THR K 359 19.61 29.77 14.06
C THR K 359 18.26 30.44 14.32
N ILE K 360 18.24 31.57 15.02
CA ILE K 360 16.98 32.24 15.33
C ILE K 360 16.32 32.76 14.06
N THR K 361 17.09 33.35 13.15
CA THR K 361 16.52 33.92 11.94
C THR K 361 16.06 32.85 10.96
N GLN K 362 16.83 31.76 10.82
CA GLN K 362 16.44 30.68 9.92
C GLN K 362 15.18 29.98 10.40
N VAL K 363 15.10 29.73 11.71
CA VAL K 363 13.90 29.11 12.27
C VAL K 363 12.72 30.07 12.18
N TYR K 364 12.97 31.38 12.33
CA TYR K 364 11.90 32.36 12.17
C TYR K 364 11.38 32.40 10.74
N ASP K 365 12.27 32.24 9.76
CA ASP K 365 11.83 32.17 8.36
C ASP K 365 11.04 30.91 8.09
N TYR K 366 11.48 29.78 8.64
CA TYR K 366 10.74 28.53 8.51
C TYR K 366 9.36 28.64 9.15
N LEU K 367 9.29 29.26 10.33
CA LEU K 367 8.03 29.50 10.99
C LEU K 367 7.15 30.47 10.21
N LEU K 368 7.75 31.46 9.54
CA LEU K 368 6.96 32.39 8.74
C LEU K 368 6.31 31.67 7.57
N ASN K 369 7.07 30.83 6.87
CA ASN K 369 6.51 30.05 5.76
C ASN K 369 5.43 29.08 6.25
N LEU K 370 5.71 28.38 7.35
CA LEU K 370 4.77 27.39 7.86
C LEU K 370 3.53 28.04 8.45
N SER K 371 3.68 29.19 9.09
CA SER K 371 2.57 29.92 9.68
C SER K 371 1.71 30.57 8.61
N TRP K 372 2.30 30.92 7.46
CA TRP K 372 1.47 31.23 6.31
C TRP K 372 0.70 29.99 5.86
N HIS K 373 1.37 28.85 5.76
CA HIS K 373 0.68 27.66 5.24
C HIS K 373 -0.27 27.06 6.26
N TYR K 374 -0.01 27.24 7.55
CA TYR K 374 -0.93 26.80 8.61
C TYR K 374 -1.05 27.91 9.64
N PRO K 375 -2.22 28.54 9.77
CA PRO K 375 -2.33 29.68 10.70
C PRO K 375 -2.14 29.31 12.16
N MET K 376 -2.28 28.03 12.52
CA MET K 376 -2.16 27.59 13.90
C MET K 376 -0.77 27.85 14.47
N LEU K 377 0.25 27.93 13.60
CA LEU K 377 1.62 28.18 14.02
C LEU K 377 1.94 29.67 14.11
N ILE K 378 0.96 30.54 13.81
CA ILE K 378 1.20 31.98 13.96
C ILE K 378 1.53 32.42 15.39
N PRO K 379 0.84 31.94 16.45
CA PRO K 379 1.21 32.42 17.81
C PRO K 379 2.63 32.09 18.26
N TYR K 380 3.32 31.15 17.61
CA TYR K 380 4.68 30.80 18.04
C TYR K 380 5.67 31.91 17.73
N LEU K 381 5.40 32.70 16.68
CA LEU K 381 6.33 33.74 16.21
C LEU K 381 6.67 34.73 17.31
N GLY K 382 5.74 34.97 18.23
CA GLY K 382 5.97 35.95 19.29
C GLY K 382 7.07 35.57 20.24
N VAL K 383 7.38 34.27 20.34
CA VAL K 383 8.50 33.89 21.19
C VAL K 383 9.85 34.09 20.50
N LEU K 384 9.86 34.23 19.18
CA LEU K 384 11.07 34.55 18.44
C LEU K 384 11.04 35.94 17.83
N ILE K 385 10.00 36.73 18.10
CA ILE K 385 9.88 38.03 17.45
C ILE K 385 10.73 39.09 18.14
N GLU K 386 11.19 38.82 19.38
CA GLU K 386 12.04 39.77 20.08
C GLU K 386 13.46 39.75 19.53
N HIS K 387 13.99 38.55 19.27
CA HIS K 387 15.39 38.44 18.85
C HIS K 387 15.56 38.83 17.38
N VAL K 388 14.55 38.55 16.55
CA VAL K 388 14.62 38.94 15.14
C VAL K 388 14.41 40.44 15.01
N TYR K 389 15.30 41.10 14.28
CA TYR K 389 15.18 42.52 14.01
C TYR K 389 14.07 42.73 13.00
N LEU K 390 13.01 43.42 13.42
CA LEU K 390 11.80 43.49 12.60
C LEU K 390 11.96 44.42 11.41
N ASP K 391 12.74 45.49 11.55
CA ASP K 391 12.97 46.41 10.45
C ASP K 391 13.70 45.72 9.30
N ASP K 392 14.95 45.31 9.52
CA ASP K 392 15.79 44.54 8.59
C ASP K 392 15.82 45.25 7.24
N GLY K 393 15.47 44.59 6.14
CA GLY K 393 15.33 45.23 4.86
C GLY K 393 13.90 45.25 4.37
N ASP K 394 12.96 45.55 5.28
CA ASP K 394 11.52 45.75 5.06
C ASP K 394 10.81 44.42 4.75
N GLU K 395 11.55 43.30 4.64
CA GLU K 395 11.01 42.03 4.18
C GLU K 395 9.95 41.47 5.14
N TYR K 396 10.17 41.59 6.45
CA TYR K 396 9.22 41.08 7.44
C TYR K 396 7.88 41.79 7.39
N LYS K 397 7.86 43.06 6.99
CA LYS K 397 6.59 43.76 6.80
C LYS K 397 5.76 43.10 5.69
N ASN K 398 6.41 42.75 4.57
CA ASN K 398 5.72 42.01 3.52
C ASN K 398 5.32 40.61 3.99
N LYS K 399 6.14 39.97 4.82
CA LYS K 399 5.78 38.67 5.40
C LYS K 399 4.47 38.77 6.16
N PHE K 400 4.38 39.74 7.07
CA PHE K 400 3.20 39.87 7.92
C PHE K 400 1.99 40.34 7.12
N ASN K 401 2.19 41.20 6.12
CA ASN K 401 1.06 41.64 5.30
C ASN K 401 0.52 40.51 4.43
N GLU K 402 1.40 39.64 3.91
CA GLU K 402 0.95 38.50 3.12
C GLU K 402 0.19 37.53 4.01
N ILE K 403 0.68 37.31 5.24
CA ILE K 403 -0.03 36.44 6.18
C ILE K 403 -1.38 37.02 6.55
N LEU K 404 -1.46 38.34 6.74
CA LEU K 404 -2.73 39.01 7.00
C LEU K 404 -3.70 38.84 5.84
N SER K 405 -3.20 38.99 4.61
CA SER K 405 -4.06 38.84 3.45
C SER K 405 -4.60 37.42 3.34
N MET K 406 -3.77 36.41 3.56
CA MET K 406 -4.26 35.04 3.45
C MET K 406 -5.19 34.69 4.60
N CYS K 407 -4.97 35.30 5.78
CA CYS K 407 -5.89 35.11 6.90
C CYS K 407 -7.24 35.76 6.62
N ALA K 408 -7.25 36.89 5.91
CA ALA K 408 -8.50 37.51 5.49
C ALA K 408 -9.23 36.64 4.46
N GLU K 409 -8.50 36.07 3.50
CA GLU K 409 -9.14 35.23 2.49
C GLU K 409 -9.68 33.93 3.08
N ASN K 410 -8.94 33.31 4.00
CA ASN K 410 -9.35 32.02 4.56
C ASN K 410 -10.44 32.15 5.61
N LYS K 411 -10.82 33.38 6.00
CA LYS K 411 -11.87 33.65 6.98
C LYS K 411 -11.56 33.01 8.33
N CYS K 412 -10.29 33.00 8.71
CA CYS K 412 -9.86 32.49 10.00
C CYS K 412 -9.59 33.64 10.94
N SER K 413 -9.87 33.43 12.23
CA SER K 413 -9.79 34.52 13.20
C SER K 413 -8.57 34.43 14.09
N ASP K 414 -8.12 33.22 14.45
CA ASP K 414 -7.01 33.08 15.37
C ASP K 414 -5.72 33.63 14.79
N GLY K 415 -5.35 33.20 13.58
CA GLY K 415 -4.14 33.69 12.96
C GLY K 415 -4.22 35.15 12.58
N MET K 416 -5.41 35.61 12.19
CA MET K 416 -5.59 36.98 11.73
C MET K 416 -5.43 37.95 12.90
N ALA K 417 -6.09 37.65 14.02
CA ALA K 417 -5.96 38.49 15.21
C ALA K 417 -4.54 38.40 15.79
N TRP K 418 -3.93 37.22 15.74
CA TRP K 418 -2.57 37.09 16.24
C TRP K 418 -1.59 37.91 15.39
N THR K 419 -1.79 37.92 14.07
CA THR K 419 -0.92 38.70 13.20
C THR K 419 -1.14 40.20 13.39
N LEU K 420 -2.39 40.63 13.60
CA LEU K 420 -2.63 42.02 13.99
C LEU K 420 -1.93 42.36 15.30
N TYR K 421 -1.95 41.45 16.27
CA TYR K 421 -1.27 41.69 17.54
C TYR K 421 0.23 41.84 17.33
N PHE K 422 0.82 41.00 16.47
CA PHE K 422 2.25 41.08 16.21
C PHE K 422 2.62 42.35 15.45
N CYS K 423 1.79 42.76 14.49
CA CYS K 423 2.06 43.99 13.74
C CYS K 423 1.95 45.22 14.63
N ILE K 424 0.92 45.29 15.47
CA ILE K 424 0.72 46.47 16.31
C ILE K 424 1.77 46.52 17.42
N LYS K 425 2.06 45.38 18.04
CA LYS K 425 2.96 45.37 19.20
C LYS K 425 4.41 45.69 18.80
N ASN K 426 4.79 45.39 17.57
CA ASN K 426 6.16 45.60 17.10
C ASN K 426 6.30 46.83 16.22
N ASN K 427 5.26 47.70 16.18
CA ASN K 427 5.24 48.92 15.37
C ASN K 427 5.47 48.63 13.89
N ILE K 428 4.84 47.56 13.40
CA ILE K 428 4.94 47.15 12.01
C ILE K 428 3.76 47.73 11.24
N ASP K 429 4.05 48.43 10.15
CA ASP K 429 3.02 49.11 9.38
C ASP K 429 2.12 48.10 8.67
N ILE K 430 0.85 48.49 8.51
CA ILE K 430 -0.18 47.66 7.88
C ILE K 430 -0.68 48.39 6.64
N ASP K 431 -0.72 47.69 5.51
CA ASP K 431 -1.12 48.30 4.25
C ASP K 431 -2.63 48.55 4.20
N ASP K 432 -3.03 49.46 3.31
CA ASP K 432 -4.43 49.87 3.26
C ASP K 432 -5.32 48.80 2.63
N ASP K 433 -4.80 48.09 1.62
CA ASP K 433 -5.59 47.07 0.93
C ASP K 433 -5.92 45.92 1.89
N VAL K 434 -4.97 45.55 2.74
CA VAL K 434 -5.24 44.49 3.69
C VAL K 434 -6.18 44.97 4.80
N ILE K 435 -6.17 46.27 5.10
CA ILE K 435 -7.18 46.84 5.99
C ILE K 435 -8.56 46.73 5.36
N GLU K 436 -8.66 46.96 4.05
CA GLU K 436 -9.94 46.85 3.37
C GLU K 436 -10.46 45.41 3.36
N LYS K 437 -9.58 44.43 3.16
CA LYS K 437 -10.11 43.06 3.23
C LYS K 437 -10.32 42.59 4.67
N ILE K 438 -9.68 43.24 5.67
CA ILE K 438 -10.08 43.02 7.06
C ILE K 438 -11.51 43.52 7.27
N ILE K 439 -11.80 44.70 6.72
CA ILE K 439 -13.14 45.28 6.78
C ILE K 439 -14.16 44.34 6.11
N CYS K 440 -13.78 43.78 4.96
CA CYS K 440 -14.65 42.85 4.25
C CYS K 440 -14.87 41.58 5.06
N PHE K 441 -13.83 41.07 5.72
CA PHE K 441 -13.99 39.92 6.61
C PHE K 441 -14.87 40.28 7.80
N GLY K 442 -14.54 41.36 8.51
CA GLY K 442 -15.39 41.87 9.57
C GLY K 442 -15.51 40.99 10.80
N ASP K 443 -14.45 40.27 11.16
CA ASP K 443 -14.44 39.60 12.46
C ASP K 443 -14.24 40.64 13.56
N CYS K 444 -14.87 40.39 14.71
CA CYS K 444 -14.98 41.42 15.74
C CYS K 444 -13.62 41.75 16.37
N LEU K 445 -12.82 40.75 16.70
CA LEU K 445 -11.60 41.00 17.47
C LEU K 445 -10.52 41.65 16.60
N SER K 446 -10.48 41.34 15.31
CA SER K 446 -9.59 42.05 14.41
C SER K 446 -9.93 43.54 14.37
N LEU K 447 -11.23 43.85 14.34
CA LEU K 447 -11.64 45.24 14.35
C LEU K 447 -11.39 45.90 15.70
N CYS K 448 -11.45 45.15 16.79
CA CYS K 448 -11.05 45.69 18.09
C CYS K 448 -9.57 46.03 18.12
N LEU K 449 -8.74 45.17 17.51
CA LEU K 449 -7.31 45.46 17.44
C LEU K 449 -7.03 46.68 16.57
N LEU K 450 -7.71 46.81 15.43
CA LEU K 450 -7.57 48.00 14.60
C LEU K 450 -8.07 49.25 15.32
N ASP K 451 -9.13 49.12 16.14
CA ASP K 451 -9.60 50.21 16.98
C ASP K 451 -8.51 50.61 17.97
N SER K 452 -7.85 49.62 18.57
CA SER K 452 -6.75 49.90 19.49
C SER K 452 -5.57 50.57 18.78
N SER K 453 -5.39 50.30 17.48
CA SER K 453 -4.33 50.94 16.72
C SER K 453 -4.58 52.44 16.55
N ASP K 454 -5.85 52.84 16.45
CA ASP K 454 -6.37 54.21 16.33
C ASP K 454 -6.05 54.87 15.00
N ILE K 455 -5.28 54.22 14.12
CA ILE K 455 -5.02 54.78 12.80
C ILE K 455 -6.27 54.72 11.93
N TYR K 456 -7.00 53.61 11.99
CA TYR K 456 -8.14 53.32 11.14
C TYR K 456 -9.46 53.63 11.82
N GLU K 457 -9.49 54.73 12.60
CA GLU K 457 -10.67 55.06 13.39
C GLU K 457 -11.86 55.41 12.50
N GLU K 458 -11.62 56.07 11.37
CA GLU K 458 -12.71 56.47 10.49
C GLU K 458 -13.38 55.26 9.83
N LYS K 459 -12.59 54.27 9.40
CA LYS K 459 -13.16 53.10 8.75
C LYS K 459 -13.92 52.23 9.76
N ILE K 460 -13.39 52.11 10.97
CA ILE K 460 -14.11 51.43 12.05
C ILE K 460 -15.40 52.15 12.36
N ASN K 461 -15.38 53.49 12.33
CA ASN K 461 -16.56 54.29 12.56
C ASN K 461 -17.61 54.03 11.48
N ASN K 462 -17.20 53.94 10.22
CA ASN K 462 -18.13 53.62 9.14
C ASN K 462 -18.72 52.23 9.29
N PHE K 463 -17.89 51.25 9.71
CA PHE K 463 -18.37 49.89 9.88
C PHE K 463 -19.40 49.80 11.00
N VAL K 464 -19.09 50.38 12.17
CA VAL K 464 -20.04 50.34 13.27
C VAL K 464 -21.26 51.20 12.96
N SER K 465 -21.12 52.24 12.13
CA SER K 465 -22.28 53.03 11.72
C SER K 465 -23.20 52.22 10.82
N ASP K 466 -22.63 51.40 9.92
CA ASP K 466 -23.46 50.50 9.12
C ASP K 466 -24.18 49.48 10.00
N ILE K 467 -23.49 48.97 11.04
CA ILE K 467 -24.14 48.07 12.00
C ILE K 467 -25.27 48.79 12.73
N ILE K 468 -25.08 50.07 13.08
CA ILE K 468 -26.09 50.82 13.82
C ILE K 468 -27.31 51.07 12.95
N LYS K 469 -27.11 51.57 11.73
CA LYS K 469 -28.28 51.81 10.86
C LYS K 469 -28.87 50.52 10.29
N LEU K 470 -28.24 49.36 10.48
CA LEU K 470 -28.92 48.12 10.14
C LEU K 470 -30.13 47.90 11.04
N ASP K 471 -30.06 48.37 12.29
CA ASP K 471 -31.12 48.28 13.30
C ASP K 471 -31.48 46.80 13.54
N TYR K 472 -30.49 46.10 14.09
CA TYR K 472 -30.64 44.72 14.52
C TYR K 472 -29.89 44.56 15.83
N GLU K 473 -30.58 44.10 16.87
CA GLU K 473 -29.96 43.97 18.18
C GLU K 473 -28.87 42.89 18.17
N TYR K 474 -29.10 41.81 17.44
CA TYR K 474 -28.13 40.72 17.40
C TYR K 474 -26.87 41.12 16.66
N ASP K 475 -26.97 41.99 15.65
CA ASP K 475 -25.78 42.42 14.93
C ASP K 475 -24.93 43.36 15.77
N ILE K 476 -25.56 44.12 16.68
CA ILE K 476 -24.80 44.90 17.65
C ILE K 476 -24.18 43.97 18.71
N ASP K 477 -24.90 42.92 19.09
CA ASP K 477 -24.37 41.98 20.06
C ASP K 477 -23.19 41.19 19.52
N ARG K 478 -23.15 40.97 18.21
CA ARG K 478 -22.00 40.30 17.60
C ARG K 478 -20.73 41.15 17.63
N TYR K 479 -20.85 42.46 17.86
CA TYR K 479 -19.69 43.35 17.91
C TYR K 479 -19.69 44.21 19.17
N TRP K 480 -20.36 43.75 20.24
CA TRP K 480 -20.37 44.45 21.51
C TRP K 480 -18.97 44.76 22.03
N LEU K 481 -17.99 43.88 21.77
CA LEU K 481 -16.64 44.16 22.22
C LEU K 481 -16.06 45.38 21.53
N LEU K 482 -16.26 45.48 20.21
CA LEU K 482 -15.81 46.65 19.46
C LEU K 482 -16.54 47.91 19.91
N PHE K 483 -17.85 47.80 20.12
CA PHE K 483 -18.63 48.96 20.56
C PHE K 483 -18.22 49.43 21.94
N TYR K 484 -17.95 48.50 22.87
CA TYR K 484 -17.53 48.87 24.21
C TYR K 484 -16.11 49.43 24.21
N GLN K 485 -15.23 48.91 23.34
CA GLN K 485 -13.89 49.45 23.28
C GLN K 485 -13.89 50.86 22.69
N ARG K 486 -14.79 51.13 21.74
CA ARG K 486 -14.94 52.49 21.26
C ARG K 486 -15.57 53.40 22.31
N PHE K 487 -16.46 52.86 23.14
CA PHE K 487 -17.04 53.65 24.22
C PHE K 487 -16.02 53.97 25.31
N PHE K 488 -15.09 53.05 25.58
CA PHE K 488 -14.15 53.24 26.68
C PHE K 488 -13.13 54.33 26.37
N LYS K 489 -12.80 54.52 25.10
CA LYS K 489 -11.92 55.60 24.68
C LYS K 489 -12.69 56.86 24.29
N ASP K 490 -14.00 56.90 24.58
CA ASP K 490 -14.88 58.05 24.35
C ASP K 490 -14.92 58.43 22.86
N LYS K 491 -15.10 57.44 21.99
CA LYS K 491 -15.17 57.67 20.57
C LYS K 491 -16.52 57.28 19.96
N ALA K 492 -17.42 56.69 20.75
CA ALA K 492 -18.71 56.28 20.24
C ALA K 492 -19.69 56.21 21.40
N PRO K 493 -20.96 56.55 21.18
CA PRO K 493 -21.97 56.39 22.23
C PRO K 493 -22.37 54.92 22.36
N SER K 494 -23.04 54.64 23.47
CA SER K 494 -23.49 53.27 23.74
C SER K 494 -24.64 52.91 22.83
N PRO K 495 -24.52 51.86 22.01
CA PRO K 495 -25.67 51.44 21.20
C PRO K 495 -26.85 50.95 22.03
N TYR K 496 -26.58 50.37 23.19
CA TYR K 496 -27.63 49.89 24.06
C TYR K 496 -28.14 51.01 24.96
N ASN K 497 -29.44 50.98 25.24
CA ASN K 497 -30.05 51.99 26.09
C ASN K 497 -29.90 51.68 27.58
N ASP K 498 -29.39 50.50 27.93
CA ASP K 498 -29.20 50.11 29.31
C ASP K 498 -27.88 50.65 29.86
N LYS K 499 -27.68 50.47 31.16
CA LYS K 499 -26.57 51.08 31.87
C LYS K 499 -25.43 50.13 32.17
N CYS K 500 -25.41 48.95 31.52
CA CYS K 500 -24.34 47.98 31.76
C CYS K 500 -22.99 48.52 31.29
N PHE K 501 -22.97 49.19 30.12
CA PHE K 501 -21.72 49.76 29.62
C PHE K 501 -21.24 50.89 30.51
N ASP K 502 -22.16 51.70 31.05
CA ASP K 502 -21.76 52.78 31.95
C ASP K 502 -21.28 52.25 33.29
N ILE K 503 -21.87 51.15 33.77
CA ILE K 503 -21.38 50.49 34.98
C ILE K 503 -19.98 49.96 34.75
N MET K 504 -19.74 49.35 33.59
CA MET K 504 -18.43 48.80 33.28
C MET K 504 -17.38 49.89 33.13
N LYS K 505 -17.74 51.02 32.49
CA LYS K 505 -16.80 52.11 32.33
C LYS K 505 -16.49 52.80 33.65
N GLY K 506 -17.52 53.01 34.48
CA GLY K 506 -17.32 53.72 35.74
C GLY K 506 -16.45 52.96 36.72
N TYR K 507 -16.55 51.63 36.71
CA TYR K 507 -15.77 50.79 37.62
C TYR K 507 -14.48 50.28 36.99
N GLY K 508 -14.16 50.72 35.77
CA GLY K 508 -12.87 50.44 35.17
C GLY K 508 -12.72 49.05 34.59
N VAL K 509 -13.50 48.73 33.56
CA VAL K 509 -13.37 47.49 32.83
C VAL K 509 -12.82 47.81 31.45
N ASP K 510 -11.60 47.33 31.18
CA ASP K 510 -11.00 47.44 29.86
C ASP K 510 -10.61 46.04 29.40
N PHE K 511 -11.07 45.65 28.22
CA PHE K 511 -10.73 44.35 27.66
C PHE K 511 -9.46 44.40 26.81
N MET K 512 -8.81 45.55 26.73
CA MET K 512 -7.46 45.68 26.18
C MET K 512 -6.60 46.43 27.18
N PRO K 513 -6.25 45.81 28.31
CA PRO K 513 -5.51 46.54 29.34
C PRO K 513 -4.01 46.55 29.10
N ASP K 514 -3.39 47.66 29.46
CA ASP K 514 -1.94 47.76 29.42
C ASP K 514 -1.35 47.46 30.80
N GLU K 515 -0.06 47.16 30.82
CA GLU K 515 0.63 46.82 32.05
C GLU K 515 0.78 48.03 32.97
N1 DCP M . 27.38 17.80 -15.47
C2 DCP M . 27.07 16.64 -14.71
N3 DCP M . 28.06 16.06 -13.97
C4 DCP M . 29.29 16.59 -13.96
C5 DCP M . 29.63 17.75 -14.71
C6 DCP M . 28.65 18.31 -15.44
O2 DCP M . 25.93 16.18 -14.73
N4 DCP M . 30.22 15.99 -13.21
C1' DCP M . 26.33 18.44 -16.29
C2' DCP M . 25.87 17.63 -17.50
C3' DCP M . 24.36 17.48 -17.32
C4' DCP M . 24.02 18.59 -16.33
O4' DCP M . 25.18 18.69 -15.50
O3' DCP M . 23.66 17.69 -18.55
C5' DCP M . 22.80 18.34 -15.49
O5' DCP M . 21.85 17.57 -16.25
PA DCP M . 21.27 16.20 -15.70
O1A DCP M . 19.92 16.38 -15.13
O2A DCP M . 22.28 15.59 -14.76
O3A DCP M . 21.24 15.31 -17.01
PB DCP M . 20.61 15.42 -18.46
O1B DCP M . 20.00 16.75 -18.70
O2B DCP M . 21.69 15.00 -19.45
O3B DCP M . 19.52 14.27 -18.43
PG DCP M . 18.21 13.85 -17.61
O1G DCP M . 17.28 15.00 -17.49
O2G DCP M . 18.75 13.36 -16.27
O3G DCP M . 17.64 12.66 -18.38
MN MN N . 19.06 18.21 -13.78
MN MN O . 18.16 17.05 -17.46
N1 DCP P . -5.09 -35.77 2.73
C2 DCP P . -4.57 -34.81 1.83
N3 DCP P . -4.52 -35.11 0.50
C4 DCP P . -4.95 -36.31 0.06
C5 DCP P . -5.47 -37.29 0.95
C6 DCP P . -5.52 -36.98 2.26
O2 DCP P . -4.19 -33.72 2.25
N4 DCP P . -4.87 -36.56 -1.25
C1' DCP P . -5.16 -35.46 4.18
C2' DCP P . -3.81 -35.37 4.89
C3' DCP P . -3.82 -33.98 5.54
C4' DCP P . -5.30 -33.61 5.55
O4' DCP P . -5.83 -34.23 4.37
O3' DCP P . -3.31 -34.04 6.88
C5' DCP P . -5.58 -32.14 5.53
O5' DCP P . -4.58 -31.44 6.30
PA DCP P . -3.73 -30.26 5.67
O1A DCP P . -4.17 -28.95 6.17
O2A DCP P . -3.74 -30.40 4.16
O3A DCP P . -2.27 -30.60 6.17
PB DCP P . -1.55 -30.85 7.57
O1B DCP P . -2.53 -30.96 8.67
O2B DCP P . -0.61 -32.04 7.39
O3B DCP P . -0.66 -29.55 7.69
PG DCP P . -0.81 -27.95 7.74
O1G DCP P . -1.85 -27.57 8.74
O2G DCP P . -1.16 -27.55 6.31
O3G DCP P . 0.58 -27.44 8.09
MN MN Q . -6.52 -28.23 6.75
MN MN R . -3.47 -28.99 9.13
N1 DCP S . 15.99 -25.13 20.59
C2 DCP S . 15.09 -24.03 20.70
N3 DCP S . 14.98 -23.40 21.91
C4 DCP S . 15.69 -23.82 22.97
C5 DCP S . 16.59 -24.92 22.87
C6 DCP S . 16.71 -25.54 21.69
O2 DCP S . 14.44 -23.68 19.72
N4 DCP S . 15.54 -23.16 24.12
C1' DCP S . 16.12 -25.84 19.29
C2' DCP S . 14.90 -26.65 18.86
C3' DCP S . 14.55 -26.12 17.47
C4' DCP S . 15.84 -25.41 17.05
O4' DCP S . 16.40 -24.90 18.27
O3' DCP S . 14.25 -27.17 16.57
C5' DCP S . 15.64 -24.26 16.08
O5' DCP S . 14.58 -24.60 15.15
PA DCP S . 13.32 -23.67 14.98
O1A DCP S . 13.33 -22.95 13.70
O2A DCP S . 13.19 -22.78 16.21
O3A DCP S . 12.13 -24.72 15.03
PB DCP S . 11.67 -25.99 14.19
O1B DCP S . 12.75 -26.47 13.30
O2B DCP S . 11.12 -27.01 15.17
O3B DCP S . 10.44 -25.40 13.36
PG DCP S . 10.13 -24.27 12.28
O1G DCP S . 11.13 -24.31 11.17
O2G DCP S . 10.16 -22.96 13.08
O3G DCP S . 8.69 -24.54 11.83
MN MN T . 15.49 -22.10 12.49
MN MN U . 13.13 -25.08 11.60
N1 DCP V . -33.15 14.17 3.18
C2 DCP V . -32.47 12.94 3.36
N3 DCP V . -33.18 11.79 3.31
C4 DCP V . -34.51 11.81 3.11
C5 DCP V . -35.22 13.03 2.92
C6 DCP V . -34.51 14.18 2.97
O2 DCP V . -31.25 12.95 3.55
N4 DCP V . -35.16 10.65 3.07
C1' DCP V . -32.40 15.46 3.24
C2' DCP V . -31.86 15.83 4.61
C3' DCP V . -30.36 16.03 4.40
C4' DCP V . -30.25 16.20 2.89
O4' DCP V . -31.30 15.39 2.35
O3' DCP V . -29.90 17.22 5.07
C5' DCP V . -28.92 15.77 2.30
O5' DCP V . -27.85 16.15 3.19
PA DCP V . -26.83 15.08 3.76
O1A DCP V . -25.49 15.24 3.17
O2A DCP V . -27.43 13.68 3.59
O3A DCP V . -26.83 15.41 5.30
PB DCP V . -26.41 16.63 6.22
O1B DCP V . -26.27 17.87 5.43
O2B DCP V . -27.40 16.69 7.38
O3B DCP V . -25.02 16.13 6.80
PG DCP V . -23.56 15.72 6.29
O1G DCP V . -23.04 16.74 5.33
O2G DCP V . -23.74 14.33 5.69
O3G DCP V . -22.72 15.62 7.57
MN MN W . -25.03 16.11 0.82
MN MN X . -24.47 17.87 4.07
N1 DCP Y . 8.86 5.28 -34.67
C2 DCP Y . 7.89 5.68 -33.71
N3 DCP Y . 6.68 6.13 -34.15
C4 DCP Y . 6.43 6.20 -35.47
C5 DCP Y . 7.38 5.81 -36.44
C6 DCP Y . 8.56 5.36 -36.01
O2 DCP Y . 8.15 5.61 -32.51
N4 DCP Y . 5.22 6.65 -35.85
C1' DCP Y . 10.19 4.79 -34.22
C2' DCP Y . 11.10 5.84 -33.58
C3' DCP Y . 11.45 5.28 -32.21
C4' DCP Y . 11.12 3.80 -32.34
O4' DCP Y . 10.00 3.76 -33.26
O3' DCP Y . 12.84 5.46 -31.92
C5' DCP Y . 10.73 3.12 -31.06
O5' DCP Y . 11.51 3.69 -29.97
PA DCP Y . 10.80 4.29 -28.69
O1A DCP Y . 10.94 3.39 -27.53
O2A DCP Y . 9.36 4.66 -29.02
O3A DCP Y . 11.61 5.64 -28.49
PB DCP Y . 13.13 6.06 -28.27
O1B DCP Y . 14.04 4.93 -28.50
O2B DCP Y . 13.38 7.31 -29.13
O3B DCP Y . 13.12 6.52 -26.75
PG DCP Y . 12.85 5.92 -25.30
O1G DCP Y . 13.55 4.61 -25.14
O2G DCP Y . 11.32 5.82 -25.20
O3G DCP Y . 13.34 7.00 -24.33
MN MN Z . 11.00 0.84 -27.69
MN MN AA . 13.96 3.37 -26.93
N1 DCP BA . -13.96 23.54 23.65
C2 DCP BA . -13.07 23.53 22.54
N3 DCP BA . -12.14 24.51 22.45
C4 DCP BA . -12.05 25.48 23.38
C5 DCP BA . -12.92 25.51 24.50
C6 DCP BA . -13.85 24.54 24.60
O2 DCP BA . -13.17 22.63 21.70
N4 DCP BA . -11.11 26.41 23.23
C1' DCP BA . -15.00 22.49 23.79
C2' DCP BA . -16.12 22.56 22.77
C3' DCP BA . -16.13 21.18 22.10
C4' DCP BA . -15.34 20.32 23.08
O4' DCP BA . -14.39 21.22 23.68
O3' DCP BA . -17.46 20.68 21.95
C5' DCP BA . -14.62 19.16 22.44
O5' DCP BA . -15.47 18.54 21.46
PA DCP BA . -15.01 18.40 19.96
O1A DCP BA . -14.83 16.99 19.56
O2A DCP BA . -13.79 19.28 19.72
O3A DCP BA . -16.22 19.06 19.18
PB DCP BA . -17.71 18.66 18.81
O1B DCP BA . -18.28 17.71 19.79
O2B DCP BA . -18.49 19.96 18.61
O3B DCP BA . -17.52 18.00 17.38
PG DCP BA . -16.85 16.72 16.71
O1G DCP BA . -17.10 15.50 17.53
O2G DCP BA . -15.37 17.08 16.59
O3G DCP BA . -17.47 16.65 15.31
MN MN CA . -13.96 15.22 21.51
MN MN DA . -17.34 15.70 19.71
#